data_2CP6
#
_entry.id   2CP6
#
_entity_poly.entity_id   1
_entity_poly.type   'polypeptide(L)'
_entity_poly.pdbx_seq_one_letter_code
;GSSGSSGATPPISNLTKTASESISNLSEAGSIKKGERELKIGDRVLVGGTKAGVVRFLGETDFAKGEWCGVELDEPLGKN
DGAVAGTRYFQCQPKYGLFAPVHKVTKIGFPSTTPAKAKANAVRRVMATTSASLKRSPSASSLSSMSSVASSVSSRPSRT
GLLTETSGPSSG
;
_entity_poly.pdbx_strand_id   A
#
# COMPACT_ATOMS: atom_id res chain seq x y z
N GLY A 1 -55.90 2.61 -11.03
CA GLY A 1 -55.10 2.00 -9.93
C GLY A 1 -55.94 1.22 -8.96
N SER A 2 -57.21 1.61 -8.82
CA SER A 2 -58.13 0.93 -7.92
C SER A 2 -59.55 1.46 -8.09
N SER A 3 -59.67 2.78 -8.22
CA SER A 3 -60.97 3.41 -8.41
C SER A 3 -61.23 3.71 -9.88
N GLY A 4 -60.80 2.80 -10.75
CA GLY A 4 -61.00 2.99 -12.18
C GLY A 4 -61.59 1.76 -12.84
N SER A 5 -62.31 0.96 -12.07
CA SER A 5 -62.94 -0.25 -12.59
C SER A 5 -61.88 -1.26 -13.04
N SER A 6 -61.34 -1.02 -14.24
CA SER A 6 -60.32 -1.91 -14.79
C SER A 6 -59.27 -1.12 -15.57
N GLY A 7 -58.12 -0.92 -14.94
CA GLY A 7 -57.05 -0.17 -15.58
C GLY A 7 -55.67 -0.76 -15.30
N ALA A 8 -55.46 -1.97 -15.79
CA ALA A 8 -54.18 -2.65 -15.59
C ALA A 8 -53.29 -2.52 -16.82
N THR A 9 -53.45 -1.41 -17.54
CA THR A 9 -52.65 -1.15 -18.73
C THR A 9 -52.04 0.25 -18.69
N PRO A 10 -50.72 0.35 -18.50
CA PRO A 10 -50.02 1.66 -18.44
C PRO A 10 -50.03 2.36 -19.80
N PRO A 11 -50.07 3.71 -19.79
CA PRO A 11 -50.07 4.50 -21.02
C PRO A 11 -48.70 4.54 -21.69
N ILE A 12 -48.40 3.51 -22.47
CA ILE A 12 -47.12 3.42 -23.17
C ILE A 12 -45.96 3.35 -22.17
N SER A 13 -44.91 2.62 -22.55
CA SER A 13 -43.74 2.47 -21.70
C SER A 13 -42.57 1.89 -22.48
N ASN A 14 -41.37 2.40 -22.20
CA ASN A 14 -40.17 1.93 -22.88
C ASN A 14 -38.92 2.52 -22.24
N LEU A 15 -38.98 3.80 -21.91
CA LEU A 15 -37.85 4.49 -21.29
C LEU A 15 -37.90 4.33 -19.76
N THR A 16 -36.75 4.02 -19.17
CA THR A 16 -36.65 3.84 -17.73
C THR A 16 -35.32 4.37 -17.20
N LYS A 17 -35.20 4.43 -15.88
CA LYS A 17 -33.98 4.91 -15.25
C LYS A 17 -33.90 4.46 -13.79
N THR A 18 -32.69 4.43 -13.24
CA THR A 18 -32.48 4.02 -11.87
C THR A 18 -31.36 4.82 -11.22
N ALA A 19 -31.25 4.74 -9.90
CA ALA A 19 -30.22 5.44 -9.16
C ALA A 19 -30.36 6.95 -9.33
N SER A 20 -29.91 7.70 -8.33
CA SER A 20 -29.99 9.16 -8.36
C SER A 20 -28.60 9.78 -8.31
N GLU A 21 -27.74 9.23 -7.45
CA GLU A 21 -26.38 9.73 -7.31
C GLU A 21 -25.39 8.58 -7.14
N SER A 22 -24.11 8.91 -7.10
CA SER A 22 -23.07 7.91 -6.94
C SER A 22 -23.07 6.93 -8.11
N ILE A 23 -22.09 6.03 -8.13
CA ILE A 23 -21.98 5.04 -9.18
C ILE A 23 -22.51 3.69 -8.72
N SER A 24 -22.40 3.42 -7.43
CA SER A 24 -22.87 2.16 -6.86
C SER A 24 -24.37 1.96 -7.12
N ASN A 25 -24.73 0.75 -7.51
CA ASN A 25 -26.13 0.43 -7.79
C ASN A 25 -26.29 -1.06 -8.10
N LEU A 26 -26.45 -1.85 -7.03
CA LEU A 26 -26.61 -3.29 -7.19
C LEU A 26 -27.00 -3.94 -5.86
N SER A 27 -26.23 -3.63 -4.82
CA SER A 27 -26.49 -4.17 -3.48
C SER A 27 -25.63 -3.48 -2.44
N GLU A 28 -26.21 -2.52 -1.74
CA GLU A 28 -25.50 -1.79 -0.70
C GLU A 28 -25.15 -2.69 0.47
N ALA A 29 -24.00 -3.36 0.38
CA ALA A 29 -23.56 -4.27 1.44
C ALA A 29 -22.06 -4.51 1.36
N GLY A 30 -21.57 -4.76 0.15
CA GLY A 30 -20.15 -5.01 -0.04
C GLY A 30 -19.72 -4.86 -1.49
N SER A 31 -19.09 -5.90 -2.02
CA SER A 31 -18.62 -5.87 -3.41
C SER A 31 -17.58 -4.79 -3.61
N ILE A 32 -18.04 -3.55 -3.78
CA ILE A 32 -17.15 -2.42 -3.99
C ILE A 32 -17.42 -1.31 -2.98
N LYS A 33 -16.50 -1.15 -2.03
CA LYS A 33 -16.65 -0.12 -1.01
C LYS A 33 -15.78 1.10 -1.33
N LYS A 34 -14.53 0.84 -1.68
CA LYS A 34 -13.59 1.91 -2.02
C LYS A 34 -13.37 2.84 -0.82
N GLY A 35 -12.15 2.87 -0.32
CA GLY A 35 -11.83 3.72 0.81
C GLY A 35 -10.88 4.84 0.44
N GLU A 36 -10.13 5.32 1.42
CA GLU A 36 -9.18 6.41 1.20
C GLU A 36 -7.79 6.03 1.69
N ARG A 37 -7.73 5.46 2.89
CA ARG A 37 -6.46 5.06 3.48
C ARG A 37 -6.42 3.54 3.70
N GLU A 38 -7.10 2.82 2.82
CA GLU A 38 -7.14 1.36 2.90
C GLU A 38 -6.05 0.73 2.03
N LEU A 39 -5.43 -0.31 2.55
CA LEU A 39 -4.36 -1.01 1.83
C LEU A 39 -4.92 -2.18 1.03
N LYS A 40 -4.16 -2.63 0.04
CA LYS A 40 -4.58 -3.74 -0.81
C LYS A 40 -3.75 -4.99 -0.51
N ILE A 41 -4.22 -6.13 -1.00
CA ILE A 41 -3.52 -7.39 -0.78
C ILE A 41 -2.21 -7.44 -1.57
N GLY A 42 -1.18 -8.02 -0.97
CA GLY A 42 0.11 -8.12 -1.63
C GLY A 42 0.77 -6.77 -1.80
N ASP A 43 0.95 -6.06 -0.70
CA ASP A 43 1.58 -4.73 -0.74
C ASP A 43 2.53 -4.55 0.43
N ARG A 44 3.78 -4.21 0.13
CA ARG A 44 4.78 -3.99 1.17
C ARG A 44 4.47 -2.76 2.00
N VAL A 45 4.55 -2.90 3.33
CA VAL A 45 4.28 -1.80 4.23
C VAL A 45 5.21 -1.81 5.42
N LEU A 46 5.40 -0.64 6.04
CA LEU A 46 6.28 -0.52 7.20
C LEU A 46 5.51 -0.01 8.41
N VAL A 47 5.76 -0.62 9.56
CA VAL A 47 5.09 -0.23 10.79
C VAL A 47 6.09 0.03 11.91
N GLY A 48 6.24 1.31 12.26
CA GLY A 48 7.18 1.68 13.32
C GLY A 48 8.53 2.08 12.78
N GLY A 49 8.88 1.55 11.61
CA GLY A 49 10.17 1.88 11.00
C GLY A 49 11.17 0.75 11.15
N THR A 50 10.67 -0.48 11.21
CA THR A 50 11.54 -1.65 11.35
C THR A 50 10.85 -2.89 10.81
N LYS A 51 9.59 -3.09 11.18
CA LYS A 51 8.82 -4.24 10.72
C LYS A 51 8.21 -3.98 9.35
N ALA A 52 8.63 -4.76 8.36
CA ALA A 52 8.11 -4.62 7.00
C ALA A 52 7.58 -5.95 6.48
N GLY A 53 6.28 -5.98 6.18
CA GLY A 53 5.67 -7.20 5.68
C GLY A 53 4.80 -6.94 4.45
N VAL A 54 3.89 -7.88 4.17
CA VAL A 54 3.00 -7.75 3.04
C VAL A 54 1.56 -8.01 3.44
N VAL A 55 0.63 -7.26 2.86
CA VAL A 55 -0.79 -7.42 3.16
C VAL A 55 -1.30 -8.78 2.69
N ARG A 56 -1.55 -9.67 3.65
CA ARG A 56 -2.05 -11.01 3.33
C ARG A 56 -3.56 -11.08 3.50
N PHE A 57 -4.05 -10.63 4.64
CA PHE A 57 -5.49 -10.64 4.93
C PHE A 57 -6.00 -9.23 5.15
N LEU A 58 -7.32 -9.06 5.05
CA LEU A 58 -7.94 -7.75 5.25
C LEU A 58 -9.40 -7.91 5.66
N GLY A 59 -9.71 -7.54 6.90
CA GLY A 59 -11.06 -7.64 7.40
C GLY A 59 -11.22 -7.05 8.79
N GLU A 60 -12.15 -7.59 9.56
CA GLU A 60 -12.39 -7.12 10.92
C GLU A 60 -11.78 -8.08 11.95
N THR A 61 -10.96 -7.53 12.84
CA THR A 61 -10.31 -8.33 13.87
C THR A 61 -11.31 -8.72 14.96
N ASP A 62 -10.83 -9.48 15.94
CA ASP A 62 -11.68 -9.92 17.04
C ASP A 62 -11.23 -9.32 18.36
N PHE A 63 -9.91 -9.20 18.53
CA PHE A 63 -9.36 -8.63 19.74
C PHE A 63 -9.46 -7.10 19.73
N ALA A 64 -9.38 -6.52 18.55
CA ALA A 64 -9.47 -5.08 18.40
C ALA A 64 -10.92 -4.62 18.31
N LYS A 65 -11.12 -3.33 18.08
CA LYS A 65 -12.46 -2.76 17.96
C LYS A 65 -12.65 -2.05 16.61
N GLY A 66 -11.73 -2.29 15.69
CA GLY A 66 -11.83 -1.66 14.38
C GLY A 66 -11.34 -2.57 13.27
N GLU A 67 -10.99 -1.98 12.13
CA GLU A 67 -10.51 -2.73 10.98
C GLU A 67 -8.98 -2.76 10.95
N TRP A 68 -8.42 -3.95 11.11
CA TRP A 68 -6.97 -4.11 11.10
C TRP A 68 -6.50 -4.80 9.82
N CYS A 69 -5.21 -4.70 9.53
CA CYS A 69 -4.65 -5.32 8.33
C CYS A 69 -3.67 -6.42 8.69
N GLY A 70 -4.05 -7.66 8.37
CA GLY A 70 -3.19 -8.80 8.68
C GLY A 70 -1.98 -8.87 7.77
N VAL A 71 -0.86 -8.31 8.23
CA VAL A 71 0.38 -8.32 7.45
C VAL A 71 1.37 -9.33 8.00
N GLU A 72 1.86 -10.21 7.13
CA GLU A 72 2.82 -11.22 7.53
C GLU A 72 4.24 -10.67 7.49
N LEU A 73 4.93 -10.73 8.63
CA LEU A 73 6.30 -10.24 8.72
C LEU A 73 7.28 -11.25 8.15
N ASP A 74 8.15 -10.79 7.25
CA ASP A 74 9.13 -11.65 6.61
C ASP A 74 10.16 -12.14 7.63
N GLU A 75 10.43 -11.31 8.63
CA GLU A 75 11.38 -11.66 9.68
C GLU A 75 10.67 -12.14 10.93
N PRO A 76 11.39 -12.85 11.81
CA PRO A 76 10.82 -13.38 13.06
C PRO A 76 10.46 -12.28 14.05
N LEU A 77 9.33 -11.63 13.81
CA LEU A 77 8.87 -10.55 14.68
C LEU A 77 7.35 -10.57 14.83
N GLY A 78 6.76 -11.75 14.69
CA GLY A 78 5.32 -11.88 14.80
C GLY A 78 4.90 -12.43 16.14
N LYS A 79 3.77 -13.13 16.17
CA LYS A 79 3.25 -13.72 17.40
C LYS A 79 2.40 -14.95 17.09
N ASN A 80 1.45 -14.80 16.17
CA ASN A 80 0.58 -15.91 15.80
C ASN A 80 0.90 -16.41 14.39
N ASP A 81 0.52 -17.65 14.11
CA ASP A 81 0.78 -18.26 12.81
C ASP A 81 -0.46 -18.18 11.92
N GLY A 82 -1.23 -17.11 12.08
CA GLY A 82 -2.43 -16.93 11.29
C GLY A 82 -3.70 -17.17 12.10
N ALA A 83 -3.60 -18.00 13.14
CA ALA A 83 -4.74 -18.31 13.98
C ALA A 83 -4.83 -17.32 15.14
N VAL A 84 -6.05 -16.89 15.46
CA VAL A 84 -6.29 -15.95 16.54
C VAL A 84 -7.47 -16.37 17.39
N ALA A 85 -7.18 -16.97 18.55
CA ALA A 85 -8.24 -17.42 19.46
C ALA A 85 -9.14 -18.44 18.78
N GLY A 86 -8.59 -19.19 17.84
CA GLY A 86 -9.36 -20.19 17.13
C GLY A 86 -9.73 -19.75 15.72
N THR A 87 -9.82 -18.44 15.51
CA THR A 87 -10.16 -17.91 14.20
C THR A 87 -8.96 -17.93 13.28
N ARG A 88 -9.13 -18.49 12.09
CA ARG A 88 -8.07 -18.58 11.11
C ARG A 88 -8.13 -17.41 10.12
N TYR A 89 -6.96 -16.96 9.68
CA TYR A 89 -6.89 -15.84 8.74
C TYR A 89 -6.03 -16.21 7.54
N PHE A 90 -4.72 -16.30 7.76
CA PHE A 90 -3.79 -16.64 6.68
C PHE A 90 -2.83 -17.73 7.13
N GLN A 91 -2.62 -18.72 6.27
CA GLN A 91 -1.71 -19.83 6.58
C GLN A 91 -0.27 -19.43 6.32
N CYS A 92 0.50 -19.28 7.40
CA CYS A 92 1.91 -18.91 7.29
C CYS A 92 2.75 -19.58 8.37
N GLN A 93 4.05 -19.34 8.34
CA GLN A 93 4.96 -19.94 9.31
C GLN A 93 4.85 -19.21 10.66
N PRO A 94 5.04 -19.95 11.77
CA PRO A 94 4.97 -19.36 13.12
C PRO A 94 5.93 -18.18 13.29
N LYS A 95 5.59 -17.28 14.20
CA LYS A 95 6.42 -16.10 14.46
C LYS A 95 6.60 -15.27 13.19
N TYR A 96 5.50 -14.94 12.53
CA TYR A 96 5.54 -14.15 11.31
C TYR A 96 4.24 -13.38 11.12
N GLY A 97 3.12 -14.06 11.30
CA GLY A 97 1.83 -13.42 11.14
C GLY A 97 1.56 -12.37 12.21
N LEU A 98 1.37 -11.13 11.78
CA LEU A 98 1.10 -10.03 12.71
C LEU A 98 -0.09 -9.21 12.25
N PHE A 99 -0.83 -8.65 13.21
CA PHE A 99 -2.00 -7.84 12.90
C PHE A 99 -1.84 -6.44 13.47
N ALA A 100 -2.07 -5.44 12.62
CA ALA A 100 -1.96 -4.04 13.04
C ALA A 100 -3.01 -3.18 12.36
N PRO A 101 -3.45 -2.10 13.03
CA PRO A 101 -4.46 -1.19 12.49
C PRO A 101 -4.00 -0.54 11.18
N VAL A 102 -4.92 -0.45 10.22
CA VAL A 102 -4.60 0.15 8.93
C VAL A 102 -4.03 1.55 9.10
N HIS A 103 -4.70 2.37 9.91
CA HIS A 103 -4.25 3.74 10.15
C HIS A 103 -2.83 3.75 10.74
N LYS A 104 -2.46 2.67 11.42
CA LYS A 104 -1.14 2.56 12.02
C LYS A 104 -0.13 2.01 11.01
N VAL A 105 -0.63 1.32 9.99
CA VAL A 105 0.23 0.73 8.97
C VAL A 105 0.67 1.78 7.96
N THR A 106 1.97 1.88 7.73
CA THR A 106 2.53 2.84 6.79
C THR A 106 3.00 2.15 5.52
N LYS A 107 2.88 2.84 4.39
CA LYS A 107 3.30 2.29 3.11
C LYS A 107 4.74 2.69 2.78
N ILE A 108 5.44 1.82 2.06
CA ILE A 108 6.82 2.09 1.68
C ILE A 108 6.95 2.31 0.17
N GLY A 109 6.11 1.60 -0.59
CA GLY A 109 6.15 1.73 -2.04
C GLY A 109 6.39 0.40 -2.73
N PHE A 110 6.10 0.35 -4.02
CA PHE A 110 6.28 -0.86 -4.80
C PHE A 110 6.32 -0.56 -6.29
N PRO A 111 7.17 -1.26 -7.05
CA PRO A 111 7.29 -1.06 -8.50
C PRO A 111 6.14 -1.68 -9.28
N SER A 112 5.42 -0.84 -10.02
CA SER A 112 4.28 -1.31 -10.81
C SER A 112 3.66 -0.16 -11.61
N THR A 113 3.04 0.77 -10.90
CA THR A 113 2.40 1.92 -11.54
C THR A 113 3.41 3.03 -11.77
N THR A 114 4.14 2.95 -12.88
CA THR A 114 5.13 3.97 -13.21
C THR A 114 4.51 5.11 -14.01
N PRO A 115 3.80 4.80 -15.11
CA PRO A 115 3.16 5.81 -15.95
C PRO A 115 2.28 6.75 -15.15
N ALA A 116 1.43 6.19 -14.29
CA ALA A 116 0.54 6.99 -13.46
C ALA A 116 1.32 7.84 -12.46
N LYS A 117 1.86 8.95 -12.95
CA LYS A 117 2.64 9.86 -12.11
C LYS A 117 1.89 11.16 -11.88
N ALA A 118 1.00 11.50 -12.81
CA ALA A 118 0.22 12.73 -12.70
C ALA A 118 1.11 13.96 -12.79
N LYS A 119 1.90 14.04 -13.85
CA LYS A 119 2.80 15.17 -14.06
C LYS A 119 3.26 15.24 -15.51
N ALA A 120 2.59 16.08 -16.30
CA ALA A 120 2.93 16.24 -17.70
C ALA A 120 4.18 17.12 -17.87
N ASN A 121 5.10 16.65 -18.70
CA ASN A 121 6.34 17.39 -18.94
C ASN A 121 6.56 17.60 -20.43
N ALA A 122 6.65 16.51 -21.18
CA ALA A 122 6.85 16.58 -22.62
C ALA A 122 6.77 15.20 -23.25
N VAL A 123 7.56 14.26 -22.74
CA VAL A 123 7.58 12.90 -23.26
C VAL A 123 6.62 12.00 -22.47
N ARG A 124 6.35 10.83 -23.01
CA ARG A 124 5.46 9.87 -22.36
C ARG A 124 6.17 9.14 -21.24
N ARG A 125 5.62 9.22 -20.04
CA ARG A 125 6.19 8.55 -18.88
C ARG A 125 7.58 9.10 -18.58
N VAL A 126 7.69 9.91 -17.53
CA VAL A 126 8.97 10.50 -17.15
C VAL A 126 9.72 9.60 -16.17
N MET A 127 11.04 9.60 -16.26
CA MET A 127 11.87 8.79 -15.38
C MET A 127 13.34 9.18 -15.51
N ALA A 128 13.71 10.30 -14.89
CA ALA A 128 15.08 10.78 -14.93
C ALA A 128 15.50 11.36 -13.58
N THR A 129 16.09 10.51 -12.74
CA THR A 129 16.53 10.93 -11.42
C THR A 129 17.98 11.42 -11.47
N THR A 130 18.49 11.86 -10.32
CA THR A 130 19.85 12.35 -10.23
C THR A 130 20.84 11.20 -10.02
N SER A 131 21.73 11.02 -10.98
CA SER A 131 22.72 9.95 -10.90
C SER A 131 23.66 10.16 -9.71
N ALA A 132 23.29 9.58 -8.57
CA ALA A 132 24.09 9.71 -7.36
C ALA A 132 24.72 8.37 -6.99
N SER A 133 25.56 8.39 -5.95
CA SER A 133 26.23 7.18 -5.50
C SER A 133 25.63 6.70 -4.18
N LEU A 134 25.17 7.64 -3.36
CA LEU A 134 24.57 7.30 -2.07
C LEU A 134 23.05 7.38 -2.15
N LYS A 135 22.39 6.24 -1.99
CA LYS A 135 20.92 6.19 -2.03
C LYS A 135 20.34 6.24 -0.62
N ARG A 136 20.74 5.29 0.21
CA ARG A 136 20.26 5.22 1.58
C ARG A 136 21.23 4.46 2.47
N SER A 137 21.64 3.28 2.02
CA SER A 137 22.58 2.45 2.77
C SER A 137 23.18 1.37 1.88
N PRO A 138 24.48 1.07 2.05
CA PRO A 138 25.16 0.05 1.25
C PRO A 138 24.45 -1.29 1.29
N SER A 139 23.81 -1.59 2.43
CA SER A 139 23.08 -2.84 2.60
C SER A 139 21.91 -2.93 1.62
N ALA A 140 21.11 -1.88 1.55
CA ALA A 140 19.97 -1.84 0.65
C ALA A 140 20.42 -1.75 -0.80
N SER A 141 19.81 -2.57 -1.65
CA SER A 141 20.14 -2.58 -3.07
C SER A 141 18.93 -2.97 -3.91
N SER A 142 19.07 -2.87 -5.23
CA SER A 142 17.99 -3.21 -6.14
C SER A 142 18.05 -4.69 -6.54
N LEU A 143 17.16 -5.09 -7.44
CA LEU A 143 17.12 -6.47 -7.91
C LEU A 143 17.96 -6.64 -9.16
N SER A 144 19.28 -6.73 -8.99
CA SER A 144 20.19 -6.91 -10.12
C SER A 144 20.80 -8.30 -10.12
N SER A 145 21.35 -8.71 -8.98
CA SER A 145 21.96 -10.03 -8.85
C SER A 145 22.24 -10.35 -7.39
N MET A 146 22.15 -11.63 -7.05
CA MET A 146 22.39 -12.07 -5.68
C MET A 146 22.97 -13.49 -5.67
N SER A 147 23.33 -13.97 -4.47
CA SER A 147 23.88 -15.31 -4.33
C SER A 147 22.78 -16.34 -4.19
N SER A 148 22.61 -17.17 -5.22
CA SER A 148 21.59 -18.21 -5.20
C SER A 148 22.17 -19.53 -4.71
N VAL A 149 21.29 -20.52 -4.54
CA VAL A 149 21.71 -21.84 -4.07
C VAL A 149 22.02 -22.77 -5.24
N ALA A 150 23.02 -23.62 -5.06
CA ALA A 150 23.41 -24.57 -6.10
C ALA A 150 23.94 -25.86 -5.49
N SER A 151 23.54 -27.00 -6.06
CA SER A 151 23.98 -28.29 -5.58
C SER A 151 23.58 -29.40 -6.55
N SER A 152 24.09 -30.60 -6.32
CA SER A 152 23.79 -31.74 -7.18
C SER A 152 22.45 -32.37 -6.80
N VAL A 153 21.73 -32.84 -7.81
CA VAL A 153 20.43 -33.46 -7.57
C VAL A 153 20.33 -34.81 -8.30
N SER A 154 20.33 -35.89 -7.53
CA SER A 154 20.24 -37.23 -8.09
C SER A 154 18.81 -37.77 -8.00
N SER A 155 18.13 -37.43 -6.91
CA SER A 155 16.77 -37.89 -6.69
C SER A 155 16.69 -39.41 -6.65
N ARG A 156 16.95 -39.99 -5.48
CA ARG A 156 16.90 -41.43 -5.32
C ARG A 156 17.03 -41.81 -3.84
N PRO A 157 15.89 -41.96 -3.14
CA PRO A 157 15.88 -42.32 -1.72
C PRO A 157 16.37 -43.75 -1.48
N SER A 158 17.66 -43.88 -1.18
CA SER A 158 18.25 -45.19 -0.93
C SER A 158 18.30 -45.50 0.57
N ARG A 159 18.47 -44.45 1.38
CA ARG A 159 18.52 -44.60 2.82
C ARG A 159 17.23 -44.12 3.47
N THR A 160 16.67 -43.03 2.95
CA THR A 160 15.44 -42.47 3.47
C THR A 160 14.26 -43.39 3.19
N GLY A 161 13.16 -43.16 3.89
CA GLY A 161 11.97 -43.99 3.71
C GLY A 161 10.76 -43.42 4.41
N LEU A 162 10.59 -42.11 4.33
CA LEU A 162 9.45 -41.45 4.98
C LEU A 162 8.35 -41.17 3.96
N LEU A 163 7.69 -42.22 3.51
CA LEU A 163 6.60 -42.09 2.53
C LEU A 163 5.43 -41.33 3.13
N THR A 164 4.87 -41.86 4.22
CA THR A 164 3.74 -41.23 4.89
C THR A 164 4.07 -40.94 6.35
N GLU A 165 3.70 -39.75 6.81
CA GLU A 165 3.95 -39.35 8.18
C GLU A 165 2.69 -39.52 9.04
N THR A 166 2.88 -39.72 10.34
CA THR A 166 1.77 -39.89 11.26
C THR A 166 1.89 -38.94 12.45
N SER A 167 3.09 -38.86 13.01
CA SER A 167 3.34 -37.99 14.16
C SER A 167 3.65 -36.57 13.71
N GLY A 168 4.79 -36.40 13.05
CA GLY A 168 5.18 -35.08 12.58
C GLY A 168 6.33 -34.48 13.38
N PRO A 169 7.57 -34.66 12.92
CA PRO A 169 8.75 -34.13 13.61
C PRO A 169 8.81 -32.60 13.57
N SER A 170 9.44 -32.02 14.59
CA SER A 170 9.56 -30.57 14.67
C SER A 170 11.00 -30.16 14.97
N SER A 171 11.54 -30.67 16.07
CA SER A 171 12.90 -30.36 16.46
C SER A 171 13.82 -31.57 16.28
N GLY A 172 14.68 -31.51 15.27
CA GLY A 172 15.59 -32.61 15.00
C GLY A 172 15.61 -33.00 13.53
N GLY A 1 -28.68 13.02 -2.53
CA GLY A 1 -28.18 12.78 -1.15
C GLY A 1 -27.59 11.40 -0.98
N SER A 2 -28.42 10.45 -0.56
CA SER A 2 -27.98 9.07 -0.35
C SER A 2 -28.19 8.24 -1.61
N SER A 3 -27.62 7.04 -1.63
CA SER A 3 -27.74 6.15 -2.77
C SER A 3 -28.68 4.99 -2.45
N GLY A 4 -28.70 4.59 -1.18
CA GLY A 4 -29.55 3.48 -0.77
C GLY A 4 -30.31 3.79 0.52
N SER A 5 -31.62 3.61 0.48
CA SER A 5 -32.45 3.87 1.65
C SER A 5 -33.73 3.03 1.60
N SER A 6 -34.39 3.03 0.44
CA SER A 6 -35.62 2.26 0.26
C SER A 6 -36.02 2.21 -1.20
N GLY A 7 -35.90 3.35 -1.88
CA GLY A 7 -36.25 3.40 -3.30
C GLY A 7 -35.61 4.57 -4.00
N ALA A 8 -35.99 4.79 -5.26
CA ALA A 8 -35.44 5.89 -6.04
C ALA A 8 -36.55 6.81 -6.55
N THR A 9 -37.53 6.23 -7.24
CA THR A 9 -38.64 7.01 -7.77
C THR A 9 -39.94 6.19 -7.73
N PRO A 10 -40.31 5.67 -6.54
CA PRO A 10 -41.53 4.88 -6.37
C PRO A 10 -42.79 5.71 -6.53
N PRO A 11 -43.88 5.12 -7.06
CA PRO A 11 -45.15 5.82 -7.26
C PRO A 11 -45.89 6.05 -5.95
N ILE A 12 -46.99 6.80 -6.03
CA ILE A 12 -47.80 7.10 -4.84
C ILE A 12 -49.28 6.92 -5.13
N SER A 13 -49.60 6.00 -6.03
CA SER A 13 -50.99 5.73 -6.40
C SER A 13 -51.48 4.44 -5.75
N ASN A 14 -50.58 3.49 -5.58
CA ASN A 14 -50.92 2.21 -4.96
C ASN A 14 -50.27 2.08 -3.59
N LEU A 15 -50.36 0.88 -3.01
CA LEU A 15 -49.78 0.63 -1.69
C LEU A 15 -49.48 -0.86 -1.52
N THR A 16 -48.57 -1.17 -0.59
CA THR A 16 -48.19 -2.55 -0.33
C THR A 16 -47.60 -3.20 -1.57
N LYS A 17 -46.37 -2.84 -1.89
CA LYS A 17 -45.68 -3.39 -3.05
C LYS A 17 -44.29 -3.90 -2.69
N THR A 18 -44.06 -5.18 -2.94
CA THR A 18 -42.78 -5.80 -2.62
C THR A 18 -42.28 -6.65 -3.79
N ALA A 19 -40.97 -6.86 -3.86
CA ALA A 19 -40.38 -7.66 -4.92
C ALA A 19 -39.98 -9.03 -4.42
N SER A 20 -40.22 -10.05 -5.23
CA SER A 20 -39.88 -11.43 -4.86
C SER A 20 -38.56 -11.85 -5.50
N GLU A 21 -38.45 -11.66 -6.81
CA GLU A 21 -37.24 -12.03 -7.54
C GLU A 21 -37.27 -11.48 -8.96
N SER A 22 -36.16 -10.89 -9.39
CA SER A 22 -36.05 -10.32 -10.73
C SER A 22 -34.69 -10.61 -11.34
N ILE A 23 -34.48 -10.11 -12.55
CA ILE A 23 -33.22 -10.32 -13.25
C ILE A 23 -32.39 -9.03 -13.30
N SER A 24 -33.08 -7.90 -13.42
CA SER A 24 -32.42 -6.60 -13.48
C SER A 24 -31.68 -6.31 -12.19
N ASN A 25 -30.47 -5.75 -12.31
CA ASN A 25 -29.66 -5.43 -11.14
C ASN A 25 -29.07 -4.02 -11.27
N LEU A 26 -29.66 -3.09 -10.53
CA LEU A 26 -29.19 -1.71 -10.55
C LEU A 26 -29.47 -1.01 -9.23
N SER A 27 -28.57 -1.20 -8.27
CA SER A 27 -28.73 -0.59 -6.95
C SER A 27 -27.37 -0.43 -6.26
N GLU A 28 -26.57 -1.49 -6.30
CA GLU A 28 -25.25 -1.47 -5.67
C GLU A 28 -24.20 -1.01 -6.67
N ALA A 29 -23.20 -0.27 -6.18
CA ALA A 29 -22.13 0.24 -7.03
C ALA A 29 -20.76 -0.15 -6.47
N GLY A 30 -20.04 -0.99 -7.22
CA GLY A 30 -18.73 -1.43 -6.78
C GLY A 30 -18.16 -2.53 -7.66
N SER A 31 -18.37 -2.40 -8.97
CA SER A 31 -17.87 -3.39 -9.92
C SER A 31 -16.47 -3.03 -10.40
N ILE A 32 -16.38 -1.98 -11.21
CA ILE A 32 -15.09 -1.54 -11.74
C ILE A 32 -14.57 -0.34 -10.95
N LYS A 33 -15.49 0.48 -10.45
CA LYS A 33 -15.11 1.66 -9.68
C LYS A 33 -15.74 1.63 -8.29
N LYS A 34 -14.92 1.83 -7.27
CA LYS A 34 -15.38 1.82 -5.89
C LYS A 34 -14.72 2.93 -5.08
N GLY A 35 -15.30 3.23 -3.92
CA GLY A 35 -14.75 4.28 -3.07
C GLY A 35 -14.22 3.73 -1.76
N GLU A 36 -13.79 2.48 -1.76
CA GLU A 36 -13.27 1.85 -0.56
C GLU A 36 -12.24 0.77 -0.92
N ARG A 37 -10.97 1.17 -0.95
CA ARG A 37 -9.90 0.23 -1.27
C ARG A 37 -8.54 0.90 -1.09
N GLU A 38 -8.02 0.84 0.13
CA GLU A 38 -6.72 1.44 0.43
C GLU A 38 -5.60 0.40 0.29
N LEU A 39 -5.65 -0.62 1.13
CA LEU A 39 -4.64 -1.68 1.11
C LEU A 39 -5.14 -2.88 0.33
N LYS A 40 -4.22 -3.77 -0.02
CA LYS A 40 -4.56 -4.97 -0.76
C LYS A 40 -3.61 -6.12 -0.43
N ILE A 41 -3.94 -7.32 -0.89
CA ILE A 41 -3.11 -8.49 -0.64
C ILE A 41 -1.97 -8.58 -1.66
N GLY A 42 -0.81 -8.02 -1.30
CA GLY A 42 0.33 -8.06 -2.20
C GLY A 42 1.22 -6.84 -2.04
N ASP A 43 0.63 -5.73 -1.63
CA ASP A 43 1.39 -4.50 -1.44
C ASP A 43 2.26 -4.57 -0.18
N ARG A 44 3.32 -3.78 -0.17
CA ARG A 44 4.23 -3.77 0.97
C ARG A 44 3.80 -2.74 2.00
N VAL A 45 4.07 -3.03 3.27
CA VAL A 45 3.70 -2.12 4.36
C VAL A 45 4.78 -2.08 5.43
N LEU A 46 4.69 -1.09 6.32
CA LEU A 46 5.66 -0.94 7.40
C LEU A 46 5.01 -0.34 8.64
N VAL A 47 5.48 -0.75 9.80
CA VAL A 47 4.94 -0.26 11.07
C VAL A 47 6.03 -0.16 12.13
N GLY A 48 6.20 1.03 12.70
CA GLY A 48 7.21 1.23 13.72
C GLY A 48 8.47 1.87 13.17
N GLY A 49 8.82 1.51 11.94
CA GLY A 49 10.02 2.06 11.32
C GLY A 49 11.11 1.03 11.16
N THR A 50 10.72 -0.24 11.04
CA THR A 50 11.69 -1.33 10.89
C THR A 50 10.98 -2.62 10.53
N LYS A 51 9.87 -2.89 11.20
CA LYS A 51 9.10 -4.11 10.96
C LYS A 51 8.20 -3.95 9.72
N ALA A 52 8.47 -4.75 8.70
CA ALA A 52 7.69 -4.69 7.46
C ALA A 52 7.24 -6.09 7.04
N GLY A 53 6.50 -6.16 5.94
CA GLY A 53 6.03 -7.43 5.44
C GLY A 53 5.01 -7.28 4.33
N VAL A 54 4.52 -8.40 3.81
CA VAL A 54 3.55 -8.39 2.73
C VAL A 54 2.14 -8.66 3.26
N VAL A 55 1.17 -7.93 2.72
CA VAL A 55 -0.22 -8.10 3.14
C VAL A 55 -0.77 -9.46 2.72
N ARG A 56 -1.31 -10.19 3.68
CA ARG A 56 -1.87 -11.51 3.41
C ARG A 56 -3.38 -11.52 3.63
N PHE A 57 -3.82 -10.80 4.66
CA PHE A 57 -5.25 -10.73 4.98
C PHE A 57 -5.67 -9.29 5.25
N LEU A 58 -6.97 -9.04 5.19
CA LEU A 58 -7.50 -7.70 5.43
C LEU A 58 -8.92 -7.77 5.98
N GLY A 59 -9.09 -7.35 7.23
CA GLY A 59 -10.41 -7.38 7.85
C GLY A 59 -10.41 -6.78 9.23
N GLU A 60 -10.88 -7.55 10.21
CA GLU A 60 -10.93 -7.09 11.59
C GLU A 60 -10.23 -8.07 12.52
N THR A 61 -10.17 -7.72 13.80
CA THR A 61 -9.52 -8.57 14.80
C THR A 61 -10.48 -8.91 15.94
N ASP A 62 -10.09 -9.88 16.77
CA ASP A 62 -10.91 -10.30 17.89
C ASP A 62 -10.49 -9.58 19.17
N PHE A 63 -9.20 -9.31 19.29
CA PHE A 63 -8.67 -8.63 20.46
C PHE A 63 -8.91 -7.13 20.37
N ALA A 64 -8.82 -6.58 19.17
CA ALA A 64 -9.03 -5.16 18.95
C ALA A 64 -10.27 -4.91 18.09
N LYS A 65 -10.66 -3.66 17.97
CA LYS A 65 -11.83 -3.28 17.19
C LYS A 65 -11.46 -2.31 16.08
N GLY A 66 -12.39 -2.07 15.16
CA GLY A 66 -12.15 -1.16 14.06
C GLY A 66 -11.75 -1.88 12.79
N GLU A 67 -10.49 -1.72 12.40
CA GLU A 67 -9.98 -2.37 11.18
C GLU A 67 -8.50 -2.68 11.32
N TRP A 68 -8.17 -3.97 11.39
CA TRP A 68 -6.80 -4.41 11.53
C TRP A 68 -6.35 -5.19 10.30
N CYS A 69 -5.15 -4.89 9.80
CA CYS A 69 -4.61 -5.57 8.63
C CYS A 69 -3.65 -6.67 9.03
N GLY A 70 -3.96 -7.90 8.63
CA GLY A 70 -3.12 -9.03 8.96
C GLY A 70 -1.93 -9.16 8.03
N VAL A 71 -0.91 -8.34 8.24
CA VAL A 71 0.29 -8.36 7.41
C VAL A 71 1.32 -9.32 7.98
N GLU A 72 1.88 -10.16 7.11
CA GLU A 72 2.90 -11.13 7.53
C GLU A 72 4.30 -10.56 7.35
N LEU A 73 5.04 -10.48 8.45
CA LEU A 73 6.41 -9.95 8.40
C LEU A 73 7.35 -10.94 7.74
N ASP A 74 8.18 -10.44 6.83
CA ASP A 74 9.13 -11.29 6.12
C ASP A 74 10.09 -11.96 7.09
N GLU A 75 10.43 -11.26 8.17
CA GLU A 75 11.33 -11.78 9.18
C GLU A 75 10.56 -12.36 10.37
N PRO A 76 11.19 -13.27 11.13
CA PRO A 76 10.56 -13.90 12.30
C PRO A 76 10.34 -12.91 13.43
N LEU A 77 9.33 -12.05 13.28
CA LEU A 77 9.01 -11.06 14.30
C LEU A 77 7.51 -10.90 14.47
N GLY A 78 6.77 -11.98 14.24
CA GLY A 78 5.33 -11.94 14.37
C GLY A 78 4.85 -12.48 15.69
N LYS A 79 3.56 -12.31 15.96
CA LYS A 79 2.97 -12.79 17.20
C LYS A 79 2.07 -13.99 16.96
N ASN A 80 1.13 -13.85 16.02
CA ASN A 80 0.21 -14.92 15.69
C ASN A 80 0.69 -15.69 14.46
N ASP A 81 0.23 -16.93 14.33
CA ASP A 81 0.63 -17.77 13.21
C ASP A 81 -0.46 -17.78 12.13
N GLY A 82 -1.17 -16.67 12.02
CA GLY A 82 -2.23 -16.57 11.03
C GLY A 82 -3.62 -16.69 11.63
N ALA A 83 -3.70 -17.38 12.76
CA ALA A 83 -4.98 -17.58 13.44
C ALA A 83 -5.00 -16.87 14.79
N VAL A 84 -6.16 -16.34 15.17
CA VAL A 84 -6.31 -15.64 16.44
C VAL A 84 -7.60 -16.05 17.15
N ALA A 85 -7.46 -16.62 18.34
CA ALA A 85 -8.61 -17.06 19.12
C ALA A 85 -9.43 -18.08 18.34
N GLY A 86 -8.77 -18.85 17.49
CA GLY A 86 -9.46 -19.86 16.70
C GLY A 86 -9.80 -19.38 15.31
N THR A 87 -9.95 -18.06 15.16
CA THR A 87 -10.28 -17.47 13.86
C THR A 87 -9.08 -17.48 12.93
N ARG A 88 -9.25 -18.07 11.75
CA ARG A 88 -8.18 -18.15 10.77
C ARG A 88 -8.27 -17.00 9.77
N TYR A 89 -7.13 -16.38 9.47
CA TYR A 89 -7.09 -15.27 8.53
C TYR A 89 -6.13 -15.57 7.38
N PHE A 90 -4.91 -15.96 7.71
CA PHE A 90 -3.90 -16.28 6.71
C PHE A 90 -2.93 -17.35 7.22
N GLN A 91 -3.07 -18.56 6.71
CA GLN A 91 -2.21 -19.67 7.12
C GLN A 91 -0.74 -19.35 6.82
N CYS A 92 0.08 -19.33 7.87
CA CYS A 92 1.50 -19.05 7.71
C CYS A 92 2.31 -19.69 8.84
N GLN A 93 3.62 -19.52 8.79
CA GLN A 93 4.51 -20.09 9.80
C GLN A 93 4.47 -19.26 11.09
N PRO A 94 4.59 -19.91 12.25
CA PRO A 94 4.56 -19.22 13.55
C PRO A 94 5.60 -18.11 13.63
N LYS A 95 5.31 -17.08 14.42
CA LYS A 95 6.21 -15.95 14.59
C LYS A 95 6.48 -15.27 13.25
N TYR A 96 5.41 -14.83 12.58
CA TYR A 96 5.54 -14.16 11.29
C TYR A 96 4.34 -13.26 11.03
N GLY A 97 3.14 -13.78 11.28
CA GLY A 97 1.93 -13.01 11.06
C GLY A 97 1.68 -12.00 12.17
N LEU A 98 1.69 -10.73 11.80
CA LEU A 98 1.47 -9.65 12.76
C LEU A 98 0.29 -8.78 12.35
N PHE A 99 -0.64 -8.56 13.29
CA PHE A 99 -1.81 -7.74 13.02
C PHE A 99 -1.61 -6.32 13.51
N ALA A 100 -2.18 -5.35 12.80
CA ALA A 100 -2.07 -3.95 13.16
C ALA A 100 -3.18 -3.12 12.53
N PRO A 101 -3.60 -2.03 13.20
CA PRO A 101 -4.67 -1.17 12.70
C PRO A 101 -4.32 -0.55 11.35
N VAL A 102 -5.28 -0.54 10.44
CA VAL A 102 -5.06 0.02 9.11
C VAL A 102 -4.49 1.43 9.18
N HIS A 103 -5.12 2.29 9.98
CA HIS A 103 -4.68 3.66 10.14
C HIS A 103 -3.22 3.71 10.62
N LYS A 104 -2.82 2.67 11.35
CA LYS A 104 -1.46 2.59 11.87
C LYS A 104 -0.50 2.06 10.82
N VAL A 105 -1.01 1.30 9.86
CA VAL A 105 -0.19 0.74 8.80
C VAL A 105 0.33 1.84 7.86
N THR A 106 1.65 1.88 7.70
CA THR A 106 2.28 2.88 6.84
C THR A 106 2.74 2.26 5.54
N LYS A 107 2.33 2.84 4.42
CA LYS A 107 2.71 2.35 3.10
C LYS A 107 4.09 2.85 2.70
N ILE A 108 4.86 1.99 2.04
CA ILE A 108 6.21 2.35 1.60
C ILE A 108 6.41 2.02 0.13
N GLY A 109 6.76 3.05 -0.66
CA GLY A 109 6.98 2.84 -2.07
C GLY A 109 6.55 4.04 -2.90
N PHE A 110 6.93 5.24 -2.45
CA PHE A 110 6.58 6.47 -3.14
C PHE A 110 7.84 7.25 -3.53
N PRO A 111 8.13 7.36 -4.84
CA PRO A 111 9.31 8.09 -5.32
C PRO A 111 9.21 9.59 -5.06
N SER A 112 8.00 10.12 -5.18
CA SER A 112 7.78 11.55 -4.96
C SER A 112 6.69 11.78 -3.93
N THR A 113 6.97 12.61 -2.93
CA THR A 113 6.01 12.91 -1.87
C THR A 113 5.71 14.39 -1.81
N THR A 114 4.43 14.73 -1.67
CA THR A 114 4.02 16.13 -1.60
C THR A 114 3.48 16.47 -0.20
N PRO A 115 3.45 17.76 0.16
CA PRO A 115 2.96 18.21 1.46
C PRO A 115 1.58 17.66 1.78
N ALA A 116 1.04 18.07 2.93
CA ALA A 116 -0.29 17.61 3.35
C ALA A 116 -1.11 18.77 3.90
N LYS A 117 -0.49 19.57 4.76
CA LYS A 117 -1.18 20.72 5.35
C LYS A 117 -0.38 22.00 5.15
N ALA A 118 0.93 21.92 5.37
CA ALA A 118 1.80 23.07 5.21
C ALA A 118 1.92 23.46 3.74
N LYS A 119 2.47 24.65 3.49
CA LYS A 119 2.64 25.14 2.12
C LYS A 119 4.06 25.62 1.89
N ALA A 120 4.56 26.43 2.82
CA ALA A 120 5.92 26.96 2.72
C ALA A 120 6.94 25.97 3.25
N ASN A 121 6.70 25.46 4.46
CA ASN A 121 7.59 24.49 5.08
C ASN A 121 7.22 23.06 4.69
N ALA A 122 8.18 22.34 4.11
CA ALA A 122 7.95 20.97 3.68
C ALA A 122 7.65 20.07 4.89
N VAL A 123 7.66 18.75 4.65
CA VAL A 123 7.39 17.79 5.71
C VAL A 123 5.96 17.90 6.21
N ARG A 124 5.44 16.81 6.78
CA ARG A 124 4.08 16.80 7.30
C ARG A 124 4.04 17.31 8.74
N ARG A 125 2.82 17.48 9.26
CA ARG A 125 2.64 17.97 10.62
C ARG A 125 3.25 19.36 10.79
N VAL A 126 3.20 20.15 9.72
CA VAL A 126 3.74 21.51 9.76
C VAL A 126 2.66 22.54 9.50
N MET A 127 2.65 23.59 10.31
CA MET A 127 1.66 24.66 10.17
C MET A 127 2.30 25.91 9.59
N ALA A 128 1.53 27.00 9.54
CA ALA A 128 2.02 28.27 9.01
C ALA A 128 1.07 29.41 9.35
N THR A 129 -0.19 29.26 8.96
CA THR A 129 -1.20 30.28 9.22
C THR A 129 -2.47 29.66 9.78
N THR A 130 -3.23 30.43 10.53
CA THR A 130 -4.47 29.97 11.14
C THR A 130 -4.21 28.78 12.07
N SER A 131 -5.18 28.49 12.93
CA SER A 131 -5.06 27.39 13.87
C SER A 131 -3.90 27.61 14.83
N ALA A 132 -4.05 27.11 16.05
CA ALA A 132 -3.01 27.27 17.07
C ALA A 132 -2.74 28.74 17.36
N SER A 133 -3.15 29.19 18.55
CA SER A 133 -2.95 30.57 18.96
C SER A 133 -1.50 30.82 19.35
N LEU A 134 -0.72 31.37 18.44
CA LEU A 134 0.68 31.66 18.69
C LEU A 134 1.15 32.88 17.90
N LYS A 135 0.25 33.84 17.72
CA LYS A 135 0.56 35.06 16.97
C LYS A 135 0.81 36.23 17.91
N ARG A 136 1.50 37.25 17.42
CA ARG A 136 1.81 38.42 18.22
C ARG A 136 0.54 39.19 18.57
N SER A 137 -0.04 38.88 19.73
CA SER A 137 -1.27 39.55 20.18
C SER A 137 -1.11 40.05 21.60
N PRO A 138 -0.68 41.32 21.77
CA PRO A 138 -0.49 41.92 23.09
C PRO A 138 -1.81 42.13 23.83
N SER A 139 -2.92 42.11 23.08
CA SER A 139 -4.24 42.29 23.67
C SER A 139 -4.62 41.09 24.55
N ALA A 140 -3.97 40.99 25.69
CA ALA A 140 -4.24 39.89 26.63
C ALA A 140 -4.90 40.39 27.90
N SER A 141 -6.23 40.40 27.92
CA SER A 141 -6.97 40.86 29.07
C SER A 141 -8.44 40.48 28.96
N SER A 142 -9.02 40.66 27.77
CA SER A 142 -10.41 40.33 27.53
C SER A 142 -10.59 38.84 27.25
N LEU A 143 -11.66 38.27 27.77
CA LEU A 143 -11.94 36.85 27.57
C LEU A 143 -10.82 35.99 28.15
N SER A 144 -10.33 36.39 29.31
CA SER A 144 -9.25 35.65 29.98
C SER A 144 -7.97 35.68 29.14
N SER A 145 -6.86 36.05 29.78
CA SER A 145 -5.58 36.13 29.09
C SER A 145 -5.17 34.75 28.57
N MET A 146 -5.06 33.78 29.47
CA MET A 146 -4.67 32.42 29.12
C MET A 146 -5.89 31.51 29.09
N SER A 147 -5.66 30.25 28.69
CA SER A 147 -6.74 29.27 28.62
C SER A 147 -7.31 28.99 30.00
N SER A 148 -8.18 27.99 30.09
CA SER A 148 -8.80 27.61 31.36
C SER A 148 -7.91 26.65 32.13
N VAL A 149 -7.83 26.85 33.44
CA VAL A 149 -7.00 25.99 34.29
C VAL A 149 -7.86 25.26 35.33
N ALA A 150 -8.15 23.99 35.05
CA ALA A 150 -8.97 23.18 35.94
C ALA A 150 -8.30 21.84 36.21
N SER A 151 -8.58 21.27 37.39
CA SER A 151 -8.00 19.98 37.77
C SER A 151 -8.99 18.85 37.52
N SER A 152 -9.84 19.02 36.51
CA SER A 152 -10.83 18.02 36.17
C SER A 152 -10.50 17.35 34.83
N VAL A 153 -9.87 18.12 33.94
CA VAL A 153 -9.51 17.60 32.63
C VAL A 153 -10.74 17.27 31.81
N SER A 154 -10.99 18.06 30.76
CA SER A 154 -12.14 17.84 29.90
C SER A 154 -13.44 17.94 30.69
N SER A 155 -14.56 17.74 30.00
CA SER A 155 -15.88 17.80 30.63
C SER A 155 -16.24 16.46 31.24
N ARG A 156 -17.08 16.49 32.28
CA ARG A 156 -17.52 15.28 32.96
C ARG A 156 -18.50 14.49 32.09
N PRO A 157 -19.64 15.09 31.74
CA PRO A 157 -20.66 14.43 30.91
C PRO A 157 -20.22 14.31 29.45
N SER A 158 -20.81 13.35 28.75
CA SER A 158 -20.49 13.13 27.34
C SER A 158 -21.62 12.39 26.64
N ARG A 159 -21.42 12.08 25.35
CA ARG A 159 -22.42 11.38 24.56
C ARG A 159 -21.78 10.28 23.73
N THR A 160 -20.75 10.65 22.98
CA THR A 160 -20.04 9.69 22.13
C THR A 160 -18.90 10.36 21.38
N GLY A 161 -17.70 9.79 21.49
CA GLY A 161 -16.54 10.34 20.83
C GLY A 161 -15.27 9.57 21.11
N LEU A 162 -15.29 8.28 20.78
CA LEU A 162 -14.13 7.42 21.01
C LEU A 162 -13.77 7.37 22.49
N LEU A 163 -14.78 7.22 23.33
CA LEU A 163 -14.57 7.15 24.77
C LEU A 163 -15.80 6.58 25.48
N THR A 164 -16.98 7.05 25.07
CA THR A 164 -18.23 6.59 25.66
C THR A 164 -19.21 6.15 24.58
N GLU A 165 -20.17 5.31 24.96
CA GLU A 165 -21.17 4.82 24.02
C GLU A 165 -22.52 5.48 24.27
N THR A 166 -23.50 5.18 23.42
CA THR A 166 -24.83 5.74 23.55
C THR A 166 -25.66 4.98 24.57
N SER A 167 -26.83 5.49 24.89
CA SER A 167 -27.71 4.85 25.85
C SER A 167 -28.22 3.51 25.32
N GLY A 168 -28.08 2.47 26.14
CA GLY A 168 -28.53 1.14 25.73
C GLY A 168 -27.47 0.08 25.97
N PRO A 169 -27.35 -0.43 27.21
CA PRO A 169 -26.37 -1.45 27.55
C PRO A 169 -26.71 -2.81 26.94
N SER A 170 -25.70 -3.66 26.80
CA SER A 170 -25.89 -4.98 26.23
C SER A 170 -26.48 -5.95 27.26
N SER A 171 -27.58 -6.60 26.89
CA SER A 171 -28.24 -7.54 27.78
C SER A 171 -28.42 -8.91 27.11
N GLY A 172 -28.87 -8.88 25.87
CA GLY A 172 -29.08 -10.11 25.12
C GLY A 172 -29.15 -9.89 23.63
N GLY A 1 18.64 7.67 -19.42
CA GLY A 1 20.11 7.74 -19.57
C GLY A 1 20.78 6.39 -19.52
N SER A 2 20.22 5.43 -20.26
CA SER A 2 20.75 4.08 -20.31
C SER A 2 20.80 3.56 -21.74
N SER A 3 21.36 2.36 -21.90
CA SER A 3 21.47 1.75 -23.22
C SER A 3 20.47 0.60 -23.37
N GLY A 4 19.32 0.89 -23.98
CA GLY A 4 18.31 -0.13 -24.18
C GLY A 4 18.08 -0.44 -25.64
N SER A 5 16.81 -0.45 -26.05
CA SER A 5 16.46 -0.73 -27.44
C SER A 5 16.92 -2.13 -27.84
N SER A 6 16.33 -2.67 -28.90
CA SER A 6 16.69 -3.99 -29.39
C SER A 6 17.74 -3.90 -30.49
N GLY A 7 18.14 -5.05 -31.03
CA GLY A 7 19.13 -5.08 -32.07
C GLY A 7 18.59 -5.64 -33.37
N ALA A 8 18.94 -6.88 -33.68
CA ALA A 8 18.50 -7.53 -34.89
C ALA A 8 17.28 -8.41 -34.63
N THR A 9 17.19 -8.95 -33.41
CA THR A 9 16.07 -9.80 -33.04
C THR A 9 14.82 -8.97 -32.73
N PRO A 10 13.70 -9.26 -33.42
CA PRO A 10 12.44 -8.52 -33.22
C PRO A 10 11.81 -8.82 -31.87
N PRO A 11 10.76 -8.08 -31.50
CA PRO A 11 10.06 -8.28 -30.21
C PRO A 11 9.48 -9.68 -30.08
N ILE A 12 9.18 -10.08 -28.85
CA ILE A 12 8.62 -11.40 -28.60
C ILE A 12 7.22 -11.30 -28.01
N SER A 13 6.36 -12.23 -28.40
CA SER A 13 4.98 -12.25 -27.92
C SER A 13 4.76 -13.42 -26.96
N ASN A 14 4.22 -13.11 -25.79
CA ASN A 14 3.95 -14.14 -24.79
C ASN A 14 2.46 -14.21 -24.45
N LEU A 15 1.62 -14.15 -25.48
CA LEU A 15 0.18 -14.19 -25.30
C LEU A 15 -0.30 -13.03 -24.43
N THR A 16 -0.73 -11.96 -25.09
CA THR A 16 -1.21 -10.77 -24.38
C THR A 16 -2.61 -11.01 -23.82
N LYS A 17 -3.12 -10.03 -23.08
CA LYS A 17 -4.45 -10.12 -22.50
C LYS A 17 -5.24 -8.85 -22.73
N THR A 18 -6.09 -8.86 -23.74
CA THR A 18 -6.92 -7.70 -24.08
C THR A 18 -8.40 -8.05 -23.98
N ALA A 19 -9.06 -7.53 -22.95
CA ALA A 19 -10.47 -7.78 -22.75
C ALA A 19 -11.32 -6.67 -23.37
N SER A 20 -11.58 -6.80 -24.67
CA SER A 20 -12.38 -5.81 -25.38
C SER A 20 -13.37 -6.49 -26.33
N GLU A 21 -14.46 -7.01 -25.76
CA GLU A 21 -15.47 -7.69 -26.54
C GLU A 21 -16.77 -6.90 -26.57
N SER A 22 -17.41 -6.78 -25.40
CA SER A 22 -18.66 -6.03 -25.28
C SER A 22 -19.73 -6.64 -26.17
N ILE A 23 -20.33 -7.74 -25.71
CA ILE A 23 -21.38 -8.41 -26.47
C ILE A 23 -22.74 -8.25 -25.80
N SER A 24 -22.72 -8.14 -24.47
CA SER A 24 -23.95 -7.98 -23.70
C SER A 24 -23.99 -6.61 -23.02
N ASN A 25 -22.90 -6.25 -22.35
CA ASN A 25 -22.82 -4.97 -21.67
C ASN A 25 -22.02 -3.96 -22.48
N LEU A 26 -22.33 -2.69 -22.32
CA LEU A 26 -21.65 -1.62 -23.04
C LEU A 26 -20.45 -1.12 -22.25
N SER A 27 -20.71 -0.44 -21.14
CA SER A 27 -19.65 0.09 -20.29
C SER A 27 -19.27 -0.90 -19.20
N GLU A 28 -20.27 -1.64 -18.71
CA GLU A 28 -20.05 -2.63 -17.66
C GLU A 28 -19.70 -1.95 -16.34
N ALA A 29 -18.52 -1.33 -16.29
CA ALA A 29 -18.07 -0.65 -15.08
C ALA A 29 -17.92 -1.62 -13.92
N GLY A 30 -17.53 -2.86 -14.23
CA GLY A 30 -17.37 -3.86 -13.21
C GLY A 30 -15.99 -4.51 -13.24
N SER A 31 -14.95 -3.67 -13.39
CA SER A 31 -13.59 -4.17 -13.44
C SER A 31 -12.97 -4.22 -12.05
N ILE A 32 -12.95 -3.08 -11.38
CA ILE A 32 -12.38 -2.99 -10.03
C ILE A 32 -13.47 -3.11 -8.97
N LYS A 33 -13.58 -4.29 -8.38
CA LYS A 33 -14.59 -4.53 -7.35
C LYS A 33 -14.06 -4.16 -5.97
N LYS A 34 -14.95 -4.13 -4.99
CA LYS A 34 -14.56 -3.78 -3.62
C LYS A 34 -13.99 -2.37 -3.57
N GLY A 35 -13.68 -1.91 -2.36
CA GLY A 35 -13.12 -0.57 -2.19
C GLY A 35 -12.35 -0.43 -0.90
N GLU A 36 -11.33 0.41 -0.91
CA GLU A 36 -10.50 0.64 0.27
C GLU A 36 -9.58 1.83 0.06
N ARG A 37 -8.77 1.76 -1.00
CA ARG A 37 -7.83 2.84 -1.31
C ARG A 37 -6.84 3.05 -0.16
N GLU A 38 -6.53 1.98 0.56
CA GLU A 38 -5.61 2.04 1.68
C GLU A 38 -4.49 1.02 1.52
N LEU A 39 -4.87 -0.23 1.31
CA LEU A 39 -3.90 -1.31 1.15
C LEU A 39 -4.41 -2.36 0.17
N LYS A 40 -3.66 -3.46 0.03
CA LYS A 40 -4.04 -4.53 -0.87
C LYS A 40 -3.19 -5.78 -0.62
N ILE A 41 -3.73 -6.94 -0.95
CA ILE A 41 -3.02 -8.20 -0.77
C ILE A 41 -1.88 -8.34 -1.77
N GLY A 42 -0.66 -8.37 -1.26
CA GLY A 42 0.50 -8.50 -2.12
C GLY A 42 1.45 -7.32 -2.01
N ASP A 43 0.90 -6.16 -1.67
CA ASP A 43 1.70 -4.95 -1.54
C ASP A 43 2.41 -4.91 -0.18
N ARG A 44 3.66 -4.46 -0.18
CA ARG A 44 4.44 -4.37 1.05
C ARG A 44 4.05 -3.14 1.86
N VAL A 45 4.18 -3.24 3.17
CA VAL A 45 3.84 -2.13 4.06
C VAL A 45 4.83 -2.02 5.21
N LEU A 46 4.84 -0.87 5.88
CA LEU A 46 5.74 -0.65 7.00
C LEU A 46 4.98 -0.04 8.18
N VAL A 47 5.11 -0.68 9.34
CA VAL A 47 4.43 -0.21 10.54
C VAL A 47 5.43 -0.03 11.69
N GLY A 48 5.56 1.21 12.17
CA GLY A 48 6.47 1.51 13.25
C GLY A 48 7.83 1.97 12.77
N GLY A 49 8.18 1.60 11.54
CA GLY A 49 9.46 2.00 10.98
C GLY A 49 10.52 0.93 11.13
N THR A 50 10.08 -0.32 11.18
CA THR A 50 11.00 -1.45 11.34
C THR A 50 10.35 -2.75 10.85
N LYS A 51 9.11 -2.97 11.26
CA LYS A 51 8.38 -4.17 10.86
C LYS A 51 7.75 -4.00 9.48
N ALA A 52 8.29 -4.71 8.49
CA ALA A 52 7.78 -4.63 7.14
C ALA A 52 7.52 -6.03 6.56
N GLY A 53 6.33 -6.22 6.01
CA GLY A 53 5.99 -7.51 5.44
C GLY A 53 4.88 -7.41 4.42
N VAL A 54 4.62 -8.51 3.71
CA VAL A 54 3.57 -8.54 2.70
C VAL A 54 2.19 -8.73 3.33
N VAL A 55 1.22 -8.00 2.82
CA VAL A 55 -0.15 -8.07 3.34
C VAL A 55 -0.79 -9.41 2.97
N ARG A 56 -1.29 -10.12 3.98
CA ARG A 56 -1.94 -11.41 3.76
C ARG A 56 -3.44 -11.30 3.97
N PHE A 57 -3.85 -10.55 4.99
CA PHE A 57 -5.25 -10.36 5.30
C PHE A 57 -5.57 -8.89 5.55
N LEU A 58 -6.81 -8.50 5.27
CA LEU A 58 -7.25 -7.12 5.46
C LEU A 58 -8.75 -7.05 5.74
N GLY A 59 -9.09 -6.86 7.01
CA GLY A 59 -10.49 -6.78 7.39
C GLY A 59 -10.68 -6.47 8.86
N GLU A 60 -11.64 -7.12 9.49
CA GLU A 60 -11.93 -6.90 10.90
C GLU A 60 -11.33 -8.02 11.75
N THR A 61 -10.78 -7.65 12.91
CA THR A 61 -10.17 -8.62 13.81
C THR A 61 -11.22 -9.23 14.73
N ASP A 62 -10.77 -10.08 15.65
CA ASP A 62 -11.67 -10.74 16.59
C ASP A 62 -11.24 -10.48 18.03
N PHE A 63 -10.67 -9.30 18.27
CA PHE A 63 -10.24 -8.91 19.60
C PHE A 63 -10.28 -7.40 19.78
N ALA A 64 -9.77 -6.68 18.80
CA ALA A 64 -9.76 -5.23 18.85
C ALA A 64 -10.89 -4.63 18.00
N LYS A 65 -11.08 -3.33 18.10
CA LYS A 65 -12.12 -2.64 17.35
C LYS A 65 -11.55 -2.02 16.08
N GLY A 66 -12.43 -1.47 15.24
CA GLY A 66 -12.00 -0.86 14.01
C GLY A 66 -11.55 -1.88 12.98
N GLU A 67 -10.78 -1.42 11.99
CA GLU A 67 -10.28 -2.30 10.94
C GLU A 67 -8.79 -2.56 11.10
N TRP A 68 -8.42 -3.83 11.28
CA TRP A 68 -7.03 -4.21 11.44
C TRP A 68 -6.50 -4.86 10.16
N CYS A 69 -5.22 -4.62 9.87
CA CYS A 69 -4.59 -5.19 8.69
C CYS A 69 -3.62 -6.31 9.07
N GLY A 70 -3.92 -7.53 8.63
CA GLY A 70 -3.07 -8.65 8.93
C GLY A 70 -1.92 -8.79 7.97
N VAL A 71 -0.77 -8.25 8.34
CA VAL A 71 0.41 -8.32 7.49
C VAL A 71 1.42 -9.34 8.02
N GLU A 72 1.99 -10.12 7.12
CA GLU A 72 2.96 -11.15 7.50
C GLU A 72 4.39 -10.61 7.37
N LEU A 73 5.09 -10.57 8.49
CA LEU A 73 6.47 -10.08 8.51
C LEU A 73 7.41 -11.09 7.87
N ASP A 74 8.50 -10.60 7.27
CA ASP A 74 9.48 -11.46 6.63
C ASP A 74 10.52 -11.95 7.64
N GLU A 75 10.80 -11.11 8.63
CA GLU A 75 11.78 -11.44 9.65
C GLU A 75 11.09 -11.97 10.91
N PRO A 76 11.83 -12.72 11.76
CA PRO A 76 11.28 -13.27 13.00
C PRO A 76 10.93 -12.20 14.02
N LEU A 77 9.68 -11.77 14.02
CA LEU A 77 9.22 -10.74 14.95
C LEU A 77 7.78 -11.00 15.38
N GLY A 78 6.92 -11.30 14.42
CA GLY A 78 5.52 -11.57 14.72
C GLY A 78 5.35 -12.68 15.74
N LYS A 79 4.10 -13.03 16.02
CA LYS A 79 3.79 -14.08 16.98
C LYS A 79 2.81 -15.09 16.40
N ASN A 80 1.62 -14.61 16.03
CA ASN A 80 0.59 -15.47 15.46
C ASN A 80 0.99 -15.92 14.05
N ASP A 81 0.59 -17.14 13.70
CA ASP A 81 0.89 -17.69 12.39
C ASP A 81 -0.33 -17.64 11.47
N GLY A 82 -1.18 -16.65 11.68
CA GLY A 82 -2.37 -16.51 10.87
C GLY A 82 -3.65 -16.76 11.66
N ALA A 83 -3.55 -17.63 12.66
CA ALA A 83 -4.71 -17.96 13.48
C ALA A 83 -4.77 -17.06 14.71
N VAL A 84 -5.96 -16.51 14.98
CA VAL A 84 -6.15 -15.64 16.12
C VAL A 84 -7.33 -16.10 16.97
N ALA A 85 -7.03 -16.75 18.10
CA ALA A 85 -8.06 -17.24 19.00
C ALA A 85 -8.99 -18.21 18.29
N GLY A 86 -8.46 -18.93 17.30
CA GLY A 86 -9.26 -19.88 16.55
C GLY A 86 -9.65 -19.37 15.19
N THR A 87 -9.77 -18.05 15.05
CA THR A 87 -10.12 -17.43 13.78
C THR A 87 -8.98 -17.52 12.78
N ARG A 88 -9.24 -18.14 11.65
CA ARG A 88 -8.23 -18.30 10.61
C ARG A 88 -8.23 -17.11 9.66
N TYR A 89 -7.04 -16.68 9.23
CA TYR A 89 -6.91 -15.55 8.32
C TYR A 89 -5.98 -15.90 7.16
N PHE A 90 -4.72 -16.17 7.47
CA PHE A 90 -3.74 -16.52 6.46
C PHE A 90 -2.65 -17.42 7.03
N GLN A 91 -2.64 -18.67 6.59
CA GLN A 91 -1.65 -19.64 7.06
C GLN A 91 -0.24 -19.22 6.67
N CYS A 92 0.68 -19.31 7.62
CA CYS A 92 2.07 -18.93 7.39
C CYS A 92 2.99 -19.56 8.43
N GLN A 93 4.29 -19.32 8.30
CA GLN A 93 5.27 -19.86 9.22
C GLN A 93 5.10 -19.25 10.61
N PRO A 94 5.40 -20.02 11.68
CA PRO A 94 5.27 -19.55 13.06
C PRO A 94 6.22 -18.40 13.36
N LYS A 95 5.77 -17.48 14.21
CA LYS A 95 6.58 -16.32 14.58
C LYS A 95 6.91 -15.47 13.35
N TYR A 96 5.86 -14.96 12.70
CA TYR A 96 6.03 -14.12 11.52
C TYR A 96 4.82 -13.24 11.30
N GLY A 97 3.64 -13.84 11.28
CA GLY A 97 2.42 -13.08 11.08
C GLY A 97 2.13 -12.14 12.23
N LEU A 98 1.72 -10.92 11.90
CA LEU A 98 1.41 -9.91 12.91
C LEU A 98 0.25 -9.03 12.46
N PHE A 99 -0.65 -8.73 13.40
CA PHE A 99 -1.81 -7.91 13.10
C PHE A 99 -1.65 -6.51 13.70
N ALA A 100 -2.17 -5.51 12.99
CA ALA A 100 -2.09 -4.13 13.46
C ALA A 100 -3.14 -3.26 12.78
N PRO A 101 -3.65 -2.22 13.48
CA PRO A 101 -4.65 -1.31 12.94
C PRO A 101 -4.19 -0.62 11.66
N VAL A 102 -5.06 -0.59 10.66
CA VAL A 102 -4.73 0.04 9.39
C VAL A 102 -4.23 1.47 9.58
N HIS A 103 -4.99 2.25 10.36
CA HIS A 103 -4.62 3.63 10.63
C HIS A 103 -3.22 3.74 11.23
N LYS A 104 -2.81 2.68 11.91
CA LYS A 104 -1.49 2.64 12.53
C LYS A 104 -0.43 2.15 11.54
N VAL A 105 -0.88 1.38 10.54
CA VAL A 105 0.03 0.85 9.53
C VAL A 105 0.36 1.91 8.48
N THR A 106 1.54 1.80 7.89
CA THR A 106 1.99 2.75 6.87
C THR A 106 2.32 2.03 5.58
N LYS A 107 2.33 2.79 4.48
CA LYS A 107 2.64 2.22 3.17
C LYS A 107 4.06 2.57 2.74
N ILE A 108 4.69 1.66 2.01
CA ILE A 108 6.05 1.88 1.53
C ILE A 108 6.19 1.48 0.07
N GLY A 109 6.53 2.45 -0.77
CA GLY A 109 6.68 2.19 -2.19
C GLY A 109 6.23 3.35 -3.05
N PHE A 110 7.13 3.89 -3.86
CA PHE A 110 6.81 5.00 -4.74
C PHE A 110 7.75 5.05 -5.94
N PRO A 111 7.67 4.04 -6.83
CA PRO A 111 8.51 3.96 -8.03
C PRO A 111 8.11 4.98 -9.08
N SER A 112 8.20 6.26 -8.73
CA SER A 112 7.85 7.34 -9.66
C SER A 112 8.91 8.43 -9.65
N THR A 113 9.22 8.95 -8.46
CA THR A 113 10.21 10.00 -8.31
C THR A 113 11.06 9.77 -7.07
N THR A 114 12.32 10.21 -7.14
CA THR A 114 13.24 10.05 -6.01
C THR A 114 13.47 11.38 -5.30
N PRO A 115 13.83 11.35 -4.01
CA PRO A 115 14.08 12.56 -3.22
C PRO A 115 15.31 13.33 -3.71
N ALA A 116 15.07 14.44 -4.38
CA ALA A 116 16.16 15.27 -4.90
C ALA A 116 16.57 16.33 -3.89
N LYS A 117 17.48 17.21 -4.30
CA LYS A 117 17.96 18.27 -3.43
C LYS A 117 18.61 17.71 -2.17
N ALA A 118 18.92 18.58 -1.22
CA ALA A 118 19.54 18.16 0.03
C ALA A 118 18.50 17.74 1.05
N LYS A 119 17.92 16.56 0.85
CA LYS A 119 16.91 16.04 1.75
C LYS A 119 15.71 16.97 1.82
N ALA A 120 14.70 16.59 2.60
CA ALA A 120 13.49 17.39 2.74
C ALA A 120 13.42 18.02 4.13
N ASN A 121 12.52 18.99 4.28
CA ASN A 121 12.36 19.69 5.55
C ASN A 121 13.64 20.38 5.96
N ALA A 122 14.41 20.84 4.98
CA ALA A 122 15.67 21.53 5.24
C ALA A 122 15.90 22.64 4.22
N VAL A 123 16.15 22.24 2.97
CA VAL A 123 16.39 23.20 1.90
C VAL A 123 15.21 23.26 0.95
N ARG A 124 14.47 24.37 1.00
CA ARG A 124 13.31 24.56 0.14
C ARG A 124 13.72 24.63 -1.33
N ARG A 125 12.76 24.43 -2.22
CA ARG A 125 13.01 24.48 -3.65
C ARG A 125 13.59 25.83 -4.06
N VAL A 126 14.48 25.82 -5.04
CA VAL A 126 15.10 27.04 -5.52
C VAL A 126 15.41 26.95 -7.02
N MET A 127 14.68 27.72 -7.82
CA MET A 127 14.86 27.72 -9.26
C MET A 127 15.72 28.91 -9.70
N ALA A 128 17.01 28.68 -9.85
CA ALA A 128 17.94 29.74 -10.26
C ALA A 128 17.81 30.01 -11.76
N THR A 129 18.21 31.21 -12.18
CA THR A 129 18.14 31.59 -13.58
C THR A 129 19.05 30.71 -14.43
N THR A 130 18.86 30.75 -15.74
CA THR A 130 19.65 29.95 -16.65
C THR A 130 20.05 30.77 -17.88
N SER A 131 21.22 30.46 -18.44
CA SER A 131 21.71 31.16 -19.62
C SER A 131 23.00 30.54 -20.13
N ALA A 132 24.07 30.68 -19.37
CA ALA A 132 25.37 30.12 -19.74
C ALA A 132 25.94 29.25 -18.62
N SER A 133 27.02 28.54 -18.93
CA SER A 133 27.66 27.67 -17.95
C SER A 133 29.03 28.20 -17.56
N LEU A 134 29.28 28.27 -16.25
CA LEU A 134 30.55 28.77 -15.74
C LEU A 134 30.77 30.22 -16.13
N LYS A 135 30.96 31.07 -15.13
CA LYS A 135 31.17 32.50 -15.36
C LYS A 135 32.43 32.72 -16.21
N ARG A 136 33.43 31.88 -16.00
CA ARG A 136 34.68 31.98 -16.74
C ARG A 136 35.15 30.61 -17.21
N SER A 137 36.13 30.59 -18.10
CA SER A 137 36.68 29.33 -18.62
C SER A 137 37.81 29.60 -19.60
N PRO A 138 37.53 30.29 -20.72
CA PRO A 138 38.53 30.59 -21.74
C PRO A 138 39.60 31.57 -21.23
N SER A 139 40.86 31.26 -21.50
CA SER A 139 41.96 32.11 -21.07
C SER A 139 42.65 32.74 -22.27
N ALA A 140 43.22 31.92 -23.14
CA ALA A 140 43.90 32.41 -24.33
C ALA A 140 43.88 31.38 -25.45
N SER A 141 43.82 31.85 -26.68
CA SER A 141 43.77 30.98 -27.85
C SER A 141 43.87 31.77 -29.14
N SER A 142 45.10 31.95 -29.64
CA SER A 142 45.33 32.68 -30.87
C SER A 142 45.40 31.75 -32.07
N LEU A 143 44.43 31.89 -32.97
CA LEU A 143 44.38 31.05 -34.17
C LEU A 143 44.03 31.89 -35.41
N SER A 144 42.99 32.71 -35.28
CA SER A 144 42.54 33.56 -36.38
C SER A 144 42.09 34.91 -35.86
N SER A 145 40.98 34.93 -35.14
CA SER A 145 40.44 36.16 -34.59
C SER A 145 40.23 36.05 -33.07
N MET A 146 40.18 37.19 -32.40
CA MET A 146 39.99 37.21 -30.96
C MET A 146 38.51 37.30 -30.60
N SER A 147 37.87 38.41 -30.97
CA SER A 147 36.46 38.62 -30.68
C SER A 147 35.71 39.05 -31.94
N SER A 148 35.23 38.07 -32.70
CA SER A 148 34.49 38.35 -33.93
C SER A 148 33.84 37.08 -34.47
N VAL A 149 32.92 37.25 -35.41
CA VAL A 149 32.22 36.12 -36.02
C VAL A 149 32.93 35.65 -37.28
N ALA A 150 33.55 36.58 -37.99
CA ALA A 150 34.26 36.26 -39.22
C ALA A 150 35.66 35.75 -38.92
N SER A 151 35.81 34.43 -38.87
CA SER A 151 37.11 33.81 -38.59
C SER A 151 37.93 33.70 -39.86
N SER A 152 37.31 33.22 -40.93
CA SER A 152 38.00 33.06 -42.21
C SER A 152 37.05 33.38 -43.37
N VAL A 153 37.15 34.61 -43.87
CA VAL A 153 36.31 35.04 -44.99
C VAL A 153 37.06 36.00 -45.90
N SER A 154 37.33 35.55 -47.13
CA SER A 154 38.04 36.37 -48.10
C SER A 154 37.07 36.99 -49.11
N SER A 155 36.90 38.30 -49.02
CA SER A 155 36.00 39.02 -49.92
C SER A 155 36.43 40.47 -50.07
N ARG A 156 36.36 41.22 -48.98
CA ARG A 156 36.73 42.63 -48.98
C ARG A 156 38.24 42.79 -49.15
N PRO A 157 39.03 42.25 -48.19
CA PRO A 157 40.49 42.34 -48.24
C PRO A 157 41.09 41.46 -49.33
N SER A 158 42.34 41.75 -49.70
CA SER A 158 43.03 40.98 -50.73
C SER A 158 44.54 41.03 -50.53
N ARG A 159 45.13 39.87 -50.25
CA ARG A 159 46.57 39.79 -50.04
C ARG A 159 47.29 39.39 -51.32
N THR A 160 46.75 38.37 -51.99
CA THR A 160 47.34 37.88 -53.23
C THR A 160 48.76 37.40 -53.01
N GLY A 161 48.93 36.09 -52.87
CA GLY A 161 50.25 35.52 -52.65
C GLY A 161 50.83 34.92 -53.91
N LEU A 162 52.12 34.58 -53.86
CA LEU A 162 52.79 33.98 -55.01
C LEU A 162 53.08 32.50 -54.77
N LEU A 163 52.21 31.85 -53.99
CA LEU A 163 52.36 30.44 -53.68
C LEU A 163 52.15 29.58 -54.93
N THR A 164 52.11 28.27 -54.74
CA THR A 164 51.90 27.34 -55.84
C THR A 164 50.64 26.51 -55.64
N GLU A 165 49.77 26.51 -56.64
CA GLU A 165 48.52 25.76 -56.57
C GLU A 165 47.67 26.24 -55.40
N THR A 166 47.43 27.55 -55.33
CA THR A 166 46.63 28.13 -54.26
C THR A 166 45.17 28.20 -54.67
N SER A 167 44.62 27.08 -55.12
CA SER A 167 43.23 27.01 -55.54
C SER A 167 42.96 27.99 -56.68
N GLY A 168 43.34 27.62 -57.88
CA GLY A 168 43.13 28.47 -59.04
C GLY A 168 43.34 27.75 -60.35
N PRO A 169 44.58 27.32 -60.64
CA PRO A 169 44.90 26.60 -61.88
C PRO A 169 43.97 25.40 -62.11
N SER A 170 42.85 25.64 -62.79
CA SER A 170 41.90 24.58 -63.07
C SER A 170 40.88 25.04 -64.13
N SER A 171 41.34 25.86 -65.06
CA SER A 171 40.48 26.37 -66.13
C SER A 171 40.02 25.23 -67.03
N GLY A 172 38.88 25.42 -67.67
CA GLY A 172 38.33 24.41 -68.55
C GLY A 172 38.54 24.74 -70.01
N GLY A 1 -24.01 -6.35 -11.13
CA GLY A 1 -23.27 -5.92 -9.91
C GLY A 1 -23.56 -4.48 -9.53
N SER A 2 -23.65 -3.61 -10.53
CA SER A 2 -23.93 -2.20 -10.29
C SER A 2 -25.37 -2.00 -9.85
N SER A 3 -25.55 -1.35 -8.71
CA SER A 3 -26.88 -1.08 -8.18
C SER A 3 -27.00 0.35 -7.68
N GLY A 4 -28.24 0.81 -7.51
CA GLY A 4 -28.46 2.16 -7.03
C GLY A 4 -29.82 2.70 -7.45
N SER A 5 -30.27 2.32 -8.64
CA SER A 5 -31.56 2.76 -9.15
C SER A 5 -32.11 1.78 -10.18
N SER A 6 -33.35 1.37 -9.99
CA SER A 6 -34.00 0.43 -10.91
C SER A 6 -35.03 1.12 -11.77
N GLY A 7 -34.60 1.61 -12.93
CA GLY A 7 -35.51 2.31 -13.83
C GLY A 7 -35.59 3.79 -13.55
N ALA A 8 -36.48 4.17 -12.65
CA ALA A 8 -36.67 5.57 -12.29
C ALA A 8 -37.41 5.70 -10.96
N THR A 9 -38.65 5.24 -10.94
CA THR A 9 -39.47 5.30 -9.74
C THR A 9 -40.28 4.02 -9.56
N PRO A 10 -40.52 3.61 -8.29
CA PRO A 10 -41.28 2.40 -7.99
C PRO A 10 -42.78 2.56 -8.27
N PRO A 11 -43.52 1.45 -8.36
CA PRO A 11 -44.96 1.47 -8.63
C PRO A 11 -45.76 2.03 -7.45
N ILE A 12 -46.75 2.86 -7.76
CA ILE A 12 -47.58 3.46 -6.72
C ILE A 12 -46.77 4.38 -5.82
N SER A 13 -47.45 5.30 -5.14
CA SER A 13 -46.80 6.25 -4.25
C SER A 13 -45.80 7.10 -5.01
N ASN A 14 -45.17 8.04 -4.31
CA ASN A 14 -44.19 8.93 -4.91
C ASN A 14 -44.82 9.76 -6.02
N LEU A 15 -45.20 10.99 -5.70
CA LEU A 15 -45.82 11.89 -6.67
C LEU A 15 -44.97 13.14 -6.87
N THR A 16 -45.07 13.72 -8.07
CA THR A 16 -44.30 14.92 -8.39
C THR A 16 -45.16 15.91 -9.19
N LYS A 17 -44.85 17.19 -9.04
CA LYS A 17 -45.59 18.23 -9.74
C LYS A 17 -44.82 18.74 -10.96
N THR A 18 -43.61 19.24 -10.70
CA THR A 18 -42.76 19.75 -11.77
C THR A 18 -41.30 19.37 -11.54
N ALA A 19 -40.93 18.16 -11.96
CA ALA A 19 -39.56 17.68 -11.79
C ALA A 19 -38.78 17.81 -13.10
N SER A 20 -37.78 18.69 -13.09
CA SER A 20 -36.95 18.91 -14.27
C SER A 20 -35.78 17.93 -14.30
N GLU A 21 -35.11 17.79 -13.17
CA GLU A 21 -33.97 16.88 -13.06
C GLU A 21 -33.96 16.17 -11.71
N SER A 22 -33.72 16.93 -10.65
CA SER A 22 -33.69 16.38 -9.30
C SER A 22 -32.59 15.32 -9.17
N ILE A 23 -31.35 15.79 -9.00
CA ILE A 23 -30.22 14.89 -8.86
C ILE A 23 -29.54 15.05 -7.51
N SER A 24 -30.09 14.40 -6.49
CA SER A 24 -29.54 14.48 -5.15
C SER A 24 -29.66 13.13 -4.43
N ASN A 25 -28.62 12.78 -3.68
CA ASN A 25 -28.60 11.52 -2.94
C ASN A 25 -28.24 11.76 -1.48
N LEU A 26 -27.18 12.51 -1.25
CA LEU A 26 -26.72 12.80 0.11
C LEU A 26 -26.38 11.52 0.85
N SER A 27 -25.90 10.53 0.12
CA SER A 27 -25.52 9.25 0.71
C SER A 27 -24.53 8.51 -0.18
N GLU A 28 -23.71 9.26 -0.90
CA GLU A 28 -22.71 8.67 -1.79
C GLU A 28 -21.48 8.23 -1.02
N ALA A 29 -20.48 7.72 -1.74
CA ALA A 29 -19.24 7.27 -1.12
C ALA A 29 -18.03 7.68 -1.95
N GLY A 30 -17.12 8.42 -1.33
CA GLY A 30 -15.93 8.87 -2.02
C GLY A 30 -15.97 10.35 -2.35
N SER A 31 -16.40 11.15 -1.37
CA SER A 31 -16.47 12.60 -1.57
C SER A 31 -15.20 13.28 -1.09
N ILE A 32 -14.95 13.21 0.22
CA ILE A 32 -13.76 13.82 0.79
C ILE A 32 -12.63 12.81 0.94
N LYS A 33 -12.99 11.55 1.15
CA LYS A 33 -12.01 10.49 1.30
C LYS A 33 -11.50 10.01 -0.06
N LYS A 34 -12.42 9.86 -1.01
CA LYS A 34 -12.08 9.42 -2.35
C LYS A 34 -11.49 8.01 -2.34
N GLY A 35 -10.21 7.92 -1.99
CA GLY A 35 -9.55 6.62 -1.94
C GLY A 35 -8.14 6.72 -1.41
N GLU A 36 -7.98 7.25 -0.21
CA GLU A 36 -6.67 7.40 0.40
C GLU A 36 -6.25 6.11 1.11
N ARG A 37 -7.23 5.38 1.63
CA ARG A 37 -6.96 4.13 2.33
C ARG A 37 -7.25 2.93 1.44
N GLU A 38 -6.18 2.26 1.01
CA GLU A 38 -6.31 1.08 0.14
C GLU A 38 -5.04 0.25 0.17
N LEU A 39 -4.98 -0.70 1.10
CA LEU A 39 -3.80 -1.56 1.23
C LEU A 39 -3.92 -2.78 0.31
N LYS A 40 -5.03 -3.50 0.44
CA LYS A 40 -5.27 -4.69 -0.37
C LYS A 40 -4.21 -5.75 -0.10
N ILE A 41 -4.42 -6.94 -0.64
CA ILE A 41 -3.48 -8.04 -0.45
C ILE A 41 -2.35 -7.98 -1.47
N GLY A 42 -1.12 -7.84 -0.98
CA GLY A 42 0.03 -7.77 -1.85
C GLY A 42 0.59 -6.37 -1.95
N ASP A 43 0.64 -5.67 -0.82
CA ASP A 43 1.17 -4.31 -0.77
C ASP A 43 2.12 -4.13 0.41
N ARG A 44 3.40 -3.93 0.10
CA ARG A 44 4.41 -3.76 1.14
C ARG A 44 4.10 -2.53 1.99
N VAL A 45 4.20 -2.68 3.31
CA VAL A 45 3.92 -1.59 4.23
C VAL A 45 4.83 -1.67 5.45
N LEU A 46 5.01 -0.55 6.14
CA LEU A 46 5.84 -0.48 7.33
C LEU A 46 5.00 -0.19 8.56
N VAL A 47 5.27 -0.92 9.64
CA VAL A 47 4.55 -0.73 10.89
C VAL A 47 5.50 -0.47 12.05
N GLY A 48 5.48 0.74 12.59
CA GLY A 48 6.35 1.08 13.70
C GLY A 48 7.63 1.77 13.25
N GLY A 49 8.12 1.38 12.08
CA GLY A 49 9.34 1.98 11.56
C GLY A 49 10.50 0.99 11.51
N THR A 50 10.17 -0.29 11.38
CA THR A 50 11.19 -1.33 11.32
C THR A 50 10.62 -2.61 10.73
N LYS A 51 9.43 -3.00 11.19
CA LYS A 51 8.78 -4.21 10.70
C LYS A 51 8.09 -3.96 9.37
N ALA A 52 8.58 -4.62 8.33
CA ALA A 52 8.00 -4.48 6.99
C ALA A 52 7.64 -5.83 6.40
N GLY A 53 6.35 -6.03 6.13
CA GLY A 53 5.89 -7.28 5.57
C GLY A 53 4.86 -7.08 4.48
N VAL A 54 4.41 -8.17 3.87
CA VAL A 54 3.43 -8.11 2.81
C VAL A 54 2.02 -8.39 3.35
N VAL A 55 1.04 -7.65 2.84
CA VAL A 55 -0.34 -7.81 3.27
C VAL A 55 -0.95 -9.09 2.69
N ARG A 56 -1.34 -9.99 3.58
CA ARG A 56 -1.93 -11.25 3.15
C ARG A 56 -3.42 -11.30 3.49
N PHE A 57 -3.79 -10.63 4.58
CA PHE A 57 -5.18 -10.59 5.02
C PHE A 57 -5.61 -9.16 5.35
N LEU A 58 -6.82 -8.81 4.96
CA LEU A 58 -7.36 -7.48 5.22
C LEU A 58 -8.83 -7.53 5.60
N GLY A 59 -9.11 -7.42 6.90
CA GLY A 59 -10.48 -7.47 7.37
C GLY A 59 -10.60 -7.09 8.83
N GLU A 60 -11.77 -7.33 9.41
CA GLU A 60 -12.02 -7.01 10.80
C GLU A 60 -11.46 -8.10 11.72
N THR A 61 -10.73 -7.68 12.76
CA THR A 61 -10.14 -8.62 13.70
C THR A 61 -11.11 -8.91 14.85
N ASP A 62 -10.80 -9.95 15.62
CA ASP A 62 -11.64 -10.33 16.75
C ASP A 62 -11.05 -9.82 18.07
N PHE A 63 -9.72 -9.94 18.19
CA PHE A 63 -9.03 -9.50 19.40
C PHE A 63 -9.24 -8.00 19.62
N ALA A 64 -9.14 -7.23 18.54
CA ALA A 64 -9.31 -5.79 18.62
C ALA A 64 -10.51 -5.32 17.79
N LYS A 65 -10.75 -4.02 17.78
CA LYS A 65 -11.87 -3.45 17.03
C LYS A 65 -11.37 -2.57 15.89
N GLY A 66 -12.26 -2.24 14.96
CA GLY A 66 -11.88 -1.41 13.84
C GLY A 66 -11.26 -2.20 12.71
N GLU A 67 -10.87 -1.51 11.64
CA GLU A 67 -10.26 -2.17 10.49
C GLU A 67 -8.80 -2.47 10.76
N TRP A 68 -8.46 -3.75 10.81
CA TRP A 68 -7.09 -4.19 11.06
C TRP A 68 -6.49 -4.84 9.81
N CYS A 69 -5.17 -4.72 9.67
CA CYS A 69 -4.48 -5.30 8.52
C CYS A 69 -3.52 -6.40 8.97
N GLY A 70 -3.81 -7.62 8.52
CA GLY A 70 -2.97 -8.75 8.88
C GLY A 70 -1.81 -8.95 7.93
N VAL A 71 -0.66 -8.39 8.28
CA VAL A 71 0.53 -8.51 7.44
C VAL A 71 1.45 -9.62 7.94
N GLU A 72 1.94 -10.44 7.01
CA GLU A 72 2.83 -11.54 7.37
C GLU A 72 4.29 -11.11 7.28
N LEU A 73 5.04 -11.33 8.35
CA LEU A 73 6.45 -10.96 8.40
C LEU A 73 7.32 -12.14 7.96
N ASP A 74 8.51 -11.82 7.46
CA ASP A 74 9.45 -12.84 7.00
C ASP A 74 10.33 -13.31 8.15
N GLU A 75 10.62 -12.41 9.09
CA GLU A 75 11.44 -12.74 10.24
C GLU A 75 10.58 -13.07 11.46
N PRO A 76 11.15 -13.79 12.44
CA PRO A 76 10.42 -14.17 13.65
C PRO A 76 10.09 -12.97 14.53
N LEU A 77 9.14 -12.16 14.08
CA LEU A 77 8.72 -10.98 14.81
C LEU A 77 7.20 -10.90 14.89
N GLY A 78 6.55 -12.05 14.91
CA GLY A 78 5.10 -12.08 14.97
C GLY A 78 4.59 -12.50 16.34
N LYS A 79 3.51 -13.25 16.36
CA LYS A 79 2.92 -13.72 17.61
C LYS A 79 1.98 -14.89 17.37
N ASN A 80 1.13 -14.76 16.36
CA ASN A 80 0.18 -15.82 16.02
C ASN A 80 0.51 -16.44 14.66
N ASP A 81 0.06 -17.68 14.46
CA ASP A 81 0.32 -18.38 13.21
C ASP A 81 -0.84 -18.19 12.24
N GLY A 82 -1.28 -16.95 12.08
CA GLY A 82 -2.38 -16.66 11.18
C GLY A 82 -3.72 -17.07 11.75
N ALA A 83 -3.83 -17.06 13.08
CA ALA A 83 -5.06 -17.42 13.74
C ALA A 83 -5.15 -16.80 15.14
N VAL A 84 -6.36 -16.42 15.53
CA VAL A 84 -6.57 -15.80 16.84
C VAL A 84 -7.83 -16.35 17.51
N ALA A 85 -7.67 -16.89 18.71
CA ALA A 85 -8.79 -17.44 19.46
C ALA A 85 -9.46 -18.56 18.67
N GLY A 86 -8.69 -19.26 17.86
CA GLY A 86 -9.24 -20.34 17.06
C GLY A 86 -9.59 -19.91 15.64
N THR A 87 -9.90 -18.62 15.49
CA THR A 87 -10.25 -18.08 14.18
C THR A 87 -9.01 -17.93 13.30
N ARG A 88 -9.00 -18.64 12.17
CA ARG A 88 -7.89 -18.58 11.25
C ARG A 88 -8.12 -17.51 10.19
N TYR A 89 -7.07 -16.75 9.90
CA TYR A 89 -7.16 -15.68 8.89
C TYR A 89 -6.38 -16.05 7.65
N PHE A 90 -5.09 -16.31 7.82
CA PHE A 90 -4.23 -16.68 6.70
C PHE A 90 -3.24 -17.78 7.10
N GLN A 91 -3.28 -18.89 6.37
CA GLN A 91 -2.40 -20.01 6.65
C GLN A 91 -0.93 -19.62 6.45
N CYS A 92 -0.15 -19.72 7.52
CA CYS A 92 1.26 -19.38 7.47
C CYS A 92 2.03 -20.05 8.60
N GLN A 93 3.33 -19.81 8.65
CA GLN A 93 4.17 -20.40 9.70
C GLN A 93 4.09 -19.59 10.99
N PRO A 94 4.20 -20.26 12.15
CA PRO A 94 4.12 -19.59 13.45
C PRO A 94 5.17 -18.47 13.59
N LYS A 95 4.87 -17.50 14.42
CA LYS A 95 5.78 -16.37 14.64
C LYS A 95 6.05 -15.63 13.34
N TYR A 96 4.99 -15.27 12.63
CA TYR A 96 5.13 -14.56 11.36
C TYR A 96 3.90 -13.70 11.07
N GLY A 97 2.71 -14.31 11.22
CA GLY A 97 1.49 -13.58 10.98
C GLY A 97 1.20 -12.55 12.05
N LEU A 98 1.53 -11.29 11.74
CA LEU A 98 1.32 -10.19 12.67
C LEU A 98 0.09 -9.37 12.29
N PHE A 99 -0.50 -8.70 13.27
CA PHE A 99 -1.68 -7.87 13.03
C PHE A 99 -1.47 -6.45 13.56
N ALA A 100 -1.95 -5.47 12.81
CA ALA A 100 -1.81 -4.07 13.21
C ALA A 100 -2.91 -3.22 12.60
N PRO A 101 -3.33 -2.15 13.30
CA PRO A 101 -4.38 -1.25 12.83
C PRO A 101 -4.00 -0.58 11.51
N VAL A 102 -4.96 -0.53 10.59
CA VAL A 102 -4.72 0.08 9.28
C VAL A 102 -4.18 1.51 9.42
N HIS A 103 -4.84 2.29 10.27
CA HIS A 103 -4.43 3.68 10.51
C HIS A 103 -2.99 3.73 10.99
N LYS A 104 -2.55 2.67 11.65
CA LYS A 104 -1.18 2.61 12.17
C LYS A 104 -0.22 2.11 11.10
N VAL A 105 -0.74 1.38 10.12
CA VAL A 105 0.08 0.85 9.03
C VAL A 105 0.35 1.93 7.98
N THR A 106 1.62 2.14 7.69
CA THR A 106 2.02 3.14 6.70
C THR A 106 2.40 2.48 5.38
N LYS A 107 2.32 3.23 4.29
CA LYS A 107 2.65 2.72 2.97
C LYS A 107 4.08 3.08 2.59
N ILE A 108 4.71 2.24 1.76
CA ILE A 108 6.08 2.47 1.33
C ILE A 108 6.24 2.18 -0.16
N GLY A 109 6.89 3.08 -0.88
CA GLY A 109 7.10 2.90 -2.30
C GLY A 109 6.45 3.99 -3.13
N PHE A 110 6.90 5.22 -2.95
CA PHE A 110 6.36 6.35 -3.69
C PHE A 110 7.35 6.84 -4.75
N PRO A 111 6.86 7.09 -5.99
CA PRO A 111 7.72 7.56 -7.08
C PRO A 111 8.11 9.02 -6.93
N SER A 112 8.70 9.58 -7.97
CA SER A 112 9.13 10.98 -7.95
C SER A 112 10.25 11.19 -6.93
N THR A 113 9.90 11.22 -5.66
CA THR A 113 10.87 11.42 -4.59
C THR A 113 11.54 12.79 -4.71
N THR A 114 11.23 13.67 -3.77
CA THR A 114 11.79 15.01 -3.76
C THR A 114 13.32 14.97 -3.62
N PRO A 115 14.03 15.91 -4.27
CA PRO A 115 15.50 15.97 -4.21
C PRO A 115 16.00 16.47 -2.86
N ALA A 116 15.37 17.52 -2.36
CA ALA A 116 15.76 18.10 -1.06
C ALA A 116 15.13 17.33 0.09
N LYS A 117 15.79 17.39 1.25
CA LYS A 117 15.30 16.70 2.44
C LYS A 117 16.18 17.01 3.65
N ALA A 118 17.48 17.03 3.42
CA ALA A 118 18.44 17.32 4.49
C ALA A 118 18.35 18.77 4.94
N LYS A 119 19.15 19.12 5.93
CA LYS A 119 19.17 20.49 6.46
C LYS A 119 20.51 20.82 7.09
N ALA A 120 21.01 19.90 7.91
CA ALA A 120 22.29 20.09 8.59
C ALA A 120 23.44 20.09 7.58
N ASN A 121 23.80 18.89 7.10
CA ASN A 121 24.88 18.75 6.14
C ASN A 121 24.80 17.41 5.42
N ALA A 122 23.90 17.32 4.45
CA ALA A 122 23.71 16.09 3.68
C ALA A 122 23.33 14.93 4.60
N VAL A 123 22.05 14.56 4.58
CA VAL A 123 21.55 13.47 5.40
C VAL A 123 20.28 12.88 4.81
N ARG A 124 19.74 11.86 5.50
CA ARG A 124 18.52 11.21 5.04
C ARG A 124 17.70 10.70 6.23
N ARG A 125 16.91 11.59 6.81
CA ARG A 125 16.08 11.23 7.96
C ARG A 125 14.85 10.44 7.52
N VAL A 126 13.95 11.11 6.82
CA VAL A 126 12.73 10.45 6.33
C VAL A 126 11.90 9.90 7.49
N MET A 127 11.59 10.76 8.45
CA MET A 127 10.81 10.35 9.62
C MET A 127 9.40 10.96 9.56
N ALA A 128 9.31 12.17 9.04
CA ALA A 128 8.02 12.86 8.93
C ALA A 128 7.77 13.32 7.50
N THR A 129 7.73 12.37 6.57
CA THR A 129 7.50 12.68 5.16
C THR A 129 6.01 12.81 4.88
N THR A 130 5.20 12.01 5.58
CA THR A 130 3.76 12.04 5.40
C THR A 130 3.06 12.50 6.68
N SER A 131 2.29 13.58 6.58
CA SER A 131 1.57 14.11 7.73
C SER A 131 0.07 13.86 7.60
N ALA A 132 -0.40 13.81 6.35
CA ALA A 132 -1.82 13.58 6.10
C ALA A 132 -2.68 14.71 6.66
N SER A 133 -3.89 14.84 6.15
CA SER A 133 -4.81 15.88 6.60
C SER A 133 -5.72 15.36 7.70
N LEU A 134 -5.52 15.88 8.92
CA LEU A 134 -6.32 15.45 10.06
C LEU A 134 -6.31 16.52 11.15
N LYS A 135 -7.41 17.27 11.25
CA LYS A 135 -7.53 18.32 12.25
C LYS A 135 -8.53 17.93 13.33
N ARG A 136 -8.09 17.10 14.27
CA ARG A 136 -8.94 16.65 15.36
C ARG A 136 -8.81 17.56 16.58
N SER A 137 -9.66 18.58 16.64
CA SER A 137 -9.63 19.52 17.75
C SER A 137 -10.82 19.31 18.68
N PRO A 138 -10.65 19.57 19.99
CA PRO A 138 -11.73 19.41 20.98
C PRO A 138 -12.80 20.48 20.84
N SER A 139 -13.93 20.26 21.49
CA SER A 139 -15.04 21.21 21.44
C SER A 139 -15.59 21.48 22.84
N ALA A 140 -16.66 22.26 22.92
CA ALA A 140 -17.28 22.60 24.19
C ALA A 140 -18.52 21.74 24.44
N SER A 141 -18.93 21.65 25.70
CA SER A 141 -20.10 20.87 26.06
C SER A 141 -20.98 21.64 27.05
N SER A 142 -22.29 21.47 26.91
CA SER A 142 -23.24 22.15 27.78
C SER A 142 -23.08 23.67 27.68
N LEU A 143 -22.72 24.14 26.49
CA LEU A 143 -22.54 25.57 26.26
C LEU A 143 -22.99 25.95 24.86
N SER A 144 -23.36 27.21 24.69
CA SER A 144 -23.82 27.70 23.39
C SER A 144 -22.64 27.96 22.46
N SER A 145 -22.90 27.96 21.16
CA SER A 145 -21.87 28.19 20.16
C SER A 145 -21.67 29.67 19.91
N MET A 146 -20.80 30.30 20.69
CA MET A 146 -20.52 31.72 20.56
C MET A 146 -21.79 32.54 20.79
N SER A 147 -22.00 32.93 22.05
CA SER A 147 -23.17 33.73 22.41
C SER A 147 -23.01 35.16 21.94
N SER A 148 -24.12 35.90 21.95
CA SER A 148 -24.11 37.30 21.53
C SER A 148 -23.35 38.17 22.54
N VAL A 149 -22.16 38.62 22.16
CA VAL A 149 -21.34 39.46 23.03
C VAL A 149 -21.58 40.93 22.75
N ALA A 150 -21.08 41.79 23.64
CA ALA A 150 -21.24 43.23 23.50
C ALA A 150 -22.70 43.65 23.70
N SER A 151 -23.55 43.26 22.76
CA SER A 151 -24.97 43.59 22.83
C SER A 151 -25.81 42.52 22.14
N SER A 152 -27.09 42.47 22.48
CA SER A 152 -28.01 41.49 21.89
C SER A 152 -28.97 42.17 20.91
N VAL A 153 -28.71 41.99 19.63
CA VAL A 153 -29.55 42.58 18.58
C VAL A 153 -30.54 41.56 18.05
N SER A 154 -31.62 41.34 18.80
CA SER A 154 -32.66 40.39 18.41
C SER A 154 -32.08 38.99 18.23
N SER A 155 -31.05 38.68 19.02
CA SER A 155 -30.41 37.38 18.96
C SER A 155 -30.64 36.60 20.26
N ARG A 156 -30.42 37.27 21.38
CA ARG A 156 -30.61 36.64 22.69
C ARG A 156 -31.83 37.21 23.40
N PRO A 157 -32.78 36.35 23.81
CA PRO A 157 -34.00 36.78 24.51
C PRO A 157 -33.70 37.33 25.90
N SER A 158 -34.22 38.52 26.19
CA SER A 158 -34.01 39.15 27.48
C SER A 158 -35.24 39.97 27.89
N ARG A 159 -35.40 40.16 29.19
CA ARG A 159 -36.54 40.92 29.71
C ARG A 159 -36.19 42.41 29.79
N THR A 160 -34.97 42.72 30.18
CA THR A 160 -34.52 44.10 30.28
C THR A 160 -34.53 44.78 28.93
N GLY A 161 -35.38 45.79 28.77
CA GLY A 161 -35.46 46.51 27.52
C GLY A 161 -36.87 46.90 27.17
N LEU A 162 -37.23 46.77 25.89
CA LEU A 162 -38.57 47.13 25.43
C LEU A 162 -39.40 45.87 25.16
N LEU A 163 -40.43 45.66 25.99
CA LEU A 163 -41.30 44.50 25.85
C LEU A 163 -42.56 44.67 26.68
N THR A 164 -42.38 44.86 27.98
CA THR A 164 -43.52 45.04 28.89
C THR A 164 -43.28 46.20 29.83
N GLU A 165 -44.37 46.83 30.28
CA GLU A 165 -44.27 47.96 31.21
C GLU A 165 -45.42 47.94 32.20
N THR A 166 -45.29 48.71 33.28
CA THR A 166 -46.32 48.80 34.30
C THR A 166 -47.39 49.81 33.93
N SER A 167 -48.61 49.57 34.38
CA SER A 167 -49.73 50.46 34.09
C SER A 167 -50.05 51.34 35.29
N GLY A 168 -50.82 52.39 35.06
CA GLY A 168 -51.20 53.28 36.14
C GLY A 168 -50.02 54.08 36.67
N PRO A 169 -49.68 55.20 36.02
CA PRO A 169 -48.56 56.05 36.44
C PRO A 169 -48.64 56.43 37.92
N SER A 170 -47.74 55.88 38.73
CA SER A 170 -47.71 56.18 40.15
C SER A 170 -46.89 57.42 40.45
N SER A 171 -45.65 57.43 39.98
CA SER A 171 -44.76 58.57 40.19
C SER A 171 -44.54 58.82 41.68
N GLY A 172 -43.50 59.59 41.99
CA GLY A 172 -43.20 59.90 43.38
C GLY A 172 -42.17 58.95 43.97
N GLY A 1 -30.22 -11.38 -20.16
CA GLY A 1 -30.58 -9.95 -20.35
C GLY A 1 -30.11 -9.41 -21.70
N SER A 2 -30.12 -8.09 -21.83
CA SER A 2 -29.69 -7.44 -23.06
C SER A 2 -28.18 -7.25 -23.08
N SER A 3 -27.46 -8.20 -23.68
CA SER A 3 -26.02 -8.14 -23.76
C SER A 3 -25.55 -8.12 -25.22
N GLY A 4 -24.49 -7.38 -25.50
CA GLY A 4 -23.97 -7.29 -26.85
C GLY A 4 -22.45 -7.26 -26.89
N SER A 5 -21.90 -6.73 -27.98
CA SER A 5 -20.46 -6.64 -28.13
C SER A 5 -19.94 -5.27 -27.72
N SER A 6 -18.64 -5.05 -27.85
CA SER A 6 -18.03 -3.79 -27.50
C SER A 6 -17.28 -3.19 -28.69
N GLY A 7 -17.49 -1.91 -28.94
CA GLY A 7 -16.82 -1.24 -30.04
C GLY A 7 -15.55 -0.53 -29.62
N ALA A 8 -14.69 -0.23 -30.60
CA ALA A 8 -13.44 0.45 -30.32
C ALA A 8 -13.66 1.95 -30.11
N THR A 9 -13.07 2.48 -29.04
CA THR A 9 -13.20 3.90 -28.72
C THR A 9 -11.95 4.66 -29.13
N PRO A 10 -12.08 5.65 -30.04
CA PRO A 10 -10.94 6.44 -30.51
C PRO A 10 -10.16 7.08 -29.36
N PRO A 11 -10.84 7.74 -28.41
CA PRO A 11 -10.18 8.39 -27.27
C PRO A 11 -9.70 7.38 -26.24
N ILE A 12 -8.53 6.79 -26.50
CA ILE A 12 -7.95 5.81 -25.60
C ILE A 12 -7.64 6.42 -24.25
N SER A 13 -7.74 5.61 -23.19
CA SER A 13 -7.46 6.09 -21.84
C SER A 13 -7.21 4.91 -20.90
N ASN A 14 -8.04 3.89 -21.00
CA ASN A 14 -7.90 2.70 -20.15
C ASN A 14 -7.20 1.57 -20.91
N LEU A 15 -7.68 1.30 -22.12
CA LEU A 15 -7.11 0.24 -22.94
C LEU A 15 -5.71 0.63 -23.42
N THR A 16 -4.76 -0.29 -23.26
CA THR A 16 -3.38 -0.05 -23.67
C THR A 16 -2.71 -1.34 -24.10
N LYS A 17 -1.97 -1.28 -25.21
CA LYS A 17 -1.28 -2.45 -25.73
C LYS A 17 0.17 -2.47 -25.25
N THR A 18 0.84 -3.61 -25.44
CA THR A 18 2.23 -3.75 -25.03
C THR A 18 2.79 -5.09 -25.51
N ALA A 19 4.02 -5.38 -25.09
CA ALA A 19 4.67 -6.63 -25.48
C ALA A 19 5.59 -7.13 -24.37
N SER A 20 6.03 -8.39 -24.47
CA SER A 20 6.91 -8.98 -23.48
C SER A 20 7.65 -10.18 -24.07
N GLU A 21 8.96 -10.05 -24.19
CA GLU A 21 9.78 -11.13 -24.74
C GLU A 21 9.74 -12.36 -23.83
N SER A 22 9.55 -12.13 -22.54
CA SER A 22 9.48 -13.22 -21.57
C SER A 22 8.08 -13.83 -21.53
N ILE A 23 7.91 -14.85 -20.70
CA ILE A 23 6.62 -15.52 -20.58
C ILE A 23 5.77 -14.85 -19.51
N SER A 24 6.41 -14.34 -18.47
CA SER A 24 5.71 -13.67 -17.39
C SER A 24 5.91 -12.16 -17.45
N ASN A 25 4.81 -11.42 -17.42
CA ASN A 25 4.87 -9.96 -17.48
C ASN A 25 5.25 -9.38 -16.12
N LEU A 26 5.76 -8.15 -16.13
CA LEU A 26 6.16 -7.49 -14.90
C LEU A 26 5.02 -6.64 -14.34
N SER A 27 4.66 -6.90 -13.08
CA SER A 27 3.57 -6.16 -12.43
C SER A 27 2.25 -6.39 -13.15
N GLU A 28 1.28 -6.96 -12.44
CA GLU A 28 -0.03 -7.23 -13.01
C GLU A 28 -0.87 -5.96 -13.08
N ALA A 29 -1.03 -5.30 -11.94
CA ALA A 29 -1.80 -4.07 -11.86
C ALA A 29 -1.17 -3.08 -10.88
N GLY A 30 -0.89 -1.88 -11.37
CA GLY A 30 -0.29 -0.86 -10.52
C GLY A 30 -1.28 0.24 -10.16
N SER A 31 -1.25 1.33 -10.91
CA SER A 31 -2.14 2.45 -10.66
C SER A 31 -3.11 2.65 -11.83
N ILE A 32 -4.38 2.86 -11.50
CA ILE A 32 -5.41 3.06 -12.52
C ILE A 32 -6.49 4.02 -12.03
N LYS A 33 -6.10 4.96 -11.17
CA LYS A 33 -7.04 5.92 -10.62
C LYS A 33 -6.30 7.16 -10.10
N LYS A 34 -5.66 7.01 -8.95
CA LYS A 34 -4.92 8.11 -8.34
C LYS A 34 -3.99 7.60 -7.24
N GLY A 35 -4.59 7.04 -6.19
CA GLY A 35 -3.81 6.52 -5.08
C GLY A 35 -3.69 7.51 -3.94
N GLU A 36 -3.90 7.03 -2.72
CA GLU A 36 -3.81 7.89 -1.54
C GLU A 36 -3.36 7.09 -0.32
N ARG A 37 -4.16 6.09 0.05
CA ARG A 37 -3.84 5.26 1.20
C ARG A 37 -4.71 3.99 1.20
N GLU A 38 -5.04 3.50 0.01
CA GLU A 38 -5.85 2.31 -0.13
C GLU A 38 -4.98 1.06 -0.17
N LEU A 39 -4.89 0.36 0.96
CA LEU A 39 -4.08 -0.85 1.05
C LEU A 39 -4.78 -2.02 0.36
N LYS A 40 -4.00 -3.02 -0.04
CA LYS A 40 -4.55 -4.20 -0.70
C LYS A 40 -3.71 -5.44 -0.41
N ILE A 41 -4.26 -6.61 -0.71
CA ILE A 41 -3.56 -7.86 -0.47
C ILE A 41 -2.40 -8.03 -1.44
N GLY A 42 -1.18 -8.06 -0.89
CA GLY A 42 0.00 -8.22 -1.71
C GLY A 42 0.80 -6.93 -1.84
N ASP A 43 0.73 -6.09 -0.82
CA ASP A 43 1.44 -4.82 -0.82
C ASP A 43 2.43 -4.75 0.35
N ARG A 44 3.55 -4.06 0.12
CA ARG A 44 4.57 -3.93 1.15
C ARG A 44 4.28 -2.74 2.06
N VAL A 45 4.08 -3.01 3.34
CA VAL A 45 3.79 -1.96 4.31
C VAL A 45 4.88 -1.88 5.38
N LEU A 46 4.89 -0.78 6.13
CA LEU A 46 5.88 -0.57 7.18
C LEU A 46 5.26 0.13 8.38
N VAL A 47 5.35 -0.50 9.54
CA VAL A 47 4.80 0.06 10.76
C VAL A 47 5.88 0.25 11.82
N GLY A 48 6.12 1.50 12.21
CA GLY A 48 7.13 1.79 13.20
C GLY A 48 8.46 2.19 12.59
N GLY A 49 8.71 1.69 11.38
CA GLY A 49 9.96 2.01 10.71
C GLY A 49 11.02 0.94 10.90
N THR A 50 10.58 -0.30 11.09
CA THR A 50 11.49 -1.42 11.29
C THR A 50 10.90 -2.71 10.72
N LYS A 51 9.64 -2.97 11.04
CA LYS A 51 8.97 -4.17 10.56
C LYS A 51 8.25 -3.90 9.24
N ALA A 52 8.68 -4.57 8.19
CA ALA A 52 8.08 -4.40 6.87
C ALA A 52 7.76 -5.75 6.23
N GLY A 53 6.48 -6.07 6.13
CA GLY A 53 6.08 -7.33 5.54
C GLY A 53 5.03 -7.16 4.46
N VAL A 54 4.58 -8.28 3.90
CA VAL A 54 3.57 -8.24 2.85
C VAL A 54 2.18 -8.51 3.41
N VAL A 55 1.21 -7.69 3.01
CA VAL A 55 -0.16 -7.85 3.48
C VAL A 55 -0.75 -9.19 3.04
N ARG A 56 -1.44 -9.84 3.96
CA ARG A 56 -2.06 -11.14 3.67
C ARG A 56 -3.56 -11.08 3.85
N PHE A 57 -4.00 -10.54 4.98
CA PHE A 57 -5.42 -10.42 5.28
C PHE A 57 -5.82 -8.98 5.52
N LEU A 58 -7.09 -8.66 5.32
CA LEU A 58 -7.59 -7.31 5.52
C LEU A 58 -9.05 -7.33 5.94
N GLY A 59 -9.29 -7.14 7.24
CA GLY A 59 -10.65 -7.15 7.75
C GLY A 59 -10.72 -6.60 9.17
N GLU A 60 -11.49 -7.29 10.02
CA GLU A 60 -11.64 -6.87 11.41
C GLU A 60 -10.98 -7.86 12.35
N THR A 61 -10.81 -7.46 13.61
CA THR A 61 -10.19 -8.31 14.61
C THR A 61 -11.18 -8.67 15.71
N ASP A 62 -10.83 -9.65 16.54
CA ASP A 62 -11.69 -10.08 17.63
C ASP A 62 -11.29 -9.41 18.93
N PHE A 63 -9.98 -9.33 19.18
CA PHE A 63 -9.46 -8.71 20.39
C PHE A 63 -9.56 -7.20 20.31
N ALA A 64 -9.32 -6.66 19.12
CA ALA A 64 -9.37 -5.22 18.91
C ALA A 64 -10.58 -4.83 18.04
N LYS A 65 -11.03 -3.60 18.19
CA LYS A 65 -12.17 -3.11 17.42
C LYS A 65 -11.71 -2.25 16.25
N GLY A 66 -12.63 -1.97 15.33
CA GLY A 66 -12.30 -1.16 14.17
C GLY A 66 -11.85 -1.99 12.98
N GLU A 67 -10.85 -1.50 12.26
CA GLU A 67 -10.32 -2.20 11.10
C GLU A 67 -8.84 -2.48 11.26
N TRP A 68 -8.49 -3.77 11.30
CA TRP A 68 -7.10 -4.18 11.46
C TRP A 68 -6.60 -4.91 10.21
N CYS A 69 -5.31 -4.78 9.93
CA CYS A 69 -4.72 -5.43 8.76
C CYS A 69 -3.68 -6.45 9.19
N GLY A 70 -3.88 -7.70 8.78
CA GLY A 70 -2.94 -8.76 9.13
C GLY A 70 -1.82 -8.90 8.13
N VAL A 71 -0.63 -8.42 8.50
CA VAL A 71 0.53 -8.48 7.63
C VAL A 71 1.53 -9.51 8.13
N GLU A 72 2.11 -10.27 7.20
CA GLU A 72 3.09 -11.29 7.55
C GLU A 72 4.52 -10.76 7.38
N LEU A 73 5.30 -10.83 8.46
CA LEU A 73 6.67 -10.35 8.42
C LEU A 73 7.59 -11.37 7.75
N ASP A 74 8.80 -10.94 7.42
CA ASP A 74 9.76 -11.82 6.77
C ASP A 74 10.66 -12.51 7.81
N GLU A 75 11.07 -11.75 8.82
CA GLU A 75 11.92 -12.28 9.88
C GLU A 75 11.08 -12.81 11.04
N PRO A 76 11.66 -13.70 11.86
CA PRO A 76 10.97 -14.28 13.02
C PRO A 76 10.75 -13.25 14.13
N LEU A 77 9.99 -12.22 13.83
CA LEU A 77 9.70 -11.16 14.80
C LEU A 77 8.24 -11.22 15.24
N GLY A 78 7.37 -11.66 14.34
CA GLY A 78 5.95 -11.74 14.66
C GLY A 78 5.67 -12.64 15.84
N LYS A 79 4.41 -12.70 16.26
CA LYS A 79 4.02 -13.53 17.38
C LYS A 79 2.95 -14.54 16.97
N ASN A 80 1.98 -14.08 16.20
CA ASN A 80 0.89 -14.94 15.73
C ASN A 80 1.28 -15.64 14.44
N ASP A 81 0.84 -16.88 14.30
CA ASP A 81 1.13 -17.67 13.11
C ASP A 81 0.10 -17.42 12.01
N GLY A 82 -1.09 -17.00 12.42
CA GLY A 82 -2.15 -16.72 11.46
C GLY A 82 -3.51 -17.21 11.94
N ALA A 83 -3.81 -16.96 13.20
CA ALA A 83 -5.09 -17.37 13.78
C ALA A 83 -5.41 -16.58 15.04
N VAL A 84 -6.70 -16.42 15.31
CA VAL A 84 -7.14 -15.68 16.49
C VAL A 84 -8.42 -16.27 17.06
N ALA A 85 -8.33 -16.79 18.29
CA ALA A 85 -9.49 -17.38 18.95
C ALA A 85 -10.06 -18.53 18.12
N GLY A 86 -9.20 -19.21 17.38
CA GLY A 86 -9.63 -20.32 16.57
C GLY A 86 -9.79 -19.94 15.10
N THR A 87 -10.08 -18.67 14.86
CA THR A 87 -10.25 -18.18 13.49
C THR A 87 -8.96 -18.29 12.70
N ARG A 88 -9.07 -18.45 11.39
CA ARG A 88 -7.90 -18.58 10.53
C ARG A 88 -7.89 -17.47 9.47
N TYR A 89 -6.96 -16.54 9.63
CA TYR A 89 -6.83 -15.42 8.69
C TYR A 89 -5.94 -15.81 7.51
N PHE A 90 -4.70 -16.18 7.80
CA PHE A 90 -3.75 -16.56 6.77
C PHE A 90 -2.83 -17.68 7.27
N GLN A 91 -2.79 -18.77 6.51
CA GLN A 91 -1.95 -19.91 6.88
C GLN A 91 -0.47 -19.57 6.69
N CYS A 92 0.28 -19.59 7.80
CA CYS A 92 1.70 -19.28 7.75
C CYS A 92 2.43 -19.91 8.94
N GLN A 93 3.72 -20.13 8.79
CA GLN A 93 4.53 -20.73 9.84
C GLN A 93 4.61 -19.81 11.07
N PRO A 94 4.71 -20.39 12.27
CA PRO A 94 4.79 -19.61 13.52
C PRO A 94 5.91 -18.56 13.47
N LYS A 95 5.76 -17.52 14.29
CA LYS A 95 6.76 -16.45 14.34
C LYS A 95 6.92 -15.79 12.97
N TYR A 96 5.82 -15.30 12.42
CA TYR A 96 5.85 -14.64 11.12
C TYR A 96 4.61 -13.77 10.93
N GLY A 97 3.44 -14.32 11.28
CA GLY A 97 2.21 -13.58 11.14
C GLY A 97 2.08 -12.45 12.15
N LEU A 98 1.61 -11.30 11.69
CA LEU A 98 1.44 -10.14 12.56
C LEU A 98 0.16 -9.39 12.23
N PHE A 99 -0.37 -8.67 13.21
CA PHE A 99 -1.59 -7.90 13.02
C PHE A 99 -1.45 -6.49 13.59
N ALA A 100 -1.97 -5.51 12.87
CA ALA A 100 -1.90 -4.12 13.30
C ALA A 100 -3.03 -3.29 12.68
N PRO A 101 -3.40 -2.18 13.32
CA PRO A 101 -4.47 -1.30 12.84
C PRO A 101 -4.16 -0.72 11.48
N VAL A 102 -5.17 -0.67 10.60
CA VAL A 102 -4.99 -0.14 9.27
C VAL A 102 -4.40 1.26 9.31
N HIS A 103 -4.97 2.12 10.14
CA HIS A 103 -4.50 3.49 10.28
C HIS A 103 -3.03 3.52 10.70
N LYS A 104 -2.61 2.48 11.41
CA LYS A 104 -1.22 2.37 11.87
C LYS A 104 -0.32 1.86 10.75
N VAL A 105 -0.90 1.13 9.80
CA VAL A 105 -0.15 0.58 8.68
C VAL A 105 0.19 1.67 7.67
N THR A 106 1.42 1.65 7.17
CA THR A 106 1.86 2.64 6.19
C THR A 106 2.07 1.99 4.82
N LYS A 107 1.70 2.71 3.77
CA LYS A 107 1.84 2.20 2.41
C LYS A 107 3.17 2.65 1.79
N ILE A 108 4.00 1.71 1.41
CA ILE A 108 5.29 2.01 0.80
C ILE A 108 5.15 2.31 -0.68
N GLY A 109 4.30 1.55 -1.36
CA GLY A 109 4.08 1.75 -2.78
C GLY A 109 5.29 1.36 -3.60
N PHE A 110 5.71 0.10 -3.48
CA PHE A 110 6.86 -0.40 -4.23
C PHE A 110 6.57 -0.42 -5.73
N PRO A 111 5.55 -1.19 -6.15
CA PRO A 111 5.17 -1.30 -7.56
C PRO A 111 4.50 -0.04 -8.08
N SER A 112 3.77 0.64 -7.19
CA SER A 112 3.07 1.87 -7.55
C SER A 112 4.06 2.98 -7.92
N THR A 113 4.04 3.39 -9.17
CA THR A 113 4.93 4.45 -9.65
C THR A 113 4.40 5.83 -9.26
N THR A 114 5.05 6.46 -8.31
CA THR A 114 4.65 7.79 -7.85
C THR A 114 5.85 8.65 -7.51
N PRO A 115 5.93 9.87 -8.07
CA PRO A 115 7.05 10.78 -7.82
C PRO A 115 7.31 11.01 -6.33
N ALA A 116 8.42 11.65 -6.01
CA ALA A 116 8.77 11.92 -4.63
C ALA A 116 9.29 13.34 -4.46
N LYS A 117 10.19 13.75 -5.35
CA LYS A 117 10.77 15.08 -5.30
C LYS A 117 11.50 15.40 -6.60
N ALA A 118 12.27 14.43 -7.10
CA ALA A 118 13.04 14.60 -8.33
C ALA A 118 12.11 14.96 -9.49
N LYS A 119 12.66 14.90 -10.70
CA LYS A 119 11.88 15.22 -11.90
C LYS A 119 11.43 16.67 -11.89
N ALA A 120 11.86 17.43 -12.89
CA ALA A 120 11.49 18.84 -13.00
C ALA A 120 11.13 19.20 -14.44
N ASN A 121 10.21 20.15 -14.58
CA ASN A 121 9.77 20.59 -15.90
C ASN A 121 9.97 22.09 -16.06
N ALA A 122 9.20 22.87 -15.30
CA ALA A 122 9.28 24.33 -15.36
C ALA A 122 9.43 24.92 -13.97
N VAL A 123 10.14 24.22 -13.09
CA VAL A 123 10.35 24.67 -11.73
C VAL A 123 11.33 23.77 -10.99
N ARG A 124 12.41 24.36 -10.49
CA ARG A 124 13.43 23.61 -9.76
C ARG A 124 12.88 23.07 -8.44
N ARG A 125 12.63 21.76 -8.40
CA ARG A 125 12.10 21.13 -7.20
C ARG A 125 10.74 21.71 -6.84
N VAL A 126 9.69 20.95 -7.14
CA VAL A 126 8.33 21.37 -6.85
C VAL A 126 8.02 21.26 -5.36
N MET A 127 7.36 22.28 -4.81
CA MET A 127 7.01 22.30 -3.40
C MET A 127 5.58 21.80 -3.19
N ALA A 128 5.44 20.77 -2.36
CA ALA A 128 4.13 20.19 -2.07
C ALA A 128 3.68 20.53 -0.66
N THR A 129 4.38 19.97 0.33
CA THR A 129 4.06 20.21 1.73
C THR A 129 5.24 19.85 2.63
N THR A 130 6.45 20.07 2.12
CA THR A 130 7.66 19.77 2.88
C THR A 130 8.20 21.03 3.56
N SER A 131 7.85 21.21 4.83
CA SER A 131 8.30 22.37 5.59
C SER A 131 7.85 23.67 4.92
N ALA A 132 6.67 23.64 4.33
CA ALA A 132 6.12 24.82 3.66
C ALA A 132 4.81 25.25 4.29
N SER A 133 4.70 25.10 5.61
CA SER A 133 3.50 25.48 6.33
C SER A 133 3.42 26.99 6.51
N LEU A 134 2.25 27.56 6.25
CA LEU A 134 2.05 28.99 6.39
C LEU A 134 1.42 29.33 7.74
N LYS A 135 2.22 29.91 8.64
CA LYS A 135 1.75 30.28 9.96
C LYS A 135 1.57 31.80 10.08
N ARG A 136 1.23 32.42 8.96
CA ARG A 136 1.03 33.87 8.93
C ARG A 136 -0.45 34.21 8.89
N SER A 137 -0.82 35.33 9.52
CA SER A 137 -2.20 35.77 9.56
C SER A 137 -2.69 36.12 8.15
N PRO A 138 -4.01 36.03 7.92
CA PRO A 138 -4.61 36.35 6.61
C PRO A 138 -4.53 37.84 6.29
N SER A 139 -4.89 38.19 5.06
CA SER A 139 -4.87 39.58 4.62
C SER A 139 -5.92 39.83 3.55
N ALA A 140 -7.07 39.15 3.67
CA ALA A 140 -8.15 39.30 2.72
C ALA A 140 -9.45 38.71 3.27
N SER A 141 -10.49 39.54 3.33
CA SER A 141 -11.78 39.11 3.84
C SER A 141 -12.77 38.90 2.69
N SER A 142 -13.26 37.68 2.55
CA SER A 142 -14.21 37.35 1.50
C SER A 142 -15.16 36.24 1.94
N LEU A 143 -16.41 36.33 1.52
CA LEU A 143 -17.41 35.33 1.87
C LEU A 143 -17.89 34.57 0.63
N SER A 144 -17.20 33.49 0.29
CA SER A 144 -17.55 32.69 -0.88
C SER A 144 -17.66 31.21 -0.51
N SER A 145 -18.87 30.67 -0.59
CA SER A 145 -19.10 29.27 -0.26
C SER A 145 -18.84 28.38 -1.47
N MET A 146 -17.69 27.73 -1.49
CA MET A 146 -17.32 26.84 -2.59
C MET A 146 -18.00 25.48 -2.44
N SER A 147 -17.86 24.88 -1.26
CA SER A 147 -18.45 23.58 -0.99
C SER A 147 -19.89 23.72 -0.50
N SER A 148 -20.07 24.49 0.56
CA SER A 148 -21.39 24.72 1.13
C SER A 148 -22.02 23.40 1.59
N VAL A 149 -23.03 23.50 2.44
CA VAL A 149 -23.71 22.32 2.96
C VAL A 149 -24.72 21.78 1.95
N ALA A 150 -24.75 20.46 1.81
CA ALA A 150 -25.66 19.82 0.86
C ALA A 150 -26.78 19.07 1.60
N SER A 151 -26.45 18.55 2.78
CA SER A 151 -27.42 17.83 3.59
C SER A 151 -27.73 18.58 4.88
N SER A 152 -28.85 19.30 4.88
CA SER A 152 -29.25 20.07 6.04
C SER A 152 -29.95 19.17 7.07
N VAL A 153 -30.30 19.75 8.21
CA VAL A 153 -30.97 19.01 9.26
C VAL A 153 -31.98 19.88 10.00
N SER A 154 -33.21 19.91 9.48
CA SER A 154 -34.27 20.70 10.09
C SER A 154 -35.62 20.00 9.96
N SER A 155 -36.29 19.79 11.09
CA SER A 155 -37.58 19.14 11.11
C SER A 155 -38.40 19.57 12.32
N ARG A 156 -38.24 20.82 12.72
CA ARG A 156 -38.96 21.37 13.87
C ARG A 156 -39.82 22.56 13.45
N PRO A 157 -41.11 22.33 13.18
CA PRO A 157 -42.05 23.39 12.77
C PRO A 157 -42.32 24.38 13.90
N SER A 158 -42.74 25.59 13.52
CA SER A 158 -43.04 26.62 14.50
C SER A 158 -44.25 26.25 15.35
N ARG A 159 -44.70 27.18 16.18
CA ARG A 159 -45.85 26.96 17.05
C ARG A 159 -47.15 27.08 16.26
N THR A 160 -47.53 28.31 15.92
CA THR A 160 -48.75 28.57 15.17
C THR A 160 -48.67 29.89 14.43
N GLY A 161 -48.21 30.93 15.13
CA GLY A 161 -48.09 32.24 14.52
C GLY A 161 -46.89 32.35 13.61
N LEU A 162 -47.14 32.50 12.32
CA LEU A 162 -46.07 32.61 11.33
C LEU A 162 -46.39 33.68 10.30
N LEU A 163 -47.19 34.67 10.70
CA LEU A 163 -47.58 35.75 9.80
C LEU A 163 -48.42 36.79 10.54
N THR A 164 -48.33 38.04 10.10
CA THR A 164 -49.10 39.12 10.72
C THR A 164 -49.62 40.09 9.67
N GLU A 165 -50.91 39.99 9.36
CA GLU A 165 -51.53 40.86 8.37
C GLU A 165 -52.82 41.46 8.90
N THR A 166 -52.86 41.69 10.22
CA THR A 166 -54.03 42.27 10.86
C THR A 166 -53.64 43.31 11.90
N SER A 167 -54.60 44.10 12.34
CA SER A 167 -54.35 45.13 13.35
C SER A 167 -54.81 44.68 14.72
N GLY A 168 -53.87 44.63 15.67
CA GLY A 168 -54.21 44.21 17.02
C GLY A 168 -54.09 45.35 18.03
N PRO A 169 -55.19 46.08 18.27
CA PRO A 169 -55.18 47.20 19.23
C PRO A 169 -54.62 46.80 20.59
N SER A 170 -53.50 47.40 20.96
CA SER A 170 -52.86 47.11 22.24
C SER A 170 -51.95 48.26 22.67
N SER A 171 -51.66 48.32 23.97
CA SER A 171 -50.81 49.37 24.51
C SER A 171 -49.39 48.86 24.72
N GLY A 172 -49.25 47.81 25.52
CA GLY A 172 -47.95 47.24 25.79
C GLY A 172 -47.57 47.33 27.27
N GLY A 1 -3.91 36.81 -15.84
CA GLY A 1 -5.03 37.77 -15.79
C GLY A 1 -5.27 38.46 -17.12
N SER A 2 -5.07 37.74 -18.20
CA SER A 2 -5.27 38.28 -19.54
C SER A 2 -5.78 37.21 -20.50
N SER A 3 -6.57 36.28 -19.97
CA SER A 3 -7.12 35.20 -20.78
C SER A 3 -8.32 35.68 -21.58
N GLY A 4 -9.03 34.75 -22.20
CA GLY A 4 -10.18 35.10 -23.00
C GLY A 4 -10.99 33.89 -23.43
N SER A 5 -11.80 34.05 -24.47
CA SER A 5 -12.62 32.97 -24.98
C SER A 5 -11.89 32.18 -26.06
N SER A 6 -11.22 32.91 -26.96
CA SER A 6 -10.48 32.28 -28.04
C SER A 6 -9.12 32.94 -28.22
N GLY A 7 -8.09 32.12 -28.43
CA GLY A 7 -6.75 32.64 -28.61
C GLY A 7 -6.20 33.29 -27.35
N ALA A 8 -5.68 32.47 -26.44
CA ALA A 8 -5.13 32.97 -25.19
C ALA A 8 -3.80 32.29 -24.87
N THR A 9 -3.77 30.97 -25.00
CA THR A 9 -2.57 30.20 -24.73
C THR A 9 -2.22 29.30 -25.92
N PRO A 10 -0.98 28.77 -25.95
CA PRO A 10 -0.53 27.89 -27.03
C PRO A 10 -1.35 26.61 -27.12
N PRO A 11 -1.99 26.35 -28.28
CA PRO A 11 -2.80 25.15 -28.48
C PRO A 11 -1.97 23.88 -28.49
N ILE A 12 -2.56 22.79 -28.01
CA ILE A 12 -1.88 21.50 -27.95
C ILE A 12 -1.64 20.96 -29.36
N SER A 13 -0.41 20.50 -29.60
CA SER A 13 -0.05 19.95 -30.90
C SER A 13 0.01 18.43 -30.86
N ASN A 14 0.22 17.81 -32.01
CA ASN A 14 0.29 16.35 -32.10
C ASN A 14 1.69 15.90 -32.52
N LEU A 15 2.71 16.60 -32.03
CA LEU A 15 4.09 16.28 -32.36
C LEU A 15 4.79 15.61 -31.18
N THR A 16 4.40 15.99 -29.97
CA THR A 16 4.99 15.43 -28.76
C THR A 16 3.91 14.95 -27.80
N LYS A 17 4.26 13.99 -26.95
CA LYS A 17 3.33 13.45 -25.98
C LYS A 17 2.12 12.82 -26.68
N THR A 18 1.35 12.04 -25.92
CA THR A 18 0.16 11.39 -26.47
C THR A 18 -1.01 12.36 -26.55
N ALA A 19 -1.04 13.16 -27.61
CA ALA A 19 -2.11 14.12 -27.80
C ALA A 19 -3.08 13.67 -28.88
N SER A 20 -3.35 12.37 -28.91
CA SER A 20 -4.27 11.79 -29.90
C SER A 20 -5.61 11.46 -29.26
N GLU A 21 -6.54 12.41 -29.31
CA GLU A 21 -7.87 12.20 -28.75
C GLU A 21 -7.79 11.93 -27.25
N SER A 22 -8.94 11.85 -26.60
CA SER A 22 -9.00 11.59 -25.17
C SER A 22 -9.52 10.19 -24.88
N ILE A 23 -10.32 9.65 -25.81
CA ILE A 23 -10.88 8.31 -25.66
C ILE A 23 -11.93 8.28 -24.54
N SER A 24 -11.47 8.47 -23.31
CA SER A 24 -12.37 8.47 -22.15
C SER A 24 -11.76 9.23 -20.98
N ASN A 25 -12.55 10.11 -20.39
CA ASN A 25 -12.09 10.91 -19.26
C ASN A 25 -13.26 11.58 -18.56
N LEU A 26 -13.35 11.38 -17.24
CA LEU A 26 -14.43 11.97 -16.44
C LEU A 26 -13.87 12.67 -15.21
N SER A 27 -13.37 11.89 -14.27
CA SER A 27 -12.82 12.44 -13.04
C SER A 27 -11.38 12.90 -13.26
N GLU A 28 -10.82 13.57 -12.26
CA GLU A 28 -9.45 14.08 -12.34
C GLU A 28 -8.44 12.94 -12.20
N ALA A 29 -7.30 13.09 -12.85
CA ALA A 29 -6.25 12.07 -12.79
C ALA A 29 -5.03 12.59 -12.05
N GLY A 30 -5.10 12.57 -10.72
CA GLY A 30 -3.99 13.03 -9.91
C GLY A 30 -4.41 14.08 -8.89
N SER A 31 -4.90 13.62 -7.74
CA SER A 31 -5.34 14.52 -6.68
C SER A 31 -4.88 14.02 -5.32
N ILE A 32 -3.75 13.33 -5.29
CA ILE A 32 -3.20 12.79 -4.05
C ILE A 32 -1.76 13.21 -3.86
N LYS A 33 -1.54 14.25 -3.05
CA LYS A 33 -0.19 14.75 -2.80
C LYS A 33 0.40 14.09 -1.56
N LYS A 34 -0.45 13.81 -0.57
CA LYS A 34 -0.01 13.18 0.66
C LYS A 34 -1.20 12.77 1.52
N GLY A 35 -1.70 11.57 1.29
CA GLY A 35 -2.84 11.07 2.04
C GLY A 35 -3.32 9.72 1.56
N GLU A 36 -2.91 8.66 2.24
CA GLU A 36 -3.30 7.30 1.87
C GLU A 36 -3.60 6.47 3.11
N ARG A 37 -4.16 5.29 2.90
CA ARG A 37 -4.50 4.39 4.01
C ARG A 37 -5.11 3.10 3.48
N GLU A 38 -5.94 3.21 2.46
CA GLU A 38 -6.58 2.03 1.86
C GLU A 38 -5.56 1.13 1.18
N LEU A 39 -5.29 -0.01 1.78
CA LEU A 39 -4.33 -0.96 1.23
C LEU A 39 -5.04 -2.18 0.66
N LYS A 40 -4.27 -3.06 0.01
CA LYS A 40 -4.83 -4.27 -0.59
C LYS A 40 -3.98 -5.48 -0.25
N ILE A 41 -4.36 -6.63 -0.79
CA ILE A 41 -3.62 -7.87 -0.56
C ILE A 41 -2.57 -8.09 -1.63
N GLY A 42 -1.30 -8.05 -1.23
CA GLY A 42 -0.21 -8.26 -2.18
C GLY A 42 0.90 -7.25 -2.00
N ASP A 43 0.53 -5.98 -1.81
CA ASP A 43 1.51 -4.92 -1.64
C ASP A 43 2.20 -5.03 -0.28
N ARG A 44 3.20 -4.18 -0.07
CA ARG A 44 3.95 -4.20 1.18
C ARG A 44 3.56 -2.99 2.06
N VAL A 45 4.05 -3.00 3.30
CA VAL A 45 3.75 -1.92 4.23
C VAL A 45 4.79 -1.85 5.34
N LEU A 46 4.62 -0.90 6.25
CA LEU A 46 5.54 -0.72 7.36
C LEU A 46 4.80 -0.26 8.61
N VAL A 47 5.29 -0.66 9.77
CA VAL A 47 4.69 -0.28 11.04
C VAL A 47 5.75 0.01 12.10
N GLY A 48 5.77 1.25 12.58
CA GLY A 48 6.74 1.64 13.58
C GLY A 48 7.97 2.30 12.98
N GLY A 49 8.28 1.96 11.74
CA GLY A 49 9.44 2.52 11.07
C GLY A 49 10.58 1.54 10.92
N THR A 50 10.23 0.25 10.88
CA THR A 50 11.23 -0.80 10.73
C THR A 50 10.58 -2.12 10.32
N LYS A 51 9.62 -2.57 11.12
CA LYS A 51 8.91 -3.81 10.84
C LYS A 51 8.05 -3.68 9.59
N ALA A 52 8.52 -4.28 8.49
CA ALA A 52 7.79 -4.22 7.23
C ALA A 52 7.44 -5.62 6.75
N GLY A 53 6.18 -5.81 6.35
CA GLY A 53 5.74 -7.11 5.87
C GLY A 53 4.77 -7.00 4.71
N VAL A 54 4.39 -8.14 4.15
CA VAL A 54 3.47 -8.17 3.02
C VAL A 54 2.03 -8.43 3.51
N VAL A 55 1.07 -7.79 2.85
CA VAL A 55 -0.34 -7.95 3.21
C VAL A 55 -0.85 -9.31 2.76
N ARG A 56 -1.21 -10.14 3.74
CA ARG A 56 -1.73 -11.48 3.45
C ARG A 56 -3.23 -11.55 3.73
N PHE A 57 -3.67 -10.81 4.73
CA PHE A 57 -5.08 -10.80 5.10
C PHE A 57 -5.53 -9.39 5.49
N LEU A 58 -6.82 -9.11 5.30
CA LEU A 58 -7.37 -7.80 5.64
C LEU A 58 -8.83 -7.92 6.07
N GLY A 59 -9.15 -7.35 7.22
CA GLY A 59 -10.50 -7.40 7.72
C GLY A 59 -10.62 -6.90 9.14
N GLU A 60 -11.46 -7.53 9.94
CA GLU A 60 -11.67 -7.14 11.33
C GLU A 60 -10.98 -8.12 12.28
N THR A 61 -10.64 -7.64 13.47
CA THR A 61 -9.96 -8.46 14.47
C THR A 61 -10.95 -8.89 15.56
N ASP A 62 -10.59 -9.94 16.29
CA ASP A 62 -11.43 -10.44 17.37
C ASP A 62 -10.93 -9.97 18.73
N PHE A 63 -10.34 -8.77 18.74
CA PHE A 63 -9.81 -8.20 19.98
C PHE A 63 -9.83 -6.68 19.92
N ALA A 64 -9.35 -6.12 18.82
CA ALA A 64 -9.31 -4.68 18.64
C ALA A 64 -10.70 -4.13 18.32
N LYS A 65 -10.84 -2.81 18.39
CA LYS A 65 -12.11 -2.16 18.10
C LYS A 65 -12.08 -1.44 16.75
N GLY A 66 -11.08 -1.75 15.94
CA GLY A 66 -10.95 -1.13 14.64
C GLY A 66 -10.53 -2.10 13.56
N GLU A 67 -10.34 -1.59 12.34
CA GLU A 67 -9.92 -2.43 11.22
C GLU A 67 -8.41 -2.61 11.21
N TRP A 68 -7.96 -3.85 11.35
CA TRP A 68 -6.53 -4.16 11.34
C TRP A 68 -6.14 -4.90 10.07
N CYS A 69 -4.88 -4.71 9.65
CA CYS A 69 -4.37 -5.35 8.45
C CYS A 69 -3.41 -6.47 8.80
N GLY A 70 -3.83 -7.70 8.57
CA GLY A 70 -3.00 -8.85 8.86
C GLY A 70 -1.78 -8.92 7.96
N VAL A 71 -0.70 -8.28 8.39
CA VAL A 71 0.54 -8.27 7.62
C VAL A 71 1.48 -9.38 8.08
N GLU A 72 1.77 -10.31 7.18
CA GLU A 72 2.67 -11.42 7.49
C GLU A 72 4.13 -10.99 7.38
N LEU A 73 4.83 -10.98 8.51
CA LEU A 73 6.24 -10.61 8.53
C LEU A 73 7.11 -11.71 7.94
N ASP A 74 8.02 -11.32 7.05
CA ASP A 74 8.92 -12.28 6.42
C ASP A 74 9.97 -12.78 7.40
N GLU A 75 10.31 -11.94 8.37
CA GLU A 75 11.30 -12.31 9.39
C GLU A 75 10.63 -12.90 10.62
N PRO A 76 11.40 -13.63 11.45
CA PRO A 76 10.86 -14.25 12.67
C PRO A 76 10.52 -13.21 13.74
N LEU A 77 9.50 -12.41 13.49
CA LEU A 77 9.07 -11.38 14.43
C LEU A 77 7.55 -11.36 14.55
N GLY A 78 6.93 -12.52 14.39
CA GLY A 78 5.49 -12.62 14.50
C GLY A 78 5.03 -13.10 15.85
N LYS A 79 3.74 -12.97 16.12
CA LYS A 79 3.17 -13.40 17.40
C LYS A 79 2.27 -14.62 17.21
N ASN A 80 1.45 -14.57 16.17
CA ASN A 80 0.53 -15.67 15.86
C ASN A 80 0.93 -16.38 14.56
N ASP A 81 0.31 -17.52 14.31
CA ASP A 81 0.59 -18.29 13.11
C ASP A 81 -0.51 -18.10 12.07
N GLY A 82 -1.10 -16.90 12.06
CA GLY A 82 -2.16 -16.62 11.10
C GLY A 82 -3.53 -16.69 11.74
N ALA A 83 -3.67 -17.54 12.75
CA ALA A 83 -4.96 -17.71 13.44
C ALA A 83 -5.02 -16.81 14.68
N VAL A 84 -6.21 -16.28 14.95
CA VAL A 84 -6.40 -15.40 16.10
C VAL A 84 -7.78 -15.63 16.73
N ALA A 85 -7.81 -15.81 18.05
CA ALA A 85 -9.05 -16.03 18.76
C ALA A 85 -9.80 -17.23 18.21
N GLY A 86 -9.06 -18.17 17.62
CA GLY A 86 -9.68 -19.36 17.06
C GLY A 86 -9.97 -19.22 15.57
N THR A 87 -10.18 -17.99 15.13
CA THR A 87 -10.48 -17.73 13.73
C THR A 87 -9.22 -17.86 12.87
N ARG A 88 -9.40 -18.26 11.62
CA ARG A 88 -8.29 -18.42 10.69
C ARG A 88 -8.24 -17.27 9.69
N TYR A 89 -7.04 -16.71 9.49
CA TYR A 89 -6.86 -15.61 8.56
C TYR A 89 -6.01 -16.03 7.37
N PHE A 90 -4.74 -16.30 7.63
CA PHE A 90 -3.82 -16.72 6.58
C PHE A 90 -2.91 -17.84 7.06
N GLN A 91 -3.03 -19.00 6.43
CA GLN A 91 -2.23 -20.16 6.80
C GLN A 91 -0.75 -19.89 6.54
N CYS A 92 0.04 -19.86 7.62
CA CYS A 92 1.47 -19.61 7.52
C CYS A 92 2.21 -20.13 8.75
N GLN A 93 3.53 -20.14 8.68
CA GLN A 93 4.35 -20.60 9.79
C GLN A 93 4.21 -19.67 11.00
N PRO A 94 4.32 -20.22 12.22
CA PRO A 94 4.21 -19.44 13.45
C PRO A 94 5.36 -18.44 13.61
N LYS A 95 5.15 -17.45 14.47
CA LYS A 95 6.17 -16.44 14.72
C LYS A 95 6.50 -15.68 13.44
N TYR A 96 5.48 -15.43 12.62
CA TYR A 96 5.66 -14.72 11.36
C TYR A 96 4.49 -13.76 11.11
N GLY A 97 3.28 -14.29 11.22
CA GLY A 97 2.09 -13.47 11.01
C GLY A 97 1.86 -12.48 12.12
N LEU A 98 1.57 -11.23 11.74
CA LEU A 98 1.32 -10.18 12.72
C LEU A 98 0.12 -9.33 12.32
N PHE A 99 -0.53 -8.73 13.30
CA PHE A 99 -1.70 -7.89 13.05
C PHE A 99 -1.50 -6.49 13.63
N ALA A 100 -1.96 -5.48 12.89
CA ALA A 100 -1.83 -4.10 13.33
C ALA A 100 -2.91 -3.22 12.71
N PRO A 101 -3.28 -2.12 13.39
CA PRO A 101 -4.31 -1.20 12.89
C PRO A 101 -3.92 -0.55 11.56
N VAL A 102 -4.84 -0.56 10.62
CA VAL A 102 -4.59 0.03 9.30
C VAL A 102 -4.12 1.47 9.42
N HIS A 103 -4.83 2.26 10.23
CA HIS A 103 -4.48 3.66 10.42
C HIS A 103 -3.05 3.80 10.91
N LYS A 104 -2.55 2.77 11.60
CA LYS A 104 -1.19 2.79 12.12
C LYS A 104 -0.20 2.33 11.06
N VAL A 105 -0.68 1.52 10.11
CA VAL A 105 0.17 1.02 9.04
C VAL A 105 0.36 2.06 7.94
N THR A 106 1.54 2.08 7.35
CA THR A 106 1.85 3.03 6.29
C THR A 106 2.54 2.33 5.11
N LYS A 107 2.36 2.88 3.92
CA LYS A 107 2.97 2.32 2.72
C LYS A 107 4.42 2.75 2.58
N ILE A 108 5.27 1.84 2.10
CA ILE A 108 6.68 2.14 1.93
C ILE A 108 6.99 2.50 0.48
N GLY A 109 7.74 3.58 0.29
CA GLY A 109 8.09 4.02 -1.05
C GLY A 109 8.33 5.51 -1.13
N PHE A 110 7.43 6.29 -0.53
CA PHE A 110 7.54 7.74 -0.54
C PHE A 110 7.53 8.28 -1.98
N PRO A 111 6.35 8.65 -2.49
CA PRO A 111 6.21 9.19 -3.85
C PRO A 111 7.20 10.31 -4.14
N SER A 112 8.18 10.02 -5.00
CA SER A 112 9.20 11.01 -5.36
C SER A 112 9.17 11.27 -6.86
N THR A 113 7.98 11.29 -7.44
CA THR A 113 7.82 11.54 -8.87
C THR A 113 8.42 10.40 -9.70
N THR A 114 9.75 10.33 -9.72
CA THR A 114 10.45 9.29 -10.48
C THR A 114 11.75 8.90 -9.78
N PRO A 115 11.85 7.64 -9.31
CA PRO A 115 13.05 7.15 -8.63
C PRO A 115 14.24 7.02 -9.57
N ALA A 116 15.29 6.34 -9.10
CA ALA A 116 16.50 6.15 -9.90
C ALA A 116 17.29 4.94 -9.41
N LYS A 117 17.98 4.29 -10.34
CA LYS A 117 18.78 3.11 -10.01
C LYS A 117 20.21 3.28 -10.49
N ALA A 118 21.09 3.69 -9.58
CA ALA A 118 22.50 3.89 -9.90
C ALA A 118 23.38 3.79 -8.66
N LYS A 119 23.08 4.62 -7.67
CA LYS A 119 23.84 4.63 -6.43
C LYS A 119 22.90 4.67 -5.21
N ALA A 120 21.73 4.06 -5.36
CA ALA A 120 20.75 4.04 -4.28
C ALA A 120 21.23 3.16 -3.14
N ASN A 121 20.37 2.99 -2.13
CA ASN A 121 20.70 2.17 -0.97
C ASN A 121 20.03 0.81 -1.06
N ALA A 122 18.71 0.82 -1.18
CA ALA A 122 17.94 -0.42 -1.27
C ALA A 122 17.94 -0.96 -2.70
N VAL A 123 17.80 -2.27 -2.83
CA VAL A 123 17.79 -2.92 -4.13
C VAL A 123 19.10 -2.69 -4.87
N ARG A 124 19.94 -3.72 -4.91
CA ARG A 124 21.23 -3.62 -5.60
C ARG A 124 21.18 -4.29 -6.96
N ARG A 125 20.49 -5.43 -7.04
CA ARG A 125 20.36 -6.17 -8.29
C ARG A 125 18.90 -6.23 -8.73
N VAL A 126 18.42 -5.15 -9.32
CA VAL A 126 17.04 -5.07 -9.78
C VAL A 126 16.91 -5.65 -11.19
N MET A 127 15.70 -6.10 -11.53
CA MET A 127 15.44 -6.68 -12.84
C MET A 127 16.31 -7.91 -13.08
N ALA A 128 15.75 -9.09 -12.84
CA ALA A 128 16.47 -10.34 -13.02
C ALA A 128 15.51 -11.52 -13.07
N THR A 129 15.88 -12.54 -13.85
CA THR A 129 15.05 -13.74 -13.99
C THR A 129 15.84 -14.99 -13.64
N THR A 130 16.76 -14.86 -12.69
CA THR A 130 17.58 -15.99 -12.27
C THR A 130 17.61 -16.11 -10.75
N SER A 131 16.48 -15.80 -10.12
CA SER A 131 16.37 -15.87 -8.66
C SER A 131 15.17 -16.70 -8.25
N ALA A 132 15.40 -17.98 -7.98
CA ALA A 132 14.34 -18.89 -7.57
C ALA A 132 14.90 -20.22 -7.10
N SER A 133 15.88 -20.74 -7.84
CA SER A 133 16.51 -22.01 -7.49
C SER A 133 17.94 -21.80 -7.00
N LEU A 134 18.57 -22.88 -6.54
CA LEU A 134 19.93 -22.81 -6.04
C LEU A 134 20.79 -23.92 -6.65
N LYS A 135 20.46 -24.31 -7.88
CA LYS A 135 21.19 -25.36 -8.56
C LYS A 135 21.35 -25.04 -10.04
N ARG A 136 21.96 -25.95 -10.79
CA ARG A 136 22.17 -25.77 -12.22
C ARG A 136 22.78 -27.02 -12.85
N SER A 137 23.71 -27.64 -12.14
CA SER A 137 24.37 -28.85 -12.63
C SER A 137 25.17 -28.55 -13.90
N PRO A 138 26.22 -29.36 -14.16
CA PRO A 138 27.08 -29.18 -15.34
C PRO A 138 26.36 -29.52 -16.63
N SER A 139 25.67 -30.67 -16.63
CA SER A 139 24.94 -31.12 -17.81
C SER A 139 23.45 -31.27 -17.49
N ALA A 140 22.67 -31.65 -18.51
CA ALA A 140 21.24 -31.83 -18.35
C ALA A 140 20.61 -32.39 -19.61
N SER A 141 21.05 -31.89 -20.76
CA SER A 141 20.53 -32.33 -22.05
C SER A 141 20.96 -33.77 -22.34
N SER A 142 20.24 -34.72 -21.72
CA SER A 142 20.55 -36.13 -21.92
C SER A 142 19.95 -36.65 -23.23
N LEU A 143 18.82 -36.07 -23.61
CA LEU A 143 18.15 -36.47 -24.85
C LEU A 143 17.57 -35.25 -25.56
N SER A 144 16.88 -35.50 -26.67
CA SER A 144 16.27 -34.44 -27.46
C SER A 144 15.27 -33.64 -26.62
N SER A 145 14.55 -32.73 -27.26
CA SER A 145 13.56 -31.91 -26.57
C SER A 145 12.15 -32.38 -26.89
N MET A 146 11.16 -31.77 -26.22
CA MET A 146 9.76 -32.13 -26.43
C MET A 146 9.02 -31.00 -27.15
N SER A 147 8.98 -31.08 -28.47
CA SER A 147 8.29 -30.07 -29.27
C SER A 147 7.33 -30.72 -30.27
N SER A 148 7.79 -31.77 -30.93
CA SER A 148 6.97 -32.48 -31.92
C SER A 148 6.61 -31.57 -33.08
N VAL A 149 7.22 -31.83 -34.23
CA VAL A 149 6.95 -31.03 -35.43
C VAL A 149 6.05 -31.77 -36.40
N ALA A 150 6.23 -33.08 -36.49
CA ALA A 150 5.42 -33.91 -37.37
C ALA A 150 5.16 -35.29 -36.76
N SER A 151 4.42 -36.12 -37.49
CA SER A 151 4.11 -37.46 -37.02
C SER A 151 5.20 -38.44 -37.40
N SER A 152 5.32 -39.53 -36.64
CA SER A 152 6.33 -40.55 -36.90
C SER A 152 5.69 -41.93 -37.02
N VAL A 153 5.98 -42.61 -38.13
CA VAL A 153 5.44 -43.95 -38.37
C VAL A 153 6.55 -44.97 -38.57
N SER A 154 6.38 -46.14 -37.98
CA SER A 154 7.38 -47.20 -38.10
C SER A 154 7.01 -48.18 -39.21
N SER A 155 7.99 -48.54 -40.02
CA SER A 155 7.77 -49.47 -41.12
C SER A 155 8.08 -50.90 -40.70
N ARG A 156 7.06 -51.75 -40.71
CA ARG A 156 7.22 -53.15 -40.33
C ARG A 156 6.24 -54.04 -41.10
N PRO A 157 6.65 -55.28 -41.41
CA PRO A 157 5.81 -56.22 -42.16
C PRO A 157 4.42 -56.38 -41.54
N SER A 158 3.49 -56.92 -42.31
CA SER A 158 2.13 -57.13 -41.83
C SER A 158 1.46 -58.28 -42.57
N ARG A 159 0.96 -59.25 -41.81
CA ARG A 159 0.30 -60.41 -42.38
C ARG A 159 -1.15 -60.50 -41.92
N THR A 160 -1.76 -59.34 -41.68
CA THR A 160 -3.14 -59.28 -41.24
C THR A 160 -3.74 -57.90 -41.47
N GLY A 161 -4.95 -57.87 -42.02
CA GLY A 161 -5.61 -56.60 -42.29
C GLY A 161 -5.47 -56.19 -43.74
N LEU A 162 -6.45 -56.58 -44.57
CA LEU A 162 -6.44 -56.25 -45.98
C LEU A 162 -7.83 -56.36 -46.58
N LEU A 163 -8.10 -55.56 -47.61
CA LEU A 163 -9.40 -55.59 -48.28
C LEU A 163 -9.56 -56.84 -49.13
N THR A 164 -10.23 -57.84 -48.58
CA THR A 164 -10.45 -59.09 -49.30
C THR A 164 -11.79 -59.72 -48.92
N GLU A 165 -12.75 -59.66 -49.83
CA GLU A 165 -14.08 -60.23 -49.59
C GLU A 165 -14.60 -60.93 -50.84
N THR A 166 -15.58 -61.80 -50.65
CA THR A 166 -16.18 -62.54 -51.75
C THR A 166 -17.66 -62.20 -51.89
N SER A 167 -18.27 -62.66 -52.98
CA SER A 167 -19.68 -62.42 -53.23
C SER A 167 -20.52 -63.66 -52.94
N GLY A 168 -21.53 -63.50 -52.10
CA GLY A 168 -22.40 -64.62 -51.75
C GLY A 168 -23.57 -64.77 -52.70
N PRO A 169 -24.70 -64.13 -52.40
CA PRO A 169 -25.90 -64.20 -53.24
C PRO A 169 -25.72 -63.45 -54.56
N SER A 170 -26.34 -63.97 -55.61
CA SER A 170 -26.26 -63.34 -56.93
C SER A 170 -27.37 -62.31 -57.12
N SER A 171 -27.37 -61.66 -58.28
CA SER A 171 -28.38 -60.65 -58.58
C SER A 171 -28.65 -60.59 -60.08
N GLY A 172 -29.91 -60.71 -60.46
CA GLY A 172 -30.27 -60.66 -61.87
C GLY A 172 -30.68 -62.01 -62.40
N GLY A 1 -20.61 23.92 -25.19
CA GLY A 1 -21.29 22.60 -25.19
C GLY A 1 -20.46 21.49 -25.80
N SER A 2 -20.78 20.26 -25.45
CA SER A 2 -20.04 19.10 -25.98
C SER A 2 -20.48 18.77 -27.40
N SER A 3 -19.61 18.12 -28.15
CA SER A 3 -19.90 17.75 -29.53
C SER A 3 -19.55 16.28 -29.77
N GLY A 4 -18.28 15.94 -29.55
CA GLY A 4 -17.84 14.57 -29.77
C GLY A 4 -16.37 14.38 -29.40
N SER A 5 -15.92 13.14 -29.45
CA SER A 5 -14.53 12.81 -29.12
C SER A 5 -13.90 11.94 -30.20
N SER A 6 -12.82 12.44 -30.80
CA SER A 6 -12.12 11.72 -31.86
C SER A 6 -10.65 11.54 -31.50
N GLY A 7 -9.97 12.65 -31.25
CA GLY A 7 -8.56 12.61 -30.91
C GLY A 7 -7.67 12.98 -32.08
N ALA A 8 -8.00 14.07 -32.75
CA ALA A 8 -7.22 14.53 -33.90
C ALA A 8 -7.18 13.47 -34.99
N THR A 9 -8.05 13.62 -35.98
CA THR A 9 -8.11 12.67 -37.09
C THR A 9 -7.14 13.08 -38.20
N PRO A 10 -7.21 14.33 -38.67
CA PRO A 10 -6.33 14.83 -39.73
C PRO A 10 -4.85 14.71 -39.35
N PRO A 11 -3.95 14.92 -40.32
CA PRO A 11 -2.51 14.83 -40.08
C PRO A 11 -2.00 15.99 -39.22
N ILE A 12 -2.48 17.19 -39.51
CA ILE A 12 -2.06 18.38 -38.76
C ILE A 12 -3.24 18.95 -37.96
N SER A 13 -4.43 18.84 -38.53
CA SER A 13 -5.63 19.35 -37.86
C SER A 13 -5.50 20.82 -37.52
N ASN A 14 -4.67 21.54 -38.29
CA ASN A 14 -4.45 22.95 -38.07
C ASN A 14 -3.51 23.54 -39.12
N LEU A 15 -3.92 24.67 -39.70
CA LEU A 15 -3.12 25.32 -40.73
C LEU A 15 -3.27 26.84 -40.65
N THR A 16 -3.14 27.38 -39.44
CA THR A 16 -3.26 28.82 -39.23
C THR A 16 -1.91 29.44 -38.92
N LYS A 17 -1.90 30.74 -38.70
CA LYS A 17 -0.66 31.46 -38.39
C LYS A 17 -0.85 32.38 -37.19
N THR A 18 -1.71 31.97 -36.27
CA THR A 18 -1.98 32.75 -35.07
C THR A 18 -2.43 31.86 -33.92
N ALA A 19 -1.71 31.92 -32.81
CA ALA A 19 -2.05 31.11 -31.64
C ALA A 19 -1.75 31.87 -30.35
N SER A 20 -2.80 32.45 -29.76
CA SER A 20 -2.66 33.20 -28.52
C SER A 20 -3.14 32.38 -27.33
N GLU A 21 -2.47 32.55 -26.19
CA GLU A 21 -2.83 31.83 -24.98
C GLU A 21 -2.97 32.78 -23.79
N SER A 22 -4.20 33.13 -23.46
CA SER A 22 -4.47 34.04 -22.35
C SER A 22 -5.78 33.67 -21.65
N ILE A 23 -6.81 33.44 -22.43
CA ILE A 23 -8.12 33.08 -21.90
C ILE A 23 -8.87 32.15 -22.84
N SER A 24 -9.39 31.06 -22.28
CA SER A 24 -10.13 30.08 -23.07
C SER A 24 -11.04 29.24 -22.19
N ASN A 25 -10.47 28.71 -21.11
CA ASN A 25 -11.23 27.88 -20.17
C ASN A 25 -11.79 26.65 -20.88
N LEU A 26 -10.94 25.63 -21.05
CA LEU A 26 -11.36 24.40 -21.72
C LEU A 26 -10.35 23.28 -21.46
N SER A 27 -10.43 22.68 -20.28
CA SER A 27 -9.53 21.60 -19.91
C SER A 27 -9.93 20.98 -18.58
N GLU A 28 -10.22 19.68 -18.60
CA GLU A 28 -10.63 18.97 -17.40
C GLU A 28 -11.93 19.52 -16.86
N ALA A 29 -12.74 18.64 -16.27
CA ALA A 29 -14.03 19.04 -15.71
C ALA A 29 -14.28 18.35 -14.37
N GLY A 30 -15.13 18.96 -13.55
CA GLY A 30 -15.45 18.39 -12.25
C GLY A 30 -16.78 17.67 -12.24
N SER A 31 -16.77 16.41 -11.82
CA SER A 31 -17.98 15.61 -11.77
C SER A 31 -17.83 14.45 -10.80
N ILE A 32 -16.70 13.76 -10.90
CA ILE A 32 -16.43 12.61 -10.03
C ILE A 32 -15.22 12.88 -9.14
N LYS A 33 -15.33 12.49 -7.87
CA LYS A 33 -14.25 12.69 -6.92
C LYS A 33 -13.82 11.36 -6.29
N LYS A 34 -12.67 11.37 -5.63
CA LYS A 34 -12.15 10.16 -4.99
C LYS A 34 -11.44 10.51 -3.69
N GLY A 35 -11.00 9.47 -2.98
CA GLY A 35 -10.31 9.69 -1.72
C GLY A 35 -10.06 8.38 -0.97
N GLU A 36 -9.51 7.40 -1.66
CA GLU A 36 -9.22 6.10 -1.06
C GLU A 36 -7.74 5.78 -1.18
N ARG A 37 -7.11 5.44 -0.05
CA ARG A 37 -5.71 5.10 -0.02
C ARG A 37 -5.29 4.56 1.35
N GLU A 38 -5.65 3.31 1.62
CA GLU A 38 -5.33 2.69 2.90
C GLU A 38 -4.30 1.56 2.71
N LEU A 39 -4.78 0.40 2.29
CA LEU A 39 -3.91 -0.75 2.07
C LEU A 39 -4.39 -1.59 0.88
N LYS A 40 -3.75 -2.72 0.67
CA LYS A 40 -4.11 -3.62 -0.44
C LYS A 40 -3.27 -4.89 -0.39
N ILE A 41 -3.87 -6.00 -0.78
CA ILE A 41 -3.18 -7.29 -0.78
C ILE A 41 -2.13 -7.33 -1.88
N GLY A 42 -0.86 -7.25 -1.49
CA GLY A 42 0.21 -7.29 -2.46
C GLY A 42 1.21 -6.15 -2.27
N ASP A 43 0.75 -5.07 -1.66
CA ASP A 43 1.61 -3.91 -1.43
C ASP A 43 2.29 -4.00 -0.06
N ARG A 44 3.58 -3.71 -0.02
CA ARG A 44 4.34 -3.75 1.22
C ARG A 44 3.92 -2.64 2.16
N VAL A 45 4.10 -2.85 3.46
CA VAL A 45 3.74 -1.85 4.46
C VAL A 45 4.69 -1.88 5.64
N LEU A 46 4.78 -0.76 6.35
CA LEU A 46 5.67 -0.66 7.52
C LEU A 46 4.87 -0.27 8.76
N VAL A 47 4.98 -1.09 9.81
CA VAL A 47 4.27 -0.82 11.05
C VAL A 47 5.26 -0.53 12.19
N GLY A 48 5.10 0.62 12.82
CA GLY A 48 5.98 1.00 13.91
C GLY A 48 7.21 1.74 13.44
N GLY A 49 7.91 1.16 12.47
CA GLY A 49 9.11 1.77 11.94
C GLY A 49 10.32 0.87 12.04
N THR A 50 10.11 -0.42 11.78
CA THR A 50 11.19 -1.40 11.83
C THR A 50 10.73 -2.75 11.28
N LYS A 51 9.52 -3.15 11.65
CA LYS A 51 8.95 -4.42 11.19
C LYS A 51 8.19 -4.22 9.89
N ALA A 52 8.65 -4.87 8.83
CA ALA A 52 8.00 -4.77 7.52
C ALA A 52 7.50 -6.13 7.06
N GLY A 53 6.59 -6.12 6.08
CA GLY A 53 6.04 -7.36 5.57
C GLY A 53 5.02 -7.13 4.47
N VAL A 54 4.66 -8.20 3.78
CA VAL A 54 3.68 -8.12 2.70
C VAL A 54 2.26 -8.38 3.22
N VAL A 55 1.29 -7.71 2.60
CA VAL A 55 -0.11 -7.87 2.99
C VAL A 55 -0.70 -9.16 2.42
N ARG A 56 -1.26 -9.98 3.30
CA ARG A 56 -1.85 -11.24 2.88
C ARG A 56 -3.36 -11.23 3.13
N PHE A 57 -3.78 -10.63 4.24
CA PHE A 57 -5.19 -10.56 4.59
C PHE A 57 -5.56 -9.14 5.05
N LEU A 58 -6.85 -8.83 5.00
CA LEU A 58 -7.33 -7.52 5.42
C LEU A 58 -8.82 -7.57 5.74
N GLY A 59 -9.15 -7.28 7.00
CA GLY A 59 -10.55 -7.30 7.41
C GLY A 59 -10.71 -7.08 8.91
N GLU A 60 -11.87 -7.44 9.43
CA GLU A 60 -12.14 -7.28 10.86
C GLU A 60 -11.44 -8.35 11.67
N THR A 61 -11.18 -8.05 12.95
CA THR A 61 -10.52 -9.00 13.83
C THR A 61 -11.49 -9.56 14.87
N ASP A 62 -10.97 -10.37 15.78
CA ASP A 62 -11.79 -10.97 16.84
C ASP A 62 -11.23 -10.64 18.22
N PHE A 63 -10.69 -9.43 18.35
CA PHE A 63 -10.13 -8.99 19.62
C PHE A 63 -10.18 -7.48 19.75
N ALA A 64 -9.78 -6.78 18.69
CA ALA A 64 -9.78 -5.32 18.68
C ALA A 64 -10.93 -4.78 17.82
N LYS A 65 -11.27 -3.51 18.05
CA LYS A 65 -12.35 -2.88 17.30
C LYS A 65 -11.81 -2.19 16.05
N GLY A 66 -12.71 -1.80 15.16
CA GLY A 66 -12.31 -1.13 13.94
C GLY A 66 -11.89 -2.11 12.86
N GLU A 67 -10.79 -1.80 12.19
CA GLU A 67 -10.29 -2.66 11.11
C GLU A 67 -8.78 -2.88 11.26
N TRP A 68 -8.37 -4.15 11.20
CA TRP A 68 -6.96 -4.49 11.34
C TRP A 68 -6.45 -5.20 10.08
N CYS A 69 -5.18 -4.96 9.74
CA CYS A 69 -4.58 -5.57 8.57
C CYS A 69 -3.71 -6.76 8.96
N GLY A 70 -4.03 -7.94 8.41
CA GLY A 70 -3.26 -9.12 8.72
C GLY A 70 -2.03 -9.27 7.84
N VAL A 71 -0.97 -8.55 8.20
CA VAL A 71 0.27 -8.59 7.45
C VAL A 71 1.16 -9.73 7.94
N GLU A 72 1.74 -10.46 7.00
CA GLU A 72 2.62 -11.58 7.33
C GLU A 72 4.09 -11.16 7.22
N LEU A 73 4.77 -11.12 8.36
CA LEU A 73 6.17 -10.74 8.41
C LEU A 73 7.06 -11.85 7.85
N ASP A 74 8.15 -11.47 7.21
CA ASP A 74 9.08 -12.44 6.63
C ASP A 74 10.26 -12.67 7.57
N GLU A 75 10.01 -12.60 8.87
CA GLU A 75 11.06 -12.82 9.87
C GLU A 75 10.46 -13.30 11.19
N PRO A 76 11.28 -13.92 12.05
CA PRO A 76 10.84 -14.43 13.35
C PRO A 76 10.51 -13.30 14.32
N LEU A 77 9.51 -12.50 13.97
CA LEU A 77 9.09 -11.39 14.82
C LEU A 77 7.63 -11.52 15.24
N GLY A 78 6.80 -12.02 14.33
CA GLY A 78 5.40 -12.20 14.63
C GLY A 78 5.16 -13.05 15.86
N LYS A 79 3.89 -13.29 16.17
CA LYS A 79 3.53 -14.10 17.34
C LYS A 79 2.56 -15.20 16.95
N ASN A 80 1.55 -14.85 16.16
CA ASN A 80 0.54 -15.82 15.72
C ASN A 80 0.80 -16.25 14.28
N ASP A 81 0.46 -17.50 13.98
CA ASP A 81 0.65 -18.04 12.64
C ASP A 81 -0.59 -17.83 11.78
N GLY A 82 -1.08 -16.60 11.74
CA GLY A 82 -2.26 -16.28 10.96
C GLY A 82 -3.54 -16.31 11.79
N ALA A 83 -3.61 -17.25 12.73
CA ALA A 83 -4.77 -17.38 13.58
C ALA A 83 -4.63 -16.55 14.85
N VAL A 84 -5.64 -15.75 15.15
CA VAL A 84 -5.62 -14.89 16.33
C VAL A 84 -6.88 -15.08 17.16
N ALA A 85 -6.71 -15.31 18.45
CA ALA A 85 -7.83 -15.51 19.36
C ALA A 85 -8.73 -16.65 18.90
N GLY A 86 -8.13 -17.62 18.19
CA GLY A 86 -8.89 -18.75 17.70
C GLY A 86 -9.35 -18.57 16.28
N THR A 87 -9.54 -17.32 15.87
CA THR A 87 -10.00 -17.01 14.52
C THR A 87 -8.85 -17.16 13.53
N ARG A 88 -9.13 -17.78 12.38
CA ARG A 88 -8.13 -17.99 11.35
C ARG A 88 -8.21 -16.90 10.28
N TYR A 89 -7.08 -16.61 9.64
CA TYR A 89 -7.02 -15.59 8.60
C TYR A 89 -6.16 -16.06 7.43
N PHE A 90 -4.86 -16.19 7.67
CA PHE A 90 -3.93 -16.62 6.63
C PHE A 90 -2.95 -17.65 7.18
N GLN A 91 -3.11 -18.89 6.77
CA GLN A 91 -2.24 -19.97 7.23
C GLN A 91 -0.79 -19.70 6.82
N CYS A 92 0.10 -19.69 7.82
CA CYS A 92 1.51 -19.44 7.58
C CYS A 92 2.37 -20.13 8.64
N GLN A 93 3.69 -19.96 8.50
CA GLN A 93 4.62 -20.57 9.45
C GLN A 93 4.63 -19.80 10.77
N PRO A 94 4.85 -20.50 11.90
CA PRO A 94 4.88 -19.89 13.23
C PRO A 94 5.88 -18.73 13.30
N LYS A 95 5.55 -17.74 14.13
CA LYS A 95 6.43 -16.58 14.29
C LYS A 95 6.65 -15.87 12.95
N TYR A 96 5.59 -15.34 12.37
CA TYR A 96 5.67 -14.65 11.10
C TYR A 96 4.46 -13.75 10.88
N GLY A 97 3.27 -14.30 11.14
CA GLY A 97 2.05 -13.54 10.97
C GLY A 97 1.87 -12.47 12.03
N LEU A 98 1.54 -11.25 11.60
CA LEU A 98 1.35 -10.14 12.52
C LEU A 98 0.10 -9.34 12.15
N PHE A 99 -0.51 -8.71 13.16
CA PHE A 99 -1.71 -7.91 12.93
C PHE A 99 -1.52 -6.50 13.45
N ALA A 100 -2.10 -5.53 12.75
CA ALA A 100 -1.99 -4.12 13.14
C ALA A 100 -3.11 -3.29 12.51
N PRO A 101 -3.60 -2.27 13.23
CA PRO A 101 -4.67 -1.39 12.73
C PRO A 101 -4.28 -0.71 11.42
N VAL A 102 -5.24 -0.65 10.48
CA VAL A 102 -4.99 -0.02 9.19
C VAL A 102 -4.44 1.39 9.36
N HIS A 103 -5.09 2.18 10.19
CA HIS A 103 -4.65 3.56 10.44
C HIS A 103 -3.22 3.59 10.96
N LYS A 104 -2.81 2.51 11.63
CA LYS A 104 -1.46 2.41 12.16
C LYS A 104 -0.48 1.93 11.09
N VAL A 105 -1.01 1.20 10.10
CA VAL A 105 -0.19 0.68 9.02
C VAL A 105 0.19 1.79 8.04
N THR A 106 1.42 1.76 7.55
CA THR A 106 1.90 2.75 6.60
C THR A 106 2.33 2.09 5.29
N LYS A 107 1.96 2.70 4.18
CA LYS A 107 2.31 2.17 2.86
C LYS A 107 3.68 2.68 2.42
N ILE A 108 4.52 1.78 1.93
CA ILE A 108 5.85 2.15 1.47
C ILE A 108 5.89 2.30 -0.05
N GLY A 109 6.54 3.35 -0.51
CA GLY A 109 6.64 3.60 -1.95
C GLY A 109 7.49 4.80 -2.28
N PHE A 110 7.32 5.34 -3.47
CA PHE A 110 8.09 6.50 -3.92
C PHE A 110 7.17 7.70 -4.16
N PRO A 111 6.86 8.46 -3.09
CA PRO A 111 5.99 9.64 -3.19
C PRO A 111 6.47 10.62 -4.26
N SER A 112 7.77 10.63 -4.50
CA SER A 112 8.35 11.52 -5.50
C SER A 112 8.08 11.01 -6.91
N THR A 113 8.68 11.67 -7.89
CA THR A 113 8.51 11.28 -9.30
C THR A 113 7.05 11.45 -9.72
N THR A 114 6.83 12.29 -10.73
CA THR A 114 5.47 12.54 -11.21
C THR A 114 5.11 11.56 -12.33
N PRO A 115 3.83 11.15 -12.41
CA PRO A 115 3.36 10.21 -13.44
C PRO A 115 3.31 10.85 -14.83
N ALA A 116 4.46 11.25 -15.33
CA ALA A 116 4.55 11.88 -16.65
C ALA A 116 3.64 13.10 -16.73
N LYS A 117 4.23 14.28 -16.58
CA LYS A 117 3.47 15.52 -16.64
C LYS A 117 4.28 16.63 -17.33
N ALA A 118 5.51 16.80 -16.87
CA ALA A 118 6.39 17.83 -17.45
C ALA A 118 7.84 17.35 -17.44
N LYS A 119 8.71 18.14 -18.07
CA LYS A 119 10.13 17.81 -18.14
C LYS A 119 10.98 18.91 -17.51
N ALA A 120 10.67 20.16 -17.85
CA ALA A 120 11.41 21.30 -17.32
C ALA A 120 10.62 21.99 -16.22
N ASN A 121 9.99 21.19 -15.35
CA ASN A 121 9.21 21.73 -14.25
C ASN A 121 8.06 22.58 -14.76
N ALA A 122 6.91 21.95 -14.98
CA ALA A 122 5.73 22.65 -15.47
C ALA A 122 4.46 21.85 -15.19
N VAL A 123 3.33 22.55 -15.16
CA VAL A 123 2.04 21.91 -14.91
C VAL A 123 1.20 21.85 -16.19
N ARG A 124 1.37 22.84 -17.05
CA ARG A 124 0.63 22.90 -18.30
C ARG A 124 1.45 22.32 -19.45
N ARG A 125 1.09 21.11 -19.85
CA ARG A 125 1.79 20.42 -20.94
C ARG A 125 0.82 19.62 -21.79
N VAL A 126 -0.03 18.83 -21.12
CA VAL A 126 -1.02 18.01 -21.82
C VAL A 126 -2.10 18.87 -22.45
N MET A 127 -2.30 18.69 -23.76
CA MET A 127 -3.31 19.45 -24.49
C MET A 127 -4.19 18.53 -25.31
N ALA A 128 -5.51 18.72 -25.22
CA ALA A 128 -6.46 17.90 -25.95
C ALA A 128 -7.19 18.74 -27.01
N THR A 129 -6.48 19.11 -28.06
CA THR A 129 -7.07 19.90 -29.13
C THR A 129 -7.58 21.24 -28.60
N THR A 130 -6.76 22.27 -28.73
CA THR A 130 -7.14 23.60 -28.27
C THR A 130 -8.33 24.14 -29.06
N SER A 131 -9.36 24.56 -28.33
CA SER A 131 -10.57 25.10 -28.96
C SER A 131 -10.29 26.46 -29.59
N ALA A 132 -9.76 26.46 -30.81
CA ALA A 132 -9.46 27.70 -31.52
C ALA A 132 -9.91 27.62 -32.98
N SER A 133 -11.09 28.18 -33.25
CA SER A 133 -11.63 28.18 -34.60
C SER A 133 -11.84 26.75 -35.10
N LEU A 134 -12.72 26.61 -36.09
CA LEU A 134 -13.01 25.30 -36.66
C LEU A 134 -13.47 25.42 -38.11
N LYS A 135 -12.66 24.88 -39.02
CA LYS A 135 -12.98 24.93 -40.44
C LYS A 135 -12.70 23.58 -41.11
N ARG A 136 -13.52 23.24 -42.11
CA ARG A 136 -13.35 21.98 -42.83
C ARG A 136 -12.13 22.03 -43.73
N SER A 137 -11.82 23.21 -44.24
CA SER A 137 -10.67 23.39 -45.13
C SER A 137 -9.96 24.71 -44.84
N PRO A 138 -8.96 24.71 -43.95
CA PRO A 138 -8.20 25.92 -43.60
C PRO A 138 -7.67 26.64 -44.82
N SER A 139 -6.95 27.73 -44.58
CA SER A 139 -6.38 28.53 -45.68
C SER A 139 -5.09 29.22 -45.24
N ALA A 140 -4.38 29.79 -46.20
CA ALA A 140 -3.13 30.48 -45.91
C ALA A 140 -2.57 31.15 -47.16
N SER A 141 -2.15 30.34 -48.13
CA SER A 141 -1.60 30.86 -49.37
C SER A 141 -0.36 31.71 -49.11
N SER A 142 0.19 32.29 -50.17
CA SER A 142 1.38 33.12 -50.06
C SER A 142 1.32 34.30 -51.04
N LEU A 143 1.82 35.45 -50.60
CA LEU A 143 1.82 36.64 -51.43
C LEU A 143 2.96 37.58 -51.04
N SER A 144 3.92 37.75 -51.95
CA SER A 144 5.06 38.62 -51.70
C SER A 144 5.12 39.75 -52.73
N SER A 145 5.82 40.82 -52.38
CA SER A 145 5.95 41.97 -53.26
C SER A 145 7.41 42.42 -53.34
N MET A 146 8.04 42.57 -52.18
CA MET A 146 9.43 42.99 -52.12
C MET A 146 10.05 42.63 -50.77
N SER A 147 9.55 43.27 -49.71
CA SER A 147 10.05 43.02 -48.37
C SER A 147 9.10 43.59 -47.32
N SER A 148 9.31 43.20 -46.06
CA SER A 148 8.47 43.67 -44.96
C SER A 148 9.16 44.78 -44.18
N VAL A 149 10.33 44.47 -43.64
CA VAL A 149 11.10 45.44 -42.87
C VAL A 149 12.09 46.19 -43.75
N ALA A 150 11.57 46.78 -44.83
CA ALA A 150 12.42 47.52 -45.77
C ALA A 150 12.35 49.02 -45.48
N SER A 151 11.20 49.62 -45.75
CA SER A 151 11.01 51.05 -45.53
C SER A 151 12.00 51.86 -46.34
N SER A 152 11.64 52.17 -47.58
CA SER A 152 12.51 52.95 -48.46
C SER A 152 12.36 54.44 -48.19
N VAL A 153 11.14 54.94 -48.28
CA VAL A 153 10.86 56.35 -48.04
C VAL A 153 9.79 56.53 -46.97
N SER A 154 10.04 57.43 -46.03
CA SER A 154 9.09 57.70 -44.95
C SER A 154 9.36 59.06 -44.31
N SER A 155 8.60 60.06 -44.72
CA SER A 155 8.76 61.41 -44.19
C SER A 155 7.44 62.18 -44.26
N ARG A 156 6.85 62.21 -45.45
CA ARG A 156 5.59 62.91 -45.67
C ARG A 156 4.58 62.01 -46.40
N PRO A 157 3.31 62.05 -45.98
CA PRO A 157 2.26 61.23 -46.60
C PRO A 157 1.85 61.76 -47.97
N SER A 158 2.21 63.01 -48.27
CA SER A 158 1.86 63.63 -49.54
C SER A 158 3.12 63.96 -50.33
N ARG A 159 4.01 64.76 -49.74
CA ARG A 159 5.24 65.16 -50.39
C ARG A 159 6.36 64.15 -50.12
N THR A 160 7.47 64.31 -50.85
CA THR A 160 8.60 63.42 -50.69
C THR A 160 9.77 63.87 -51.57
N GLY A 161 10.47 64.92 -51.14
CA GLY A 161 11.59 65.42 -51.90
C GLY A 161 11.48 66.92 -52.17
N LEU A 162 12.44 67.67 -51.65
CA LEU A 162 12.45 69.12 -51.83
C LEU A 162 13.56 69.54 -52.81
N LEU A 163 13.33 69.28 -54.09
CA LEU A 163 14.30 69.63 -55.12
C LEU A 163 13.76 70.75 -56.01
N THR A 164 12.45 70.79 -56.19
CA THR A 164 11.81 71.80 -57.01
C THR A 164 12.29 71.71 -58.45
N GLU A 165 11.54 70.98 -59.28
CA GLU A 165 11.88 70.81 -60.69
C GLU A 165 11.37 71.97 -61.51
N THR A 166 12.20 73.01 -61.67
CA THR A 166 11.82 74.18 -62.45
C THR A 166 11.79 73.87 -63.93
N SER A 167 10.72 73.22 -64.38
CA SER A 167 10.57 72.87 -65.78
C SER A 167 9.29 73.46 -66.37
N GLY A 168 9.40 74.00 -67.58
CA GLY A 168 8.24 74.60 -68.22
C GLY A 168 8.62 75.63 -69.26
N PRO A 169 9.01 75.19 -70.47
CA PRO A 169 9.42 76.10 -71.55
C PRO A 169 8.27 77.00 -72.01
N SER A 170 7.91 77.98 -71.19
CA SER A 170 6.83 78.91 -71.50
C SER A 170 6.64 79.92 -70.38
N SER A 171 7.74 80.38 -69.80
CA SER A 171 7.69 81.35 -68.72
C SER A 171 7.84 82.76 -69.26
N GLY A 172 7.09 83.70 -68.67
CA GLY A 172 7.16 85.08 -69.11
C GLY A 172 5.80 85.75 -69.14
N GLY A 1 -51.57 17.12 10.20
CA GLY A 1 -51.23 16.93 11.63
C GLY A 1 -50.47 15.64 11.89
N SER A 2 -49.18 15.64 11.56
CA SER A 2 -48.34 14.47 11.75
C SER A 2 -48.21 14.13 13.24
N SER A 3 -48.29 12.85 13.56
CA SER A 3 -48.18 12.39 14.94
C SER A 3 -46.93 11.55 15.14
N GLY A 4 -46.89 10.39 14.49
CA GLY A 4 -45.74 9.51 14.61
C GLY A 4 -45.06 9.25 13.27
N SER A 5 -44.20 8.25 13.24
CA SER A 5 -43.48 7.90 12.02
C SER A 5 -43.28 6.40 11.91
N SER A 6 -42.64 5.82 12.92
CA SER A 6 -42.39 4.39 12.94
C SER A 6 -41.71 3.97 14.24
N GLY A 7 -42.03 2.77 14.71
CA GLY A 7 -41.44 2.27 15.95
C GLY A 7 -42.47 1.63 16.85
N ALA A 8 -42.01 1.00 17.93
CA ALA A 8 -42.89 0.35 18.88
C ALA A 8 -42.36 0.47 20.30
N THR A 9 -43.26 0.43 21.27
CA THR A 9 -42.88 0.52 22.68
C THR A 9 -43.36 -0.70 23.46
N PRO A 10 -42.42 -1.54 23.93
CA PRO A 10 -42.76 -2.76 24.68
C PRO A 10 -43.34 -2.43 26.06
N PRO A 11 -43.90 -3.44 26.75
CA PRO A 11 -44.50 -3.25 28.08
C PRO A 11 -43.45 -2.98 29.14
N ILE A 12 -42.36 -3.75 29.12
CA ILE A 12 -41.29 -3.59 30.09
C ILE A 12 -39.93 -3.77 29.42
N SER A 13 -38.86 -3.58 30.20
CA SER A 13 -37.50 -3.72 29.69
C SER A 13 -36.53 -4.00 30.83
N ASN A 14 -35.38 -4.58 30.47
CA ASN A 14 -34.35 -4.90 31.46
C ASN A 14 -32.99 -5.03 30.80
N LEU A 15 -32.91 -5.86 29.76
CA LEU A 15 -31.66 -6.07 29.04
C LEU A 15 -31.55 -5.13 27.85
N THR A 16 -30.80 -4.06 28.01
CA THR A 16 -30.62 -3.09 26.93
C THR A 16 -29.25 -2.41 27.04
N LYS A 17 -28.37 -2.71 26.09
CA LYS A 17 -27.03 -2.13 26.08
C LYS A 17 -27.07 -0.70 25.55
N THR A 18 -27.03 0.26 26.46
CA THR A 18 -27.06 1.68 26.09
C THR A 18 -25.66 2.27 26.08
N ALA A 19 -25.11 2.47 24.88
CA ALA A 19 -23.77 3.02 24.73
C ALA A 19 -23.61 3.72 23.39
N SER A 20 -23.66 5.04 23.40
CA SER A 20 -23.51 5.82 22.18
C SER A 20 -22.14 6.49 22.12
N GLU A 21 -21.10 5.67 22.14
CA GLU A 21 -19.73 6.18 22.08
C GLU A 21 -18.83 5.26 21.26
N SER A 22 -18.41 5.73 20.10
CA SER A 22 -17.57 4.95 19.21
C SER A 22 -16.12 4.93 19.72
N ILE A 23 -15.72 3.80 20.30
CA ILE A 23 -14.37 3.65 20.83
C ILE A 23 -14.16 4.53 22.06
N SER A 24 -14.18 5.84 21.86
CA SER A 24 -14.00 6.78 22.96
C SER A 24 -14.55 8.16 22.59
N ASN A 25 -14.20 8.63 21.40
CA ASN A 25 -14.66 9.93 20.93
C ASN A 25 -14.95 9.90 19.44
N LEU A 26 -15.88 10.75 19.00
CA LEU A 26 -16.24 10.82 17.58
C LEU A 26 -15.42 11.89 16.86
N SER A 27 -15.77 13.14 17.10
CA SER A 27 -15.07 14.26 16.48
C SER A 27 -15.17 14.18 14.95
N GLU A 28 -16.34 13.81 14.46
CA GLU A 28 -16.58 13.70 13.03
C GLU A 28 -17.24 14.96 12.49
N ALA A 29 -16.95 15.28 11.23
CA ALA A 29 -17.52 16.47 10.59
C ALA A 29 -18.05 16.14 9.20
N GLY A 30 -18.60 14.94 9.05
CA GLY A 30 -19.13 14.53 7.76
C GLY A 30 -18.05 14.26 6.74
N SER A 31 -18.11 13.11 6.09
CA SER A 31 -17.13 12.74 5.08
C SER A 31 -17.80 12.24 3.81
N ILE A 32 -17.31 12.69 2.66
CA ILE A 32 -17.87 12.29 1.38
C ILE A 32 -17.19 11.03 0.86
N LYS A 33 -15.93 10.83 1.23
CA LYS A 33 -15.18 9.66 0.80
C LYS A 33 -14.05 9.35 1.77
N LYS A 34 -13.34 8.25 1.53
CA LYS A 34 -12.23 7.84 2.38
C LYS A 34 -11.43 6.72 1.73
N GLY A 35 -12.13 5.74 1.17
CA GLY A 35 -11.47 4.62 0.53
C GLY A 35 -11.43 3.38 1.39
N GLU A 36 -12.03 2.30 0.91
CA GLU A 36 -12.07 1.04 1.65
C GLU A 36 -11.49 -0.09 0.81
N ARG A 37 -10.52 0.23 -0.04
CA ARG A 37 -9.88 -0.76 -0.89
C ARG A 37 -8.55 -0.24 -1.43
N GLU A 38 -7.89 0.60 -0.65
CA GLU A 38 -6.62 1.16 -1.04
C GLU A 38 -5.53 0.10 -1.04
N LEU A 39 -5.36 -0.58 0.10
CA LEU A 39 -4.36 -1.62 0.23
C LEU A 39 -4.73 -2.85 -0.59
N LYS A 40 -3.85 -3.85 -0.61
CA LYS A 40 -4.09 -5.07 -1.35
C LYS A 40 -3.26 -6.22 -0.78
N ILE A 41 -3.79 -7.44 -0.91
CA ILE A 41 -3.09 -8.62 -0.40
C ILE A 41 -1.86 -8.93 -1.25
N GLY A 42 -0.75 -8.27 -0.95
CA GLY A 42 0.47 -8.48 -1.69
C GLY A 42 1.43 -7.31 -1.59
N ASP A 43 0.88 -6.12 -1.41
CA ASP A 43 1.69 -4.92 -1.30
C ASP A 43 2.65 -5.01 -0.11
N ARG A 44 3.50 -3.99 0.04
CA ARG A 44 4.46 -3.96 1.14
C ARG A 44 4.15 -2.83 2.10
N VAL A 45 3.85 -3.18 3.35
CA VAL A 45 3.52 -2.19 4.37
C VAL A 45 4.43 -2.36 5.60
N LEU A 46 4.98 -1.25 6.07
CA LEU A 46 5.86 -1.26 7.23
C LEU A 46 5.23 -0.52 8.40
N VAL A 47 5.54 -0.94 9.62
CA VAL A 47 5.01 -0.31 10.82
C VAL A 47 6.13 -0.04 11.83
N GLY A 48 6.07 1.14 12.45
CA GLY A 48 7.08 1.50 13.43
C GLY A 48 8.31 2.10 12.78
N GLY A 49 8.92 1.36 11.86
CA GLY A 49 10.12 1.85 11.19
C GLY A 49 11.26 0.85 11.23
N THR A 50 10.92 -0.43 11.09
CA THR A 50 11.92 -1.50 11.12
C THR A 50 11.30 -2.84 10.73
N LYS A 51 10.10 -3.10 11.25
CA LYS A 51 9.40 -4.34 10.95
C LYS A 51 8.54 -4.20 9.69
N ALA A 52 8.91 -4.93 8.64
CA ALA A 52 8.18 -4.88 7.39
C ALA A 52 7.51 -6.22 7.10
N GLY A 53 6.49 -6.20 6.24
CA GLY A 53 5.78 -7.41 5.90
C GLY A 53 4.87 -7.23 4.70
N VAL A 54 4.26 -8.32 4.26
CA VAL A 54 3.35 -8.28 3.11
C VAL A 54 1.91 -8.49 3.55
N VAL A 55 1.01 -7.67 3.03
CA VAL A 55 -0.41 -7.76 3.36
C VAL A 55 -0.98 -9.11 2.95
N ARG A 56 -1.38 -9.91 3.93
CA ARG A 56 -1.94 -11.23 3.67
C ARG A 56 -3.46 -11.22 3.83
N PHE A 57 -3.91 -10.74 4.98
CA PHE A 57 -5.35 -10.68 5.27
C PHE A 57 -5.79 -9.22 5.47
N LEU A 58 -7.03 -8.94 5.09
CA LEU A 58 -7.58 -7.59 5.22
C LEU A 58 -9.04 -7.64 5.63
N GLY A 59 -9.35 -7.09 6.80
CA GLY A 59 -10.72 -7.08 7.28
C GLY A 59 -10.84 -6.54 8.70
N GLU A 60 -11.43 -7.32 9.59
CA GLU A 60 -11.59 -6.92 10.98
C GLU A 60 -11.11 -8.01 11.93
N THR A 61 -10.49 -7.60 13.03
CA THR A 61 -9.98 -8.54 14.02
C THR A 61 -11.09 -8.99 14.96
N ASP A 62 -10.77 -9.96 15.82
CA ASP A 62 -11.74 -10.48 16.78
C ASP A 62 -11.30 -10.20 18.21
N PHE A 63 -10.57 -9.10 18.40
CA PHE A 63 -10.08 -8.73 19.72
C PHE A 63 -10.12 -7.21 19.91
N ALA A 64 -9.63 -6.49 18.90
CA ALA A 64 -9.59 -5.04 18.96
C ALA A 64 -10.59 -4.43 17.97
N LYS A 65 -11.33 -3.43 18.41
CA LYS A 65 -12.31 -2.77 17.57
C LYS A 65 -11.63 -2.05 16.41
N GLY A 66 -12.42 -1.57 15.45
CA GLY A 66 -11.88 -0.88 14.31
C GLY A 66 -11.34 -1.83 13.25
N GLU A 67 -10.79 -1.27 12.18
CA GLU A 67 -10.23 -2.09 11.11
C GLU A 67 -8.78 -2.46 11.40
N TRP A 68 -8.42 -3.70 11.07
CA TRP A 68 -7.06 -4.18 11.30
C TRP A 68 -6.53 -4.92 10.08
N CYS A 69 -5.44 -4.43 9.51
CA CYS A 69 -4.84 -5.06 8.34
C CYS A 69 -3.84 -6.15 8.75
N GLY A 70 -4.17 -7.39 8.42
CA GLY A 70 -3.30 -8.50 8.75
C GLY A 70 -2.12 -8.62 7.82
N VAL A 71 -0.98 -8.10 8.25
CA VAL A 71 0.23 -8.15 7.43
C VAL A 71 1.23 -9.17 7.98
N GLU A 72 1.87 -9.91 7.09
CA GLU A 72 2.85 -10.92 7.48
C GLU A 72 4.26 -10.37 7.39
N LEU A 73 4.98 -10.41 8.51
CA LEU A 73 6.35 -9.91 8.56
C LEU A 73 7.30 -10.84 7.81
N ASP A 74 8.32 -10.27 7.20
CA ASP A 74 9.30 -11.05 6.45
C ASP A 74 10.27 -11.77 7.39
N GLU A 75 10.60 -11.11 8.50
CA GLU A 75 11.51 -11.68 9.48
C GLU A 75 10.74 -12.31 10.64
N PRO A 76 11.40 -13.18 11.42
CA PRO A 76 10.78 -13.85 12.58
C PRO A 76 10.45 -12.88 13.70
N LEU A 77 9.35 -12.16 13.56
CA LEU A 77 8.93 -11.20 14.58
C LEU A 77 7.41 -11.11 14.66
N GLY A 78 6.75 -12.25 14.41
CA GLY A 78 5.30 -12.28 14.46
C GLY A 78 4.77 -12.76 15.80
N LYS A 79 3.46 -12.67 15.99
CA LYS A 79 2.84 -13.10 17.23
C LYS A 79 2.09 -14.42 17.04
N ASN A 80 1.51 -14.59 15.86
CA ASN A 80 0.76 -15.81 15.55
C ASN A 80 1.12 -16.34 14.16
N ASP A 81 0.67 -17.55 13.86
CA ASP A 81 0.95 -18.17 12.57
C ASP A 81 -0.23 -18.01 11.63
N GLY A 82 -0.94 -16.89 11.76
CA GLY A 82 -2.08 -16.63 10.90
C GLY A 82 -3.41 -16.86 11.62
N ALA A 83 -3.39 -17.69 12.65
CA ALA A 83 -4.60 -17.98 13.42
C ALA A 83 -4.58 -17.27 14.76
N VAL A 84 -5.75 -16.81 15.20
CA VAL A 84 -5.87 -16.11 16.47
C VAL A 84 -7.02 -16.67 17.30
N ALA A 85 -6.68 -17.49 18.30
CA ALA A 85 -7.68 -18.09 19.17
C ALA A 85 -8.66 -18.93 18.37
N GLY A 86 -8.19 -19.49 17.26
CA GLY A 86 -9.04 -20.32 16.42
C GLY A 86 -9.43 -19.63 15.12
N THR A 87 -9.49 -18.31 15.16
CA THR A 87 -9.85 -17.53 13.98
C THR A 87 -8.75 -17.60 12.92
N ARG A 88 -9.08 -18.20 11.78
CA ARG A 88 -8.12 -18.33 10.69
C ARG A 88 -8.18 -17.13 9.76
N TYR A 89 -7.02 -16.55 9.47
CA TYR A 89 -6.93 -15.40 8.60
C TYR A 89 -6.11 -15.71 7.35
N PHE A 90 -4.88 -16.15 7.56
CA PHE A 90 -3.99 -16.49 6.46
C PHE A 90 -3.01 -17.59 6.85
N GLN A 91 -3.05 -18.70 6.12
CA GLN A 91 -2.17 -19.83 6.40
C GLN A 91 -0.72 -19.49 6.06
N CYS A 92 0.10 -19.30 7.09
CA CYS A 92 1.51 -18.97 6.90
C CYS A 92 2.35 -19.52 8.04
N GLN A 93 3.67 -19.44 7.88
CA GLN A 93 4.59 -19.92 8.91
C GLN A 93 4.52 -19.05 10.17
N PRO A 94 4.56 -19.68 11.35
CA PRO A 94 4.49 -18.94 12.63
C PRO A 94 5.60 -17.89 12.75
N LYS A 95 5.44 -16.98 13.70
CA LYS A 95 6.41 -15.92 13.92
C LYS A 95 6.56 -15.03 12.69
N TYR A 96 5.45 -14.85 11.97
CA TYR A 96 5.46 -14.03 10.77
C TYR A 96 4.15 -13.24 10.65
N GLY A 97 3.03 -13.94 10.82
CA GLY A 97 1.74 -13.29 10.73
C GLY A 97 1.51 -12.28 11.84
N LEU A 98 1.30 -11.02 11.48
CA LEU A 98 1.06 -9.97 12.45
C LEU A 98 -0.16 -9.15 12.08
N PHE A 99 -0.82 -8.59 13.10
CA PHE A 99 -2.01 -7.78 12.87
C PHE A 99 -1.85 -6.39 13.50
N ALA A 100 -2.26 -5.36 12.77
CA ALA A 100 -2.16 -3.99 13.24
C ALA A 100 -3.25 -3.12 12.63
N PRO A 101 -3.59 -2.00 13.30
CA PRO A 101 -4.62 -1.08 12.82
C PRO A 101 -4.26 -0.47 11.47
N VAL A 102 -5.22 -0.43 10.55
CA VAL A 102 -5.00 0.12 9.23
C VAL A 102 -4.42 1.53 9.30
N HIS A 103 -5.04 2.37 10.13
CA HIS A 103 -4.57 3.74 10.30
C HIS A 103 -3.12 3.78 10.74
N LYS A 104 -2.69 2.74 11.45
CA LYS A 104 -1.32 2.65 11.94
C LYS A 104 -0.39 2.12 10.85
N VAL A 105 -0.95 1.35 9.91
CA VAL A 105 -0.17 0.79 8.82
C VAL A 105 0.30 1.87 7.85
N THR A 106 1.57 1.80 7.46
CA THR A 106 2.13 2.77 6.54
C THR A 106 2.66 2.09 5.28
N LYS A 107 2.27 2.61 4.12
CA LYS A 107 2.70 2.06 2.85
C LYS A 107 4.11 2.52 2.49
N ILE A 108 5.06 1.59 2.49
CA ILE A 108 6.45 1.91 2.17
C ILE A 108 6.57 2.46 0.76
N GLY A 109 6.21 1.63 -0.22
CA GLY A 109 6.29 2.04 -1.60
C GLY A 109 7.71 2.04 -2.13
N PHE A 110 8.55 2.92 -1.59
CA PHE A 110 9.94 3.01 -2.00
C PHE A 110 10.88 2.87 -0.81
N PRO A 111 11.99 2.14 -0.98
CA PRO A 111 12.97 1.93 0.09
C PRO A 111 13.81 3.17 0.36
N SER A 112 13.38 3.99 1.30
CA SER A 112 14.11 5.21 1.65
C SER A 112 13.76 5.67 3.06
N THR A 113 14.42 5.07 4.05
CA THR A 113 14.18 5.42 5.44
C THR A 113 15.49 5.52 6.21
N THR A 114 16.22 6.61 6.00
CA THR A 114 17.49 6.83 6.67
C THR A 114 17.29 7.43 8.06
N PRO A 115 18.12 7.05 9.04
CA PRO A 115 18.02 7.56 10.40
C PRO A 115 18.45 9.01 10.51
N ALA A 116 19.44 9.40 9.73
CA ALA A 116 19.95 10.77 9.74
C ALA A 116 20.57 11.11 11.08
N LYS A 117 21.91 11.12 11.12
CA LYS A 117 22.63 11.44 12.35
C LYS A 117 23.79 12.39 12.06
N ALA A 118 23.50 13.46 11.33
CA ALA A 118 24.52 14.44 10.98
C ALA A 118 23.88 15.80 10.66
N LYS A 119 24.66 16.87 10.85
CA LYS A 119 24.18 18.21 10.59
C LYS A 119 22.97 18.54 11.45
N ALA A 120 23.22 19.17 12.60
CA ALA A 120 22.16 19.54 13.52
C ALA A 120 21.39 18.31 13.99
N ASN A 121 22.09 17.19 14.08
CA ASN A 121 21.47 15.94 14.53
C ASN A 121 22.50 15.03 15.20
N ALA A 122 22.28 14.73 16.47
CA ALA A 122 23.18 13.88 17.23
C ALA A 122 24.56 14.52 17.35
N VAL A 123 25.19 14.34 18.51
CA VAL A 123 26.52 14.89 18.76
C VAL A 123 27.52 13.80 19.09
N ARG A 124 27.10 12.83 19.88
CA ARG A 124 27.97 11.72 20.27
C ARG A 124 28.01 10.66 19.17
N ARG A 125 26.91 10.53 18.42
CA ARG A 125 26.83 9.57 17.33
C ARG A 125 26.96 8.14 17.87
N VAL A 126 26.40 7.19 17.15
CA VAL A 126 26.46 5.79 17.55
C VAL A 126 27.59 5.05 16.83
N MET A 127 28.30 4.22 17.57
CA MET A 127 29.41 3.44 17.00
C MET A 127 29.70 2.21 17.85
N ALA A 128 30.19 2.44 19.07
CA ALA A 128 30.51 1.35 19.97
C ALA A 128 30.38 1.78 21.42
N THR A 129 29.66 0.98 22.22
CA THR A 129 29.46 1.29 23.62
C THR A 129 30.37 0.44 24.50
N THR A 130 30.85 1.02 25.60
CA THR A 130 31.72 0.31 26.53
C THR A 130 31.11 0.25 27.92
N SER A 131 30.72 1.41 28.43
CA SER A 131 30.11 1.49 29.76
C SER A 131 31.07 0.95 30.83
N ALA A 132 30.57 0.82 32.05
CA ALA A 132 31.38 0.34 33.16
C ALA A 132 30.49 -0.15 34.31
N SER A 133 30.79 -1.34 34.82
CA SER A 133 30.02 -1.91 35.91
C SER A 133 30.53 -1.40 37.26
N LEU A 134 29.89 -0.36 37.78
CA LEU A 134 30.29 0.23 39.05
C LEU A 134 29.06 0.60 39.88
N LYS A 135 28.57 -0.37 40.65
CA LYS A 135 27.40 -0.15 41.49
C LYS A 135 26.18 0.25 40.65
N ARG A 136 25.42 -0.75 40.22
CA ARG A 136 24.23 -0.51 39.41
C ARG A 136 22.96 -0.74 40.22
N SER A 137 21.81 -0.56 39.58
CA SER A 137 20.53 -0.74 40.24
C SER A 137 19.48 -1.25 39.26
N PRO A 138 19.38 -2.57 39.08
CA PRO A 138 18.42 -3.18 38.16
C PRO A 138 16.99 -2.70 38.42
N SER A 139 16.51 -1.81 37.55
CA SER A 139 15.16 -1.26 37.67
C SER A 139 14.54 -1.03 36.30
N ALA A 140 13.51 -1.79 36.00
CA ALA A 140 12.82 -1.68 34.72
C ALA A 140 11.31 -1.80 34.89
N SER A 141 10.58 -0.97 34.15
CA SER A 141 9.12 -0.99 34.23
C SER A 141 8.54 -2.07 33.32
N SER A 142 7.86 -3.05 33.94
CA SER A 142 7.26 -4.15 33.19
C SER A 142 8.33 -4.98 32.49
N LEU A 143 8.33 -6.28 32.76
CA LEU A 143 9.30 -7.19 32.16
C LEU A 143 10.73 -6.79 32.53
N SER A 144 11.67 -7.66 32.22
CA SER A 144 13.08 -7.40 32.52
C SER A 144 13.97 -7.78 31.34
N SER A 145 14.21 -6.82 30.46
CA SER A 145 15.05 -7.06 29.28
C SER A 145 14.46 -8.15 28.41
N MET A 146 15.12 -8.43 27.29
CA MET A 146 14.67 -9.45 26.36
C MET A 146 13.32 -9.09 25.76
N SER A 147 13.24 -9.11 24.43
CA SER A 147 12.00 -8.77 23.73
C SER A 147 11.58 -7.34 24.04
N SER A 148 12.56 -6.47 24.24
CA SER A 148 12.28 -5.06 24.55
C SER A 148 13.27 -4.16 23.82
N VAL A 149 14.55 -4.34 24.10
CA VAL A 149 15.60 -3.54 23.47
C VAL A 149 15.66 -3.80 21.96
N ALA A 150 16.31 -2.89 21.25
CA ALA A 150 16.44 -3.01 19.79
C ALA A 150 17.81 -3.59 19.43
N SER A 151 18.34 -4.44 20.30
CA SER A 151 19.63 -5.06 20.06
C SER A 151 19.50 -6.58 19.98
N SER A 152 20.64 -7.27 20.06
CA SER A 152 20.64 -8.74 19.99
C SER A 152 19.78 -9.33 21.11
N VAL A 153 19.12 -10.45 20.80
CA VAL A 153 18.26 -11.11 21.76
C VAL A 153 18.90 -12.41 22.27
N SER A 154 18.20 -13.11 23.14
CA SER A 154 18.69 -14.35 23.71
C SER A 154 19.96 -14.12 24.52
N SER A 155 20.12 -14.89 25.59
CA SER A 155 21.30 -14.76 26.46
C SER A 155 22.56 -15.11 25.69
N ARG A 156 23.63 -14.35 25.93
CA ARG A 156 24.90 -14.59 25.27
C ARG A 156 25.75 -15.60 26.05
N PRO A 157 25.95 -15.36 27.35
CA PRO A 157 26.75 -16.27 28.20
C PRO A 157 26.26 -17.71 28.11
N SER A 158 27.19 -18.62 27.81
CA SER A 158 26.85 -20.04 27.71
C SER A 158 28.11 -20.89 27.68
N ARG A 159 28.18 -21.86 28.59
CA ARG A 159 29.34 -22.75 28.66
C ARG A 159 29.09 -24.05 27.89
N THR A 160 29.87 -24.26 26.84
CA THR A 160 29.72 -25.46 26.02
C THR A 160 31.04 -25.80 25.33
N GLY A 161 31.06 -26.93 24.64
CA GLY A 161 32.26 -27.36 23.93
C GLY A 161 32.51 -26.54 22.69
N LEU A 162 33.20 -25.41 22.86
CA LEU A 162 33.51 -24.53 21.74
C LEU A 162 34.98 -24.68 21.32
N LEU A 163 35.52 -25.88 21.50
CA LEU A 163 36.91 -26.16 21.14
C LEU A 163 36.98 -27.07 19.92
N THR A 164 37.10 -26.46 18.75
CA THR A 164 37.19 -27.22 17.50
C THR A 164 38.63 -27.32 17.03
N GLU A 165 39.08 -28.55 16.79
CA GLU A 165 40.45 -28.80 16.34
C GLU A 165 40.45 -29.33 14.91
N THR A 166 40.23 -28.45 13.95
CA THR A 166 40.21 -28.83 12.53
C THR A 166 41.47 -28.36 11.83
N SER A 167 41.75 -27.06 11.93
CA SER A 167 42.92 -26.48 11.30
C SER A 167 43.26 -25.12 11.92
N GLY A 168 44.52 -24.72 11.79
CA GLY A 168 44.95 -23.45 12.35
C GLY A 168 45.49 -23.60 13.76
N PRO A 169 46.81 -23.41 13.96
CA PRO A 169 47.43 -23.53 15.29
C PRO A 169 46.71 -22.70 16.34
N SER A 170 46.89 -23.07 17.60
CA SER A 170 46.26 -22.37 18.71
C SER A 170 46.89 -22.77 20.04
N SER A 171 46.79 -24.05 20.38
CA SER A 171 47.35 -24.56 21.62
C SER A 171 47.37 -26.08 21.64
N GLY A 172 48.46 -26.66 21.13
CA GLY A 172 48.58 -28.10 21.10
C GLY A 172 48.79 -28.70 22.47
N GLY A 1 -33.14 8.95 -18.28
CA GLY A 1 -33.74 8.15 -19.39
C GLY A 1 -33.90 6.69 -19.03
N SER A 2 -34.27 6.41 -17.79
CA SER A 2 -34.45 5.05 -17.32
C SER A 2 -35.51 4.97 -16.24
N SER A 3 -35.85 3.76 -15.83
CA SER A 3 -36.86 3.55 -14.79
C SER A 3 -36.41 2.47 -13.81
N GLY A 4 -36.13 1.28 -14.33
CA GLY A 4 -35.69 0.19 -13.48
C GLY A 4 -34.92 -0.86 -14.24
N SER A 5 -34.18 -1.70 -13.51
CA SER A 5 -33.39 -2.76 -14.13
C SER A 5 -33.19 -3.91 -13.16
N SER A 6 -33.83 -5.04 -13.45
CA SER A 6 -33.72 -6.23 -12.60
C SER A 6 -34.26 -5.96 -11.20
N GLY A 7 -33.46 -5.31 -10.37
CA GLY A 7 -33.89 -5.01 -9.01
C GLY A 7 -32.76 -4.49 -8.14
N ALA A 8 -32.07 -5.40 -7.47
CA ALA A 8 -30.96 -5.03 -6.60
C ALA A 8 -31.43 -4.10 -5.48
N THR A 9 -31.61 -4.67 -4.29
CA THR A 9 -32.04 -3.89 -3.13
C THR A 9 -31.90 -4.70 -1.84
N PRO A 10 -30.75 -4.56 -1.16
CA PRO A 10 -30.49 -5.29 0.09
C PRO A 10 -31.37 -4.81 1.23
N PRO A 11 -31.37 -5.53 2.37
CA PRO A 11 -32.18 -5.17 3.54
C PRO A 11 -31.91 -3.75 4.01
N ILE A 12 -30.72 -3.23 3.70
CA ILE A 12 -30.35 -1.88 4.09
C ILE A 12 -30.22 -1.77 5.61
N SER A 13 -29.10 -1.22 6.06
CA SER A 13 -28.85 -1.06 7.49
C SER A 13 -28.18 0.28 7.77
N ASN A 14 -27.89 0.54 9.04
CA ASN A 14 -27.25 1.78 9.45
C ASN A 14 -26.62 1.64 10.83
N LEU A 15 -25.30 1.53 10.87
CA LEU A 15 -24.58 1.40 12.13
C LEU A 15 -23.93 2.72 12.52
N THR A 16 -24.48 3.36 13.55
CA THR A 16 -23.96 4.63 14.04
C THR A 16 -23.75 4.59 15.55
N LYS A 17 -22.65 5.19 15.99
CA LYS A 17 -22.33 5.22 17.42
C LYS A 17 -22.33 6.65 17.94
N THR A 18 -21.50 7.50 17.33
CA THR A 18 -21.39 8.89 17.74
C THR A 18 -20.96 9.01 19.19
N ALA A 19 -19.64 9.00 19.41
CA ALA A 19 -19.09 9.10 20.75
C ALA A 19 -18.61 10.52 21.04
N SER A 20 -17.55 10.93 20.35
CA SER A 20 -16.98 12.26 20.53
C SER A 20 -15.98 12.57 19.41
N GLU A 21 -15.11 11.62 19.11
CA GLU A 21 -14.11 11.80 18.07
C GLU A 21 -14.71 11.57 16.69
N SER A 22 -15.22 12.63 16.09
CA SER A 22 -15.83 12.55 14.76
C SER A 22 -15.00 13.32 13.74
N ILE A 23 -14.40 14.42 14.18
CA ILE A 23 -13.58 15.24 13.29
C ILE A 23 -12.35 14.48 12.82
N SER A 24 -12.07 14.55 11.52
CA SER A 24 -10.93 13.86 10.94
C SER A 24 -9.62 14.51 11.39
N ASN A 25 -8.58 13.71 11.50
CA ASN A 25 -7.27 14.20 11.92
C ASN A 25 -6.18 13.72 10.98
N LEU A 26 -4.92 13.95 11.36
CA LEU A 26 -3.78 13.54 10.55
C LEU A 26 -3.69 14.37 9.28
N SER A 27 -4.65 14.19 8.39
CA SER A 27 -4.68 14.93 7.13
C SER A 27 -5.51 16.21 7.27
N GLU A 28 -5.11 17.24 6.52
CA GLU A 28 -5.82 18.52 6.56
C GLU A 28 -5.37 19.42 5.42
N ALA A 29 -6.11 20.49 5.19
CA ALA A 29 -5.79 21.44 4.13
C ALA A 29 -5.81 20.75 2.77
N GLY A 30 -6.77 19.86 2.58
CA GLY A 30 -6.88 19.14 1.32
C GLY A 30 -8.25 19.32 0.67
N SER A 31 -8.39 18.78 -0.54
CA SER A 31 -9.65 18.88 -1.26
C SER A 31 -9.84 17.69 -2.20
N ILE A 32 -8.79 17.37 -2.96
CA ILE A 32 -8.84 16.25 -3.88
C ILE A 32 -8.20 15.00 -3.28
N LYS A 33 -8.30 14.87 -1.97
CA LYS A 33 -7.73 13.73 -1.26
C LYS A 33 -8.80 12.66 -1.03
N LYS A 34 -8.82 11.65 -1.89
CA LYS A 34 -9.78 10.56 -1.78
C LYS A 34 -9.18 9.25 -2.29
N GLY A 35 -9.14 8.25 -1.43
CA GLY A 35 -8.60 6.96 -1.82
C GLY A 35 -7.12 6.83 -1.52
N GLU A 36 -6.73 7.27 -0.32
CA GLU A 36 -5.33 7.21 0.09
C GLU A 36 -5.10 6.08 1.09
N ARG A 37 -6.06 5.89 1.98
CA ARG A 37 -5.96 4.83 2.99
C ARG A 37 -6.61 3.54 2.48
N GLU A 38 -5.83 2.73 1.78
CA GLU A 38 -6.32 1.47 1.24
C GLU A 38 -5.17 0.58 0.78
N LEU A 39 -5.22 -0.69 1.16
CA LEU A 39 -4.19 -1.64 0.80
C LEU A 39 -4.78 -2.84 0.06
N LYS A 40 -3.94 -3.81 -0.25
CA LYS A 40 -4.37 -5.01 -0.95
C LYS A 40 -3.45 -6.20 -0.65
N ILE A 41 -3.83 -7.38 -1.10
CA ILE A 41 -3.05 -8.58 -0.88
C ILE A 41 -1.88 -8.67 -1.86
N GLY A 42 -0.69 -8.34 -1.38
CA GLY A 42 0.48 -8.39 -2.23
C GLY A 42 1.41 -7.21 -2.01
N ASP A 43 0.83 -6.03 -1.80
CA ASP A 43 1.61 -4.83 -1.58
C ASP A 43 2.31 -4.87 -0.22
N ARG A 44 3.50 -4.28 -0.16
CA ARG A 44 4.27 -4.26 1.08
C ARG A 44 3.86 -3.08 1.96
N VAL A 45 4.06 -3.22 3.26
CA VAL A 45 3.71 -2.15 4.20
C VAL A 45 4.77 -2.01 5.29
N LEU A 46 4.65 -0.96 6.08
CA LEU A 46 5.60 -0.70 7.17
C LEU A 46 4.89 -0.07 8.37
N VAL A 47 5.35 -0.41 9.56
CA VAL A 47 4.76 0.13 10.78
C VAL A 47 5.84 0.54 11.79
N GLY A 48 5.95 1.84 12.05
CA GLY A 48 6.93 2.33 12.98
C GLY A 48 8.22 2.75 12.31
N GLY A 49 8.48 2.21 11.13
CA GLY A 49 9.68 2.55 10.40
C GLY A 49 10.78 1.51 10.58
N THR A 50 10.38 0.27 10.83
CA THR A 50 11.33 -0.82 11.02
C THR A 50 10.72 -2.16 10.66
N LYS A 51 9.50 -2.39 11.13
CA LYS A 51 8.80 -3.64 10.86
C LYS A 51 8.11 -3.60 9.49
N ALA A 52 8.62 -4.40 8.56
CA ALA A 52 8.07 -4.46 7.22
C ALA A 52 7.53 -5.85 6.91
N GLY A 53 6.51 -5.90 6.06
CA GLY A 53 5.91 -7.18 5.69
C GLY A 53 4.91 -7.04 4.56
N VAL A 54 4.54 -8.17 3.97
CA VAL A 54 3.58 -8.18 2.87
C VAL A 54 2.17 -8.46 3.37
N VAL A 55 1.21 -7.65 2.92
CA VAL A 55 -0.18 -7.81 3.31
C VAL A 55 -0.72 -9.17 2.88
N ARG A 56 -1.07 -10.00 3.86
CA ARG A 56 -1.60 -11.33 3.59
C ARG A 56 -3.12 -11.34 3.75
N PHE A 57 -3.62 -10.60 4.72
CA PHE A 57 -5.06 -10.54 4.97
C PHE A 57 -5.49 -9.10 5.21
N LEU A 58 -6.80 -8.86 5.11
CA LEU A 58 -7.35 -7.53 5.31
C LEU A 58 -8.80 -7.60 5.78
N GLY A 59 -9.00 -7.42 7.08
CA GLY A 59 -10.34 -7.47 7.64
C GLY A 59 -10.41 -6.89 9.05
N GLU A 60 -11.31 -7.44 9.86
CA GLU A 60 -11.47 -6.96 11.23
C GLU A 60 -10.84 -7.94 12.22
N THR A 61 -10.68 -7.51 13.46
CA THR A 61 -10.09 -8.34 14.50
C THR A 61 -11.12 -8.69 15.57
N ASP A 62 -10.75 -9.58 16.49
CA ASP A 62 -11.64 -10.00 17.57
C ASP A 62 -11.16 -9.46 18.91
N PHE A 63 -9.85 -9.30 19.05
CA PHE A 63 -9.27 -8.79 20.29
C PHE A 63 -9.46 -7.28 20.39
N ALA A 64 -9.42 -6.60 19.24
CA ALA A 64 -9.59 -5.16 19.20
C ALA A 64 -10.82 -4.76 18.39
N LYS A 65 -11.15 -3.48 18.41
CA LYS A 65 -12.31 -2.98 17.66
C LYS A 65 -11.86 -2.22 16.41
N GLY A 66 -12.76 -2.10 15.45
CA GLY A 66 -12.45 -1.38 14.22
C GLY A 66 -11.84 -2.29 13.17
N GLU A 67 -11.09 -1.70 12.25
CA GLU A 67 -10.44 -2.47 11.19
C GLU A 67 -8.97 -2.70 11.48
N TRP A 68 -8.51 -3.92 11.26
CA TRP A 68 -7.11 -4.27 11.51
C TRP A 68 -6.51 -5.01 10.30
N CYS A 69 -5.36 -4.52 9.84
CA CYS A 69 -4.69 -5.13 8.70
C CYS A 69 -3.76 -6.25 9.15
N GLY A 70 -3.96 -7.44 8.59
CA GLY A 70 -3.15 -8.58 8.95
C GLY A 70 -1.98 -8.77 8.00
N VAL A 71 -0.81 -8.28 8.40
CA VAL A 71 0.38 -8.40 7.58
C VAL A 71 1.27 -9.55 8.04
N GLU A 72 1.68 -10.39 7.10
CA GLU A 72 2.52 -11.54 7.41
C GLU A 72 4.00 -11.19 7.23
N LEU A 73 4.76 -11.26 8.31
CA LEU A 73 6.19 -10.96 8.26
C LEU A 73 6.98 -12.15 7.74
N ASP A 74 7.92 -11.89 6.85
CA ASP A 74 8.75 -12.94 6.27
C ASP A 74 9.81 -13.40 7.27
N GLU A 75 10.24 -12.49 8.13
CA GLU A 75 11.25 -12.80 9.14
C GLU A 75 10.60 -13.14 10.48
N PRO A 76 11.35 -13.79 11.39
CA PRO A 76 10.85 -14.16 12.71
C PRO A 76 10.64 -12.95 13.62
N LEU A 77 9.56 -12.21 13.38
CA LEU A 77 9.25 -11.03 14.17
C LEU A 77 7.74 -10.91 14.41
N GLY A 78 7.07 -12.06 14.48
CA GLY A 78 5.64 -12.06 14.71
C GLY A 78 5.28 -12.57 16.08
N LYS A 79 4.00 -12.85 16.29
CA LYS A 79 3.51 -13.34 17.58
C LYS A 79 2.61 -14.56 17.40
N ASN A 80 1.67 -14.46 16.45
CA ASN A 80 0.75 -15.55 16.18
C ASN A 80 1.14 -16.30 14.91
N ASP A 81 0.40 -17.34 14.59
CA ASP A 81 0.67 -18.14 13.39
C ASP A 81 -0.46 -18.01 12.37
N GLY A 82 -1.11 -16.85 12.36
CA GLY A 82 -2.19 -16.62 11.43
C GLY A 82 -3.55 -16.82 12.07
N ALA A 83 -3.65 -17.79 12.98
CA ALA A 83 -4.90 -18.07 13.67
C ALA A 83 -4.99 -17.28 14.97
N VAL A 84 -6.20 -16.82 15.29
CA VAL A 84 -6.42 -16.06 16.52
C VAL A 84 -7.75 -16.43 17.16
N ALA A 85 -7.68 -17.05 18.34
CA ALA A 85 -8.88 -17.46 19.06
C ALA A 85 -9.73 -18.40 18.21
N GLY A 86 -9.09 -19.17 17.35
CA GLY A 86 -9.79 -20.11 16.50
C GLY A 86 -10.05 -19.55 15.12
N THR A 87 -10.13 -18.24 15.01
CA THR A 87 -10.37 -17.57 13.73
C THR A 87 -9.12 -17.61 12.86
N ARG A 88 -9.24 -18.22 11.69
CA ARG A 88 -8.12 -18.32 10.76
C ARG A 88 -8.15 -17.18 9.74
N TYR A 89 -7.04 -16.44 9.67
CA TYR A 89 -6.94 -15.33 8.74
C TYR A 89 -6.04 -15.68 7.56
N PHE A 90 -4.85 -16.20 7.87
CA PHE A 90 -3.89 -16.58 6.83
C PHE A 90 -3.01 -17.74 7.32
N GLN A 91 -3.05 -18.84 6.57
CA GLN A 91 -2.25 -20.02 6.92
C GLN A 91 -0.76 -19.70 6.82
N CYS A 92 -0.08 -19.76 7.96
CA CYS A 92 1.36 -19.49 8.00
C CYS A 92 1.99 -20.08 9.26
N GLN A 93 3.31 -20.07 9.31
CA GLN A 93 4.03 -20.60 10.46
C GLN A 93 4.12 -19.57 11.57
N PRO A 94 4.22 -20.03 12.84
CA PRO A 94 4.30 -19.14 14.00
C PRO A 94 5.46 -18.15 13.88
N LYS A 95 5.41 -17.09 14.69
CA LYS A 95 6.45 -16.07 14.68
C LYS A 95 6.56 -15.41 13.30
N TYR A 96 5.41 -15.17 12.67
CA TYR A 96 5.38 -14.55 11.35
C TYR A 96 4.11 -13.71 11.18
N GLY A 97 2.98 -14.29 11.52
CA GLY A 97 1.72 -13.58 11.39
C GLY A 97 1.58 -12.46 12.41
N LEU A 98 1.48 -11.23 11.91
CA LEU A 98 1.35 -10.07 12.78
C LEU A 98 0.17 -9.21 12.36
N PHE A 99 -0.48 -8.56 13.33
CA PHE A 99 -1.62 -7.70 13.06
C PHE A 99 -1.37 -6.29 13.56
N ALA A 100 -1.84 -5.30 12.80
CA ALA A 100 -1.66 -3.91 13.16
C ALA A 100 -2.83 -3.05 12.67
N PRO A 101 -3.18 -1.99 13.41
CA PRO A 101 -4.28 -1.10 13.03
C PRO A 101 -4.07 -0.45 11.67
N VAL A 102 -5.14 -0.35 10.89
CA VAL A 102 -5.06 0.24 9.56
C VAL A 102 -4.40 1.62 9.61
N HIS A 103 -4.90 2.50 10.46
CA HIS A 103 -4.35 3.84 10.59
C HIS A 103 -2.88 3.79 10.97
N LYS A 104 -2.46 2.70 11.60
CA LYS A 104 -1.07 2.54 12.02
C LYS A 104 -0.22 2.04 10.85
N VAL A 105 -0.84 1.34 9.92
CA VAL A 105 -0.13 0.81 8.75
C VAL A 105 0.41 1.94 7.88
N THR A 106 1.71 1.92 7.63
CA THR A 106 2.35 2.93 6.80
C THR A 106 2.90 2.33 5.52
N LYS A 107 2.16 2.51 4.42
CA LYS A 107 2.58 1.97 3.13
C LYS A 107 3.89 2.62 2.67
N ILE A 108 4.91 1.80 2.48
CA ILE A 108 6.21 2.29 2.05
C ILE A 108 6.12 2.91 0.66
N GLY A 109 6.92 3.95 0.44
CA GLY A 109 6.91 4.62 -0.85
C GLY A 109 7.58 5.98 -0.80
N PHE A 110 7.48 6.65 0.35
CA PHE A 110 8.08 7.97 0.53
C PHE A 110 7.44 8.99 -0.42
N PRO A 111 7.25 10.24 0.05
CA PRO A 111 6.65 11.30 -0.77
C PRO A 111 7.39 11.50 -2.09
N SER A 112 7.03 12.56 -2.80
CA SER A 112 7.66 12.86 -4.09
C SER A 112 8.20 14.28 -4.11
N THR A 113 9.52 14.41 -4.18
CA THR A 113 10.17 15.72 -4.20
C THR A 113 9.92 16.46 -2.89
N THR A 114 10.97 17.10 -2.37
CA THR A 114 10.86 17.85 -1.12
C THR A 114 9.81 18.95 -1.23
N PRO A 115 9.09 19.24 -0.14
CA PRO A 115 8.05 20.27 -0.12
C PRO A 115 8.57 21.61 -0.64
N ALA A 116 7.65 22.53 -0.91
CA ALA A 116 8.01 23.86 -1.41
C ALA A 116 6.78 24.73 -1.60
N LYS A 117 5.70 24.12 -2.08
CA LYS A 117 4.45 24.85 -2.32
C LYS A 117 4.62 25.87 -3.44
N ALA A 118 4.18 25.50 -4.63
CA ALA A 118 4.29 26.38 -5.79
C ALA A 118 5.74 26.70 -6.11
N LYS A 119 6.02 26.92 -7.39
CA LYS A 119 7.37 27.24 -7.84
C LYS A 119 7.38 28.47 -8.74
N ALA A 120 6.47 28.48 -9.72
CA ALA A 120 6.37 29.60 -10.65
C ALA A 120 5.82 30.84 -9.97
N ASN A 121 4.56 30.79 -9.57
CA ASN A 121 3.92 31.91 -8.90
C ASN A 121 3.82 31.67 -7.40
N ALA A 122 3.58 32.74 -6.64
CA ALA A 122 3.47 32.64 -5.19
C ALA A 122 2.14 31.98 -4.80
N VAL A 123 1.95 31.82 -3.50
CA VAL A 123 0.73 31.21 -2.98
C VAL A 123 0.72 31.19 -1.45
N ARG A 124 -0.45 31.44 -0.86
CA ARG A 124 -0.59 31.45 0.58
C ARG A 124 -1.91 30.82 1.01
N ARG A 125 -1.84 29.58 1.49
CA ARG A 125 -3.04 28.87 1.94
C ARG A 125 -2.75 28.04 3.19
N VAL A 126 -1.96 26.98 3.01
CA VAL A 126 -1.60 26.11 4.12
C VAL A 126 -0.55 26.76 5.01
N MET A 127 0.29 27.60 4.42
CA MET A 127 1.35 28.28 5.16
C MET A 127 2.34 27.28 5.74
N ALA A 128 3.43 27.05 5.01
CA ALA A 128 4.46 26.12 5.45
C ALA A 128 5.13 26.61 6.72
N THR A 129 4.97 25.85 7.79
CA THR A 129 5.57 26.20 9.08
C THR A 129 5.41 25.07 10.09
N THR A 130 6.53 24.44 10.43
CA THR A 130 6.52 23.34 11.38
C THR A 130 7.78 23.34 12.24
N SER A 131 8.31 24.54 12.49
CA SER A 131 9.52 24.68 13.30
C SER A 131 9.25 25.54 14.53
N ALA A 132 9.62 25.02 15.70
CA ALA A 132 9.43 25.74 16.96
C ALA A 132 7.95 26.03 17.20
N SER A 133 7.65 26.69 18.30
CA SER A 133 6.28 27.03 18.65
C SER A 133 5.65 27.91 17.58
N LEU A 134 4.40 28.33 17.81
CA LEU A 134 3.69 29.17 16.86
C LEU A 134 2.48 29.83 17.52
N LYS A 135 1.73 29.04 18.29
CA LYS A 135 0.54 29.55 18.97
C LYS A 135 0.93 30.43 20.16
N ARG A 136 0.57 31.70 20.08
CA ARG A 136 0.87 32.64 21.15
C ARG A 136 2.38 32.74 21.39
N SER A 137 3.02 33.67 20.69
CA SER A 137 4.47 33.85 20.82
C SER A 137 4.78 34.98 21.82
N PRO A 138 4.21 36.18 21.61
CA PRO A 138 4.43 37.31 22.50
C PRO A 138 4.04 37.02 23.94
N SER A 139 5.03 37.01 24.84
CA SER A 139 4.79 36.73 26.25
C SER A 139 4.13 35.37 26.43
N ALA A 140 4.95 34.37 26.71
CA ALA A 140 4.45 33.01 26.91
C ALA A 140 4.69 32.54 28.34
N SER A 141 3.64 32.56 29.15
CA SER A 141 3.74 32.15 30.55
C SER A 141 3.24 30.72 30.72
N SER A 142 4.18 29.78 30.80
CA SER A 142 3.85 28.37 30.97
C SER A 142 4.96 27.63 31.68
N LEU A 143 6.19 27.84 31.23
CA LEU A 143 7.35 27.18 31.82
C LEU A 143 8.18 28.19 32.62
N SER A 144 9.21 27.68 33.31
CA SER A 144 10.09 28.52 34.10
C SER A 144 11.56 28.18 33.86
N SER A 145 11.85 27.70 32.65
CA SER A 145 13.21 27.32 32.28
C SER A 145 13.71 26.17 33.14
N MET A 146 14.13 26.48 34.36
CA MET A 146 14.64 25.47 35.29
C MET A 146 13.50 24.82 36.06
N SER A 147 12.89 25.60 36.95
CA SER A 147 11.78 25.10 37.77
C SER A 147 10.55 24.86 36.91
N SER A 148 10.60 23.83 36.07
CA SER A 148 9.49 23.50 35.19
C SER A 148 9.41 21.99 34.97
N VAL A 149 8.46 21.57 34.15
CA VAL A 149 8.27 20.15 33.85
C VAL A 149 8.81 19.80 32.46
N ALA A 150 9.91 19.07 32.42
CA ALA A 150 10.52 18.67 31.17
C ALA A 150 9.70 17.58 30.48
N SER A 151 8.62 17.98 29.81
CA SER A 151 7.75 17.04 29.13
C SER A 151 8.41 16.53 27.84
N SER A 152 8.60 17.44 26.90
CA SER A 152 9.22 17.10 25.62
C SER A 152 8.40 16.05 24.88
N VAL A 153 8.61 15.94 23.58
CA VAL A 153 7.88 14.98 22.76
C VAL A 153 8.80 13.85 22.28
N SER A 154 10.08 14.19 22.09
CA SER A 154 11.06 13.21 21.64
C SER A 154 12.22 13.10 22.63
N SER A 155 12.56 11.88 23.00
CA SER A 155 13.65 11.63 23.94
C SER A 155 14.51 10.45 23.49
N ARG A 156 14.83 10.43 22.20
CA ARG A 156 15.65 9.36 21.64
C ARG A 156 17.07 9.83 21.41
N PRO A 157 17.97 9.66 22.39
CA PRO A 157 19.38 10.07 22.27
C PRO A 157 20.14 9.24 21.26
N SER A 158 19.99 7.92 21.34
CA SER A 158 20.68 7.01 20.42
C SER A 158 22.18 7.20 20.49
N ARG A 159 22.80 6.67 21.55
CA ARG A 159 24.24 6.78 21.73
C ARG A 159 24.96 5.57 21.14
N THR A 160 24.87 4.45 21.85
CA THR A 160 25.51 3.21 21.39
C THR A 160 24.48 2.09 21.25
N GLY A 161 24.39 1.53 20.05
CA GLY A 161 23.46 0.45 19.80
C GLY A 161 23.99 -0.90 20.25
N LEU A 162 24.30 -1.01 21.53
CA LEU A 162 24.81 -2.25 22.10
C LEU A 162 23.77 -3.36 22.02
N LEU A 163 24.23 -4.59 21.86
CA LEU A 163 23.33 -5.74 21.78
C LEU A 163 23.66 -6.77 22.85
N THR A 164 22.65 -7.48 23.33
CA THR A 164 22.84 -8.50 24.35
C THR A 164 22.52 -9.89 23.81
N GLU A 165 23.56 -10.69 23.60
CA GLU A 165 23.39 -12.04 23.07
C GLU A 165 23.34 -13.06 24.20
N THR A 166 22.77 -14.22 23.92
CA THR A 166 22.66 -15.28 24.92
C THR A 166 24.03 -15.82 25.28
N SER A 167 24.19 -16.23 26.53
CA SER A 167 25.45 -16.78 27.02
C SER A 167 25.25 -18.15 27.65
N GLY A 168 26.00 -19.13 27.16
CA GLY A 168 25.90 -20.48 27.69
C GLY A 168 24.64 -21.19 27.22
N PRO A 169 24.55 -21.50 25.91
CA PRO A 169 23.39 -22.19 25.34
C PRO A 169 23.23 -23.61 25.88
N SER A 170 22.86 -23.72 27.15
CA SER A 170 22.67 -25.02 27.79
C SER A 170 21.33 -25.09 28.50
N SER A 171 20.33 -24.45 27.92
CA SER A 171 18.98 -24.44 28.50
C SER A 171 18.12 -25.53 27.88
N GLY A 172 16.88 -25.62 28.35
CA GLY A 172 15.96 -26.62 27.82
C GLY A 172 14.92 -26.03 26.90
N GLY A 1 19.44 6.09 16.57
CA GLY A 1 19.16 7.49 16.11
C GLY A 1 19.26 8.50 17.24
N SER A 2 18.32 9.43 17.29
CA SER A 2 18.32 10.46 18.31
C SER A 2 17.08 10.32 19.20
N SER A 3 17.22 10.71 20.47
CA SER A 3 16.12 10.63 21.42
C SER A 3 15.87 11.98 22.07
N GLY A 4 16.13 13.05 21.32
CA GLY A 4 15.92 14.38 21.85
C GLY A 4 16.12 15.46 20.80
N SER A 5 15.09 15.74 20.02
CA SER A 5 15.15 16.74 18.97
C SER A 5 13.96 17.68 19.04
N SER A 6 14.14 18.79 19.74
CA SER A 6 13.07 19.78 19.89
C SER A 6 11.84 19.17 20.57
N GLY A 7 11.88 19.14 21.90
CA GLY A 7 10.77 18.57 22.66
C GLY A 7 10.57 17.10 22.37
N ALA A 8 9.36 16.74 21.93
CA ALA A 8 9.04 15.36 21.62
C ALA A 8 9.62 14.94 20.28
N THR A 9 9.99 13.67 20.16
CA THR A 9 10.58 13.16 18.93
C THR A 9 9.51 12.94 17.85
N PRO A 10 8.39 12.27 18.20
CA PRO A 10 7.30 12.02 17.25
C PRO A 10 6.41 13.24 17.04
N PRO A 11 5.85 13.41 15.82
CA PRO A 11 4.98 14.54 15.51
C PRO A 11 3.82 14.67 16.49
N ILE A 12 2.94 15.64 16.23
CA ILE A 12 1.80 15.86 17.10
C ILE A 12 0.73 14.79 16.89
N SER A 13 -0.06 14.53 17.93
CA SER A 13 -1.11 13.52 17.86
C SER A 13 -2.48 14.18 17.71
N ASN A 14 -2.64 15.35 18.31
CA ASN A 14 -3.90 16.07 18.25
C ASN A 14 -3.90 17.07 17.09
N LEU A 15 -4.31 16.60 15.91
CA LEU A 15 -4.35 17.43 14.73
C LEU A 15 -5.75 17.46 14.13
N THR A 16 -6.60 18.34 14.66
CA THR A 16 -7.98 18.46 14.19
C THR A 16 -8.18 19.79 13.45
N LYS A 17 -8.96 19.75 12.39
CA LYS A 17 -9.24 20.95 11.59
C LYS A 17 -10.38 20.70 10.61
N THR A 18 -10.32 19.57 9.92
CA THR A 18 -11.35 19.21 8.95
C THR A 18 -12.71 19.09 9.62
N ALA A 19 -12.72 18.61 10.85
CA ALA A 19 -13.95 18.43 11.61
C ALA A 19 -13.68 18.37 13.10
N SER A 20 -14.66 18.79 13.90
CA SER A 20 -14.52 18.78 15.35
C SER A 20 -15.68 18.01 15.99
N GLU A 21 -16.90 18.35 15.61
CA GLU A 21 -18.08 17.69 16.14
C GLU A 21 -19.13 17.47 15.05
N SER A 22 -20.08 16.58 15.32
CA SER A 22 -21.13 16.27 14.36
C SER A 22 -22.44 16.94 14.76
N ILE A 23 -22.34 18.19 15.21
CA ILE A 23 -23.52 18.95 15.61
C ILE A 23 -24.32 19.44 14.41
N SER A 24 -23.62 19.69 13.31
CA SER A 24 -24.26 20.15 12.08
C SER A 24 -23.55 19.60 10.85
N ASN A 25 -23.64 18.29 10.66
CA ASN A 25 -23.01 17.63 9.51
C ASN A 25 -23.31 16.14 9.52
N LEU A 26 -23.29 15.53 10.70
CA LEU A 26 -23.56 14.11 10.84
C LEU A 26 -24.59 13.85 11.94
N SER A 27 -25.67 13.16 11.58
CA SER A 27 -26.73 12.85 12.53
C SER A 27 -26.95 11.34 12.64
N GLU A 28 -27.43 10.74 11.55
CA GLU A 28 -27.68 9.31 11.52
C GLU A 28 -27.44 8.75 10.12
N ALA A 29 -28.25 9.19 9.17
CA ALA A 29 -28.12 8.73 7.79
C ALA A 29 -26.90 9.36 7.11
N GLY A 30 -25.94 8.51 6.76
CA GLY A 30 -24.73 8.99 6.12
C GLY A 30 -24.86 9.03 4.60
N SER A 31 -23.82 9.49 3.94
CA SER A 31 -23.81 9.59 2.48
C SER A 31 -22.40 9.50 1.93
N ILE A 32 -21.50 10.30 2.50
CA ILE A 32 -20.11 10.31 2.07
C ILE A 32 -19.18 9.80 3.17
N LYS A 33 -17.94 9.49 2.79
CA LYS A 33 -16.97 8.98 3.75
C LYS A 33 -15.60 8.80 3.08
N LYS A 34 -14.54 8.88 3.89
CA LYS A 34 -13.19 8.73 3.39
C LYS A 34 -12.50 7.52 4.01
N GLY A 35 -11.71 6.81 3.22
CA GLY A 35 -11.02 5.64 3.71
C GLY A 35 -11.64 4.34 3.24
N GLU A 36 -11.76 4.19 1.92
CA GLU A 36 -12.34 2.99 1.34
C GLU A 36 -11.24 2.03 0.86
N ARG A 37 -10.28 2.57 0.14
CA ARG A 37 -9.17 1.77 -0.38
C ARG A 37 -8.07 1.61 0.67
N GLU A 38 -7.38 2.71 0.97
CA GLU A 38 -6.31 2.71 1.95
C GLU A 38 -5.14 1.84 1.49
N LEU A 39 -5.32 0.52 1.54
CA LEU A 39 -4.28 -0.40 1.12
C LEU A 39 -4.85 -1.50 0.22
N LYS A 40 -4.03 -2.49 -0.10
CA LYS A 40 -4.45 -3.59 -0.95
C LYS A 40 -3.59 -4.83 -0.71
N ILE A 41 -4.12 -6.00 -1.08
CA ILE A 41 -3.40 -7.25 -0.89
C ILE A 41 -2.23 -7.36 -1.89
N GLY A 42 -1.04 -7.63 -1.36
CA GLY A 42 0.13 -7.75 -2.20
C GLY A 42 1.11 -6.61 -2.00
N ASP A 43 0.59 -5.45 -1.63
CA ASP A 43 1.42 -4.28 -1.40
C ASP A 43 2.26 -4.43 -0.13
N ARG A 44 3.42 -3.80 -0.12
CA ARG A 44 4.32 -3.87 1.03
C ARG A 44 4.12 -2.66 1.95
N VAL A 45 4.07 -2.91 3.26
CA VAL A 45 3.89 -1.85 4.24
C VAL A 45 4.86 -1.99 5.39
N LEU A 46 4.84 -1.03 6.30
CA LEU A 46 5.73 -1.04 7.46
C LEU A 46 5.04 -0.43 8.68
N VAL A 47 5.39 -0.94 9.86
CA VAL A 47 4.80 -0.45 11.11
C VAL A 47 5.85 -0.40 12.22
N GLY A 48 5.97 0.76 12.85
CA GLY A 48 6.93 0.91 13.94
C GLY A 48 8.24 1.50 13.46
N GLY A 49 8.68 1.09 12.27
CA GLY A 49 9.93 1.59 11.73
C GLY A 49 11.00 0.52 11.63
N THR A 50 10.57 -0.74 11.51
CA THR A 50 11.49 -1.85 11.42
C THR A 50 10.78 -3.12 10.93
N LYS A 51 9.61 -3.38 11.50
CA LYS A 51 8.82 -4.54 11.13
C LYS A 51 8.21 -4.36 9.74
N ALA A 52 8.82 -4.98 8.74
CA ALA A 52 8.32 -4.88 7.37
C ALA A 52 7.72 -6.20 6.91
N GLY A 53 6.56 -6.13 6.27
CA GLY A 53 5.90 -7.33 5.79
C GLY A 53 5.02 -7.06 4.58
N VAL A 54 4.32 -8.09 4.12
CA VAL A 54 3.43 -7.97 2.97
C VAL A 54 1.98 -8.22 3.37
N VAL A 55 1.07 -7.42 2.83
CA VAL A 55 -0.35 -7.55 3.12
C VAL A 55 -0.89 -8.89 2.63
N ARG A 56 -1.47 -9.66 3.53
CA ARG A 56 -2.03 -10.96 3.19
C ARG A 56 -3.53 -10.99 3.41
N PHE A 57 -3.96 -10.53 4.58
CA PHE A 57 -5.38 -10.49 4.91
C PHE A 57 -5.81 -9.08 5.30
N LEU A 58 -7.07 -8.75 4.98
CA LEU A 58 -7.61 -7.43 5.30
C LEU A 58 -9.05 -7.54 5.77
N GLY A 59 -9.26 -7.25 7.06
CA GLY A 59 -10.60 -7.32 7.61
C GLY A 59 -10.62 -7.04 9.10
N GLU A 60 -11.79 -7.22 9.73
CA GLU A 60 -11.93 -7.00 11.16
C GLU A 60 -11.16 -8.03 11.96
N THR A 61 -11.08 -7.82 13.27
CA THR A 61 -10.37 -8.74 14.16
C THR A 61 -11.27 -9.20 15.31
N ASP A 62 -10.69 -9.97 16.22
CA ASP A 62 -11.44 -10.46 17.37
C ASP A 62 -10.88 -9.90 18.67
N PHE A 63 -9.56 -9.82 18.75
CA PHE A 63 -8.89 -9.30 19.95
C PHE A 63 -9.09 -7.78 20.06
N ALA A 64 -9.18 -7.12 18.90
CA ALA A 64 -9.35 -5.68 18.87
C ALA A 64 -10.51 -5.29 17.97
N LYS A 65 -11.03 -4.08 18.16
CA LYS A 65 -12.15 -3.59 17.35
C LYS A 65 -11.64 -2.87 16.10
N GLY A 66 -12.54 -2.65 15.15
CA GLY A 66 -12.16 -1.97 13.92
C GLY A 66 -11.66 -2.92 12.86
N GLU A 67 -10.97 -2.38 11.87
CA GLU A 67 -10.43 -3.19 10.78
C GLU A 67 -8.91 -3.28 10.86
N TRP A 68 -8.40 -4.47 11.14
CA TRP A 68 -6.96 -4.69 11.25
C TRP A 68 -6.42 -5.40 10.01
N CYS A 69 -5.27 -4.93 9.52
CA CYS A 69 -4.65 -5.52 8.34
C CYS A 69 -3.65 -6.60 8.74
N GLY A 70 -3.96 -7.85 8.38
CA GLY A 70 -3.08 -8.94 8.70
C GLY A 70 -1.87 -9.03 7.78
N VAL A 71 -0.78 -8.39 8.17
CA VAL A 71 0.44 -8.40 7.37
C VAL A 71 1.43 -9.44 7.87
N GLU A 72 2.06 -10.14 6.93
CA GLU A 72 3.05 -11.17 7.29
C GLU A 72 4.46 -10.62 7.23
N LEU A 73 5.13 -10.63 8.37
CA LEU A 73 6.51 -10.12 8.45
C LEU A 73 7.48 -11.08 7.76
N ASP A 74 8.53 -10.52 7.17
CA ASP A 74 9.53 -11.32 6.48
C ASP A 74 10.46 -12.01 7.48
N GLU A 75 10.72 -11.34 8.59
CA GLU A 75 11.60 -11.89 9.63
C GLU A 75 10.79 -12.46 10.78
N PRO A 76 11.40 -13.31 11.61
CA PRO A 76 10.73 -13.93 12.76
C PRO A 76 10.40 -12.92 13.85
N LEU A 77 9.32 -12.18 13.65
CA LEU A 77 8.89 -11.17 14.62
C LEU A 77 7.36 -11.10 14.69
N GLY A 78 6.71 -12.23 14.46
CA GLY A 78 5.26 -12.28 14.50
C GLY A 78 4.73 -12.75 15.84
N LYS A 79 3.41 -12.74 15.98
CA LYS A 79 2.78 -13.17 17.23
C LYS A 79 2.04 -14.49 17.03
N ASN A 80 1.47 -14.68 15.84
CA ASN A 80 0.72 -15.90 15.53
C ASN A 80 0.98 -16.34 14.10
N ASP A 81 0.41 -17.48 13.72
CA ASP A 81 0.57 -18.02 12.38
C ASP A 81 -0.63 -17.69 11.51
N GLY A 82 -1.25 -16.53 11.76
CA GLY A 82 -2.40 -16.13 10.99
C GLY A 82 -3.71 -16.58 11.64
N ALA A 83 -3.70 -16.73 12.95
CA ALA A 83 -4.88 -17.16 13.68
C ALA A 83 -4.86 -16.63 15.11
N VAL A 84 -5.91 -15.89 15.48
CA VAL A 84 -6.01 -15.33 16.82
C VAL A 84 -7.35 -15.67 17.46
N ALA A 85 -7.32 -16.02 18.74
CA ALA A 85 -8.53 -16.37 19.47
C ALA A 85 -9.27 -17.52 18.79
N GLY A 86 -8.54 -18.33 18.03
CA GLY A 86 -9.15 -19.45 17.34
C GLY A 86 -9.55 -19.12 15.91
N THR A 87 -9.81 -17.83 15.66
CA THR A 87 -10.21 -17.40 14.33
C THR A 87 -9.01 -17.39 13.38
N ARG A 88 -9.24 -17.85 12.15
CA ARG A 88 -8.19 -17.91 11.16
C ARG A 88 -8.32 -16.75 10.16
N TYR A 89 -7.20 -16.36 9.56
CA TYR A 89 -7.20 -15.27 8.58
C TYR A 89 -6.37 -15.63 7.36
N PHE A 90 -5.12 -16.01 7.60
CA PHE A 90 -4.22 -16.38 6.51
C PHE A 90 -3.14 -17.34 7.00
N GLN A 91 -3.19 -18.58 6.53
CA GLN A 91 -2.22 -19.59 6.92
C GLN A 91 -0.81 -19.19 6.49
N CYS A 92 0.13 -19.29 7.41
CA CYS A 92 1.52 -18.94 7.14
C CYS A 92 2.47 -19.60 8.14
N GLN A 93 3.76 -19.35 7.98
CA GLN A 93 4.76 -19.91 8.88
C GLN A 93 4.63 -19.32 10.28
N PRO A 94 4.96 -20.11 11.32
CA PRO A 94 4.87 -19.66 12.72
C PRO A 94 5.85 -18.52 13.01
N LYS A 95 5.43 -17.60 13.86
CA LYS A 95 6.26 -16.46 14.23
C LYS A 95 6.61 -15.61 13.00
N TYR A 96 5.58 -15.31 12.20
CA TYR A 96 5.77 -14.50 11.01
C TYR A 96 4.60 -13.55 10.78
N GLY A 97 3.39 -14.09 10.89
CA GLY A 97 2.20 -13.28 10.71
C GLY A 97 1.97 -12.31 11.85
N LEU A 98 1.73 -11.05 11.51
CA LEU A 98 1.50 -10.02 12.52
C LEU A 98 0.28 -9.17 12.15
N PHE A 99 -0.55 -8.88 13.15
CA PHE A 99 -1.75 -8.08 12.93
C PHE A 99 -1.58 -6.68 13.50
N ALA A 100 -2.18 -5.70 12.84
CA ALA A 100 -2.10 -4.31 13.29
C ALA A 100 -3.21 -3.47 12.68
N PRO A 101 -3.56 -2.35 13.32
CA PRO A 101 -4.62 -1.46 12.83
C PRO A 101 -4.27 -0.84 11.48
N VAL A 102 -5.21 -0.93 10.54
CA VAL A 102 -4.99 -0.38 9.20
C VAL A 102 -4.53 1.07 9.25
N HIS A 103 -5.23 1.90 10.01
CA HIS A 103 -4.89 3.32 10.14
C HIS A 103 -3.46 3.48 10.64
N LYS A 104 -2.94 2.46 11.32
CA LYS A 104 -1.58 2.51 11.85
C LYS A 104 -0.58 2.03 10.81
N VAL A 105 -1.03 1.18 9.89
CA VAL A 105 -0.16 0.64 8.85
C VAL A 105 0.29 1.75 7.90
N THR A 106 1.59 1.74 7.57
CA THR A 106 2.14 2.74 6.66
C THR A 106 2.56 2.10 5.34
N LYS A 107 2.27 2.79 4.24
CA LYS A 107 2.61 2.29 2.92
C LYS A 107 4.09 2.55 2.60
N ILE A 108 4.73 1.57 1.98
CA ILE A 108 6.13 1.69 1.62
C ILE A 108 6.47 0.85 0.39
N GLY A 109 7.66 1.05 -0.16
CA GLY A 109 8.07 0.31 -1.33
C GLY A 109 9.24 0.95 -2.04
N PHE A 110 9.20 0.97 -3.37
CA PHE A 110 10.27 1.55 -4.17
C PHE A 110 9.79 2.83 -4.86
N PRO A 111 10.02 4.00 -4.22
CA PRO A 111 9.62 5.29 -4.79
C PRO A 111 10.07 5.47 -6.24
N SER A 112 9.22 5.08 -7.17
CA SER A 112 9.54 5.20 -8.59
C SER A 112 8.30 4.96 -9.45
N THR A 113 7.90 5.97 -10.22
CA THR A 113 6.74 5.86 -11.08
C THR A 113 7.15 5.89 -12.55
N THR A 114 6.64 4.93 -13.31
CA THR A 114 6.95 4.85 -14.74
C THR A 114 5.86 4.08 -15.49
N PRO A 115 4.70 4.72 -15.71
CA PRO A 115 3.58 4.11 -16.42
C PRO A 115 3.99 3.52 -17.77
N ALA A 116 3.25 2.53 -18.23
CA ALA A 116 3.54 1.89 -19.51
C ALA A 116 2.27 1.74 -20.35
N LYS A 117 1.20 1.27 -19.72
CA LYS A 117 -0.07 1.09 -20.42
C LYS A 117 -1.23 1.55 -19.54
N ALA A 118 -1.82 2.68 -19.89
CA ALA A 118 -2.94 3.23 -19.14
C ALA A 118 -3.59 4.39 -19.88
N LYS A 119 -4.87 4.25 -20.19
CA LYS A 119 -5.60 5.29 -20.91
C LYS A 119 -6.40 6.16 -19.93
N ALA A 120 -6.85 5.55 -18.83
CA ALA A 120 -7.61 6.28 -17.83
C ALA A 120 -7.24 5.82 -16.42
N ASN A 121 -7.21 4.51 -16.22
CA ASN A 121 -6.87 3.94 -14.92
C ASN A 121 -5.89 2.78 -15.08
N ALA A 122 -5.13 2.52 -14.01
CA ALA A 122 -4.15 1.43 -14.04
C ALA A 122 -4.03 0.78 -12.66
N VAL A 123 -4.59 -0.42 -12.54
CA VAL A 123 -4.55 -1.16 -11.28
C VAL A 123 -4.67 -2.66 -11.51
N ARG A 124 -5.62 -3.04 -12.36
CA ARG A 124 -5.84 -4.46 -12.66
C ARG A 124 -4.70 -5.01 -13.51
N ARG A 125 -4.56 -6.33 -13.51
CA ARG A 125 -3.51 -6.99 -14.27
C ARG A 125 -4.05 -7.54 -15.59
N VAL A 126 -3.41 -7.13 -16.69
CA VAL A 126 -3.84 -7.58 -18.01
C VAL A 126 -2.82 -8.55 -18.61
N MET A 127 -3.26 -9.32 -19.61
CA MET A 127 -2.39 -10.28 -20.27
C MET A 127 -1.50 -9.60 -21.30
N ALA A 128 -0.56 -10.36 -21.87
CA ALA A 128 0.35 -9.83 -22.86
C ALA A 128 0.53 -10.80 -24.02
N THR A 129 1.29 -11.86 -23.78
CA THR A 129 1.55 -12.87 -24.81
C THR A 129 2.26 -14.08 -24.22
N THR A 130 3.34 -13.83 -23.49
CA THR A 130 4.11 -14.90 -22.87
C THR A 130 5.04 -14.35 -21.80
N SER A 131 5.61 -15.24 -21.00
CA SER A 131 6.53 -14.85 -19.94
C SER A 131 7.45 -15.99 -19.55
N ALA A 132 8.67 -15.98 -20.11
CA ALA A 132 9.64 -17.03 -19.83
C ALA A 132 11.03 -16.61 -20.32
N SER A 133 12.03 -16.83 -19.48
CA SER A 133 13.41 -16.49 -19.81
C SER A 133 14.39 -17.14 -18.84
N LEU A 134 15.12 -18.13 -19.34
CA LEU A 134 16.10 -18.84 -18.52
C LEU A 134 17.27 -19.33 -19.36
N LYS A 135 18.48 -19.22 -18.82
CA LYS A 135 19.68 -19.65 -19.52
C LYS A 135 20.52 -20.57 -18.65
N ARG A 136 20.73 -20.17 -17.40
CA ARG A 136 21.51 -20.96 -16.46
C ARG A 136 22.96 -21.11 -16.94
N SER A 137 23.90 -20.88 -16.03
CA SER A 137 25.32 -20.98 -16.35
C SER A 137 26.16 -21.19 -15.10
N PRO A 138 26.24 -22.44 -14.61
CA PRO A 138 27.01 -22.76 -13.40
C PRO A 138 28.45 -22.25 -13.47
N SER A 139 29.16 -22.65 -14.51
CA SER A 139 30.55 -22.22 -14.70
C SER A 139 30.74 -21.59 -16.07
N ALA A 140 31.55 -20.53 -16.12
CA ALA A 140 31.82 -19.83 -17.37
C ALA A 140 33.31 -19.59 -17.55
N SER A 141 33.88 -18.74 -16.71
CA SER A 141 35.30 -18.42 -16.77
C SER A 141 35.85 -18.08 -15.39
N SER A 142 35.29 -18.70 -14.36
CA SER A 142 35.71 -18.47 -12.99
C SER A 142 35.87 -19.79 -12.23
N LEU A 143 36.24 -19.68 -10.96
CA LEU A 143 36.42 -20.86 -10.12
C LEU A 143 35.24 -21.04 -9.17
N SER A 144 35.37 -21.99 -8.25
CA SER A 144 34.32 -22.26 -7.28
C SER A 144 34.62 -21.57 -5.94
N SER A 145 35.19 -20.37 -6.02
CA SER A 145 35.52 -19.61 -4.82
C SER A 145 34.28 -19.31 -4.00
N MET A 146 33.36 -18.54 -4.58
CA MET A 146 32.13 -18.17 -3.89
C MET A 146 30.92 -18.51 -4.75
N SER A 147 29.83 -18.88 -4.09
CA SER A 147 28.59 -19.23 -4.80
C SER A 147 27.96 -18.00 -5.44
N SER A 148 27.87 -16.92 -4.69
CA SER A 148 27.30 -15.68 -5.19
C SER A 148 28.28 -14.96 -6.10
N VAL A 149 27.80 -14.61 -7.30
CA VAL A 149 28.63 -13.92 -8.28
C VAL A 149 27.80 -12.99 -9.16
N ALA A 150 26.67 -13.50 -9.65
CA ALA A 150 25.78 -12.73 -10.50
C ALA A 150 24.48 -12.38 -9.77
N SER A 151 24.12 -11.11 -9.79
CA SER A 151 22.90 -10.65 -9.14
C SER A 151 22.65 -9.18 -9.41
N SER A 152 21.39 -8.84 -9.67
CA SER A 152 21.01 -7.46 -9.96
C SER A 152 20.65 -6.71 -8.68
N VAL A 153 21.63 -6.01 -8.11
CA VAL A 153 21.42 -5.26 -6.88
C VAL A 153 22.60 -4.34 -6.58
N SER A 154 22.33 -3.21 -5.97
CA SER A 154 23.37 -2.24 -5.62
C SER A 154 24.18 -2.73 -4.42
N SER A 155 23.49 -3.33 -3.45
CA SER A 155 24.15 -3.84 -2.25
C SER A 155 25.23 -4.86 -2.61
N ARG A 156 26.48 -4.50 -2.34
CA ARG A 156 27.60 -5.39 -2.64
C ARG A 156 28.88 -4.91 -1.95
N PRO A 157 29.36 -5.63 -0.92
CA PRO A 157 30.57 -5.25 -0.19
C PRO A 157 31.83 -5.39 -1.06
N SER A 158 31.93 -4.54 -2.07
CA SER A 158 33.08 -4.58 -2.98
C SER A 158 33.30 -3.21 -3.62
N ARG A 159 34.42 -3.06 -4.32
CA ARG A 159 34.75 -1.80 -4.97
C ARG A 159 34.85 -0.66 -3.97
N THR A 160 36.02 -0.55 -3.34
CA THR A 160 36.25 0.50 -2.35
C THR A 160 37.69 1.01 -2.42
N GLY A 161 37.87 2.16 -3.07
CA GLY A 161 39.19 2.74 -3.19
C GLY A 161 39.16 4.25 -3.35
N LEU A 162 40.32 4.87 -3.26
CA LEU A 162 40.43 6.32 -3.40
C LEU A 162 40.38 6.74 -4.87
N LEU A 163 39.34 7.46 -5.25
CA LEU A 163 39.18 7.91 -6.63
C LEU A 163 39.11 6.73 -7.59
N THR A 164 37.94 6.11 -7.68
CA THR A 164 37.74 4.97 -8.57
C THR A 164 37.29 5.42 -9.95
N GLU A 165 38.24 5.50 -10.88
CA GLU A 165 37.94 5.92 -12.25
C GLU A 165 37.19 4.82 -12.99
N THR A 166 36.29 5.23 -13.89
CA THR A 166 35.50 4.29 -14.67
C THR A 166 35.50 4.68 -16.15
N SER A 167 34.94 3.82 -16.99
CA SER A 167 34.86 4.07 -18.42
C SER A 167 36.26 4.23 -19.01
N GLY A 168 36.31 4.51 -20.31
CA GLY A 168 37.59 4.68 -20.99
C GLY A 168 37.47 4.57 -22.49
N PRO A 169 37.14 5.67 -23.19
CA PRO A 169 37.00 5.68 -24.64
C PRO A 169 38.35 5.53 -25.36
N SER A 170 39.39 6.09 -24.76
CA SER A 170 40.73 6.03 -25.34
C SER A 170 40.83 6.86 -26.60
N SER A 171 40.12 6.42 -27.64
CA SER A 171 40.13 7.14 -28.91
C SER A 171 39.20 8.35 -28.87
N GLY A 172 39.77 9.52 -28.64
CA GLY A 172 38.99 10.73 -28.57
C GLY A 172 38.73 11.19 -27.14
N GLY A 1 10.09 35.63 -0.67
CA GLY A 1 9.57 34.27 -0.95
C GLY A 1 10.36 33.56 -2.02
N SER A 2 9.71 33.27 -3.15
CA SER A 2 10.36 32.58 -4.26
C SER A 2 9.70 32.95 -5.59
N SER A 3 8.37 32.91 -5.61
CA SER A 3 7.62 33.23 -6.82
C SER A 3 6.30 33.91 -6.47
N GLY A 4 5.46 33.20 -5.72
CA GLY A 4 4.17 33.74 -5.34
C GLY A 4 3.11 32.67 -5.19
N SER A 5 1.98 32.85 -5.87
CA SER A 5 0.89 31.89 -5.81
C SER A 5 1.14 30.73 -6.76
N SER A 6 1.65 29.63 -6.22
CA SER A 6 1.93 28.44 -7.02
C SER A 6 1.83 27.18 -6.16
N GLY A 7 0.94 26.28 -6.55
CA GLY A 7 0.75 25.05 -5.82
C GLY A 7 0.57 23.85 -6.73
N ALA A 8 -0.61 23.25 -6.67
CA ALA A 8 -0.91 22.07 -7.50
C ALA A 8 -1.78 22.46 -8.69
N THR A 9 -1.25 22.27 -9.89
CA THR A 9 -1.99 22.59 -11.11
C THR A 9 -2.00 21.40 -12.07
N PRO A 10 -3.17 20.75 -12.24
CA PRO A 10 -3.30 19.60 -13.13
C PRO A 10 -3.13 19.97 -14.60
N PRO A 11 -2.62 19.05 -15.43
CA PRO A 11 -2.39 19.29 -16.86
C PRO A 11 -3.70 19.30 -17.65
N ILE A 12 -4.74 18.71 -17.08
CA ILE A 12 -6.04 18.65 -17.74
C ILE A 12 -6.66 20.04 -17.87
N SER A 13 -6.14 20.82 -18.81
CA SER A 13 -6.63 22.17 -19.05
C SER A 13 -6.15 22.71 -20.40
N ASN A 14 -4.87 22.52 -20.67
CA ASN A 14 -4.28 22.98 -21.93
C ASN A 14 -3.51 21.85 -22.60
N LEU A 15 -4.12 21.26 -23.63
CA LEU A 15 -3.50 20.17 -24.36
C LEU A 15 -2.95 20.66 -25.70
N THR A 16 -3.84 21.08 -26.58
CA THR A 16 -3.45 21.57 -27.90
C THR A 16 -4.52 22.50 -28.47
N LYS A 17 -4.20 23.14 -29.60
CA LYS A 17 -5.13 24.06 -30.25
C LYS A 17 -5.49 25.21 -29.32
N THR A 18 -4.87 26.37 -29.55
CA THR A 18 -5.13 27.55 -28.73
C THR A 18 -6.16 28.45 -29.40
N ALA A 19 -7.19 27.85 -29.97
CA ALA A 19 -8.24 28.61 -30.64
C ALA A 19 -9.55 28.52 -29.88
N SER A 20 -10.03 27.30 -29.68
CA SER A 20 -11.29 27.07 -28.95
C SER A 20 -11.09 27.25 -27.46
N GLU A 21 -12.13 27.68 -26.76
CA GLU A 21 -12.07 27.89 -25.32
C GLU A 21 -11.06 28.98 -24.97
N SER A 22 -11.43 29.82 -24.02
CA SER A 22 -10.56 30.92 -23.58
C SER A 22 -10.07 30.68 -22.16
N ILE A 23 -10.92 30.09 -21.34
CA ILE A 23 -10.57 29.80 -19.95
C ILE A 23 -10.36 28.31 -19.73
N SER A 24 -9.69 27.97 -18.62
CA SER A 24 -9.43 26.58 -18.29
C SER A 24 -9.82 26.28 -16.86
N ASN A 25 -10.11 25.01 -16.58
CA ASN A 25 -10.50 24.59 -15.24
C ASN A 25 -11.79 25.26 -14.81
N LEU A 26 -12.64 24.51 -14.10
CA LEU A 26 -13.91 25.02 -13.63
C LEU A 26 -13.86 25.35 -12.14
N SER A 27 -13.03 24.61 -11.41
CA SER A 27 -12.88 24.81 -9.98
C SER A 27 -14.21 24.58 -9.26
N GLU A 28 -14.12 24.23 -7.97
CA GLU A 28 -15.31 23.97 -7.17
C GLU A 28 -16.13 22.82 -7.75
N ALA A 29 -17.14 22.39 -7.01
CA ALA A 29 -18.00 21.30 -7.45
C ALA A 29 -17.19 20.02 -7.65
N GLY A 30 -17.90 18.89 -7.77
CA GLY A 30 -17.24 17.62 -7.96
C GLY A 30 -17.22 17.18 -9.41
N SER A 31 -16.53 16.08 -9.68
CA SER A 31 -16.44 15.55 -11.04
C SER A 31 -15.72 14.20 -11.06
N ILE A 32 -14.66 14.09 -10.27
CA ILE A 32 -13.89 12.86 -10.19
C ILE A 32 -13.46 12.57 -8.76
N LYS A 33 -13.39 11.28 -8.42
CA LYS A 33 -13.00 10.87 -7.08
C LYS A 33 -11.60 11.37 -6.74
N LYS A 34 -11.23 11.25 -5.47
CA LYS A 34 -9.92 11.69 -5.02
C LYS A 34 -9.55 11.03 -3.69
N GLY A 35 -8.25 10.95 -3.41
CA GLY A 35 -7.79 10.34 -2.17
C GLY A 35 -7.65 8.84 -2.29
N GLU A 36 -6.62 8.29 -1.63
CA GLU A 36 -6.38 6.86 -1.66
C GLU A 36 -6.02 6.34 -0.27
N ARG A 37 -6.91 5.52 0.28
CA ARG A 37 -6.68 4.95 1.61
C ARG A 37 -7.12 3.49 1.66
N GLU A 38 -6.99 2.80 0.53
CA GLU A 38 -7.37 1.39 0.44
C GLU A 38 -6.21 0.54 -0.07
N LEU A 39 -5.80 -0.42 0.74
CA LEU A 39 -4.71 -1.31 0.38
C LEU A 39 -5.22 -2.58 -0.28
N LYS A 40 -4.30 -3.44 -0.70
CA LYS A 40 -4.66 -4.70 -1.34
C LYS A 40 -3.74 -5.82 -0.89
N ILE A 41 -4.23 -7.06 -0.96
CA ILE A 41 -3.45 -8.22 -0.57
C ILE A 41 -2.35 -8.50 -1.57
N GLY A 42 -1.12 -8.16 -1.20
CA GLY A 42 0.02 -8.39 -2.08
C GLY A 42 1.07 -7.31 -1.95
N ASP A 43 0.66 -6.11 -1.58
CA ASP A 43 1.57 -4.98 -1.43
C ASP A 43 2.24 -5.01 -0.06
N ARG A 44 3.38 -4.35 0.06
CA ARG A 44 4.11 -4.30 1.32
C ARG A 44 3.70 -3.08 2.13
N VAL A 45 3.76 -3.21 3.46
CA VAL A 45 3.40 -2.12 4.36
C VAL A 45 4.21 -2.16 5.64
N LEU A 46 4.73 -1.01 6.04
CA LEU A 46 5.54 -0.92 7.26
C LEU A 46 4.69 -0.46 8.43
N VAL A 47 5.05 -0.91 9.64
CA VAL A 47 4.32 -0.55 10.84
C VAL A 47 5.26 -0.39 12.03
N GLY A 48 5.22 0.78 12.65
CA GLY A 48 6.09 1.04 13.79
C GLY A 48 7.35 1.78 13.41
N GLY A 49 7.88 1.46 12.24
CA GLY A 49 9.09 2.11 11.78
C GLY A 49 10.29 1.17 11.77
N THR A 50 10.02 -0.12 11.60
CA THR A 50 11.08 -1.12 11.57
C THR A 50 10.57 -2.45 11.04
N LYS A 51 9.43 -2.89 11.57
CA LYS A 51 8.82 -4.15 11.14
C LYS A 51 8.15 -4.00 9.78
N ALA A 52 8.53 -4.87 8.85
CA ALA A 52 7.96 -4.84 7.50
C ALA A 52 7.47 -6.22 7.09
N GLY A 53 6.48 -6.24 6.19
CA GLY A 53 5.94 -7.50 5.72
C GLY A 53 5.03 -7.32 4.52
N VAL A 54 4.40 -8.41 4.09
CA VAL A 54 3.49 -8.38 2.96
C VAL A 54 2.04 -8.56 3.40
N VAL A 55 1.15 -7.74 2.86
CA VAL A 55 -0.27 -7.81 3.20
C VAL A 55 -0.86 -9.14 2.79
N ARG A 56 -1.19 -9.97 3.78
CA ARG A 56 -1.77 -11.29 3.51
C ARG A 56 -3.27 -11.29 3.78
N PHE A 57 -3.68 -10.50 4.77
CA PHE A 57 -5.09 -10.41 5.14
C PHE A 57 -5.51 -8.96 5.36
N LEU A 58 -6.80 -8.69 5.24
CA LEU A 58 -7.33 -7.34 5.43
C LEU A 58 -8.79 -7.37 5.84
N GLY A 59 -9.08 -6.84 7.02
CA GLY A 59 -10.44 -6.83 7.51
C GLY A 59 -10.51 -6.68 9.02
N GLU A 60 -11.72 -6.58 9.55
CA GLU A 60 -11.93 -6.44 10.99
C GLU A 60 -11.37 -7.63 11.73
N THR A 61 -11.19 -7.48 13.05
CA THR A 61 -10.65 -8.56 13.88
C THR A 61 -11.61 -8.87 15.03
N ASP A 62 -11.20 -9.79 15.90
CA ASP A 62 -12.01 -10.18 17.04
C ASP A 62 -11.38 -9.73 18.35
N PHE A 63 -10.07 -9.89 18.45
CA PHE A 63 -9.34 -9.51 19.65
C PHE A 63 -9.40 -8.00 19.85
N ALA A 64 -9.31 -7.25 18.75
CA ALA A 64 -9.36 -5.79 18.81
C ALA A 64 -10.48 -5.25 17.93
N LYS A 65 -11.21 -4.27 18.46
CA LYS A 65 -12.31 -3.66 17.72
C LYS A 65 -11.78 -2.69 16.65
N GLY A 66 -12.51 -2.58 15.55
CA GLY A 66 -12.11 -1.70 14.48
C GLY A 66 -11.61 -2.45 13.27
N GLU A 67 -10.88 -1.76 12.40
CA GLU A 67 -10.33 -2.37 11.19
C GLU A 67 -8.85 -2.65 11.35
N TRP A 68 -8.45 -3.89 11.09
CA TRP A 68 -7.06 -4.30 11.21
C TRP A 68 -6.57 -4.93 9.90
N CYS A 69 -5.27 -4.82 9.65
CA CYS A 69 -4.66 -5.37 8.44
C CYS A 69 -3.63 -6.44 8.80
N GLY A 70 -3.97 -7.69 8.55
CA GLY A 70 -3.06 -8.79 8.84
C GLY A 70 -1.91 -8.85 7.86
N VAL A 71 -0.80 -8.21 8.22
CA VAL A 71 0.38 -8.19 7.36
C VAL A 71 1.45 -9.16 7.89
N GLU A 72 1.83 -10.12 7.05
CA GLU A 72 2.83 -11.11 7.43
C GLU A 72 4.24 -10.56 7.19
N LEU A 73 5.09 -10.68 8.20
CA LEU A 73 6.47 -10.20 8.10
C LEU A 73 7.39 -11.30 7.58
N ASP A 74 8.44 -10.91 6.85
CA ASP A 74 9.39 -11.85 6.31
C ASP A 74 10.42 -12.27 7.36
N GLU A 75 10.73 -11.34 8.26
CA GLU A 75 11.69 -11.61 9.31
C GLU A 75 10.98 -12.07 10.60
N PRO A 76 11.70 -12.80 11.47
CA PRO A 76 11.13 -13.29 12.72
C PRO A 76 10.78 -12.16 13.69
N LEU A 77 9.71 -11.43 13.36
CA LEU A 77 9.27 -10.32 14.20
C LEU A 77 7.76 -10.37 14.41
N GLY A 78 7.20 -11.58 14.41
CA GLY A 78 5.78 -11.75 14.59
C GLY A 78 5.44 -12.50 15.87
N LYS A 79 4.18 -12.91 15.99
CA LYS A 79 3.73 -13.64 17.17
C LYS A 79 2.70 -14.70 16.79
N ASN A 80 1.71 -14.29 16.00
CA ASN A 80 0.66 -15.19 15.56
C ASN A 80 1.04 -15.90 14.27
N ASP A 81 0.49 -17.08 14.05
CA ASP A 81 0.77 -17.86 12.84
C ASP A 81 -0.38 -17.74 11.84
N GLY A 82 -1.05 -16.59 11.84
CA GLY A 82 -2.15 -16.38 10.93
C GLY A 82 -3.50 -16.43 11.63
N ALA A 83 -3.65 -17.39 12.54
CA ALA A 83 -4.90 -17.54 13.28
C ALA A 83 -4.83 -16.81 14.62
N VAL A 84 -5.88 -16.06 14.93
CA VAL A 84 -5.94 -15.31 16.18
C VAL A 84 -7.31 -15.44 16.84
N ALA A 85 -7.32 -15.61 18.15
CA ALA A 85 -8.56 -15.74 18.90
C ALA A 85 -9.39 -16.92 18.40
N GLY A 86 -8.72 -17.90 17.78
CA GLY A 86 -9.42 -19.05 17.27
C GLY A 86 -9.75 -18.92 15.79
N THR A 87 -9.88 -17.68 15.32
CA THR A 87 -10.19 -17.43 13.92
C THR A 87 -8.94 -17.47 13.06
N ARG A 88 -9.05 -18.12 11.90
CA ARG A 88 -7.92 -18.24 10.99
C ARG A 88 -7.96 -17.14 9.93
N TYR A 89 -6.79 -16.71 9.48
CA TYR A 89 -6.69 -15.67 8.46
C TYR A 89 -5.83 -16.12 7.29
N PHE A 90 -4.52 -16.23 7.54
CA PHE A 90 -3.59 -16.66 6.50
C PHE A 90 -2.65 -17.74 7.03
N GLN A 91 -2.73 -18.92 6.43
CA GLN A 91 -1.89 -20.05 6.84
C GLN A 91 -0.41 -19.72 6.61
N CYS A 92 0.34 -19.59 7.70
CA CYS A 92 1.76 -19.28 7.61
C CYS A 92 2.48 -19.69 8.90
N GLN A 93 3.79 -19.89 8.80
CA GLN A 93 4.59 -20.27 9.95
C GLN A 93 4.51 -19.24 11.06
N PRO A 94 4.62 -19.67 12.33
CA PRO A 94 4.55 -18.77 13.48
C PRO A 94 5.73 -17.81 13.53
N LYS A 95 5.62 -16.79 14.37
CA LYS A 95 6.68 -15.80 14.53
C LYS A 95 6.93 -15.08 13.21
N TYR A 96 5.88 -14.92 12.41
CA TYR A 96 5.99 -14.25 11.13
C TYR A 96 4.75 -13.38 10.86
N GLY A 97 3.58 -13.97 11.05
CA GLY A 97 2.34 -13.23 10.83
C GLY A 97 2.05 -12.25 11.94
N LEU A 98 1.87 -10.98 11.57
CA LEU A 98 1.58 -9.93 12.54
C LEU A 98 0.31 -9.17 12.16
N PHE A 99 -0.37 -8.63 13.17
CA PHE A 99 -1.59 -7.88 12.95
C PHE A 99 -1.49 -6.48 13.54
N ALA A 100 -1.88 -5.48 12.75
CA ALA A 100 -1.83 -4.09 13.20
C ALA A 100 -2.92 -3.25 12.53
N PRO A 101 -3.46 -2.25 13.25
CA PRO A 101 -4.51 -1.38 12.71
C PRO A 101 -4.08 -0.67 11.44
N VAL A 102 -4.95 -0.65 10.44
CA VAL A 102 -4.66 -0.01 9.17
C VAL A 102 -4.21 1.44 9.37
N HIS A 103 -5.00 2.21 10.10
CA HIS A 103 -4.68 3.61 10.35
C HIS A 103 -3.29 3.76 10.99
N LYS A 104 -2.83 2.70 11.63
CA LYS A 104 -1.51 2.71 12.26
C LYS A 104 -0.43 2.24 11.30
N VAL A 105 -0.82 1.42 10.33
CA VAL A 105 0.11 0.91 9.35
C VAL A 105 0.44 1.97 8.29
N THR A 106 1.60 1.82 7.65
CA THR A 106 2.02 2.78 6.63
C THR A 106 2.30 2.06 5.31
N LYS A 107 2.15 2.78 4.21
CA LYS A 107 2.38 2.21 2.88
C LYS A 107 3.77 2.57 2.38
N ILE A 108 4.55 1.56 2.01
CA ILE A 108 5.90 1.78 1.50
C ILE A 108 5.89 1.99 -0.01
N GLY A 109 6.59 3.04 -0.45
CA GLY A 109 6.65 3.33 -1.87
C GLY A 109 8.08 3.47 -2.38
N PHE A 110 8.88 4.24 -1.66
CA PHE A 110 10.28 4.45 -2.03
C PHE A 110 11.22 3.70 -1.08
N PRO A 111 11.72 2.53 -1.51
CA PRO A 111 12.63 1.72 -0.69
C PRO A 111 13.79 2.54 -0.13
N SER A 112 13.60 3.07 1.07
CA SER A 112 14.63 3.88 1.72
C SER A 112 15.02 5.07 0.85
N THR A 113 15.96 5.87 1.35
CA THR A 113 16.43 7.05 0.62
C THR A 113 17.86 7.40 1.01
N THR A 114 18.52 8.19 0.18
CA THR A 114 19.89 8.59 0.44
C THR A 114 19.99 9.46 1.70
N PRO A 115 19.15 10.50 1.78
CA PRO A 115 19.14 11.41 2.95
C PRO A 115 18.96 10.66 4.27
N ALA A 116 19.23 11.34 5.37
CA ALA A 116 19.10 10.75 6.69
C ALA A 116 19.20 11.80 7.78
N LYS A 117 20.42 12.23 8.06
CA LYS A 117 20.67 13.24 9.09
C LYS A 117 21.57 14.35 8.56
N ALA A 118 20.96 15.47 8.18
CA ALA A 118 21.72 16.61 7.66
C ALA A 118 21.72 17.77 8.64
N LYS A 119 20.65 17.86 9.43
CA LYS A 119 20.52 18.93 10.41
C LYS A 119 21.69 18.92 11.40
N ALA A 120 22.18 20.10 11.74
CA ALA A 120 23.30 20.21 12.67
C ALA A 120 22.83 20.70 14.04
N ASN A 121 22.36 19.76 14.86
CA ASN A 121 21.87 20.09 16.19
C ASN A 121 21.64 18.82 17.01
N ALA A 122 21.05 17.82 16.38
CA ALA A 122 20.75 16.54 17.03
C ALA A 122 21.44 15.39 16.32
N VAL A 123 22.74 15.22 16.58
CA VAL A 123 23.51 14.15 15.97
C VAL A 123 23.15 12.79 16.57
N ARG A 124 23.19 11.75 15.75
CA ARG A 124 22.88 10.40 16.21
C ARG A 124 23.45 9.36 15.25
N ARG A 125 24.57 8.77 15.63
CA ARG A 125 25.22 7.75 14.81
C ARG A 125 24.31 6.53 14.64
N VAL A 126 23.63 6.47 13.50
CA VAL A 126 22.73 5.36 13.21
C VAL A 126 22.98 4.80 11.82
N MET A 127 23.58 3.61 11.76
CA MET A 127 23.87 2.97 10.49
C MET A 127 23.29 1.56 10.45
N ALA A 128 23.48 0.80 11.53
CA ALA A 128 22.98 -0.56 11.62
C ALA A 128 23.56 -1.43 10.52
N THR A 129 24.63 -2.15 10.84
CA THR A 129 25.29 -3.03 9.88
C THR A 129 25.27 -4.47 10.35
N THR A 130 25.65 -5.38 9.47
CA THR A 130 25.68 -6.81 9.80
C THR A 130 26.89 -7.15 10.64
N SER A 131 26.65 -7.72 11.82
CA SER A 131 27.74 -8.09 12.73
C SER A 131 27.40 -9.39 13.46
N ALA A 132 28.43 -10.04 13.98
CA ALA A 132 28.25 -11.30 14.72
C ALA A 132 29.07 -11.31 16.00
N SER A 133 29.25 -10.14 16.60
CA SER A 133 30.01 -10.01 17.83
C SER A 133 29.81 -8.64 18.47
N LEU A 134 29.95 -7.60 17.66
CA LEU A 134 29.78 -6.23 18.14
C LEU A 134 28.30 -5.93 18.41
N LYS A 135 28.06 -4.96 19.30
CA LYS A 135 26.70 -4.58 19.66
C LYS A 135 25.95 -5.76 20.26
N ARG A 136 25.75 -5.72 21.57
CA ARG A 136 25.04 -6.79 22.28
C ARG A 136 23.72 -6.28 22.84
N SER A 137 23.76 -5.13 23.51
CA SER A 137 22.56 -4.55 24.10
C SER A 137 21.54 -4.19 23.00
N PRO A 138 21.91 -3.31 22.07
CA PRO A 138 21.03 -2.90 20.98
C PRO A 138 20.83 -4.00 19.95
N SER A 139 20.04 -3.69 18.92
CA SER A 139 19.76 -4.66 17.86
C SER A 139 20.37 -4.21 16.53
N ALA A 140 19.93 -3.04 16.07
CA ALA A 140 20.42 -2.48 14.82
C ALA A 140 20.11 -3.42 13.65
N SER A 141 19.00 -3.16 12.97
CA SER A 141 18.59 -3.97 11.82
C SER A 141 17.62 -3.20 10.93
N SER A 142 18.05 -2.93 9.70
CA SER A 142 17.22 -2.21 8.75
C SER A 142 17.22 -2.91 7.39
N LEU A 143 18.38 -2.98 6.77
CA LEU A 143 18.51 -3.62 5.46
C LEU A 143 19.83 -4.39 5.36
N SER A 144 19.76 -5.61 4.84
CA SER A 144 20.95 -6.44 4.69
C SER A 144 21.71 -6.09 3.41
N SER A 145 22.92 -5.57 3.57
CA SER A 145 23.75 -5.18 2.43
C SER A 145 24.17 -6.40 1.63
N MET A 146 24.35 -7.53 2.32
CA MET A 146 24.75 -8.76 1.66
C MET A 146 24.14 -9.97 2.36
N SER A 147 23.86 -11.02 1.59
CA SER A 147 23.27 -12.23 2.14
C SER A 147 23.54 -13.42 1.22
N SER A 148 24.65 -13.38 0.50
CA SER A 148 25.02 -14.45 -0.41
C SER A 148 23.93 -14.68 -1.45
N VAL A 149 23.23 -13.61 -1.81
CA VAL A 149 22.16 -13.70 -2.81
C VAL A 149 22.48 -12.86 -4.03
N ALA A 150 21.60 -12.92 -5.03
CA ALA A 150 21.79 -12.17 -6.26
C ALA A 150 20.49 -12.05 -7.04
N SER A 151 19.80 -10.92 -6.86
CA SER A 151 18.53 -10.68 -7.54
C SER A 151 17.50 -11.74 -7.16
N SER A 152 16.30 -11.60 -7.70
CA SER A 152 15.22 -12.55 -7.42
C SER A 152 15.44 -13.86 -8.17
N VAL A 153 14.44 -14.74 -8.12
CA VAL A 153 14.52 -16.03 -8.80
C VAL A 153 13.43 -16.16 -9.86
N SER A 154 13.77 -16.82 -10.96
CA SER A 154 12.82 -17.03 -12.05
C SER A 154 12.34 -15.70 -12.61
N SER A 155 11.79 -15.73 -13.82
CA SER A 155 11.29 -14.53 -14.47
C SER A 155 12.42 -13.52 -14.68
N ARG A 156 12.82 -13.34 -15.93
CA ARG A 156 13.88 -12.40 -16.27
C ARG A 156 13.56 -11.63 -17.55
N PRO A 157 12.65 -10.63 -17.46
CA PRO A 157 12.25 -9.83 -18.61
C PRO A 157 13.39 -8.96 -19.13
N SER A 158 14.43 -9.60 -19.64
CA SER A 158 15.59 -8.89 -20.17
C SER A 158 16.46 -9.82 -21.01
N ARG A 159 17.52 -9.27 -21.60
CA ARG A 159 18.43 -10.05 -22.43
C ARG A 159 19.71 -9.27 -22.72
N THR A 160 20.73 -9.48 -21.91
CA THR A 160 22.01 -8.81 -22.08
C THR A 160 23.11 -9.47 -21.25
N GLY A 161 24.35 -9.10 -21.52
CA GLY A 161 25.46 -9.69 -20.80
C GLY A 161 26.67 -9.95 -21.68
N LEU A 162 26.44 -10.05 -22.98
CA LEU A 162 27.51 -10.30 -23.93
C LEU A 162 27.89 -9.03 -24.68
N LEU A 163 26.89 -8.23 -25.04
CA LEU A 163 27.13 -6.97 -25.76
C LEU A 163 27.79 -7.24 -27.11
N THR A 164 27.50 -6.36 -28.08
CA THR A 164 28.08 -6.50 -29.41
C THR A 164 27.63 -7.80 -30.07
N GLU A 165 27.57 -7.80 -31.39
CA GLU A 165 27.16 -8.98 -32.15
C GLU A 165 25.75 -9.41 -31.75
N THR A 166 24.78 -9.07 -32.59
CA THR A 166 23.39 -9.42 -32.31
C THR A 166 22.63 -9.68 -33.61
N SER A 167 21.42 -10.21 -33.49
CA SER A 167 20.58 -10.51 -34.65
C SER A 167 19.65 -9.34 -34.96
N GLY A 168 20.20 -8.14 -35.00
CA GLY A 168 19.41 -6.96 -35.27
C GLY A 168 19.66 -5.84 -34.27
N PRO A 169 19.77 -4.58 -34.74
CA PRO A 169 20.01 -3.43 -33.85
C PRO A 169 18.99 -3.35 -32.74
N SER A 170 19.37 -3.83 -31.56
CA SER A 170 18.49 -3.80 -30.39
C SER A 170 19.26 -3.47 -29.13
N SER A 171 19.36 -2.17 -28.82
CA SER A 171 20.07 -1.72 -27.64
C SER A 171 19.45 -0.44 -27.08
N GLY A 172 20.04 0.08 -26.01
CA GLY A 172 19.52 1.29 -25.39
C GLY A 172 19.66 2.50 -26.30
N GLY A 1 -17.06 1.33 -2.22
CA GLY A 1 -18.47 1.48 -2.70
C GLY A 1 -18.86 0.40 -3.69
N SER A 2 -17.92 0.01 -4.53
CA SER A 2 -18.16 -1.02 -5.54
C SER A 2 -17.17 -2.16 -5.41
N SER A 3 -17.27 -3.14 -6.30
CA SER A 3 -16.38 -4.30 -6.28
C SER A 3 -16.61 -5.18 -7.51
N GLY A 4 -17.88 -5.43 -7.81
CA GLY A 4 -18.20 -6.27 -8.95
C GLY A 4 -19.28 -7.29 -8.64
N SER A 5 -20.51 -6.98 -9.03
CA SER A 5 -21.65 -7.87 -8.79
C SER A 5 -21.74 -8.93 -9.88
N SER A 6 -22.79 -9.74 -9.81
CA SER A 6 -23.00 -10.80 -10.79
C SER A 6 -24.36 -10.65 -11.48
N GLY A 7 -24.34 -10.55 -12.80
CA GLY A 7 -25.57 -10.40 -13.55
C GLY A 7 -25.49 -11.00 -14.93
N ALA A 8 -25.35 -12.33 -15.00
CA ALA A 8 -25.26 -13.03 -16.27
C ALA A 8 -24.05 -12.55 -17.07
N THR A 9 -23.61 -13.37 -18.02
CA THR A 9 -22.46 -13.03 -18.84
C THR A 9 -22.83 -12.00 -19.90
N PRO A 10 -21.96 -11.00 -20.14
CA PRO A 10 -22.21 -9.95 -21.12
C PRO A 10 -22.02 -10.45 -22.56
N PRO A 11 -23.07 -10.36 -23.40
CA PRO A 11 -22.99 -10.81 -24.79
C PRO A 11 -22.10 -9.91 -25.64
N ILE A 12 -20.81 -10.23 -25.67
CA ILE A 12 -19.85 -9.45 -26.44
C ILE A 12 -19.42 -10.21 -27.70
N SER A 13 -19.47 -9.53 -28.83
CA SER A 13 -19.08 -10.13 -30.10
C SER A 13 -18.90 -9.06 -31.18
N ASN A 14 -19.88 -8.17 -31.28
CA ASN A 14 -19.83 -7.10 -32.28
C ASN A 14 -18.97 -5.94 -31.79
N LEU A 15 -19.07 -5.64 -30.49
CA LEU A 15 -18.30 -4.55 -29.90
C LEU A 15 -17.07 -5.09 -29.19
N THR A 16 -16.48 -6.15 -29.74
CA THR A 16 -15.29 -6.76 -29.15
C THR A 16 -14.50 -7.52 -30.20
N LYS A 17 -13.18 -7.48 -30.08
CA LYS A 17 -12.31 -8.17 -31.03
C LYS A 17 -11.06 -8.70 -30.32
N THR A 18 -11.24 -9.22 -29.12
CA THR A 18 -10.13 -9.75 -28.34
C THR A 18 -10.63 -10.35 -27.03
N ALA A 19 -9.99 -11.44 -26.60
CA ALA A 19 -10.36 -12.11 -25.36
C ALA A 19 -9.30 -11.91 -24.29
N SER A 20 -9.56 -12.45 -23.09
CA SER A 20 -8.62 -12.32 -21.98
C SER A 20 -7.34 -13.08 -22.28
N GLU A 21 -6.37 -12.97 -21.35
CA GLU A 21 -5.09 -13.65 -21.52
C GLU A 21 -4.42 -13.87 -20.17
N SER A 22 -3.98 -15.09 -19.92
CA SER A 22 -3.33 -15.44 -18.67
C SER A 22 -1.88 -14.93 -18.65
N ILE A 23 -1.67 -13.76 -18.08
CA ILE A 23 -0.34 -13.17 -18.01
C ILE A 23 0.46 -13.76 -16.85
N SER A 24 1.78 -13.61 -16.91
CA SER A 24 2.65 -14.13 -15.86
C SER A 24 3.20 -13.00 -15.00
N ASN A 25 4.01 -12.14 -15.61
CA ASN A 25 4.60 -11.01 -14.89
C ASN A 25 4.71 -9.79 -15.80
N LEU A 26 3.76 -9.68 -16.74
CA LEU A 26 3.75 -8.55 -17.67
C LEU A 26 3.60 -7.23 -16.93
N SER A 27 3.31 -6.17 -17.68
CA SER A 27 3.13 -4.85 -17.09
C SER A 27 1.69 -4.64 -16.63
N GLU A 28 1.22 -5.55 -15.78
CA GLU A 28 -0.15 -5.48 -15.26
C GLU A 28 -0.15 -5.54 -13.74
N ALA A 29 -0.51 -4.43 -13.10
CA ALA A 29 -0.55 -4.35 -11.65
C ALA A 29 -1.84 -3.70 -11.16
N GLY A 30 -2.00 -2.42 -11.49
CA GLY A 30 -3.19 -1.69 -11.09
C GLY A 30 -3.63 -0.67 -12.11
N SER A 31 -4.85 -0.83 -12.62
CA SER A 31 -5.39 0.08 -13.62
C SER A 31 -6.52 0.91 -13.04
N ILE A 32 -6.26 2.20 -12.84
CA ILE A 32 -7.27 3.11 -12.28
C ILE A 32 -7.54 2.80 -10.81
N LYS A 33 -8.08 1.62 -10.55
CA LYS A 33 -8.40 1.20 -9.20
C LYS A 33 -7.19 1.33 -8.28
N LYS A 34 -7.35 2.08 -7.20
CA LYS A 34 -6.27 2.29 -6.24
C LYS A 34 -6.81 2.63 -4.86
N GLY A 35 -5.92 2.75 -3.89
CA GLY A 35 -6.34 3.07 -2.53
C GLY A 35 -5.30 3.91 -1.80
N GLU A 36 -5.78 4.79 -0.92
CA GLU A 36 -4.90 5.65 -0.14
C GLU A 36 -4.88 5.22 1.33
N ARG A 37 -6.02 4.75 1.81
CA ARG A 37 -6.15 4.32 3.19
C ARG A 37 -6.30 2.80 3.28
N GLU A 38 -6.97 2.22 2.29
CA GLU A 38 -7.19 0.78 2.26
C GLU A 38 -6.17 0.10 1.35
N LEU A 39 -5.40 -0.82 1.93
CA LEU A 39 -4.38 -1.54 1.16
C LEU A 39 -4.97 -2.80 0.54
N LYS A 40 -4.14 -3.52 -0.21
CA LYS A 40 -4.58 -4.75 -0.86
C LYS A 40 -3.78 -5.95 -0.36
N ILE A 41 -4.02 -7.11 -0.94
CA ILE A 41 -3.33 -8.33 -0.54
C ILE A 41 -2.09 -8.56 -1.40
N GLY A 42 -0.93 -8.16 -0.87
CA GLY A 42 0.31 -8.32 -1.59
C GLY A 42 1.17 -7.07 -1.55
N ASP A 43 0.54 -5.92 -1.43
CA ASP A 43 1.24 -4.65 -1.38
C ASP A 43 2.16 -4.58 -0.16
N ARG A 44 3.34 -3.98 -0.34
CA ARG A 44 4.30 -3.86 0.75
C ARG A 44 3.90 -2.73 1.69
N VAL A 45 4.06 -2.98 2.99
CA VAL A 45 3.71 -1.99 4.00
C VAL A 45 4.70 -2.01 5.16
N LEU A 46 4.57 -1.05 6.06
CA LEU A 46 5.46 -0.96 7.22
C LEU A 46 4.70 -0.45 8.45
N VAL A 47 5.09 -0.96 9.62
CA VAL A 47 4.44 -0.57 10.86
C VAL A 47 5.48 -0.33 11.96
N GLY A 48 5.51 0.89 12.49
CA GLY A 48 6.45 1.21 13.54
C GLY A 48 7.71 1.88 13.00
N GLY A 49 8.05 1.58 11.76
CA GLY A 49 9.23 2.16 11.15
C GLY A 49 10.37 1.16 11.01
N THR A 50 10.03 -0.12 11.01
CA THR A 50 11.03 -1.17 10.87
C THR A 50 10.37 -2.50 10.50
N LYS A 51 9.29 -2.83 11.19
CA LYS A 51 8.57 -4.08 10.94
C LYS A 51 7.86 -4.02 9.59
N ALA A 52 8.47 -4.66 8.59
CA ALA A 52 7.89 -4.69 7.25
C ALA A 52 7.33 -6.08 6.92
N GLY A 53 6.49 -6.14 5.90
CA GLY A 53 5.89 -7.40 5.50
C GLY A 53 4.82 -7.23 4.44
N VAL A 54 4.42 -8.33 3.83
CA VAL A 54 3.39 -8.30 2.79
C VAL A 54 2.00 -8.52 3.37
N VAL A 55 1.02 -7.80 2.84
CA VAL A 55 -0.35 -7.91 3.31
C VAL A 55 -0.98 -9.21 2.85
N ARG A 56 -1.36 -10.06 3.80
CA ARG A 56 -1.98 -11.34 3.49
C ARG A 56 -3.47 -11.29 3.76
N PHE A 57 -3.87 -10.57 4.81
CA PHE A 57 -5.27 -10.45 5.16
C PHE A 57 -5.67 -8.99 5.34
N LEU A 58 -6.97 -8.71 5.26
CA LEU A 58 -7.48 -7.35 5.42
C LEU A 58 -8.93 -7.36 5.85
N GLY A 59 -9.17 -7.03 7.12
CA GLY A 59 -10.51 -7.00 7.64
C GLY A 59 -10.56 -6.57 9.10
N GLU A 60 -11.70 -6.83 9.75
CA GLU A 60 -11.86 -6.46 11.16
C GLU A 60 -11.30 -7.54 12.08
N THR A 61 -10.39 -7.14 12.96
CA THR A 61 -9.78 -8.07 13.90
C THR A 61 -10.81 -8.63 14.87
N ASP A 62 -10.41 -9.62 15.65
CA ASP A 62 -11.29 -10.25 16.63
C ASP A 62 -10.95 -9.81 18.05
N PHE A 63 -9.67 -9.54 18.28
CA PHE A 63 -9.22 -9.11 19.60
C PHE A 63 -9.45 -7.62 19.80
N ALA A 64 -9.20 -6.84 18.75
CA ALA A 64 -9.40 -5.39 18.81
C ALA A 64 -10.72 -4.98 18.19
N LYS A 65 -10.99 -3.68 18.18
CA LYS A 65 -12.23 -3.17 17.61
C LYS A 65 -11.93 -2.20 16.46
N GLY A 66 -12.53 -2.47 15.30
CA GLY A 66 -12.32 -1.61 14.15
C GLY A 66 -11.74 -2.37 12.97
N GLU A 67 -10.93 -1.68 12.16
CA GLU A 67 -10.31 -2.29 10.99
C GLU A 67 -8.81 -2.45 11.20
N TRP A 68 -8.32 -3.66 11.00
CA TRP A 68 -6.90 -3.95 11.16
C TRP A 68 -6.31 -4.57 9.90
N CYS A 69 -4.99 -4.51 9.76
CA CYS A 69 -4.31 -5.06 8.59
C CYS A 69 -3.39 -6.21 9.00
N GLY A 70 -3.70 -7.40 8.52
CA GLY A 70 -2.88 -8.56 8.84
C GLY A 70 -1.69 -8.70 7.92
N VAL A 71 -0.50 -8.43 8.45
CA VAL A 71 0.73 -8.54 7.67
C VAL A 71 1.61 -9.67 8.18
N GLU A 72 2.29 -10.35 7.25
CA GLU A 72 3.16 -11.46 7.62
C GLU A 72 4.63 -11.01 7.60
N LEU A 73 5.25 -11.02 8.77
CA LEU A 73 6.65 -10.61 8.88
C LEU A 73 7.58 -11.71 8.38
N ASP A 74 8.84 -11.36 8.15
CA ASP A 74 9.83 -12.32 7.67
C ASP A 74 10.89 -12.60 8.73
N GLU A 75 10.46 -12.59 9.99
CA GLU A 75 11.37 -12.83 11.11
C GLU A 75 10.60 -13.25 12.35
N PRO A 76 11.29 -13.84 13.35
CA PRO A 76 10.67 -14.28 14.59
C PRO A 76 10.29 -13.12 15.50
N LEU A 77 9.41 -12.24 15.00
CA LEU A 77 8.96 -11.09 15.76
C LEU A 77 7.46 -11.17 16.05
N GLY A 78 6.72 -11.76 15.12
CA GLY A 78 5.28 -11.89 15.29
C GLY A 78 4.91 -12.69 16.52
N LYS A 79 3.74 -13.32 16.49
CA LYS A 79 3.27 -14.12 17.61
C LYS A 79 2.46 -15.32 17.11
N ASN A 80 1.46 -15.06 16.28
CA ASN A 80 0.62 -16.13 15.74
C ASN A 80 0.96 -16.41 14.28
N ASP A 81 0.40 -17.49 13.76
CA ASP A 81 0.65 -17.88 12.36
C ASP A 81 -0.53 -17.48 11.48
N GLY A 82 -1.19 -16.38 11.84
CA GLY A 82 -2.33 -15.92 11.07
C GLY A 82 -3.64 -16.48 11.57
N ALA A 83 -3.70 -16.81 12.85
CA ALA A 83 -4.91 -17.36 13.45
C ALA A 83 -5.06 -16.91 14.90
N VAL A 84 -6.20 -16.34 15.23
CA VAL A 84 -6.47 -15.87 16.58
C VAL A 84 -7.83 -16.35 17.07
N ALA A 85 -7.86 -16.88 18.30
CA ALA A 85 -9.09 -17.39 18.88
C ALA A 85 -9.73 -18.46 18.01
N GLY A 86 -8.90 -19.15 17.22
CA GLY A 86 -9.40 -20.19 16.35
C GLY A 86 -9.67 -19.69 14.93
N THR A 87 -9.95 -18.40 14.81
CA THR A 87 -10.23 -17.80 13.51
C THR A 87 -8.96 -17.73 12.67
N ARG A 88 -8.96 -18.41 11.54
CA ARG A 88 -7.81 -18.42 10.65
C ARG A 88 -7.90 -17.28 9.63
N TYR A 89 -6.75 -16.65 9.36
CA TYR A 89 -6.70 -15.54 8.41
C TYR A 89 -5.82 -15.89 7.22
N PHE A 90 -4.53 -16.13 7.49
CA PHE A 90 -3.59 -16.48 6.43
C PHE A 90 -2.69 -17.62 6.87
N GLN A 91 -2.73 -18.73 6.12
CA GLN A 91 -1.92 -19.90 6.43
C GLN A 91 -0.43 -19.58 6.27
N CYS A 92 0.27 -19.49 7.39
CA CYS A 92 1.70 -19.19 7.38
C CYS A 92 2.42 -19.90 8.54
N GLN A 93 3.72 -19.70 8.61
CA GLN A 93 4.52 -20.32 9.67
C GLN A 93 4.43 -19.50 10.96
N PRO A 94 4.49 -20.17 12.13
CA PRO A 94 4.42 -19.51 13.43
C PRO A 94 5.58 -18.55 13.66
N LYS A 95 5.38 -17.58 14.55
CA LYS A 95 6.42 -16.60 14.85
C LYS A 95 6.79 -15.79 13.62
N TYR A 96 5.78 -15.32 12.90
CA TYR A 96 6.00 -14.52 11.70
C TYR A 96 4.81 -13.60 11.44
N GLY A 97 3.60 -14.15 11.49
CA GLY A 97 2.41 -13.35 11.26
C GLY A 97 2.15 -12.37 12.37
N LEU A 98 1.68 -11.17 12.01
CA LEU A 98 1.38 -10.14 12.99
C LEU A 98 0.19 -9.29 12.54
N PHE A 99 -0.47 -8.66 13.51
CA PHE A 99 -1.63 -7.83 13.21
C PHE A 99 -1.44 -6.42 13.77
N ALA A 100 -1.91 -5.43 13.03
CA ALA A 100 -1.80 -4.04 13.45
C ALA A 100 -2.89 -3.18 12.82
N PRO A 101 -3.29 -2.08 13.49
CA PRO A 101 -4.33 -1.19 12.99
C PRO A 101 -3.97 -0.56 11.64
N VAL A 102 -4.90 -0.60 10.71
CA VAL A 102 -4.67 -0.03 9.37
C VAL A 102 -4.22 1.43 9.46
N HIS A 103 -4.95 2.22 10.24
CA HIS A 103 -4.62 3.64 10.40
C HIS A 103 -3.19 3.82 10.88
N LYS A 104 -2.66 2.81 11.57
CA LYS A 104 -1.30 2.85 12.08
C LYS A 104 -0.30 2.33 11.05
N VAL A 105 -0.79 1.48 10.15
CA VAL A 105 0.06 0.91 9.10
C VAL A 105 0.20 1.87 7.92
N THR A 106 1.41 1.99 7.40
CA THR A 106 1.68 2.87 6.28
C THR A 106 2.32 2.10 5.13
N LYS A 107 2.28 2.69 3.93
CA LYS A 107 2.86 2.06 2.75
C LYS A 107 4.33 2.44 2.59
N ILE A 108 5.09 1.57 1.94
CA ILE A 108 6.52 1.83 1.73
C ILE A 108 6.87 1.74 0.25
N GLY A 109 8.15 1.96 -0.07
CA GLY A 109 8.59 1.91 -1.44
C GLY A 109 8.34 3.20 -2.19
N PHE A 110 9.25 3.56 -3.09
CA PHE A 110 9.10 4.78 -3.87
C PHE A 110 9.91 4.69 -5.17
N PRO A 111 9.32 4.10 -6.22
CA PRO A 111 9.98 3.96 -7.52
C PRO A 111 10.10 5.28 -8.26
N SER A 112 10.84 6.22 -7.67
CA SER A 112 11.03 7.53 -8.27
C SER A 112 12.45 7.67 -8.83
N THR A 113 12.72 8.81 -9.45
CA THR A 113 14.04 9.07 -10.02
C THR A 113 14.32 10.57 -10.07
N THR A 114 15.52 10.95 -9.65
CA THR A 114 15.92 12.36 -9.65
C THR A 114 16.11 12.86 -11.08
N PRO A 115 15.24 13.79 -11.53
CA PRO A 115 15.32 14.35 -12.89
C PRO A 115 16.69 14.96 -13.18
N ALA A 116 17.22 14.67 -14.37
CA ALA A 116 18.52 15.19 -14.77
C ALA A 116 18.59 15.37 -16.28
N LYS A 117 18.45 14.27 -17.01
CA LYS A 117 18.51 14.31 -18.47
C LYS A 117 17.23 14.91 -19.04
N ALA A 118 16.09 14.41 -18.59
CA ALA A 118 14.80 14.89 -19.07
C ALA A 118 14.66 14.72 -20.57
N LYS A 119 14.41 13.48 -21.00
CA LYS A 119 14.26 13.17 -22.42
C LYS A 119 12.84 13.49 -22.89
N ALA A 120 12.71 14.55 -23.67
CA ALA A 120 11.41 14.96 -24.20
C ALA A 120 11.46 15.10 -25.71
N ASN A 121 12.50 15.74 -26.22
CA ASN A 121 12.66 15.93 -27.67
C ASN A 121 14.09 15.65 -28.10
N ALA A 122 15.05 16.29 -27.42
CA ALA A 122 16.46 16.12 -27.74
C ALA A 122 17.03 14.87 -27.06
N VAL A 123 17.10 13.77 -27.80
CA VAL A 123 17.62 12.53 -27.26
C VAL A 123 19.13 12.42 -27.48
N ARG A 124 19.85 12.09 -26.42
CA ARG A 124 21.30 11.96 -26.49
C ARG A 124 21.78 10.75 -25.67
N ARG A 125 23.10 10.55 -25.65
CA ARG A 125 23.68 9.44 -24.90
C ARG A 125 24.59 9.94 -23.79
N VAL A 126 24.18 9.73 -22.55
CA VAL A 126 24.96 10.16 -21.40
C VAL A 126 24.93 9.11 -20.29
N MET A 127 26.01 8.35 -20.17
CA MET A 127 26.12 7.31 -19.15
C MET A 127 26.90 7.82 -17.94
N ALA A 128 26.81 9.12 -17.68
CA ALA A 128 27.52 9.72 -16.55
C ALA A 128 29.02 9.48 -16.64
N THR A 129 29.75 9.92 -15.62
CA THR A 129 31.19 9.76 -15.59
C THR A 129 31.58 8.38 -15.04
N THR A 130 32.81 7.97 -15.33
CA THR A 130 33.30 6.68 -14.86
C THR A 130 33.37 6.64 -13.34
N SER A 131 33.51 5.44 -12.79
CA SER A 131 33.59 5.26 -11.35
C SER A 131 32.32 5.78 -10.66
N ALA A 132 31.39 4.87 -10.40
CA ALA A 132 30.13 5.23 -9.76
C ALA A 132 29.87 4.35 -8.54
N SER A 133 30.01 4.93 -7.36
CA SER A 133 29.78 4.20 -6.12
C SER A 133 28.32 4.24 -5.72
N LEU A 134 27.83 3.16 -5.11
CA LEU A 134 26.45 3.08 -4.69
C LEU A 134 26.35 2.70 -3.21
N LYS A 135 26.76 3.62 -2.34
CA LYS A 135 26.73 3.39 -0.90
C LYS A 135 26.16 4.60 -0.16
N ARG A 136 25.24 4.34 0.75
CA ARG A 136 24.61 5.41 1.53
C ARG A 136 24.95 5.29 3.01
N SER A 137 24.70 4.11 3.57
CA SER A 137 24.98 3.87 4.98
C SER A 137 25.25 2.39 5.23
N PRO A 138 26.52 1.96 5.17
CA PRO A 138 26.89 0.56 5.40
C PRO A 138 26.69 0.12 6.84
N SER A 139 25.76 -0.80 7.05
CA SER A 139 25.46 -1.30 8.38
C SER A 139 25.35 -2.82 8.38
N ALA A 140 24.63 -3.36 7.40
CA ALA A 140 24.45 -4.81 7.29
C ALA A 140 23.71 -5.36 8.51
N SER A 141 22.65 -4.67 8.92
CA SER A 141 21.86 -5.09 10.07
C SER A 141 20.54 -5.71 9.61
N SER A 142 20.47 -7.04 9.63
CA SER A 142 19.27 -7.75 9.22
C SER A 142 18.98 -8.91 10.17
N LEU A 143 20.00 -9.71 10.44
CA LEU A 143 19.86 -10.87 11.33
C LEU A 143 21.23 -11.35 11.81
N SER A 144 21.21 -12.37 12.67
CA SER A 144 22.45 -12.92 13.20
C SER A 144 23.30 -13.53 12.10
N SER A 145 22.70 -14.45 11.34
CA SER A 145 23.40 -15.12 10.25
C SER A 145 24.62 -15.87 10.76
N MET A 146 24.40 -17.11 11.21
CA MET A 146 25.50 -17.94 11.72
C MET A 146 25.28 -19.40 11.35
N SER A 147 24.23 -20.00 11.90
CA SER A 147 23.92 -21.40 11.62
C SER A 147 22.74 -21.51 10.65
N SER A 148 22.75 -22.57 9.85
CA SER A 148 21.68 -22.81 8.88
C SER A 148 21.84 -24.17 8.22
N VAL A 149 20.81 -24.57 7.48
CA VAL A 149 20.83 -25.86 6.79
C VAL A 149 21.16 -25.70 5.32
N ALA A 150 22.12 -26.47 4.83
CA ALA A 150 22.52 -26.42 3.43
C ALA A 150 23.52 -27.52 3.10
N SER A 151 22.99 -28.65 2.64
CA SER A 151 23.84 -29.79 2.28
C SER A 151 23.21 -30.61 1.15
N SER A 152 21.92 -30.90 1.30
CA SER A 152 21.19 -31.67 0.29
C SER A 152 20.33 -30.76 -0.57
N VAL A 153 20.82 -29.57 -0.86
CA VAL A 153 20.09 -28.61 -1.67
C VAL A 153 20.71 -28.47 -3.06
N SER A 154 19.87 -28.59 -4.09
CA SER A 154 20.34 -28.48 -5.47
C SER A 154 20.04 -27.11 -6.03
N SER A 155 20.73 -26.73 -7.11
CA SER A 155 20.54 -25.44 -7.74
C SER A 155 20.55 -25.58 -9.26
N ARG A 156 21.54 -26.30 -9.79
CA ARG A 156 21.65 -26.50 -11.22
C ARG A 156 22.64 -27.62 -11.53
N PRO A 157 22.15 -28.79 -11.97
CA PRO A 157 23.02 -29.93 -12.30
C PRO A 157 24.17 -29.54 -13.22
N SER A 158 25.03 -30.51 -13.52
CA SER A 158 26.17 -30.27 -14.39
C SER A 158 27.13 -29.25 -13.78
N ARG A 159 28.42 -29.42 -14.04
CA ARG A 159 29.42 -28.52 -13.51
C ARG A 159 29.64 -27.33 -14.44
N THR A 160 29.86 -27.61 -15.72
CA THR A 160 30.08 -26.57 -16.71
C THR A 160 28.76 -26.01 -17.22
N GLY A 161 28.84 -25.01 -18.08
CA GLY A 161 27.63 -24.40 -18.63
C GLY A 161 27.93 -23.18 -19.48
N LEU A 162 27.24 -22.08 -19.19
CA LEU A 162 27.44 -20.84 -19.94
C LEU A 162 27.00 -19.63 -19.11
N LEU A 163 27.51 -18.46 -19.46
CA LEU A 163 27.17 -17.23 -18.76
C LEU A 163 26.24 -16.36 -19.59
N THR A 164 26.32 -16.51 -20.91
CA THR A 164 25.48 -15.74 -21.82
C THR A 164 25.80 -14.25 -21.72
N GLU A 165 26.27 -13.67 -22.80
CA GLU A 165 26.61 -12.25 -22.84
C GLU A 165 25.35 -11.39 -22.81
N THR A 166 25.53 -10.08 -22.87
CA THR A 166 24.41 -9.15 -22.85
C THR A 166 23.94 -8.83 -24.27
N SER A 167 22.64 -8.91 -24.50
CA SER A 167 22.06 -8.64 -25.80
C SER A 167 20.56 -8.38 -25.70
N GLY A 168 19.97 -7.91 -26.79
CA GLY A 168 18.55 -7.63 -26.80
C GLY A 168 18.17 -6.44 -25.94
N PRO A 169 16.89 -6.29 -25.56
CA PRO A 169 16.43 -5.17 -24.73
C PRO A 169 16.94 -5.28 -23.30
N SER A 170 17.09 -4.13 -22.65
CA SER A 170 17.57 -4.08 -21.28
C SER A 170 16.96 -2.90 -20.52
N SER A 171 17.33 -2.76 -19.26
CA SER A 171 16.83 -1.67 -18.44
C SER A 171 17.88 -1.21 -17.42
N GLY A 172 17.76 0.04 -16.98
CA GLY A 172 18.71 0.57 -16.02
C GLY A 172 19.99 1.07 -16.67
N GLY A 1 2.42 22.51 -44.53
CA GLY A 1 1.76 22.88 -43.25
C GLY A 1 0.41 23.54 -43.45
N SER A 2 -0.61 22.72 -43.69
CA SER A 2 -1.96 23.24 -43.91
C SER A 2 -1.99 24.25 -45.05
N SER A 3 -2.42 23.79 -46.22
CA SER A 3 -2.50 24.65 -47.39
C SER A 3 -3.96 24.91 -47.79
N GLY A 4 -4.30 26.17 -47.94
CA GLY A 4 -5.67 26.53 -48.32
C GLY A 4 -6.15 27.78 -47.61
N SER A 5 -7.29 28.30 -48.05
CA SER A 5 -7.86 29.50 -47.45
C SER A 5 -9.29 29.24 -46.98
N SER A 6 -9.88 30.22 -46.30
CA SER A 6 -11.24 30.10 -45.80
C SER A 6 -11.34 28.94 -44.81
N GLY A 7 -11.44 29.27 -43.52
CA GLY A 7 -11.55 28.25 -42.51
C GLY A 7 -12.55 28.62 -41.42
N ALA A 8 -12.48 29.87 -40.96
CA ALA A 8 -13.38 30.35 -39.92
C ALA A 8 -13.18 29.57 -38.63
N THR A 9 -11.95 29.17 -38.36
CA THR A 9 -11.63 28.41 -37.15
C THR A 9 -12.41 27.10 -37.11
N PRO A 10 -11.83 26.01 -37.65
CA PRO A 10 -12.48 24.70 -37.66
C PRO A 10 -13.03 24.29 -36.30
N PRO A 11 -14.36 24.37 -36.11
CA PRO A 11 -15.00 24.02 -34.84
C PRO A 11 -14.62 22.62 -34.38
N ILE A 12 -14.56 22.43 -33.05
CA ILE A 12 -14.20 21.15 -32.48
C ILE A 12 -15.31 20.12 -32.71
N SER A 13 -16.51 20.43 -32.22
CA SER A 13 -17.65 19.54 -32.37
C SER A 13 -18.94 20.24 -31.96
N ASN A 14 -19.64 20.82 -32.93
CA ASN A 14 -20.89 21.52 -32.66
C ASN A 14 -21.97 21.09 -33.66
N LEU A 15 -23.04 20.51 -33.12
CA LEU A 15 -24.14 20.04 -33.95
C LEU A 15 -25.48 20.26 -33.24
N THR A 16 -25.69 19.55 -32.15
CA THR A 16 -26.93 19.67 -31.37
C THR A 16 -26.63 20.06 -29.93
N LYS A 17 -27.41 20.99 -29.41
CA LYS A 17 -27.24 21.45 -28.03
C LYS A 17 -28.12 20.65 -27.08
N THR A 18 -27.49 19.86 -26.21
CA THR A 18 -28.21 19.05 -25.25
C THR A 18 -27.86 19.47 -23.82
N ALA A 19 -26.58 19.71 -23.57
CA ALA A 19 -26.11 20.11 -22.25
C ALA A 19 -26.39 21.59 -21.99
N SER A 20 -26.08 22.04 -20.79
CA SER A 20 -26.29 23.44 -20.41
C SER A 20 -24.97 24.16 -20.21
N GLU A 21 -24.80 25.28 -20.91
CA GLU A 21 -23.57 26.07 -20.81
C GLU A 21 -22.36 25.24 -21.22
N SER A 22 -21.20 25.89 -21.26
CA SER A 22 -19.96 25.21 -21.66
C SER A 22 -19.44 24.34 -20.52
N ILE A 23 -18.66 23.33 -20.87
CA ILE A 23 -18.09 22.43 -19.88
C ILE A 23 -17.06 23.14 -19.01
N SER A 24 -17.40 23.31 -17.74
CA SER A 24 -16.51 23.99 -16.79
C SER A 24 -16.90 23.67 -15.36
N ASN A 25 -17.07 22.39 -15.06
CA ASN A 25 -17.44 21.95 -13.72
C ASN A 25 -16.77 20.62 -13.37
N LEU A 26 -15.51 20.69 -12.96
CA LEU A 26 -14.77 19.50 -12.59
C LEU A 26 -14.22 19.61 -11.17
N SER A 27 -15.13 19.62 -10.19
CA SER A 27 -14.75 19.73 -8.79
C SER A 27 -14.82 18.35 -8.11
N GLU A 28 -14.55 17.30 -8.87
CA GLU A 28 -14.60 15.94 -8.33
C GLU A 28 -13.18 15.44 -8.06
N ALA A 29 -13.07 14.53 -7.09
CA ALA A 29 -11.78 13.97 -6.72
C ALA A 29 -11.95 12.64 -6.00
N GLY A 30 -12.09 11.56 -6.77
CA GLY A 30 -12.26 10.24 -6.20
C GLY A 30 -13.38 9.47 -6.85
N SER A 31 -14.17 8.78 -6.03
CA SER A 31 -15.29 8.00 -6.52
C SER A 31 -16.62 8.56 -6.03
N ILE A 32 -17.72 7.93 -6.44
CA ILE A 32 -19.04 8.37 -6.04
C ILE A 32 -19.47 7.71 -4.73
N LYS A 33 -18.96 6.51 -4.49
CA LYS A 33 -19.28 5.77 -3.27
C LYS A 33 -18.19 5.95 -2.21
N LYS A 34 -18.37 5.29 -1.07
CA LYS A 34 -17.40 5.39 0.02
C LYS A 34 -16.05 4.83 -0.42
N GLY A 35 -14.99 5.27 0.25
CA GLY A 35 -13.65 4.81 -0.08
C GLY A 35 -13.06 3.92 1.01
N GLU A 36 -12.76 2.68 0.66
CA GLU A 36 -12.19 1.74 1.62
C GLU A 36 -11.26 0.76 0.91
N ARG A 37 -10.01 1.19 0.69
CA ARG A 37 -9.02 0.35 0.03
C ARG A 37 -7.63 0.94 0.18
N GLU A 38 -7.28 1.32 1.41
CA GLU A 38 -5.97 1.90 1.69
C GLU A 38 -4.87 0.88 1.45
N LEU A 39 -5.17 -0.39 1.68
CA LEU A 39 -4.20 -1.46 1.49
C LEU A 39 -4.81 -2.62 0.71
N LYS A 40 -3.97 -3.42 0.06
CA LYS A 40 -4.43 -4.55 -0.71
C LYS A 40 -3.49 -5.74 -0.54
N ILE A 41 -3.94 -6.92 -0.95
CA ILE A 41 -3.14 -8.14 -0.86
C ILE A 41 -2.04 -8.16 -1.90
N GLY A 42 -0.80 -8.04 -1.45
CA GLY A 42 0.33 -8.04 -2.36
C GLY A 42 1.23 -6.83 -2.19
N ASP A 43 0.65 -5.73 -1.75
CA ASP A 43 1.40 -4.49 -1.53
C ASP A 43 2.05 -4.49 -0.15
N ARG A 44 3.38 -4.38 -0.13
CA ARG A 44 4.13 -4.36 1.12
C ARG A 44 3.86 -3.09 1.89
N VAL A 45 3.91 -3.18 3.22
CA VAL A 45 3.67 -2.02 4.08
C VAL A 45 4.60 -2.04 5.29
N LEU A 46 4.89 -0.85 5.82
CA LEU A 46 5.76 -0.72 6.99
C LEU A 46 4.97 -0.27 8.21
N VAL A 47 5.40 -0.71 9.38
CA VAL A 47 4.75 -0.34 10.63
C VAL A 47 5.76 -0.03 11.72
N GLY A 48 5.65 1.17 12.29
CA GLY A 48 6.57 1.57 13.34
C GLY A 48 7.92 2.03 12.80
N GLY A 49 8.04 2.09 11.48
CA GLY A 49 9.29 2.52 10.87
C GLY A 49 10.42 1.53 11.11
N THR A 50 10.09 0.26 11.24
CA THR A 50 11.08 -0.78 11.46
C THR A 50 10.57 -2.14 10.98
N LYS A 51 9.35 -2.47 11.36
CA LYS A 51 8.74 -3.74 10.97
C LYS A 51 8.02 -3.61 9.63
N ALA A 52 8.46 -4.38 8.64
CA ALA A 52 7.86 -4.35 7.32
C ALA A 52 7.52 -5.77 6.83
N GLY A 53 6.36 -5.91 6.20
CA GLY A 53 5.95 -7.21 5.70
C GLY A 53 4.92 -7.10 4.60
N VAL A 54 4.61 -8.23 3.97
CA VAL A 54 3.62 -8.26 2.89
C VAL A 54 2.22 -8.51 3.43
N VAL A 55 1.25 -7.83 2.85
CA VAL A 55 -0.14 -7.98 3.28
C VAL A 55 -0.73 -9.30 2.78
N ARG A 56 -1.31 -10.07 3.69
CA ARG A 56 -1.91 -11.35 3.35
C ARG A 56 -3.39 -11.37 3.67
N PHE A 57 -3.75 -10.82 4.83
CA PHE A 57 -5.14 -10.76 5.27
C PHE A 57 -5.57 -9.32 5.52
N LEU A 58 -6.85 -9.05 5.27
CA LEU A 58 -7.39 -7.71 5.48
C LEU A 58 -8.83 -7.77 6.00
N GLY A 59 -8.98 -7.52 7.30
CA GLY A 59 -10.31 -7.55 7.90
C GLY A 59 -10.28 -7.18 9.37
N GLU A 60 -10.99 -7.96 10.19
CA GLU A 60 -11.05 -7.70 11.62
C GLU A 60 -10.00 -8.52 12.36
N THR A 61 -9.69 -8.11 13.58
CA THR A 61 -8.70 -8.80 14.41
C THR A 61 -9.36 -9.55 15.57
N ASP A 62 -10.65 -9.29 15.78
CA ASP A 62 -11.39 -9.94 16.85
C ASP A 62 -10.94 -9.42 18.22
N PHE A 63 -9.68 -9.70 18.57
CA PHE A 63 -9.13 -9.27 19.84
C PHE A 63 -9.21 -7.75 19.98
N ALA A 64 -9.15 -7.05 18.85
CA ALA A 64 -9.22 -5.60 18.85
C ALA A 64 -10.46 -5.11 18.11
N LYS A 65 -10.82 -3.84 18.33
CA LYS A 65 -11.99 -3.25 17.69
C LYS A 65 -11.59 -2.52 16.42
N GLY A 66 -12.59 -2.11 15.64
CA GLY A 66 -12.33 -1.40 14.40
C GLY A 66 -11.90 -2.33 13.28
N GLU A 67 -10.86 -1.93 12.56
CA GLU A 67 -10.36 -2.74 11.44
C GLU A 67 -8.83 -2.81 11.47
N TRP A 68 -8.30 -4.02 11.43
CA TRP A 68 -6.86 -4.22 11.44
C TRP A 68 -6.39 -4.87 10.15
N CYS A 69 -5.13 -4.62 9.79
CA CYS A 69 -4.56 -5.18 8.57
C CYS A 69 -3.55 -6.27 8.90
N GLY A 70 -3.88 -7.50 8.52
CA GLY A 70 -2.99 -8.62 8.79
C GLY A 70 -1.81 -8.66 7.83
N VAL A 71 -0.65 -8.23 8.32
CA VAL A 71 0.56 -8.23 7.50
C VAL A 71 1.56 -9.26 7.99
N GLU A 72 2.06 -10.09 7.07
CA GLU A 72 3.02 -11.12 7.41
C GLU A 72 4.44 -10.59 7.32
N LEU A 73 5.22 -10.79 8.39
CA LEU A 73 6.60 -10.33 8.43
C LEU A 73 7.54 -11.36 7.83
N ASP A 74 8.72 -10.91 7.42
CA ASP A 74 9.71 -11.80 6.82
C ASP A 74 10.59 -12.43 7.89
N GLU A 75 10.92 -11.65 8.92
CA GLU A 75 11.75 -12.13 10.00
C GLU A 75 10.90 -12.72 11.13
N PRO A 76 11.52 -13.54 12.00
CA PRO A 76 10.81 -14.17 13.12
C PRO A 76 10.42 -13.17 14.19
N LEU A 77 9.56 -12.21 13.83
CA LEU A 77 9.12 -11.19 14.76
C LEU A 77 7.64 -11.36 15.09
N GLY A 78 6.88 -11.90 14.13
CA GLY A 78 5.45 -12.10 14.34
C GLY A 78 5.16 -12.98 15.54
N LYS A 79 3.89 -13.17 15.84
CA LYS A 79 3.47 -13.98 16.97
C LYS A 79 2.35 -14.93 16.58
N ASN A 80 1.33 -14.38 15.91
CA ASN A 80 0.19 -15.19 15.47
C ASN A 80 0.50 -15.91 14.17
N ASP A 81 0.08 -17.18 14.09
CA ASP A 81 0.31 -17.98 12.90
C ASP A 81 -0.93 -18.00 12.01
N GLY A 82 -1.70 -16.92 12.03
CA GLY A 82 -2.90 -16.84 11.23
C GLY A 82 -4.09 -17.49 11.91
N ALA A 83 -4.09 -17.49 13.23
CA ALA A 83 -5.18 -18.09 14.00
C ALA A 83 -5.37 -17.37 15.34
N VAL A 84 -6.57 -16.85 15.55
CA VAL A 84 -6.89 -16.14 16.78
C VAL A 84 -8.33 -16.37 17.21
N ALA A 85 -8.52 -16.82 18.45
CA ALA A 85 -9.86 -17.08 18.97
C ALA A 85 -10.61 -18.07 18.08
N GLY A 86 -9.87 -18.96 17.44
CA GLY A 86 -10.48 -19.95 16.56
C GLY A 86 -10.87 -19.37 15.21
N THR A 87 -10.18 -18.32 14.80
CA THR A 87 -10.46 -17.67 13.53
C THR A 87 -9.21 -17.68 12.63
N ARG A 88 -9.34 -18.30 11.46
CA ARG A 88 -8.24 -18.38 10.51
C ARG A 88 -8.17 -17.13 9.64
N TYR A 89 -6.98 -16.58 9.48
CA TYR A 89 -6.79 -15.39 8.66
C TYR A 89 -6.02 -15.72 7.38
N PHE A 90 -4.77 -16.13 7.53
CA PHE A 90 -3.94 -16.48 6.39
C PHE A 90 -2.96 -17.60 6.75
N GLN A 91 -2.92 -18.63 5.91
CA GLN A 91 -2.03 -19.77 6.14
C GLN A 91 -0.58 -19.38 5.92
N CYS A 92 0.20 -19.38 6.99
CA CYS A 92 1.61 -19.02 6.91
C CYS A 92 2.42 -19.71 8.01
N GLN A 93 3.72 -19.48 8.03
CA GLN A 93 4.59 -20.07 9.03
C GLN A 93 4.46 -19.35 10.37
N PRO A 94 4.51 -20.10 11.49
CA PRO A 94 4.40 -19.52 12.83
C PRO A 94 5.47 -18.47 13.09
N LYS A 95 5.21 -17.59 14.06
CA LYS A 95 6.16 -16.54 14.41
C LYS A 95 6.46 -15.65 13.21
N TYR A 96 5.42 -15.20 12.53
CA TYR A 96 5.58 -14.35 11.37
C TYR A 96 4.34 -13.49 11.14
N GLY A 97 3.17 -14.10 11.23
CA GLY A 97 1.93 -13.38 11.03
C GLY A 97 1.67 -12.37 12.13
N LEU A 98 1.58 -11.10 11.76
CA LEU A 98 1.32 -10.04 12.73
C LEU A 98 0.17 -9.15 12.28
N PHE A 99 -0.51 -8.54 13.24
CA PHE A 99 -1.64 -7.67 12.96
C PHE A 99 -1.40 -6.26 13.52
N ALA A 100 -1.83 -5.26 12.78
CA ALA A 100 -1.67 -3.87 13.19
C ALA A 100 -2.78 -2.99 12.64
N PRO A 101 -3.19 -1.94 13.39
CA PRO A 101 -4.23 -1.02 12.95
C PRO A 101 -3.92 -0.38 11.60
N VAL A 102 -4.94 -0.26 10.76
CA VAL A 102 -4.76 0.34 9.44
C VAL A 102 -4.10 1.71 9.53
N HIS A 103 -4.67 2.56 10.39
CA HIS A 103 -4.12 3.92 10.58
C HIS A 103 -2.66 3.87 10.98
N LYS A 104 -2.26 2.76 11.62
CA LYS A 104 -0.87 2.59 12.04
C LYS A 104 -0.03 1.99 10.92
N VAL A 105 -0.67 1.26 10.02
CA VAL A 105 0.02 0.63 8.91
C VAL A 105 0.41 1.65 7.86
N THR A 106 1.72 1.87 7.71
CA THR A 106 2.23 2.83 6.74
C THR A 106 2.59 2.13 5.43
N LYS A 107 2.57 2.89 4.33
CA LYS A 107 2.90 2.34 3.03
C LYS A 107 4.36 2.61 2.68
N ILE A 108 4.95 1.72 1.89
CA ILE A 108 6.35 1.85 1.48
C ILE A 108 6.58 1.22 0.11
N GLY A 109 7.80 1.38 -0.40
CA GLY A 109 8.13 0.81 -1.70
C GLY A 109 9.42 1.38 -2.26
N PHE A 110 9.66 2.66 -2.03
CA PHE A 110 10.87 3.31 -2.52
C PHE A 110 12.09 2.81 -1.76
N PRO A 111 13.24 2.68 -2.45
CA PRO A 111 14.48 2.20 -1.84
C PRO A 111 15.17 3.28 -0.98
N SER A 112 14.61 4.48 -0.99
CA SER A 112 15.17 5.59 -0.22
C SER A 112 15.26 5.22 1.26
N THR A 113 15.76 6.16 2.07
CA THR A 113 15.90 5.94 3.50
C THR A 113 15.71 7.24 4.28
N THR A 114 16.43 8.28 3.86
CA THR A 114 16.34 9.58 4.52
C THR A 114 16.50 10.71 3.51
N PRO A 115 15.40 11.37 3.12
CA PRO A 115 15.43 12.48 2.15
C PRO A 115 16.47 13.53 2.52
N ALA A 116 17.26 13.94 1.53
CA ALA A 116 18.29 14.95 1.74
C ALA A 116 18.19 16.07 0.72
N LYS A 117 18.32 15.72 -0.55
CA LYS A 117 18.24 16.70 -1.63
C LYS A 117 17.17 16.30 -2.64
N ALA A 118 16.15 17.14 -2.78
CA ALA A 118 15.07 16.88 -3.72
C ALA A 118 15.34 17.55 -5.06
N LYS A 119 15.89 16.78 -5.99
CA LYS A 119 16.19 17.29 -7.32
C LYS A 119 15.67 16.36 -8.40
N ALA A 120 15.69 16.83 -9.64
CA ALA A 120 15.21 16.03 -10.78
C ALA A 120 16.11 14.84 -11.02
N ASN A 121 17.41 15.02 -10.79
CA ASN A 121 18.38 13.95 -10.98
C ASN A 121 18.88 13.41 -9.65
N ALA A 122 19.64 12.32 -9.71
CA ALA A 122 20.17 11.70 -8.50
C ALA A 122 21.31 10.75 -8.83
N VAL A 123 21.12 9.94 -9.87
CA VAL A 123 22.13 8.98 -10.30
C VAL A 123 23.47 9.66 -10.56
N ARG A 124 23.41 10.84 -11.17
CA ARG A 124 24.62 11.60 -11.50
C ARG A 124 24.36 13.10 -11.40
N ARG A 125 24.70 13.68 -10.25
CA ARG A 125 24.51 15.11 -10.02
C ARG A 125 25.43 15.61 -8.91
N VAL A 126 25.26 15.05 -7.72
CA VAL A 126 26.06 15.44 -6.57
C VAL A 126 26.50 14.22 -5.76
N MET A 127 27.81 14.01 -5.67
CA MET A 127 28.36 12.88 -4.93
C MET A 127 28.49 13.22 -3.46
N ALA A 128 29.18 12.35 -2.71
CA ALA A 128 29.39 12.56 -1.29
C ALA A 128 30.47 11.62 -0.75
N THR A 129 31.18 12.08 0.28
CA THR A 129 32.23 11.29 0.90
C THR A 129 32.01 11.15 2.40
N THR A 130 30.74 11.05 2.80
CA THR A 130 30.40 10.92 4.21
C THR A 130 30.31 9.45 4.61
N SER A 131 30.28 9.21 5.91
CA SER A 131 30.21 7.84 6.44
C SER A 131 31.42 7.02 6.00
N ALA A 132 32.41 6.93 6.89
CA ALA A 132 33.62 6.17 6.60
C ALA A 132 34.04 5.33 7.80
N SER A 133 35.21 4.70 7.70
CA SER A 133 35.73 3.87 8.78
C SER A 133 37.22 3.63 8.61
N LEU A 134 37.82 2.95 9.59
CA LEU A 134 39.24 2.66 9.55
C LEU A 134 39.49 1.15 9.47
N LYS A 135 38.73 0.40 10.25
CA LYS A 135 38.86 -1.06 10.26
C LYS A 135 37.58 -1.73 9.78
N ARG A 136 37.66 -2.39 8.63
CA ARG A 136 36.50 -3.07 8.07
C ARG A 136 36.91 -4.39 7.42
N SER A 137 37.97 -4.35 6.62
CA SER A 137 38.46 -5.55 5.94
C SER A 137 39.99 -5.62 6.03
N PRO A 138 40.54 -6.84 6.17
CA PRO A 138 42.00 -7.04 6.25
C PRO A 138 42.69 -6.85 4.92
N SER A 139 42.06 -7.34 3.85
CA SER A 139 42.62 -7.22 2.52
C SER A 139 41.53 -6.96 1.48
N ALA A 140 41.67 -5.86 0.74
CA ALA A 140 40.70 -5.50 -0.27
C ALA A 140 40.96 -6.23 -1.58
N SER A 141 40.74 -7.55 -1.58
CA SER A 141 40.96 -8.37 -2.77
C SER A 141 42.41 -8.28 -3.23
N SER A 142 43.21 -9.26 -2.82
CA SER A 142 44.62 -9.30 -3.19
C SER A 142 45.19 -10.70 -3.02
N LEU A 143 45.73 -11.26 -4.10
CA LEU A 143 46.30 -12.59 -4.08
C LEU A 143 45.23 -13.64 -3.79
N SER A 144 44.85 -13.76 -2.52
CA SER A 144 43.84 -14.72 -2.10
C SER A 144 42.53 -14.49 -2.84
N SER A 145 41.86 -13.38 -2.52
CA SER A 145 40.59 -13.04 -3.15
C SER A 145 39.56 -14.13 -2.91
N MET A 146 38.77 -13.97 -1.85
CA MET A 146 37.74 -14.94 -1.50
C MET A 146 36.44 -14.63 -2.24
N SER A 147 36.06 -13.36 -2.25
CA SER A 147 34.83 -12.93 -2.92
C SER A 147 33.62 -13.59 -2.30
N SER A 148 33.69 -13.88 -1.00
CA SER A 148 32.59 -14.52 -0.29
C SER A 148 31.45 -13.53 -0.04
N VAL A 149 30.32 -13.77 -0.68
CA VAL A 149 29.15 -12.91 -0.51
C VAL A 149 27.99 -13.67 0.14
N ALA A 150 28.22 -14.13 1.37
CA ALA A 150 27.20 -14.86 2.10
C ALA A 150 26.76 -14.10 3.34
N SER A 151 25.44 -14.00 3.53
CA SER A 151 24.89 -13.28 4.67
C SER A 151 23.93 -14.16 5.45
N SER A 152 24.45 -14.89 6.43
CA SER A 152 23.64 -15.77 7.26
C SER A 152 22.99 -16.86 6.41
N VAL A 153 22.67 -17.98 7.04
CA VAL A 153 22.04 -19.10 6.34
C VAL A 153 20.92 -19.71 7.18
N SER A 154 19.69 -19.36 6.86
CA SER A 154 18.53 -19.88 7.58
C SER A 154 17.38 -20.17 6.62
N SER A 155 17.09 -19.21 5.75
CA SER A 155 16.01 -19.36 4.78
C SER A 155 16.48 -20.17 3.57
N ARG A 156 17.37 -19.59 2.77
CA ARG A 156 17.89 -20.25 1.59
C ARG A 156 16.77 -20.58 0.61
N PRO A 157 16.49 -19.66 -0.34
CA PRO A 157 15.43 -19.87 -1.34
C PRO A 157 15.77 -20.98 -2.33
N SER A 158 15.16 -22.14 -2.13
CA SER A 158 15.39 -23.29 -3.00
C SER A 158 14.83 -23.04 -4.39
N ARG A 159 15.08 -23.97 -5.31
CA ARG A 159 14.60 -23.85 -6.67
C ARG A 159 13.93 -25.13 -7.13
N THR A 160 13.17 -25.05 -8.22
CA THR A 160 12.47 -26.22 -8.75
C THR A 160 12.14 -26.03 -10.23
N GLY A 161 11.68 -27.09 -10.87
CA GLY A 161 11.32 -27.02 -12.28
C GLY A 161 12.49 -27.36 -13.18
N LEU A 162 13.32 -26.37 -13.48
CA LEU A 162 14.48 -26.57 -14.34
C LEU A 162 15.68 -27.05 -13.53
N LEU A 163 16.67 -27.62 -14.21
CA LEU A 163 17.87 -28.11 -13.55
C LEU A 163 19.08 -28.01 -14.48
N THR A 164 19.64 -26.80 -14.57
CA THR A 164 20.80 -26.56 -15.42
C THR A 164 21.77 -25.59 -14.75
N GLU A 165 22.58 -26.12 -13.83
CA GLU A 165 23.56 -25.29 -13.12
C GLU A 165 24.87 -26.05 -12.95
N THR A 166 24.84 -27.13 -12.17
CA THR A 166 26.03 -27.92 -11.91
C THR A 166 27.12 -27.10 -11.25
N SER A 167 26.71 -26.17 -10.39
CA SER A 167 27.66 -25.31 -9.69
C SER A 167 27.03 -24.72 -8.43
N GLY A 168 27.26 -25.37 -7.30
CA GLY A 168 26.71 -24.90 -6.05
C GLY A 168 27.69 -25.02 -4.89
N PRO A 169 28.73 -24.16 -4.85
CA PRO A 169 29.73 -24.19 -3.78
C PRO A 169 29.17 -23.74 -2.44
N SER A 170 29.84 -24.13 -1.36
CA SER A 170 29.41 -23.75 -0.01
C SER A 170 28.00 -24.29 0.27
N SER A 171 27.93 -25.40 0.99
CA SER A 171 26.66 -26.01 1.34
C SER A 171 26.20 -25.56 2.72
N GLY A 172 27.11 -25.58 3.68
CA GLY A 172 26.78 -25.17 5.03
C GLY A 172 26.85 -23.67 5.22
N GLY A 1 13.46 40.73 -15.95
CA GLY A 1 14.16 39.42 -15.89
C GLY A 1 13.20 38.26 -15.64
N SER A 2 12.26 38.48 -14.73
CA SER A 2 11.27 37.45 -14.39
C SER A 2 10.08 37.52 -15.32
N SER A 3 9.86 36.45 -16.08
CA SER A 3 8.75 36.38 -17.01
C SER A 3 8.49 34.95 -17.47
N GLY A 4 7.44 34.76 -18.25
CA GLY A 4 7.12 33.42 -18.73
C GLY A 4 5.63 33.24 -18.97
N SER A 5 5.17 33.62 -20.16
CA SER A 5 3.76 33.50 -20.51
C SER A 5 3.56 32.45 -21.60
N SER A 6 2.31 32.13 -21.88
CA SER A 6 1.98 31.14 -22.91
C SER A 6 0.50 31.21 -23.29
N GLY A 7 -0.36 30.89 -22.33
CA GLY A 7 -1.78 30.91 -22.59
C GLY A 7 -2.36 32.32 -22.49
N ALA A 8 -2.61 32.94 -23.64
CA ALA A 8 -3.15 34.29 -23.68
C ALA A 8 -4.45 34.33 -24.49
N THR A 9 -4.31 34.31 -25.82
CA THR A 9 -5.46 34.35 -26.70
C THR A 9 -6.15 32.99 -26.75
N PRO A 10 -5.40 31.92 -27.07
CA PRO A 10 -5.97 30.57 -27.15
C PRO A 10 -6.15 29.93 -25.77
N PRO A 11 -7.06 28.95 -25.66
CA PRO A 11 -7.32 28.26 -24.40
C PRO A 11 -6.06 27.73 -23.74
N ILE A 12 -6.10 27.56 -22.43
CA ILE A 12 -4.95 27.05 -21.68
C ILE A 12 -5.40 26.20 -20.49
N SER A 13 -6.38 26.69 -19.75
CA SER A 13 -6.90 25.97 -18.59
C SER A 13 -8.01 25.02 -18.99
N ASN A 14 -7.63 23.88 -19.56
CA ASN A 14 -8.59 22.87 -19.99
C ASN A 14 -8.71 21.76 -18.96
N LEU A 15 -7.57 21.22 -18.55
CA LEU A 15 -7.54 20.13 -17.57
C LEU A 15 -6.90 20.59 -16.27
N THR A 16 -7.72 21.05 -15.34
CA THR A 16 -7.23 21.53 -14.05
C THR A 16 -7.69 20.61 -12.91
N LYS A 17 -8.97 20.23 -12.96
CA LYS A 17 -9.54 19.36 -11.94
C LYS A 17 -10.90 18.85 -12.37
N THR A 18 -11.25 17.64 -11.91
CA THR A 18 -12.53 17.05 -12.25
C THR A 18 -12.67 16.87 -13.76
N ALA A 19 -13.55 15.96 -14.17
CA ALA A 19 -13.78 15.70 -15.58
C ALA A 19 -14.30 16.94 -16.30
N SER A 20 -14.59 16.80 -17.59
CA SER A 20 -15.09 17.92 -18.38
C SER A 20 -16.51 17.63 -18.88
N GLU A 21 -17.49 18.19 -18.19
CA GLU A 21 -18.89 18.00 -18.56
C GLU A 21 -19.60 19.34 -18.68
N SER A 22 -20.94 19.29 -18.78
CA SER A 22 -21.74 20.50 -18.90
C SER A 22 -21.78 21.26 -17.59
N ILE A 23 -21.80 20.51 -16.48
CA ILE A 23 -21.85 21.11 -15.15
C ILE A 23 -20.67 20.64 -14.30
N SER A 24 -20.39 19.35 -14.36
CA SER A 24 -19.29 18.76 -13.60
C SER A 24 -19.32 19.23 -12.14
N ASN A 25 -20.51 19.52 -11.64
CA ASN A 25 -20.67 19.99 -10.26
C ASN A 25 -22.12 19.85 -9.82
N LEU A 26 -22.34 19.12 -8.73
CA LEU A 26 -23.69 18.92 -8.20
C LEU A 26 -23.75 19.31 -6.72
N SER A 27 -22.73 18.89 -5.96
CA SER A 27 -22.68 19.20 -4.54
C SER A 27 -21.44 20.04 -4.22
N GLU A 28 -21.16 20.20 -2.94
CA GLU A 28 -20.01 20.99 -2.49
C GLU A 28 -19.00 20.11 -1.76
N ALA A 29 -17.81 20.66 -1.55
CA ALA A 29 -16.75 19.92 -0.86
C ALA A 29 -16.39 18.64 -1.61
N GLY A 30 -15.44 17.90 -1.06
CA GLY A 30 -15.02 16.65 -1.69
C GLY A 30 -13.65 16.20 -1.23
N SER A 31 -13.28 14.98 -1.59
CA SER A 31 -11.98 14.44 -1.21
C SER A 31 -11.00 14.50 -2.38
N ILE A 32 -9.97 15.34 -2.23
CA ILE A 32 -8.96 15.50 -3.27
C ILE A 32 -8.04 14.28 -3.32
N LYS A 33 -7.83 13.65 -2.18
CA LYS A 33 -6.98 12.48 -2.10
C LYS A 33 -7.57 11.32 -2.87
N LYS A 34 -6.80 10.23 -2.99
CA LYS A 34 -7.25 9.05 -3.71
C LYS A 34 -7.68 7.95 -2.74
N GLY A 35 -6.84 7.67 -1.75
CA GLY A 35 -7.15 6.65 -0.78
C GLY A 35 -5.99 6.36 0.16
N GLU A 36 -6.23 6.51 1.45
CA GLU A 36 -5.19 6.27 2.46
C GLU A 36 -5.52 5.04 3.29
N ARG A 37 -6.81 4.81 3.54
CA ARG A 37 -7.25 3.67 4.32
C ARG A 37 -7.76 2.55 3.41
N GLU A 38 -7.11 2.38 2.27
CA GLU A 38 -7.49 1.35 1.31
C GLU A 38 -6.28 0.58 0.82
N LEU A 39 -6.04 -0.59 1.43
CA LEU A 39 -4.91 -1.42 1.05
C LEU A 39 -5.38 -2.71 0.40
N LYS A 40 -4.47 -3.37 -0.32
CA LYS A 40 -4.80 -4.62 -1.00
C LYS A 40 -3.75 -5.69 -0.72
N ILE A 41 -4.07 -6.93 -1.05
CA ILE A 41 -3.16 -8.04 -0.83
C ILE A 41 -2.08 -8.10 -1.92
N GLY A 42 -0.83 -7.91 -1.52
CA GLY A 42 0.26 -7.96 -2.48
C GLY A 42 1.28 -6.87 -2.23
N ASP A 43 0.82 -5.69 -1.84
CA ASP A 43 1.69 -4.56 -1.57
C ASP A 43 2.38 -4.72 -0.22
N ARG A 44 3.45 -3.96 0.00
CA ARG A 44 4.20 -4.02 1.24
C ARG A 44 3.90 -2.80 2.11
N VAL A 45 3.95 -2.99 3.43
CA VAL A 45 3.68 -1.91 4.36
C VAL A 45 4.65 -1.94 5.54
N LEU A 46 4.84 -0.80 6.17
CA LEU A 46 5.75 -0.69 7.32
C LEU A 46 5.02 -0.11 8.54
N VAL A 47 5.21 -0.75 9.69
CA VAL A 47 4.59 -0.30 10.92
C VAL A 47 5.63 -0.02 12.00
N GLY A 48 5.78 1.24 12.36
CA GLY A 48 6.74 1.61 13.38
C GLY A 48 8.06 2.07 12.79
N GLY A 49 8.39 1.57 11.61
CA GLY A 49 9.63 1.94 10.95
C GLY A 49 10.72 0.89 11.13
N THR A 50 10.31 -0.36 11.21
CA THR A 50 11.25 -1.46 11.38
C THR A 50 10.66 -2.78 10.84
N LYS A 51 9.42 -3.05 11.22
CA LYS A 51 8.73 -4.26 10.78
C LYS A 51 8.04 -4.05 9.44
N ALA A 52 8.61 -4.63 8.39
CA ALA A 52 8.03 -4.50 7.05
C ALA A 52 7.65 -5.86 6.48
N GLY A 53 6.35 -6.15 6.45
CA GLY A 53 5.88 -7.41 5.93
C GLY A 53 4.95 -7.24 4.76
N VAL A 54 4.52 -8.35 4.18
CA VAL A 54 3.60 -8.33 3.05
C VAL A 54 2.16 -8.58 3.47
N VAL A 55 1.24 -7.81 2.90
CA VAL A 55 -0.17 -7.96 3.23
C VAL A 55 -0.72 -9.30 2.74
N ARG A 56 -1.32 -10.06 3.65
CA ARG A 56 -1.88 -11.36 3.32
C ARG A 56 -3.40 -11.37 3.53
N PHE A 57 -3.83 -10.74 4.62
CA PHE A 57 -5.25 -10.67 4.95
C PHE A 57 -5.69 -9.24 5.22
N LEU A 58 -6.98 -8.97 5.07
CA LEU A 58 -7.52 -7.65 5.30
C LEU A 58 -8.99 -7.72 5.73
N GLY A 59 -9.24 -7.42 6.99
CA GLY A 59 -10.61 -7.45 7.50
C GLY A 59 -10.68 -7.07 8.96
N GLU A 60 -11.82 -7.35 9.58
CA GLU A 60 -12.03 -7.02 11.00
C GLU A 60 -11.51 -8.14 11.89
N THR A 61 -10.62 -7.79 12.81
CA THR A 61 -10.05 -8.77 13.73
C THR A 61 -11.00 -9.03 14.90
N ASP A 62 -10.54 -9.83 15.86
CA ASP A 62 -11.36 -10.16 17.03
C ASP A 62 -10.56 -10.04 18.31
N PHE A 63 -10.29 -8.80 18.73
CA PHE A 63 -9.53 -8.54 19.95
C PHE A 63 -9.42 -7.04 20.22
N ALA A 64 -9.22 -6.27 19.16
CA ALA A 64 -9.09 -4.83 19.28
C ALA A 64 -10.32 -4.12 18.71
N LYS A 65 -11.09 -4.82 17.89
CA LYS A 65 -12.29 -4.26 17.28
C LYS A 65 -11.93 -3.10 16.35
N GLY A 66 -12.78 -2.87 15.36
CA GLY A 66 -12.54 -1.80 14.42
C GLY A 66 -12.14 -2.30 13.04
N GLU A 67 -10.86 -2.15 12.71
CA GLU A 67 -10.35 -2.59 11.41
C GLU A 67 -8.84 -2.75 11.45
N TRP A 68 -8.37 -3.99 11.34
CA TRP A 68 -6.94 -4.28 11.37
C TRP A 68 -6.51 -4.98 10.08
N CYS A 69 -5.22 -4.86 9.76
CA CYS A 69 -4.68 -5.49 8.55
C CYS A 69 -3.69 -6.58 8.91
N GLY A 70 -4.02 -7.81 8.53
CA GLY A 70 -3.15 -8.93 8.81
C GLY A 70 -1.95 -9.00 7.88
N VAL A 71 -0.82 -8.47 8.33
CA VAL A 71 0.40 -8.47 7.53
C VAL A 71 1.38 -9.52 8.02
N GLU A 72 1.93 -10.30 7.09
CA GLU A 72 2.88 -11.35 7.44
C GLU A 72 4.32 -10.84 7.33
N LEU A 73 5.04 -10.88 8.44
CA LEU A 73 6.42 -10.41 8.46
C LEU A 73 7.35 -11.44 7.83
N ASP A 74 8.46 -10.96 7.25
CA ASP A 74 9.42 -11.84 6.61
C ASP A 74 10.61 -12.10 7.53
N GLU A 75 10.36 -12.08 8.83
CA GLU A 75 11.41 -12.32 9.82
C GLU A 75 10.82 -12.89 11.10
N PRO A 76 11.66 -13.51 11.94
CA PRO A 76 11.22 -14.09 13.22
C PRO A 76 10.82 -13.03 14.24
N LEU A 77 9.79 -12.27 13.91
CA LEU A 77 9.31 -11.21 14.79
C LEU A 77 7.85 -11.45 15.19
N GLY A 78 7.05 -11.93 14.24
CA GLY A 78 5.65 -12.20 14.51
C GLY A 78 5.46 -13.16 15.66
N LYS A 79 4.21 -13.29 16.12
CA LYS A 79 3.89 -14.18 17.22
C LYS A 79 2.87 -15.24 16.80
N ASN A 80 1.72 -14.78 16.32
CA ASN A 80 0.66 -15.67 15.88
C ASN A 80 0.99 -16.28 14.52
N ASP A 81 0.36 -17.41 14.20
CA ASP A 81 0.59 -18.09 12.93
C ASP A 81 -0.52 -17.78 11.94
N GLY A 82 -1.10 -16.58 12.06
CA GLY A 82 -2.17 -16.19 11.17
C GLY A 82 -3.53 -16.27 11.82
N ALA A 83 -3.68 -17.20 12.77
CA ALA A 83 -4.94 -17.38 13.47
C ALA A 83 -5.00 -16.51 14.72
N VAL A 84 -6.14 -15.87 14.94
CA VAL A 84 -6.33 -15.01 16.10
C VAL A 84 -7.68 -15.28 16.77
N ALA A 85 -7.64 -15.47 18.08
CA ALA A 85 -8.86 -15.74 18.84
C ALA A 85 -9.59 -16.98 18.32
N GLY A 86 -8.82 -17.89 17.72
CA GLY A 86 -9.41 -19.11 17.19
C GLY A 86 -9.74 -18.99 15.71
N THR A 87 -9.97 -17.77 15.24
CA THR A 87 -10.29 -17.53 13.84
C THR A 87 -9.04 -17.66 12.97
N ARG A 88 -9.21 -18.27 11.80
CA ARG A 88 -8.11 -18.46 10.87
C ARG A 88 -8.14 -17.41 9.76
N TYR A 89 -7.13 -16.54 9.74
CA TYR A 89 -7.05 -15.49 8.73
C TYR A 89 -6.21 -15.95 7.53
N PHE A 90 -4.95 -16.29 7.80
CA PHE A 90 -4.04 -16.73 6.75
C PHE A 90 -3.14 -17.85 7.26
N GLN A 91 -2.71 -18.72 6.35
CA GLN A 91 -1.84 -19.83 6.70
C GLN A 91 -0.38 -19.48 6.45
N CYS A 92 0.43 -19.48 7.51
CA CYS A 92 1.85 -19.16 7.39
C CYS A 92 2.63 -19.75 8.56
N GLN A 93 3.95 -19.78 8.43
CA GLN A 93 4.81 -20.32 9.47
C GLN A 93 4.64 -19.54 10.78
N PRO A 94 4.80 -20.22 11.93
CA PRO A 94 4.65 -19.58 13.24
C PRO A 94 5.73 -18.55 13.50
N LYS A 95 5.44 -17.61 14.40
CA LYS A 95 6.39 -16.56 14.75
C LYS A 95 6.73 -15.71 13.52
N TYR A 96 5.71 -15.38 12.73
CA TYR A 96 5.90 -14.58 11.53
C TYR A 96 4.71 -13.67 11.29
N GLY A 97 3.51 -14.24 11.37
CA GLY A 97 2.31 -13.46 11.15
C GLY A 97 2.05 -12.46 12.27
N LEU A 98 1.67 -11.25 11.90
CA LEU A 98 1.39 -10.20 12.88
C LEU A 98 0.25 -9.31 12.41
N PHE A 99 -0.50 -8.75 13.37
CA PHE A 99 -1.62 -7.88 13.05
C PHE A 99 -1.37 -6.47 13.58
N ALA A 100 -1.94 -5.48 12.90
CA ALA A 100 -1.78 -4.09 13.31
C ALA A 100 -2.90 -3.22 12.73
N PRO A 101 -3.20 -2.09 13.39
CA PRO A 101 -4.25 -1.17 12.93
C PRO A 101 -3.89 -0.49 11.62
N VAL A 102 -4.85 -0.44 10.70
CA VAL A 102 -4.62 0.19 9.40
C VAL A 102 -4.10 1.61 9.55
N HIS A 103 -4.75 2.38 10.42
CA HIS A 103 -4.36 3.77 10.66
C HIS A 103 -2.91 3.84 11.15
N LYS A 104 -2.46 2.77 11.81
CA LYS A 104 -1.10 2.71 12.32
C LYS A 104 -0.12 2.22 11.24
N VAL A 105 -0.65 1.53 10.25
CA VAL A 105 0.17 1.01 9.16
C VAL A 105 0.27 2.01 8.02
N THR A 106 1.43 2.03 7.35
CA THR A 106 1.65 2.94 6.24
C THR A 106 2.33 2.22 5.07
N LYS A 107 2.02 2.65 3.86
CA LYS A 107 2.60 2.05 2.66
C LYS A 107 4.09 2.33 2.58
N ILE A 108 4.80 1.52 1.81
CA ILE A 108 6.24 1.69 1.64
C ILE A 108 6.70 1.20 0.27
N GLY A 109 6.56 2.07 -0.73
CA GLY A 109 6.96 1.71 -2.08
C GLY A 109 8.18 2.49 -2.54
N PHE A 110 9.00 2.92 -1.58
CA PHE A 110 10.21 3.69 -1.90
C PHE A 110 9.86 4.96 -2.66
N PRO A 111 9.10 5.88 -2.02
CA PRO A 111 8.70 7.15 -2.65
C PRO A 111 9.90 7.98 -3.07
N SER A 112 9.68 9.27 -3.26
CA SER A 112 10.75 10.19 -3.67
C SER A 112 11.00 11.24 -2.59
N THR A 113 11.59 10.81 -1.48
CA THR A 113 11.88 11.71 -0.37
C THR A 113 13.06 11.20 0.46
N THR A 114 13.00 9.91 0.80
CA THR A 114 14.06 9.29 1.61
C THR A 114 15.41 9.45 0.93
N PRO A 115 16.29 10.31 1.49
CA PRO A 115 17.62 10.55 0.94
C PRO A 115 18.46 9.28 0.88
N ALA A 116 18.38 8.47 1.93
CA ALA A 116 19.14 7.22 2.00
C ALA A 116 18.61 6.21 0.99
N LYS A 117 19.47 5.30 0.57
CA LYS A 117 19.10 4.26 -0.40
C LYS A 117 19.53 2.89 0.09
N ALA A 118 20.77 2.79 0.55
CA ALA A 118 21.31 1.53 1.03
C ALA A 118 20.54 1.03 2.26
N LYS A 119 20.78 -0.22 2.63
CA LYS A 119 20.10 -0.81 3.78
C LYS A 119 18.60 -0.83 3.57
N ALA A 120 18.08 -1.93 3.05
CA ALA A 120 16.65 -2.08 2.80
C ALA A 120 16.32 -3.49 2.33
N ASN A 121 17.01 -3.94 1.29
CA ASN A 121 16.78 -5.28 0.74
C ASN A 121 17.85 -5.64 -0.28
N ALA A 122 17.90 -4.87 -1.37
CA ALA A 122 18.88 -5.11 -2.43
C ALA A 122 19.90 -3.98 -2.49
N VAL A 123 20.76 -4.03 -3.50
CA VAL A 123 21.79 -3.01 -3.67
C VAL A 123 21.31 -1.90 -4.60
N ARG A 124 21.04 -2.25 -5.85
CA ARG A 124 20.58 -1.28 -6.84
C ARG A 124 21.59 -0.15 -7.02
N ARG A 125 22.37 -0.24 -8.10
CA ARG A 125 23.38 0.77 -8.39
C ARG A 125 22.80 1.88 -9.25
N VAL A 126 21.70 2.46 -8.78
CA VAL A 126 21.04 3.55 -9.51
C VAL A 126 20.52 3.07 -10.86
N MET A 127 19.32 3.53 -11.21
CA MET A 127 18.70 3.14 -12.48
C MET A 127 18.44 4.37 -13.35
N ALA A 128 18.42 4.16 -14.66
CA ALA A 128 18.18 5.26 -15.60
C ALA A 128 17.87 4.73 -16.99
N THR A 129 17.49 5.62 -17.90
CA THR A 129 17.18 5.24 -19.26
C THR A 129 17.69 6.28 -20.26
N THR A 130 18.80 6.91 -19.91
CA THR A 130 19.40 7.93 -20.77
C THR A 130 20.91 7.78 -20.84
N SER A 131 21.36 6.70 -21.49
CA SER A 131 22.79 6.43 -21.63
C SER A 131 23.45 6.29 -20.26
N ALA A 132 23.35 5.10 -19.68
CA ALA A 132 23.93 4.83 -18.37
C ALA A 132 25.44 4.67 -18.48
N SER A 133 25.88 3.82 -19.39
CA SER A 133 27.30 3.56 -19.60
C SER A 133 27.75 4.05 -20.97
N LEU A 134 29.07 4.13 -21.16
CA LEU A 134 29.62 4.59 -22.43
C LEU A 134 30.18 3.43 -23.23
N LYS A 135 29.59 2.25 -23.06
CA LYS A 135 30.02 1.06 -23.77
C LYS A 135 28.88 0.47 -24.60
N ARG A 136 29.19 0.08 -25.83
CA ARG A 136 28.19 -0.50 -26.73
C ARG A 136 28.70 -1.80 -27.33
N SER A 137 29.46 -2.56 -26.55
CA SER A 137 30.00 -3.82 -27.01
C SER A 137 29.67 -4.95 -26.03
N PRO A 138 29.26 -6.13 -26.53
CA PRO A 138 28.93 -7.27 -25.68
C PRO A 138 30.05 -7.63 -24.72
N SER A 139 29.82 -7.39 -23.43
CA SER A 139 30.81 -7.67 -22.40
C SER A 139 30.18 -7.66 -21.01
N ALA A 140 29.38 -6.63 -20.75
CA ALA A 140 28.72 -6.49 -19.46
C ALA A 140 27.30 -7.06 -19.50
N SER A 141 27.16 -8.24 -20.12
CA SER A 141 25.87 -8.90 -20.22
C SER A 141 25.74 -10.01 -19.19
N SER A 142 24.71 -10.83 -19.35
CA SER A 142 24.47 -11.94 -18.44
C SER A 142 25.00 -13.24 -19.01
N LEU A 143 26.13 -13.16 -19.71
CA LEU A 143 26.74 -14.34 -20.32
C LEU A 143 27.35 -15.25 -19.26
N SER A 144 28.09 -14.65 -18.33
CA SER A 144 28.73 -15.41 -17.26
C SER A 144 27.68 -16.06 -16.35
N SER A 145 27.50 -17.36 -16.49
CA SER A 145 26.54 -18.10 -15.69
C SER A 145 26.95 -19.56 -15.53
N MET A 146 28.26 -19.79 -15.53
CA MET A 146 28.79 -21.15 -15.38
C MET A 146 28.67 -21.63 -13.95
N SER A 147 28.80 -22.94 -13.75
CA SER A 147 28.71 -23.54 -12.43
C SER A 147 27.33 -23.27 -11.82
N SER A 148 26.32 -24.01 -12.30
CA SER A 148 24.96 -23.87 -11.80
C SER A 148 24.54 -25.09 -11.00
N VAL A 149 23.89 -24.85 -9.87
CA VAL A 149 23.42 -25.93 -9.01
C VAL A 149 24.59 -26.72 -8.44
N ALA A 150 24.61 -26.91 -7.13
CA ALA A 150 25.67 -27.64 -6.46
C ALA A 150 25.11 -28.85 -5.72
N SER A 151 24.17 -29.56 -6.35
CA SER A 151 23.56 -30.73 -5.73
C SER A 151 23.16 -31.75 -6.81
N SER A 152 22.48 -31.27 -7.84
CA SER A 152 22.04 -32.14 -8.92
C SER A 152 23.20 -32.53 -9.83
N VAL A 153 24.09 -31.56 -10.09
CA VAL A 153 25.25 -31.81 -10.93
C VAL A 153 26.49 -32.11 -10.09
N SER A 154 26.28 -32.56 -8.86
CA SER A 154 27.38 -32.88 -7.96
C SER A 154 26.85 -33.35 -6.61
N SER A 155 27.19 -34.58 -6.25
CA SER A 155 26.75 -35.15 -4.98
C SER A 155 27.89 -35.90 -4.28
N ARG A 156 28.56 -36.77 -5.04
CA ARG A 156 29.68 -37.54 -4.51
C ARG A 156 30.98 -36.73 -4.55
N PRO A 157 31.96 -37.09 -3.70
CA PRO A 157 33.25 -36.40 -3.65
C PRO A 157 34.09 -36.63 -4.89
N SER A 158 34.09 -37.88 -5.37
CA SER A 158 34.85 -38.24 -6.55
C SER A 158 33.96 -38.27 -7.79
N ARG A 159 34.17 -37.32 -8.69
CA ARG A 159 33.38 -37.25 -9.91
C ARG A 159 34.01 -38.09 -11.02
N THR A 160 33.19 -38.90 -11.67
CA THR A 160 33.66 -39.77 -12.74
C THR A 160 33.00 -39.38 -14.07
N GLY A 161 33.83 -39.21 -15.10
CA GLY A 161 33.31 -38.83 -16.41
C GLY A 161 32.96 -37.37 -16.50
N LEU A 162 33.97 -36.51 -16.53
CA LEU A 162 33.76 -35.07 -16.62
C LEU A 162 33.23 -34.68 -18.00
N LEU A 163 33.65 -35.43 -19.02
CA LEU A 163 33.23 -35.15 -20.39
C LEU A 163 32.58 -36.38 -21.01
N THR A 164 31.33 -36.25 -21.42
CA THR A 164 30.59 -37.35 -22.03
C THR A 164 31.16 -37.69 -23.41
N GLU A 165 31.95 -38.76 -23.46
CA GLU A 165 32.56 -39.19 -24.71
C GLU A 165 31.75 -40.32 -25.34
N THR A 166 30.44 -40.31 -25.13
CA THR A 166 29.56 -41.34 -25.67
C THR A 166 28.33 -40.71 -26.32
N SER A 167 28.08 -41.06 -27.57
CA SER A 167 26.92 -40.54 -28.29
C SER A 167 27.01 -39.02 -28.43
N GLY A 168 27.57 -38.55 -29.53
CA GLY A 168 27.71 -37.13 -29.76
C GLY A 168 26.84 -36.64 -30.91
N PRO A 169 25.75 -35.90 -30.62
CA PRO A 169 24.85 -35.38 -31.65
C PRO A 169 25.61 -34.65 -32.76
N SER A 170 25.97 -35.37 -33.81
CA SER A 170 26.70 -34.80 -34.94
C SER A 170 25.79 -33.88 -35.75
N SER A 171 24.56 -34.33 -35.98
CA SER A 171 23.60 -33.55 -36.76
C SER A 171 22.37 -33.22 -35.90
N GLY A 172 22.54 -32.27 -34.99
CA GLY A 172 21.45 -31.86 -34.13
C GLY A 172 21.92 -31.17 -32.87
N GLY A 1 -41.24 7.56 2.35
CA GLY A 1 -39.81 7.71 2.75
C GLY A 1 -39.16 8.93 2.14
N SER A 2 -38.29 9.59 2.91
CA SER A 2 -37.60 10.79 2.44
C SER A 2 -36.30 10.41 1.74
N SER A 3 -35.44 9.70 2.46
CA SER A 3 -34.15 9.28 1.92
C SER A 3 -34.34 8.26 0.80
N GLY A 4 -33.41 8.27 -0.16
CA GLY A 4 -33.49 7.33 -1.27
C GLY A 4 -34.54 7.74 -2.29
N SER A 5 -34.44 7.18 -3.49
CA SER A 5 -35.38 7.48 -4.56
C SER A 5 -36.06 6.22 -5.05
N SER A 6 -37.34 6.07 -4.72
CA SER A 6 -38.12 4.91 -5.13
C SER A 6 -39.45 5.33 -5.75
N GLY A 7 -40.15 6.22 -5.06
CA GLY A 7 -41.44 6.69 -5.55
C GLY A 7 -41.71 8.12 -5.17
N ALA A 8 -41.96 8.36 -3.89
CA ALA A 8 -42.25 9.70 -3.40
C ALA A 8 -40.97 10.40 -2.95
N THR A 9 -40.40 11.21 -3.84
CA THR A 9 -39.17 11.93 -3.53
C THR A 9 -39.48 13.24 -2.80
N PRO A 10 -38.69 13.59 -1.77
CA PRO A 10 -38.88 14.81 -0.99
C PRO A 10 -38.56 16.06 -1.80
N PRO A 11 -39.20 17.20 -1.48
CA PRO A 11 -38.97 18.47 -2.17
C PRO A 11 -37.61 19.07 -1.84
N ILE A 12 -37.13 18.81 -0.62
CA ILE A 12 -35.85 19.33 -0.18
C ILE A 12 -35.02 18.25 0.51
N SER A 13 -33.77 18.55 0.79
CA SER A 13 -32.87 17.61 1.44
C SER A 13 -33.02 17.68 2.96
N ASN A 14 -32.26 16.83 3.66
CA ASN A 14 -32.31 16.79 5.11
C ASN A 14 -31.03 16.19 5.68
N LEU A 15 -30.72 14.97 5.26
CA LEU A 15 -29.52 14.29 5.73
C LEU A 15 -28.33 14.59 4.83
N THR A 16 -28.55 14.52 3.52
CA THR A 16 -27.49 14.79 2.55
C THR A 16 -27.56 16.24 2.06
N LYS A 17 -26.45 16.96 2.19
CA LYS A 17 -26.38 18.34 1.76
C LYS A 17 -24.94 18.81 1.62
N THR A 18 -24.54 19.13 0.39
CA THR A 18 -23.18 19.58 0.12
C THR A 18 -23.04 21.07 0.38
N ALA A 19 -21.80 21.53 0.51
CA ALA A 19 -21.52 22.94 0.76
C ALA A 19 -20.71 23.55 -0.37
N SER A 20 -19.50 23.05 -0.56
CA SER A 20 -18.62 23.55 -1.61
C SER A 20 -17.86 22.40 -2.28
N GLU A 21 -17.32 22.67 -3.46
CA GLU A 21 -16.57 21.66 -4.20
C GLU A 21 -15.07 21.76 -3.91
N SER A 22 -14.45 20.62 -3.65
CA SER A 22 -13.02 20.58 -3.36
C SER A 22 -12.20 20.35 -4.63
N ILE A 23 -12.50 21.13 -5.67
CA ILE A 23 -11.80 21.01 -6.93
C ILE A 23 -12.06 19.66 -7.59
N SER A 24 -12.35 19.67 -8.88
CA SER A 24 -12.64 18.45 -9.62
C SER A 24 -11.81 18.38 -10.90
N ASN A 25 -10.60 18.93 -10.84
CA ASN A 25 -9.70 18.93 -12.00
C ASN A 25 -8.27 18.65 -11.58
N LEU A 26 -7.79 19.43 -10.61
CA LEU A 26 -6.42 19.26 -10.11
C LEU A 26 -6.12 20.27 -9.01
N SER A 27 -5.31 19.87 -8.04
CA SER A 27 -4.94 20.73 -6.93
C SER A 27 -3.74 20.17 -6.17
N GLU A 28 -2.86 19.49 -6.88
CA GLU A 28 -1.66 18.91 -6.28
C GLU A 28 -2.04 17.91 -5.19
N ALA A 29 -1.89 16.62 -5.49
CA ALA A 29 -2.21 15.57 -4.54
C ALA A 29 -0.95 14.87 -4.05
N GLY A 30 -0.85 14.68 -2.74
CA GLY A 30 0.31 14.02 -2.17
C GLY A 30 0.19 13.83 -0.67
N SER A 31 0.22 14.94 0.06
CA SER A 31 0.11 14.89 1.52
C SER A 31 -1.23 15.44 1.99
N ILE A 32 -1.75 16.41 1.24
CA ILE A 32 -3.03 17.02 1.57
C ILE A 32 -4.16 16.00 1.55
N LYS A 33 -4.04 15.01 0.67
CA LYS A 33 -5.05 13.96 0.54
C LYS A 33 -5.08 13.09 1.80
N LYS A 34 -6.13 12.30 1.92
CA LYS A 34 -6.29 11.41 3.07
C LYS A 34 -6.66 10.00 2.62
N GLY A 35 -6.34 9.02 3.46
CA GLY A 35 -6.65 7.64 3.14
C GLY A 35 -6.21 6.67 4.22
N GLU A 36 -7.17 6.25 5.04
CA GLU A 36 -6.88 5.32 6.14
C GLU A 36 -7.53 3.96 5.88
N ARG A 37 -7.66 3.61 4.61
CA ARG A 37 -8.26 2.34 4.22
C ARG A 37 -8.07 2.07 2.73
N GLU A 38 -6.92 2.47 2.20
CA GLU A 38 -6.61 2.28 0.79
C GLU A 38 -5.47 1.28 0.61
N LEU A 39 -5.76 0.01 0.89
CA LEU A 39 -4.76 -1.05 0.76
C LEU A 39 -5.37 -2.29 0.11
N LYS A 40 -4.55 -3.33 -0.03
CA LYS A 40 -5.01 -4.58 -0.64
C LYS A 40 -3.95 -5.66 -0.50
N ILE A 41 -4.28 -6.87 -0.96
CA ILE A 41 -3.37 -8.00 -0.89
C ILE A 41 -2.29 -7.90 -1.97
N GLY A 42 -1.04 -7.77 -1.54
CA GLY A 42 0.06 -7.66 -2.48
C GLY A 42 0.70 -6.29 -2.49
N ASP A 43 0.65 -5.62 -1.34
CA ASP A 43 1.23 -4.28 -1.22
C ASP A 43 2.19 -4.21 -0.04
N ARG A 44 3.30 -3.51 -0.22
CA ARG A 44 4.30 -3.37 0.83
C ARG A 44 3.83 -2.36 1.89
N VAL A 45 4.02 -2.72 3.16
CA VAL A 45 3.62 -1.86 4.26
C VAL A 45 4.68 -1.85 5.36
N LEU A 46 4.76 -0.73 6.07
CA LEU A 46 5.73 -0.58 7.15
C LEU A 46 5.07 0.01 8.40
N VAL A 47 5.31 -0.62 9.54
CA VAL A 47 4.75 -0.16 10.80
C VAL A 47 5.83 0.00 11.86
N GLY A 48 6.02 1.23 12.33
CA GLY A 48 7.03 1.49 13.34
C GLY A 48 8.34 1.98 12.75
N GLY A 49 8.61 1.58 11.52
CA GLY A 49 9.84 2.00 10.86
C GLY A 49 10.90 0.92 10.85
N THR A 50 10.45 -0.34 10.87
CA THR A 50 11.38 -1.47 10.87
C THR A 50 10.68 -2.73 10.37
N LYS A 51 9.58 -3.09 11.03
CA LYS A 51 8.82 -4.28 10.65
C LYS A 51 8.23 -4.13 9.25
N ALA A 52 8.77 -4.89 8.30
CA ALA A 52 8.28 -4.84 6.93
C ALA A 52 7.71 -6.18 6.50
N GLY A 53 6.40 -6.22 6.29
CA GLY A 53 5.75 -7.45 5.87
C GLY A 53 4.72 -7.22 4.78
N VAL A 54 4.47 -8.25 3.99
CA VAL A 54 3.52 -8.17 2.89
C VAL A 54 2.09 -8.40 3.39
N VAL A 55 1.13 -7.72 2.79
CA VAL A 55 -0.27 -7.85 3.17
C VAL A 55 -0.86 -9.15 2.65
N ARG A 56 -1.26 -10.03 3.57
CA ARG A 56 -1.84 -11.31 3.21
C ARG A 56 -3.33 -11.34 3.53
N PHE A 57 -3.72 -10.63 4.59
CA PHE A 57 -5.11 -10.58 5.00
C PHE A 57 -5.51 -9.17 5.43
N LEU A 58 -6.79 -8.86 5.34
CA LEU A 58 -7.29 -7.55 5.72
C LEU A 58 -8.77 -7.62 6.08
N GLY A 59 -9.09 -7.33 7.33
CA GLY A 59 -10.46 -7.35 7.78
C GLY A 59 -10.61 -6.96 9.24
N GLU A 60 -11.81 -7.18 9.79
CA GLU A 60 -12.07 -6.83 11.18
C GLU A 60 -11.62 -7.95 12.11
N THR A 61 -10.97 -7.57 13.21
CA THR A 61 -10.49 -8.54 14.18
C THR A 61 -11.49 -8.74 15.31
N ASP A 62 -11.13 -9.56 16.29
CA ASP A 62 -12.00 -9.82 17.42
C ASP A 62 -11.23 -9.75 18.75
N PHE A 63 -10.32 -8.78 18.84
CA PHE A 63 -9.52 -8.59 20.04
C PHE A 63 -9.32 -7.12 20.35
N ALA A 64 -9.03 -6.33 19.32
CA ALA A 64 -8.82 -4.89 19.49
C ALA A 64 -10.00 -4.09 18.97
N LYS A 65 -10.93 -4.76 18.29
CA LYS A 65 -12.11 -4.10 17.74
C LYS A 65 -11.71 -3.10 16.66
N GLY A 66 -12.07 -3.41 15.41
CA GLY A 66 -11.73 -2.53 14.31
C GLY A 66 -11.13 -3.27 13.14
N GLU A 67 -10.95 -2.58 12.03
CA GLU A 67 -10.38 -3.19 10.82
C GLU A 67 -8.85 -3.23 10.92
N TRP A 68 -8.32 -4.39 11.27
CA TRP A 68 -6.88 -4.56 11.39
C TRP A 68 -6.30 -5.24 10.15
N CYS A 69 -5.06 -4.88 9.81
CA CYS A 69 -4.40 -5.45 8.64
C CYS A 69 -3.51 -6.61 9.04
N GLY A 70 -3.84 -7.80 8.54
CA GLY A 70 -3.05 -8.98 8.86
C GLY A 70 -1.83 -9.12 7.97
N VAL A 71 -0.70 -8.57 8.41
CA VAL A 71 0.53 -8.64 7.64
C VAL A 71 1.38 -9.84 8.05
N GLU A 72 2.24 -10.30 7.16
CA GLU A 72 3.10 -11.43 7.43
C GLU A 72 4.57 -11.02 7.40
N LEU A 73 5.26 -11.19 8.53
CA LEU A 73 6.67 -10.83 8.62
C LEU A 73 7.55 -11.90 7.97
N ASP A 74 8.66 -11.47 7.41
CA ASP A 74 9.59 -12.39 6.74
C ASP A 74 10.44 -13.14 7.77
N GLU A 75 10.73 -12.47 8.88
CA GLU A 75 11.53 -13.06 9.94
C GLU A 75 10.66 -13.41 11.16
N PRO A 76 11.18 -14.24 12.07
CA PRO A 76 10.45 -14.65 13.27
C PRO A 76 10.28 -13.51 14.26
N LEU A 77 9.31 -12.63 13.99
CA LEU A 77 9.05 -11.49 14.85
C LEU A 77 7.55 -11.26 15.00
N GLY A 78 6.77 -12.33 14.93
CA GLY A 78 5.33 -12.22 15.05
C GLY A 78 4.82 -12.73 16.39
N LYS A 79 3.59 -13.20 16.41
CA LYS A 79 2.99 -13.71 17.63
C LYS A 79 2.21 -15.01 17.36
N ASN A 80 1.20 -14.92 16.51
CA ASN A 80 0.38 -16.07 16.17
C ASN A 80 0.74 -16.60 14.79
N ASP A 81 0.17 -17.74 14.42
CA ASP A 81 0.43 -18.35 13.13
C ASP A 81 -0.69 -18.02 12.14
N GLY A 82 -1.27 -16.84 12.29
CA GLY A 82 -2.35 -16.43 11.41
C GLY A 82 -3.71 -16.51 12.07
N ALA A 83 -3.83 -17.39 13.06
CA ALA A 83 -5.08 -17.56 13.77
C ALA A 83 -5.20 -16.57 14.92
N VAL A 84 -6.32 -15.84 14.97
CA VAL A 84 -6.55 -14.86 16.02
C VAL A 84 -7.98 -14.93 16.54
N ALA A 85 -8.13 -14.80 17.86
CA ALA A 85 -9.45 -14.84 18.47
C ALA A 85 -10.16 -16.16 18.16
N GLY A 86 -9.38 -17.19 17.83
CA GLY A 86 -9.96 -18.49 17.51
C GLY A 86 -10.19 -18.68 16.02
N THR A 87 -10.35 -17.57 15.30
CA THR A 87 -10.57 -17.63 13.87
C THR A 87 -9.26 -17.62 13.10
N ARG A 88 -9.22 -18.34 11.98
CA ARG A 88 -8.01 -18.40 11.16
C ARG A 88 -8.12 -17.46 9.97
N TYR A 89 -7.15 -16.55 9.86
CA TYR A 89 -7.12 -15.58 8.76
C TYR A 89 -6.32 -16.12 7.59
N PHE A 90 -5.01 -16.14 7.74
CA PHE A 90 -4.12 -16.63 6.69
C PHE A 90 -3.15 -17.66 7.23
N GLN A 91 -2.95 -18.74 6.48
CA GLN A 91 -2.04 -19.80 6.88
C GLN A 91 -0.60 -19.32 6.88
N CYS A 92 0.07 -19.45 8.03
CA CYS A 92 1.46 -19.02 8.16
C CYS A 92 2.16 -19.80 9.27
N GLN A 93 3.49 -19.87 9.18
CA GLN A 93 4.28 -20.58 10.16
C GLN A 93 4.25 -19.86 11.51
N PRO A 94 4.38 -20.61 12.62
CA PRO A 94 4.36 -20.04 13.96
C PRO A 94 5.37 -18.90 14.12
N LYS A 95 4.97 -17.86 14.85
CA LYS A 95 5.84 -16.71 15.08
C LYS A 95 6.22 -16.05 13.75
N TYR A 96 5.24 -15.44 13.10
CA TYR A 96 5.47 -14.78 11.81
C TYR A 96 4.32 -13.82 11.49
N GLY A 97 3.09 -14.34 11.54
CA GLY A 97 1.94 -13.52 11.24
C GLY A 97 1.66 -12.50 12.33
N LEU A 98 1.54 -11.23 11.92
CA LEU A 98 1.26 -10.15 12.86
C LEU A 98 0.06 -9.35 12.42
N PHE A 99 -0.59 -8.68 13.38
CA PHE A 99 -1.76 -7.87 13.09
C PHE A 99 -1.61 -6.46 13.66
N ALA A 100 -1.98 -5.47 12.87
CA ALA A 100 -1.88 -4.08 13.30
C ALA A 100 -3.02 -3.23 12.73
N PRO A 101 -3.39 -2.14 13.41
CA PRO A 101 -4.47 -1.27 12.97
C PRO A 101 -4.17 -0.61 11.62
N VAL A 102 -5.15 -0.62 10.72
CA VAL A 102 -4.97 -0.04 9.39
C VAL A 102 -4.47 1.41 9.48
N HIS A 103 -5.14 2.21 10.32
CA HIS A 103 -4.76 3.61 10.49
C HIS A 103 -3.31 3.73 10.94
N LYS A 104 -2.81 2.70 11.62
CA LYS A 104 -1.43 2.70 12.09
C LYS A 104 -0.47 2.26 10.99
N VAL A 105 -0.97 1.48 10.05
CA VAL A 105 -0.15 1.00 8.94
C VAL A 105 0.28 2.16 8.03
N THR A 106 1.55 2.14 7.64
CA THR A 106 2.09 3.18 6.78
C THR A 106 2.52 2.61 5.43
N LYS A 107 1.90 3.10 4.36
CA LYS A 107 2.22 2.64 3.01
C LYS A 107 3.65 3.00 2.64
N ILE A 108 4.45 1.99 2.32
CA ILE A 108 5.85 2.21 1.94
C ILE A 108 5.94 2.94 0.60
N GLY A 109 5.24 2.42 -0.40
CA GLY A 109 5.26 3.04 -1.71
C GLY A 109 5.72 2.08 -2.79
N PHE A 110 4.80 1.28 -3.31
CA PHE A 110 5.12 0.31 -4.35
C PHE A 110 4.09 0.38 -5.49
N PRO A 111 4.33 1.23 -6.49
CA PRO A 111 3.42 1.39 -7.64
C PRO A 111 3.41 0.16 -8.53
N SER A 112 2.20 -0.29 -8.87
CA SER A 112 2.04 -1.47 -9.73
C SER A 112 0.92 -1.26 -10.74
N THR A 113 1.27 -0.69 -11.89
CA THR A 113 0.29 -0.44 -12.94
C THR A 113 0.58 -1.27 -14.18
N THR A 114 -0.48 -1.68 -14.87
CA THR A 114 -0.34 -2.49 -16.08
C THR A 114 -0.82 -1.72 -17.30
N PRO A 115 -0.49 -2.21 -18.51
CA PRO A 115 -0.88 -1.56 -19.76
C PRO A 115 -2.40 -1.57 -19.95
N ALA A 116 -3.04 -0.45 -19.59
CA ALA A 116 -4.49 -0.32 -19.72
C ALA A 116 -4.93 -0.51 -21.17
N LYS A 117 -4.11 -0.05 -22.10
CA LYS A 117 -4.41 -0.17 -23.52
C LYS A 117 -3.18 -0.61 -24.32
N ALA A 118 -3.37 -0.83 -25.61
CA ALA A 118 -2.28 -1.26 -26.48
C ALA A 118 -2.49 -0.77 -27.91
N LYS A 119 -1.55 -1.13 -28.79
CA LYS A 119 -1.65 -0.73 -30.19
C LYS A 119 -1.66 0.80 -30.32
N ALA A 120 -0.98 1.47 -29.40
CA ALA A 120 -0.92 2.93 -29.42
C ALA A 120 0.13 3.45 -28.43
N ASN A 121 0.25 4.76 -28.35
CA ASN A 121 1.21 5.38 -27.45
C ASN A 121 0.56 5.75 -26.12
N ALA A 122 0.58 4.81 -25.17
CA ALA A 122 -0.01 5.03 -23.87
C ALA A 122 0.78 6.05 -23.07
N VAL A 123 0.17 6.59 -22.01
CA VAL A 123 0.82 7.57 -21.17
C VAL A 123 0.50 7.34 -19.69
N ARG A 124 -0.78 7.14 -19.40
CA ARG A 124 -1.22 6.90 -18.03
C ARG A 124 -2.31 5.83 -17.98
N ARG A 125 -2.45 5.18 -16.83
CA ARG A 125 -3.45 4.13 -16.66
C ARG A 125 -4.84 4.73 -16.49
N VAL A 126 -5.86 3.94 -16.81
CA VAL A 126 -7.24 4.39 -16.70
C VAL A 126 -8.01 3.59 -15.65
N MET A 127 -8.88 4.28 -14.91
CA MET A 127 -9.66 3.63 -13.86
C MET A 127 -11.08 3.31 -14.36
N ALA A 128 -11.71 4.31 -14.99
CA ALA A 128 -13.06 4.13 -15.51
C ALA A 128 -13.04 3.47 -16.88
N THR A 129 -13.83 2.41 -17.04
CA THR A 129 -13.90 1.69 -18.30
C THR A 129 -15.08 2.18 -19.15
N THR A 130 -15.05 1.86 -20.43
CA THR A 130 -16.12 2.26 -21.35
C THR A 130 -17.37 1.43 -21.11
N SER A 131 -18.14 1.80 -20.09
CA SER A 131 -19.37 1.08 -19.76
C SER A 131 -20.15 1.82 -18.67
N ALA A 132 -21.14 2.59 -19.09
CA ALA A 132 -21.96 3.36 -18.16
C ALA A 132 -21.13 4.40 -17.41
N SER A 133 -21.67 5.60 -17.29
CA SER A 133 -20.97 6.68 -16.60
C SER A 133 -21.36 6.72 -15.12
N LEU A 134 -20.63 7.49 -14.34
CA LEU A 134 -20.89 7.61 -12.92
C LEU A 134 -20.86 9.08 -12.48
N LYS A 135 -21.99 9.76 -12.62
CA LYS A 135 -22.09 11.16 -12.23
C LYS A 135 -22.44 11.31 -10.76
N ARG A 136 -23.67 10.93 -10.41
CA ARG A 136 -24.13 11.02 -9.04
C ARG A 136 -23.67 9.81 -8.23
N SER A 137 -23.65 9.95 -6.91
CA SER A 137 -23.23 8.88 -6.03
C SER A 137 -23.38 9.28 -4.55
N PRO A 138 -24.53 8.99 -3.95
CA PRO A 138 -24.79 9.34 -2.54
C PRO A 138 -23.94 8.51 -1.58
N SER A 139 -23.21 9.19 -0.71
CA SER A 139 -22.35 8.53 0.26
C SER A 139 -22.25 9.34 1.54
N ALA A 140 -23.08 9.00 2.52
CA ALA A 140 -23.09 9.71 3.80
C ALA A 140 -22.01 9.14 4.74
N SER A 141 -20.82 9.74 4.69
CA SER A 141 -19.72 9.30 5.53
C SER A 141 -19.22 10.44 6.41
N SER A 142 -19.84 10.60 7.57
CA SER A 142 -19.46 11.66 8.50
C SER A 142 -18.36 11.17 9.45
N LEU A 143 -17.19 11.79 9.36
CA LEU A 143 -16.06 11.42 10.20
C LEU A 143 -14.97 12.48 10.12
N SER A 144 -14.37 12.80 11.27
CA SER A 144 -13.31 13.79 11.34
C SER A 144 -13.80 15.15 10.86
N SER A 145 -15.07 15.43 11.11
CA SER A 145 -15.67 16.71 10.71
C SER A 145 -15.53 17.75 11.82
N MET A 146 -14.65 18.72 11.60
CA MET A 146 -14.43 19.77 12.57
C MET A 146 -14.77 21.14 11.98
N SER A 147 -14.18 21.44 10.83
CA SER A 147 -14.43 22.71 10.16
C SER A 147 -15.88 22.82 9.70
N SER A 148 -16.50 23.97 9.96
CA SER A 148 -17.89 24.20 9.58
C SER A 148 -18.18 25.70 9.49
N VAL A 149 -18.10 26.23 8.28
CA VAL A 149 -18.37 27.65 8.06
C VAL A 149 -19.82 27.99 8.32
N ALA A 150 -20.72 27.06 7.98
CA ALA A 150 -22.15 27.26 8.19
C ALA A 150 -22.63 28.51 7.45
N SER A 151 -22.72 28.41 6.12
CA SER A 151 -23.18 29.53 5.31
C SER A 151 -24.18 29.06 4.25
N SER A 152 -23.87 27.94 3.60
CA SER A 152 -24.73 27.39 2.56
C SER A 152 -24.76 28.29 1.33
N VAL A 153 -24.70 27.67 0.16
CA VAL A 153 -24.71 28.42 -1.10
C VAL A 153 -26.06 29.09 -1.32
N SER A 154 -26.05 30.43 -1.32
CA SER A 154 -27.27 31.19 -1.53
C SER A 154 -26.96 32.56 -2.12
N SER A 155 -28.00 33.35 -2.36
CA SER A 155 -27.84 34.68 -2.94
C SER A 155 -27.18 34.61 -4.31
N ARG A 156 -27.99 34.65 -5.35
CA ARG A 156 -27.48 34.58 -6.72
C ARG A 156 -27.65 35.92 -7.44
N PRO A 157 -26.62 36.37 -8.18
CA PRO A 157 -26.68 37.63 -8.91
C PRO A 157 -27.52 37.54 -10.17
N SER A 158 -28.59 38.34 -10.23
CA SER A 158 -29.48 38.35 -11.39
C SER A 158 -30.57 39.41 -11.22
N ARG A 159 -31.09 39.54 -10.00
CA ARG A 159 -32.13 40.51 -9.72
C ARG A 159 -33.40 40.20 -10.53
N THR A 160 -33.94 39.01 -10.34
CA THR A 160 -35.14 38.59 -11.03
C THR A 160 -36.40 39.03 -10.29
N GLY A 161 -37.25 39.78 -10.97
CA GLY A 161 -38.48 40.26 -10.36
C GLY A 161 -39.33 41.07 -11.31
N LEU A 162 -40.62 41.17 -11.01
CA LEU A 162 -41.54 41.94 -11.85
C LEU A 162 -42.00 43.20 -11.13
N LEU A 163 -41.12 43.77 -10.31
CA LEU A 163 -41.43 44.98 -9.58
C LEU A 163 -42.58 44.76 -8.61
N THR A 164 -42.32 44.94 -7.32
CA THR A 164 -43.34 44.75 -6.28
C THR A 164 -43.78 46.09 -5.71
N GLU A 165 -42.89 47.07 -5.74
CA GLU A 165 -43.19 48.39 -5.21
C GLU A 165 -43.44 48.33 -3.71
N THR A 166 -42.88 49.30 -2.98
CA THR A 166 -43.03 49.36 -1.53
C THR A 166 -43.54 50.74 -1.10
N SER A 167 -44.34 50.75 -0.03
CA SER A 167 -44.88 52.00 0.49
C SER A 167 -44.56 52.16 1.97
N GLY A 168 -45.05 53.24 2.57
CA GLY A 168 -44.80 53.49 3.98
C GLY A 168 -45.03 54.93 4.36
N PRO A 169 -44.15 55.52 5.19
CA PRO A 169 -44.29 56.92 5.63
C PRO A 169 -44.09 57.90 4.47
N SER A 170 -44.15 59.19 4.79
CA SER A 170 -43.98 60.23 3.78
C SER A 170 -42.60 60.88 3.89
N SER A 171 -42.07 61.33 2.75
CA SER A 171 -40.77 61.97 2.72
C SER A 171 -40.75 63.23 3.57
N GLY A 172 -39.63 63.49 4.24
CA GLY A 172 -39.51 64.66 5.08
C GLY A 172 -39.78 64.36 6.54
N GLY A 1 -4.68 0.99 -25.34
CA GLY A 1 -4.10 -0.33 -24.97
C GLY A 1 -4.80 -0.95 -23.77
N SER A 2 -4.84 -0.23 -22.67
CA SER A 2 -5.48 -0.72 -21.45
C SER A 2 -6.43 0.34 -20.87
N SER A 3 -7.05 1.11 -21.75
CA SER A 3 -7.98 2.16 -21.32
C SER A 3 -9.32 2.00 -22.03
N GLY A 4 -10.34 2.65 -21.48
CA GLY A 4 -11.67 2.58 -22.06
C GLY A 4 -12.27 3.95 -22.33
N SER A 5 -13.40 3.97 -23.02
CA SER A 5 -14.08 5.22 -23.34
C SER A 5 -15.56 5.00 -23.59
N SER A 6 -16.38 6.00 -23.26
CA SER A 6 -17.81 5.90 -23.44
C SER A 6 -18.41 7.27 -23.77
N GLY A 7 -19.74 7.35 -23.75
CA GLY A 7 -20.40 8.60 -24.05
C GLY A 7 -21.86 8.41 -24.42
N ALA A 8 -22.18 7.25 -24.97
CA ALA A 8 -23.54 6.94 -25.38
C ALA A 8 -24.33 6.34 -24.22
N THR A 9 -25.62 6.08 -24.46
CA THR A 9 -26.48 5.50 -23.44
C THR A 9 -27.01 4.14 -23.88
N PRO A 10 -26.34 3.06 -23.47
CA PRO A 10 -26.74 1.69 -23.83
C PRO A 10 -28.07 1.30 -23.20
N PRO A 11 -28.63 0.14 -23.59
CA PRO A 11 -29.90 -0.35 -23.05
C PRO A 11 -29.84 -0.63 -21.56
N ILE A 12 -28.65 -1.02 -21.09
CA ILE A 12 -28.45 -1.33 -19.69
C ILE A 12 -27.90 -0.12 -18.94
N SER A 13 -28.79 0.82 -18.61
CA SER A 13 -28.40 2.02 -17.90
C SER A 13 -27.89 1.68 -16.50
N ASN A 14 -26.76 2.27 -16.13
CA ASN A 14 -26.17 2.03 -14.82
C ASN A 14 -26.57 3.12 -13.84
N LEU A 15 -26.18 2.94 -12.58
CA LEU A 15 -26.50 3.91 -11.53
C LEU A 15 -28.01 4.09 -11.39
N THR A 16 -28.59 3.36 -10.44
CA THR A 16 -30.03 3.44 -10.20
C THR A 16 -30.34 4.24 -8.94
N LYS A 17 -29.43 4.18 -7.98
CA LYS A 17 -29.59 4.90 -6.72
C LYS A 17 -29.33 6.39 -6.92
N THR A 18 -30.38 7.21 -6.75
CA THR A 18 -30.25 8.65 -6.91
C THR A 18 -30.09 9.33 -5.56
N ALA A 19 -29.02 9.01 -4.85
CA ALA A 19 -28.75 9.59 -3.54
C ALA A 19 -27.30 10.04 -3.43
N SER A 20 -27.07 11.34 -3.62
CA SER A 20 -25.73 11.90 -3.54
C SER A 20 -25.48 12.51 -2.16
N GLU A 21 -26.48 13.22 -1.65
CA GLU A 21 -26.37 13.87 -0.34
C GLU A 21 -27.17 13.10 0.71
N SER A 22 -26.89 13.39 1.98
CA SER A 22 -27.59 12.73 3.08
C SER A 22 -28.73 13.60 3.60
N ILE A 23 -29.92 13.00 3.69
CA ILE A 23 -31.09 13.71 4.18
C ILE A 23 -31.25 13.56 5.69
N SER A 24 -30.54 14.38 6.43
CA SER A 24 -30.59 14.33 7.90
C SER A 24 -30.14 12.97 8.41
N ASN A 25 -29.22 12.34 7.69
CA ASN A 25 -28.71 11.03 8.08
C ASN A 25 -27.88 11.13 9.36
N LEU A 26 -28.08 10.17 10.26
CA LEU A 26 -27.35 10.15 11.52
C LEU A 26 -26.03 9.40 11.37
N SER A 27 -25.27 9.30 12.46
CA SER A 27 -23.99 8.61 12.46
C SER A 27 -24.19 7.10 12.38
N GLU A 28 -25.11 6.59 13.20
CA GLU A 28 -25.40 5.16 13.23
C GLU A 28 -26.77 4.87 12.63
N ALA A 29 -26.84 3.83 11.82
CA ALA A 29 -28.11 3.44 11.18
C ALA A 29 -28.28 1.93 11.17
N GLY A 30 -27.50 1.25 10.32
CA GLY A 30 -27.58 -0.19 10.23
C GLY A 30 -26.28 -0.82 9.79
N SER A 31 -25.78 -0.41 8.63
CA SER A 31 -24.53 -0.95 8.11
C SER A 31 -23.93 0.01 7.08
N ILE A 32 -24.13 1.30 7.28
CA ILE A 32 -23.61 2.32 6.37
C ILE A 32 -22.33 2.92 6.90
N LYS A 33 -21.20 2.55 6.31
CA LYS A 33 -19.90 3.05 6.73
C LYS A 33 -18.83 2.74 5.69
N LYS A 34 -19.22 2.73 4.42
CA LYS A 34 -18.30 2.45 3.33
C LYS A 34 -17.22 3.53 3.23
N GLY A 35 -16.31 3.36 2.28
CA GLY A 35 -15.25 4.32 2.09
C GLY A 35 -13.92 3.84 2.64
N GLU A 36 -13.55 2.61 2.29
CA GLU A 36 -12.29 2.03 2.75
C GLU A 36 -11.68 1.13 1.69
N ARG A 37 -10.59 1.60 1.08
CA ARG A 37 -9.90 0.84 0.05
C ARG A 37 -8.63 1.56 -0.39
N GLU A 38 -7.60 1.51 0.46
CA GLU A 38 -6.32 2.14 0.17
C GLU A 38 -5.24 1.09 -0.04
N LEU A 39 -5.33 -0.01 0.69
CA LEU A 39 -4.35 -1.09 0.59
C LEU A 39 -4.97 -2.33 -0.03
N LYS A 40 -4.13 -3.31 -0.35
CA LYS A 40 -4.61 -4.56 -0.95
C LYS A 40 -3.74 -5.73 -0.51
N ILE A 41 -4.10 -6.92 -0.96
CA ILE A 41 -3.35 -8.13 -0.62
C ILE A 41 -2.16 -8.31 -1.55
N GLY A 42 -0.96 -8.27 -0.97
CA GLY A 42 0.24 -8.43 -1.76
C GLY A 42 1.01 -7.14 -1.93
N ASP A 43 0.93 -6.27 -0.92
CA ASP A 43 1.62 -4.98 -0.96
C ASP A 43 2.47 -4.78 0.28
N ARG A 44 3.73 -4.41 0.09
CA ARG A 44 4.65 -4.19 1.19
C ARG A 44 4.17 -3.03 2.07
N VAL A 45 4.48 -3.11 3.36
CA VAL A 45 4.08 -2.07 4.30
C VAL A 45 5.09 -1.95 5.45
N LEU A 46 5.10 -0.80 6.11
CA LEU A 46 6.00 -0.56 7.22
C LEU A 46 5.27 0.09 8.38
N VAL A 47 5.39 -0.51 9.56
CA VAL A 47 4.73 0.01 10.75
C VAL A 47 5.74 0.22 11.89
N GLY A 48 5.88 1.46 12.33
CA GLY A 48 6.81 1.77 13.40
C GLY A 48 8.16 2.23 12.87
N GLY A 49 8.61 1.62 11.80
CA GLY A 49 9.89 2.00 11.21
C GLY A 49 10.95 0.93 11.40
N THR A 50 10.52 -0.32 11.49
CA THR A 50 11.43 -1.44 11.68
C THR A 50 10.81 -2.74 11.18
N LYS A 51 9.57 -2.97 11.56
CA LYS A 51 8.86 -4.18 11.16
C LYS A 51 8.18 -3.99 9.81
N ALA A 52 8.66 -4.70 8.79
CA ALA A 52 8.10 -4.60 7.45
C ALA A 52 7.60 -5.96 6.97
N GLY A 53 6.44 -5.96 6.33
CA GLY A 53 5.86 -7.19 5.83
C GLY A 53 4.95 -6.97 4.64
N VAL A 54 4.37 -8.05 4.13
CA VAL A 54 3.48 -7.96 2.98
C VAL A 54 2.03 -8.20 3.40
N VAL A 55 1.13 -7.39 2.86
CA VAL A 55 -0.29 -7.50 3.17
C VAL A 55 -0.86 -8.84 2.68
N ARG A 56 -1.35 -9.63 3.62
CA ARG A 56 -1.93 -10.94 3.29
C ARG A 56 -3.43 -10.95 3.54
N PHE A 57 -3.85 -10.26 4.59
CA PHE A 57 -5.26 -10.19 4.94
C PHE A 57 -5.70 -8.76 5.17
N LEU A 58 -7.00 -8.50 5.08
CA LEU A 58 -7.55 -7.17 5.28
C LEU A 58 -9.03 -7.24 5.66
N GLY A 59 -9.32 -7.00 6.93
CA GLY A 59 -10.69 -7.04 7.40
C GLY A 59 -10.81 -6.70 8.87
N GLU A 60 -11.92 -7.12 9.48
CA GLU A 60 -12.16 -6.85 10.90
C GLU A 60 -11.56 -7.94 11.77
N THR A 61 -11.13 -7.57 12.96
CA THR A 61 -10.53 -8.51 13.90
C THR A 61 -11.56 -9.00 14.91
N ASP A 62 -11.12 -9.89 15.80
CA ASP A 62 -12.02 -10.44 16.83
C ASP A 62 -11.64 -9.91 18.21
N PHE A 63 -10.35 -9.63 18.40
CA PHE A 63 -9.87 -9.12 19.68
C PHE A 63 -10.09 -7.62 19.78
N ALA A 64 -9.80 -6.90 18.70
CA ALA A 64 -9.97 -5.46 18.67
C ALA A 64 -11.39 -5.07 18.26
N LYS A 65 -11.64 -3.78 18.15
CA LYS A 65 -12.95 -3.28 17.76
C LYS A 65 -12.89 -2.46 16.47
N GLY A 66 -11.67 -2.27 15.95
CA GLY A 66 -11.49 -1.51 14.73
C GLY A 66 -11.05 -2.38 13.57
N GLU A 67 -10.71 -1.74 12.46
CA GLU A 67 -10.26 -2.46 11.26
C GLU A 67 -8.76 -2.75 11.35
N TRP A 68 -8.41 -4.03 11.25
CA TRP A 68 -7.01 -4.44 11.31
C TRP A 68 -6.61 -5.15 10.03
N CYS A 69 -5.34 -4.98 9.64
CA CYS A 69 -4.83 -5.61 8.43
C CYS A 69 -3.79 -6.67 8.77
N GLY A 70 -4.10 -7.93 8.46
CA GLY A 70 -3.17 -9.00 8.74
C GLY A 70 -1.98 -9.00 7.81
N VAL A 71 -0.87 -8.45 8.27
CA VAL A 71 0.35 -8.38 7.47
C VAL A 71 1.34 -9.47 7.89
N GLU A 72 1.96 -10.10 6.91
CA GLU A 72 2.93 -11.16 7.16
C GLU A 72 4.36 -10.64 7.02
N LEU A 73 5.14 -10.76 8.09
CA LEU A 73 6.52 -10.31 8.09
C LEU A 73 7.42 -11.30 7.38
N ASP A 74 8.62 -10.86 7.01
CA ASP A 74 9.58 -11.71 6.32
C ASP A 74 10.47 -12.44 7.32
N GLU A 75 10.78 -11.77 8.43
CA GLU A 75 11.63 -12.35 9.47
C GLU A 75 10.78 -12.88 10.62
N PRO A 76 11.36 -13.76 11.45
CA PRO A 76 10.66 -14.35 12.60
C PRO A 76 10.36 -13.32 13.68
N LEU A 77 9.22 -12.65 13.55
CA LEU A 77 8.83 -11.64 14.53
C LEU A 77 7.30 -11.57 14.65
N GLY A 78 6.64 -12.70 14.45
CA GLY A 78 5.20 -12.75 14.53
C GLY A 78 4.72 -13.23 15.89
N LYS A 79 3.44 -13.02 16.17
CA LYS A 79 2.85 -13.44 17.44
C LYS A 79 2.04 -14.71 17.27
N ASN A 80 1.30 -14.79 16.16
CA ASN A 80 0.48 -15.97 15.88
C ASN A 80 0.79 -16.53 14.50
N ASP A 81 0.21 -17.69 14.18
CA ASP A 81 0.42 -18.32 12.90
C ASP A 81 -0.74 -18.02 11.94
N GLY A 82 -1.34 -16.86 12.10
CA GLY A 82 -2.45 -16.47 11.25
C GLY A 82 -3.79 -16.65 11.93
N ALA A 83 -3.86 -17.57 12.88
CA ALA A 83 -5.09 -17.82 13.62
C ALA A 83 -5.06 -17.17 15.00
N VAL A 84 -6.20 -16.64 15.42
CA VAL A 84 -6.30 -15.99 16.72
C VAL A 84 -7.56 -16.41 17.46
N ALA A 85 -7.40 -16.90 18.69
CA ALA A 85 -8.52 -17.35 19.49
C ALA A 85 -9.31 -18.45 18.79
N GLY A 86 -8.62 -19.22 17.96
CA GLY A 86 -9.27 -20.29 17.23
C GLY A 86 -9.68 -19.89 15.83
N THR A 87 -9.93 -18.59 15.65
CA THR A 87 -10.35 -18.07 14.34
C THR A 87 -9.14 -17.97 13.40
N ARG A 88 -9.35 -18.37 12.15
CA ARG A 88 -8.29 -18.33 11.15
C ARG A 88 -8.44 -17.10 10.26
N TYR A 89 -7.31 -16.47 9.93
CA TYR A 89 -7.32 -15.28 9.08
C TYR A 89 -6.56 -15.54 7.79
N PHE A 90 -5.25 -15.71 7.89
CA PHE A 90 -4.41 -15.97 6.72
C PHE A 90 -3.41 -17.09 7.00
N GLN A 91 -3.35 -18.06 6.10
CA GLN A 91 -2.44 -19.19 6.25
C GLN A 91 -0.99 -18.75 6.06
N CYS A 92 -0.18 -18.94 7.10
CA CYS A 92 1.22 -18.57 7.06
C CYS A 92 2.04 -19.38 8.06
N GLN A 93 3.35 -19.19 8.04
CA GLN A 93 4.24 -19.91 8.95
C GLN A 93 4.18 -19.30 10.35
N PRO A 94 4.32 -20.14 11.40
CA PRO A 94 4.29 -19.67 12.78
C PRO A 94 5.32 -18.59 13.06
N LYS A 95 4.98 -17.65 13.95
CA LYS A 95 5.88 -16.57 14.30
C LYS A 95 6.19 -15.70 13.08
N TYR A 96 5.15 -15.28 12.38
CA TYR A 96 5.32 -14.45 11.19
C TYR A 96 4.07 -13.59 10.95
N GLY A 97 2.91 -14.22 11.04
CA GLY A 97 1.66 -13.50 10.84
C GLY A 97 1.37 -12.50 11.94
N LEU A 98 1.49 -11.22 11.63
CA LEU A 98 1.23 -10.17 12.60
C LEU A 98 0.02 -9.34 12.21
N PHE A 99 -0.66 -8.78 13.21
CA PHE A 99 -1.84 -7.97 12.97
C PHE A 99 -1.64 -6.54 13.50
N ALA A 100 -1.93 -5.56 12.65
CA ALA A 100 -1.78 -4.17 13.03
C ALA A 100 -2.89 -3.30 12.41
N PRO A 101 -3.32 -2.25 13.12
CA PRO A 101 -4.38 -1.35 12.62
C PRO A 101 -3.97 -0.65 11.33
N VAL A 102 -4.88 -0.66 10.35
CA VAL A 102 -4.62 -0.03 9.07
C VAL A 102 -4.20 1.43 9.24
N HIS A 103 -4.97 2.17 10.03
CA HIS A 103 -4.69 3.59 10.26
C HIS A 103 -3.28 3.78 10.82
N LYS A 104 -2.75 2.73 11.46
CA LYS A 104 -1.41 2.79 12.03
C LYS A 104 -0.37 2.35 11.00
N VAL A 105 -0.78 1.53 10.05
CA VAL A 105 0.12 1.03 9.01
C VAL A 105 0.29 2.05 7.89
N THR A 106 1.40 1.94 7.17
CA THR A 106 1.68 2.85 6.07
C THR A 106 2.07 2.08 4.80
N LYS A 107 2.02 2.76 3.66
CA LYS A 107 2.37 2.13 2.39
C LYS A 107 3.77 2.53 1.96
N ILE A 108 4.49 1.58 1.36
CA ILE A 108 5.84 1.83 0.90
C ILE A 108 6.19 0.93 -0.29
N GLY A 109 7.17 1.36 -1.08
CA GLY A 109 7.57 0.58 -2.24
C GLY A 109 7.64 1.41 -3.51
N PHE A 110 7.23 2.67 -3.43
CA PHE A 110 7.24 3.56 -4.58
C PHE A 110 8.33 4.62 -4.44
N PRO A 111 9.43 4.50 -5.20
CA PRO A 111 10.54 5.47 -5.14
C PRO A 111 10.06 6.91 -5.30
N SER A 112 10.03 7.64 -4.18
CA SER A 112 9.59 9.03 -4.19
C SER A 112 10.73 9.96 -3.78
N THR A 113 10.48 11.26 -3.88
CA THR A 113 11.49 12.26 -3.53
C THR A 113 10.96 13.21 -2.47
N THR A 114 11.39 13.00 -1.22
CA THR A 114 10.95 13.84 -0.11
C THR A 114 12.14 14.28 0.73
N PRO A 115 12.70 15.48 0.45
CA PRO A 115 13.85 16.00 1.20
C PRO A 115 13.49 16.36 2.63
N ALA A 116 14.18 15.74 3.58
CA ALA A 116 13.94 15.99 4.99
C ALA A 116 14.68 17.24 5.47
N LYS A 117 16.00 17.16 5.51
CA LYS A 117 16.81 18.29 5.94
C LYS A 117 16.91 19.34 4.85
N ALA A 118 16.91 20.60 5.25
CA ALA A 118 17.00 21.71 4.30
C ALA A 118 17.58 22.95 4.95
N LYS A 119 17.08 23.28 6.13
CA LYS A 119 17.57 24.45 6.87
C LYS A 119 18.99 24.23 7.37
N ALA A 120 19.88 25.17 7.05
CA ALA A 120 21.27 25.07 7.47
C ALA A 120 21.93 23.81 6.91
N ASN A 121 23.22 23.67 7.16
CA ASN A 121 23.96 22.51 6.68
C ASN A 121 25.10 22.17 7.64
N ALA A 122 25.69 20.98 7.45
CA ALA A 122 26.79 20.54 8.30
C ALA A 122 26.34 20.35 9.75
N VAL A 123 26.23 21.45 10.47
CA VAL A 123 25.81 21.41 11.87
C VAL A 123 24.33 21.02 11.98
N ARG A 124 23.99 20.31 13.06
CA ARG A 124 22.62 19.89 13.29
C ARG A 124 22.14 18.97 12.16
N ARG A 125 22.36 17.67 12.32
CA ARG A 125 21.95 16.69 11.31
C ARG A 125 20.43 16.60 11.23
N VAL A 126 19.78 16.66 12.38
CA VAL A 126 18.32 16.58 12.44
C VAL A 126 17.70 17.96 12.24
N MET A 127 16.52 17.98 11.62
CA MET A 127 15.82 19.24 11.36
C MET A 127 15.39 19.89 12.67
N ALA A 128 15.65 21.20 12.78
CA ALA A 128 15.30 21.94 13.97
C ALA A 128 14.31 23.05 13.66
N THR A 129 13.60 23.52 14.68
CA THR A 129 12.61 24.58 14.50
C THR A 129 13.28 25.86 14.01
N THR A 130 14.26 26.35 14.75
CA THR A 130 14.99 27.57 14.39
C THR A 130 14.16 28.81 14.70
N SER A 131 12.94 28.88 14.15
CA SER A 131 12.05 30.01 14.37
C SER A 131 12.47 31.20 13.51
N ALA A 132 12.14 31.14 12.23
CA ALA A 132 12.48 32.21 11.30
C ALA A 132 11.60 32.17 10.06
N SER A 133 11.70 33.20 9.23
CA SER A 133 10.90 33.27 8.00
C SER A 133 9.41 33.26 8.32
N LEU A 134 8.58 33.32 7.28
CA LEU A 134 7.13 33.33 7.46
C LEU A 134 6.45 32.57 6.31
N LYS A 135 5.25 32.08 6.57
CA LYS A 135 4.48 31.35 5.57
C LYS A 135 3.75 32.32 4.63
N ARG A 136 3.30 31.80 3.50
CA ARG A 136 2.59 32.61 2.52
C ARG A 136 1.08 32.33 2.57
N SER A 137 0.72 31.07 2.35
CA SER A 137 -0.68 30.67 2.38
C SER A 137 -1.21 30.58 3.80
N PRO A 138 -2.44 31.02 4.05
CA PRO A 138 -3.04 30.99 5.39
C PRO A 138 -3.50 29.59 5.77
N SER A 139 -3.92 29.43 7.02
CA SER A 139 -4.38 28.13 7.52
C SER A 139 -5.87 28.18 7.86
N ALA A 140 -6.52 27.02 7.76
CA ALA A 140 -7.95 26.93 8.05
C ALA A 140 -8.76 27.82 7.11
N SER A 141 -8.27 28.00 5.89
CA SER A 141 -8.94 28.81 4.89
C SER A 141 -9.93 27.99 4.08
N SER A 142 -10.94 28.65 3.53
CA SER A 142 -11.96 27.98 2.73
C SER A 142 -12.06 28.60 1.35
N LEU A 143 -12.06 29.94 1.31
CA LEU A 143 -12.16 30.66 0.05
C LEU A 143 -10.78 31.06 -0.46
N SER A 144 -9.93 31.53 0.45
CA SER A 144 -8.58 31.94 0.10
C SER A 144 -7.74 30.73 -0.34
N SER A 145 -7.69 29.71 0.51
CA SER A 145 -6.93 28.51 0.21
C SER A 145 -7.63 27.27 0.75
N MET A 146 -7.33 26.12 0.16
CA MET A 146 -7.94 24.86 0.58
C MET A 146 -6.94 24.00 1.34
N SER A 147 -6.77 24.29 2.63
CA SER A 147 -5.84 23.55 3.47
C SER A 147 -6.34 22.12 3.69
N SER A 148 -6.16 21.27 2.68
CA SER A 148 -6.58 19.88 2.76
C SER A 148 -5.77 19.01 1.80
N VAL A 149 -5.94 17.70 1.93
CA VAL A 149 -5.22 16.75 1.09
C VAL A 149 -6.11 16.25 -0.04
N ALA A 150 -6.20 17.03 -1.12
CA ALA A 150 -7.02 16.65 -2.27
C ALA A 150 -6.31 16.97 -3.57
N SER A 151 -5.82 15.94 -4.25
CA SER A 151 -5.11 16.11 -5.51
C SER A 151 -5.93 15.55 -6.67
N SER A 152 -6.67 16.42 -7.36
CA SER A 152 -7.49 16.00 -8.48
C SER A 152 -6.80 16.31 -9.81
N VAL A 153 -5.47 16.17 -9.83
CA VAL A 153 -4.70 16.42 -11.03
C VAL A 153 -4.43 15.14 -11.81
N SER A 154 -4.27 14.04 -11.09
CA SER A 154 -4.02 12.75 -11.72
C SER A 154 -4.25 11.61 -10.73
N SER A 155 -4.14 10.37 -11.21
CA SER A 155 -4.32 9.21 -10.37
C SER A 155 -3.58 7.99 -10.94
N ARG A 156 -2.73 7.40 -10.11
CA ARG A 156 -1.97 6.23 -10.53
C ARG A 156 -2.12 5.08 -9.54
N PRO A 157 -3.30 4.43 -9.53
CA PRO A 157 -3.59 3.32 -8.62
C PRO A 157 -2.80 2.07 -8.99
N SER A 158 -2.68 1.79 -10.28
CA SER A 158 -1.96 0.62 -10.76
C SER A 158 -1.34 0.89 -12.13
N ARG A 159 -0.41 0.03 -12.52
CA ARG A 159 0.26 0.18 -13.81
C ARG A 159 0.32 -1.16 -14.55
N THR A 160 0.18 -1.10 -15.87
CA THR A 160 0.21 -2.31 -16.69
C THR A 160 1.60 -2.53 -17.28
N GLY A 161 2.23 -1.44 -17.72
CA GLY A 161 3.55 -1.53 -18.31
C GLY A 161 4.64 -1.60 -17.26
N LEU A 162 5.82 -1.10 -17.61
CA LEU A 162 6.96 -1.12 -16.69
C LEU A 162 7.33 -2.54 -16.29
N LEU A 163 8.52 -2.70 -15.71
CA LEU A 163 8.98 -4.01 -15.28
C LEU A 163 8.14 -4.53 -14.11
N THR A 164 8.52 -5.68 -13.58
CA THR A 164 7.81 -6.29 -12.46
C THR A 164 8.75 -7.14 -11.62
N GLU A 165 9.55 -7.98 -12.28
CA GLU A 165 10.49 -8.84 -11.59
C GLU A 165 11.93 -8.42 -11.88
N THR A 166 12.87 -9.16 -11.31
CA THR A 166 14.29 -8.86 -11.51
C THR A 166 14.83 -9.57 -12.74
N SER A 167 15.02 -8.82 -13.81
CA SER A 167 15.53 -9.38 -15.06
C SER A 167 16.83 -8.69 -15.48
N GLY A 168 16.73 -7.41 -15.82
CA GLY A 168 17.90 -6.66 -16.23
C GLY A 168 17.54 -5.37 -16.94
N PRO A 169 17.52 -4.24 -16.20
CA PRO A 169 17.18 -2.93 -16.79
C PRO A 169 18.26 -2.44 -17.75
N SER A 170 19.52 -2.63 -17.38
CA SER A 170 20.64 -2.20 -18.21
C SER A 170 21.47 -3.40 -18.66
N SER A 171 21.97 -3.34 -19.89
CA SER A 171 22.77 -4.42 -20.44
C SER A 171 21.99 -5.72 -20.50
N GLY A 172 20.70 -5.61 -20.78
CA GLY A 172 19.85 -6.78 -20.86
C GLY A 172 19.75 -7.33 -22.27
N GLY A 1 -45.62 11.53 60.71
CA GLY A 1 -45.00 10.65 59.68
C GLY A 1 -45.99 10.20 58.63
N SER A 2 -46.46 8.96 58.76
CA SER A 2 -47.42 8.40 57.82
C SER A 2 -48.83 8.91 58.11
N SER A 3 -49.66 8.97 57.07
CA SER A 3 -51.04 9.43 57.23
C SER A 3 -51.94 8.81 56.16
N GLY A 4 -51.70 9.18 54.91
CA GLY A 4 -52.50 8.65 53.81
C GLY A 4 -51.79 8.75 52.49
N SER A 5 -50.72 7.98 52.32
CA SER A 5 -49.95 7.98 51.08
C SER A 5 -49.38 9.37 50.80
N SER A 6 -48.85 9.56 49.59
CA SER A 6 -48.27 10.84 49.20
C SER A 6 -48.82 11.29 47.85
N GLY A 7 -48.78 10.39 46.87
CA GLY A 7 -49.27 10.72 45.54
C GLY A 7 -48.53 9.98 44.45
N ALA A 8 -47.22 10.15 44.43
CA ALA A 8 -46.39 9.49 43.42
C ALA A 8 -46.78 9.94 42.01
N THR A 9 -46.15 9.34 41.00
CA THR A 9 -46.44 9.66 39.62
C THR A 9 -46.78 8.41 38.82
N PRO A 10 -47.95 8.37 38.16
CA PRO A 10 -48.38 7.22 37.37
C PRO A 10 -47.57 7.07 36.09
N PRO A 11 -46.73 6.02 36.00
CA PRO A 11 -45.90 5.76 34.82
C PRO A 11 -46.73 5.34 33.61
N ILE A 12 -47.66 4.41 33.84
CA ILE A 12 -48.51 3.91 32.77
C ILE A 12 -49.96 3.76 33.24
N SER A 13 -50.84 4.61 32.73
CA SER A 13 -52.25 4.56 33.10
C SER A 13 -53.01 3.56 32.24
N ASN A 14 -52.76 3.59 30.94
CA ASN A 14 -53.42 2.69 30.00
C ASN A 14 -52.72 2.70 28.65
N LEU A 15 -52.64 1.53 28.02
CA LEU A 15 -51.99 1.41 26.73
C LEU A 15 -53.02 1.14 25.63
N THR A 16 -54.11 0.48 26.00
CA THR A 16 -55.17 0.16 25.05
C THR A 16 -56.06 1.38 24.79
N LYS A 17 -55.71 2.14 23.76
CA LYS A 17 -56.48 3.33 23.41
C LYS A 17 -56.39 3.61 21.91
N THR A 18 -55.18 3.88 21.44
CA THR A 18 -54.96 4.16 20.02
C THR A 18 -53.53 3.82 19.61
N ALA A 19 -53.34 3.52 18.33
CA ALA A 19 -52.03 3.17 17.82
C ALA A 19 -52.03 3.14 16.29
N SER A 20 -51.62 4.25 15.68
CA SER A 20 -51.57 4.34 14.23
C SER A 20 -50.23 4.88 13.75
N GLU A 21 -50.06 4.97 12.44
CA GLU A 21 -48.81 5.48 11.87
C GLU A 21 -48.77 7.00 11.90
N SER A 22 -48.05 7.55 12.86
CA SER A 22 -47.93 9.00 13.00
C SER A 22 -46.70 9.53 12.26
N ILE A 23 -45.65 8.70 12.20
CA ILE A 23 -44.42 9.08 11.52
C ILE A 23 -43.72 7.86 10.94
N SER A 24 -42.60 8.10 10.26
CA SER A 24 -41.84 7.02 9.64
C SER A 24 -40.35 7.35 9.63
N ASN A 25 -40.02 8.57 9.22
CA ASN A 25 -38.63 9.01 9.15
C ASN A 25 -37.84 8.18 8.15
N LEU A 26 -37.06 8.88 7.31
CA LEU A 26 -36.25 8.20 6.30
C LEU A 26 -35.29 9.18 5.64
N SER A 27 -34.15 9.42 6.30
CA SER A 27 -33.15 10.33 5.77
C SER A 27 -32.26 9.64 4.74
N GLU A 28 -31.52 8.62 5.20
CA GLU A 28 -30.64 7.87 4.32
C GLU A 28 -31.17 6.46 4.08
N ALA A 29 -31.18 6.06 2.81
CA ALA A 29 -31.67 4.73 2.45
C ALA A 29 -31.44 4.45 0.96
N GLY A 30 -30.21 4.08 0.63
CA GLY A 30 -29.87 3.79 -0.76
C GLY A 30 -28.53 3.10 -0.90
N SER A 31 -27.56 3.55 -0.12
CA SER A 31 -26.22 2.96 -0.16
C SER A 31 -25.58 3.18 -1.52
N ILE A 32 -24.41 3.82 -1.53
CA ILE A 32 -23.69 4.09 -2.77
C ILE A 32 -22.42 3.26 -2.85
N LYS A 33 -21.81 3.01 -1.70
CA LYS A 33 -20.58 2.22 -1.65
C LYS A 33 -20.66 1.18 -0.54
N LYS A 34 -19.90 0.09 -0.69
CA LYS A 34 -19.88 -0.98 0.29
C LYS A 34 -18.60 -1.79 0.17
N GLY A 35 -18.27 -2.54 1.23
CA GLY A 35 -17.08 -3.36 1.23
C GLY A 35 -15.81 -2.53 1.24
N GLU A 36 -15.19 -2.41 2.41
CA GLU A 36 -13.96 -1.64 2.55
C GLU A 36 -12.75 -2.47 2.13
N ARG A 37 -11.79 -1.81 1.49
CA ARG A 37 -10.58 -2.48 1.03
C ARG A 37 -9.60 -1.48 0.43
N GLU A 38 -8.75 -0.91 1.27
CA GLU A 38 -7.76 0.07 0.82
C GLU A 38 -6.50 -0.63 0.31
N LEU A 39 -6.07 -1.66 1.04
CA LEU A 39 -4.88 -2.41 0.66
C LEU A 39 -5.26 -3.65 -0.14
N LYS A 40 -4.25 -4.46 -0.49
CA LYS A 40 -4.47 -5.68 -1.25
C LYS A 40 -3.56 -6.80 -0.76
N ILE A 41 -3.95 -8.04 -1.05
CA ILE A 41 -3.16 -9.20 -0.64
C ILE A 41 -1.88 -9.30 -1.46
N GLY A 42 -0.79 -8.78 -0.92
CA GLY A 42 0.48 -8.82 -1.61
C GLY A 42 1.28 -7.55 -1.45
N ASP A 43 0.58 -6.43 -1.25
CA ASP A 43 1.23 -5.14 -1.09
C ASP A 43 2.10 -5.13 0.17
N ARG A 44 3.16 -4.33 0.15
CA ARG A 44 4.07 -4.23 1.29
C ARG A 44 3.75 -3.01 2.13
N VAL A 45 3.85 -3.15 3.45
CA VAL A 45 3.57 -2.05 4.36
C VAL A 45 4.53 -2.07 5.54
N LEU A 46 4.72 -0.90 6.16
CA LEU A 46 5.62 -0.78 7.30
C LEU A 46 4.90 -0.16 8.49
N VAL A 47 5.25 -0.62 9.69
CA VAL A 47 4.64 -0.11 10.91
C VAL A 47 5.66 -0.04 12.05
N GLY A 48 5.79 1.14 12.64
CA GLY A 48 6.73 1.32 13.73
C GLY A 48 8.05 1.90 13.27
N GLY A 49 8.46 1.54 12.06
CA GLY A 49 9.71 2.05 11.52
C GLY A 49 10.77 0.96 11.40
N THR A 50 10.32 -0.28 11.22
CA THR A 50 11.24 -1.41 11.10
C THR A 50 10.53 -2.63 10.55
N LYS A 51 9.38 -2.96 11.14
CA LYS A 51 8.60 -4.12 10.72
C LYS A 51 8.11 -3.93 9.29
N ALA A 52 8.52 -4.84 8.41
CA ALA A 52 8.12 -4.78 7.00
C ALA A 52 7.73 -6.16 6.49
N GLY A 53 6.47 -6.32 6.09
CA GLY A 53 6.00 -7.58 5.58
C GLY A 53 5.02 -7.42 4.44
N VAL A 54 4.40 -8.53 4.04
CA VAL A 54 3.43 -8.50 2.94
C VAL A 54 2.01 -8.69 3.46
N VAL A 55 1.07 -7.95 2.87
CA VAL A 55 -0.33 -8.02 3.28
C VAL A 55 -0.95 -9.35 2.84
N ARG A 56 -1.34 -10.16 3.81
CA ARG A 56 -1.95 -11.46 3.53
C ARG A 56 -3.45 -11.42 3.80
N PHE A 57 -3.84 -10.61 4.78
CA PHE A 57 -5.26 -10.49 5.13
C PHE A 57 -5.64 -9.03 5.34
N LEU A 58 -6.89 -8.70 5.05
CA LEU A 58 -7.39 -7.34 5.20
C LEU A 58 -8.87 -7.33 5.53
N GLY A 59 -9.19 -7.07 6.79
CA GLY A 59 -10.58 -7.04 7.21
C GLY A 59 -10.74 -6.65 8.67
N GLU A 60 -11.68 -7.29 9.35
CA GLU A 60 -11.93 -7.01 10.77
C GLU A 60 -11.27 -8.07 11.65
N THR A 61 -10.87 -7.66 12.85
CA THR A 61 -10.24 -8.57 13.78
C THR A 61 -11.25 -9.11 14.79
N ASP A 62 -10.78 -9.94 15.72
CA ASP A 62 -11.65 -10.52 16.74
C ASP A 62 -11.08 -10.29 18.14
N PHE A 63 -10.40 -9.17 18.32
CA PHE A 63 -9.81 -8.82 19.60
C PHE A 63 -9.85 -7.32 19.84
N ALA A 64 -9.45 -6.55 18.84
CA ALA A 64 -9.44 -5.09 18.93
C ALA A 64 -10.49 -4.48 18.01
N LYS A 65 -10.95 -3.28 18.36
CA LYS A 65 -11.94 -2.58 17.56
C LYS A 65 -11.31 -2.00 16.29
N GLY A 66 -12.12 -1.28 15.51
CA GLY A 66 -11.61 -0.69 14.28
C GLY A 66 -11.21 -1.74 13.25
N GLU A 67 -10.59 -1.29 12.17
CA GLU A 67 -10.15 -2.20 11.12
C GLU A 67 -8.65 -2.44 11.21
N TRP A 68 -8.27 -3.72 11.22
CA TRP A 68 -6.86 -4.09 11.31
C TRP A 68 -6.41 -4.82 10.05
N CYS A 69 -5.15 -4.61 9.66
CA CYS A 69 -4.60 -5.23 8.47
C CYS A 69 -3.61 -6.33 8.84
N GLY A 70 -3.98 -7.58 8.51
CA GLY A 70 -3.11 -8.70 8.82
C GLY A 70 -1.92 -8.79 7.89
N VAL A 71 -0.78 -8.32 8.35
CA VAL A 71 0.44 -8.34 7.55
C VAL A 71 1.44 -9.36 8.11
N GLU A 72 1.90 -10.27 7.25
CA GLU A 72 2.85 -11.29 7.65
C GLU A 72 4.29 -10.80 7.46
N LEU A 73 5.04 -10.76 8.56
CA LEU A 73 6.43 -10.31 8.52
C LEU A 73 7.33 -11.38 7.92
N ASP A 74 8.44 -10.96 7.33
CA ASP A 74 9.38 -11.88 6.72
C ASP A 74 10.34 -12.45 7.77
N GLU A 75 10.68 -11.63 8.75
CA GLU A 75 11.59 -12.04 9.83
C GLU A 75 10.81 -12.55 11.03
N PRO A 76 11.47 -13.34 11.91
CA PRO A 76 10.84 -13.89 13.10
C PRO A 76 10.52 -12.82 14.14
N LEU A 77 9.40 -12.11 13.94
CA LEU A 77 9.00 -11.06 14.86
C LEU A 77 7.48 -11.04 15.01
N GLY A 78 6.86 -12.21 14.90
CA GLY A 78 5.41 -12.30 15.01
C GLY A 78 4.99 -12.99 16.30
N LYS A 79 3.70 -13.33 16.38
CA LYS A 79 3.17 -13.99 17.57
C LYS A 79 2.27 -15.17 17.17
N ASN A 80 1.38 -14.93 16.22
CA ASN A 80 0.46 -15.96 15.75
C ASN A 80 0.75 -16.32 14.29
N ASP A 81 0.44 -17.56 13.93
CA ASP A 81 0.67 -18.02 12.56
C ASP A 81 -0.54 -17.72 11.68
N GLY A 82 -0.89 -16.44 11.58
CA GLY A 82 -2.02 -16.04 10.77
C GLY A 82 -3.34 -16.53 11.33
N ALA A 83 -3.39 -16.69 12.65
CA ALA A 83 -4.61 -17.17 13.31
C ALA A 83 -4.74 -16.55 14.70
N VAL A 84 -5.91 -15.97 14.97
CA VAL A 84 -6.17 -15.35 16.26
C VAL A 84 -7.50 -15.79 16.83
N ALA A 85 -7.51 -16.18 18.10
CA ALA A 85 -8.72 -16.63 18.77
C ALA A 85 -9.34 -17.82 18.05
N GLY A 86 -8.51 -18.57 17.33
CA GLY A 86 -9.00 -19.73 16.61
C GLY A 86 -9.34 -19.42 15.16
N THR A 87 -9.62 -18.15 14.88
CA THR A 87 -9.96 -17.72 13.53
C THR A 87 -8.74 -17.75 12.63
N ARG A 88 -8.87 -18.37 11.45
CA ARG A 88 -7.78 -18.45 10.50
C ARG A 88 -7.87 -17.33 9.46
N TYR A 89 -6.78 -16.61 9.27
CA TYR A 89 -6.74 -15.51 8.31
C TYR A 89 -5.90 -15.89 7.10
N PHE A 90 -4.70 -16.41 7.34
CA PHE A 90 -3.81 -16.81 6.27
C PHE A 90 -2.85 -17.90 6.74
N GLN A 91 -2.58 -18.87 5.86
CA GLN A 91 -1.69 -19.96 6.19
C GLN A 91 -0.23 -19.52 6.10
N CYS A 92 0.46 -19.54 7.24
CA CYS A 92 1.86 -19.14 7.30
C CYS A 92 2.57 -19.80 8.47
N GLN A 93 3.85 -19.51 8.63
CA GLN A 93 4.64 -20.08 9.71
C GLN A 93 4.55 -19.21 10.97
N PRO A 94 4.50 -19.83 12.15
CA PRO A 94 4.41 -19.09 13.42
C PRO A 94 5.54 -18.10 13.60
N LYS A 95 5.34 -17.13 14.49
CA LYS A 95 6.35 -16.12 14.77
C LYS A 95 6.63 -15.28 13.52
N TYR A 96 5.58 -15.00 12.75
CA TYR A 96 5.72 -14.21 11.53
C TYR A 96 4.46 -13.38 11.28
N GLY A 97 3.31 -14.05 11.29
CA GLY A 97 2.07 -13.34 11.07
C GLY A 97 1.72 -12.39 12.20
N LEU A 98 1.60 -11.11 11.87
CA LEU A 98 1.27 -10.10 12.86
C LEU A 98 0.14 -9.21 12.38
N PHE A 99 -0.62 -8.66 13.31
CA PHE A 99 -1.75 -7.79 12.98
C PHE A 99 -1.57 -6.41 13.61
N ALA A 100 -2.10 -5.39 12.93
CA ALA A 100 -2.01 -4.02 13.42
C ALA A 100 -3.07 -3.13 12.78
N PRO A 101 -3.51 -2.07 13.49
CA PRO A 101 -4.53 -1.15 12.98
C PRO A 101 -4.10 -0.48 11.67
N VAL A 102 -5.02 -0.44 10.72
CA VAL A 102 -4.73 0.16 9.42
C VAL A 102 -4.19 1.59 9.58
N HIS A 103 -4.90 2.41 10.36
CA HIS A 103 -4.49 3.78 10.58
C HIS A 103 -3.06 3.85 11.11
N LYS A 104 -2.62 2.79 11.79
CA LYS A 104 -1.28 2.73 12.33
C LYS A 104 -0.29 2.18 11.30
N VAL A 105 -0.80 1.38 10.37
CA VAL A 105 0.03 0.79 9.34
C VAL A 105 0.30 1.80 8.21
N THR A 106 1.53 1.83 7.73
CA THR A 106 1.92 2.74 6.65
C THR A 106 2.24 1.97 5.37
N LYS A 107 2.33 2.70 4.27
CA LYS A 107 2.64 2.09 2.98
C LYS A 107 4.09 2.35 2.59
N ILE A 108 4.71 1.35 1.96
CA ILE A 108 6.10 1.48 1.53
C ILE A 108 6.38 0.60 0.32
N GLY A 109 6.88 1.23 -0.75
CA GLY A 109 7.19 0.48 -1.96
C GLY A 109 7.05 1.33 -3.21
N PHE A 110 7.48 2.58 -3.13
CA PHE A 110 7.40 3.49 -4.27
C PHE A 110 8.68 3.45 -5.11
N PRO A 111 9.83 3.84 -4.54
CA PRO A 111 11.10 3.82 -5.25
C PRO A 111 11.68 2.43 -5.39
N SER A 112 12.69 2.29 -6.25
CA SER A 112 13.32 1.00 -6.49
C SER A 112 12.35 0.00 -7.09
N THR A 113 12.80 -0.71 -8.12
CA THR A 113 11.96 -1.70 -8.78
C THR A 113 12.41 -3.11 -8.46
N THR A 114 11.48 -3.92 -7.96
CA THR A 114 11.79 -5.31 -7.59
C THR A 114 11.07 -6.28 -8.53
N PRO A 115 11.76 -6.73 -9.61
CA PRO A 115 11.18 -7.67 -10.57
C PRO A 115 10.52 -8.87 -9.90
N ALA A 116 9.84 -9.69 -10.70
CA ALA A 116 9.17 -10.87 -10.18
C ALA A 116 9.74 -12.14 -10.80
N LYS A 117 9.15 -13.28 -10.44
CA LYS A 117 9.61 -14.57 -10.96
C LYS A 117 8.71 -15.69 -10.47
N ALA A 118 8.36 -15.65 -9.19
CA ALA A 118 7.50 -16.67 -8.59
C ALA A 118 6.56 -16.06 -7.55
N LYS A 119 5.26 -16.13 -7.81
CA LYS A 119 4.27 -15.59 -6.90
C LYS A 119 3.11 -16.58 -6.70
N ALA A 120 2.36 -16.81 -7.77
CA ALA A 120 1.22 -17.73 -7.71
C ALA A 120 1.42 -18.90 -8.68
N ASN A 121 1.43 -18.60 -9.97
CA ASN A 121 1.61 -19.62 -10.99
C ASN A 121 3.02 -20.21 -10.94
N ALA A 122 3.10 -21.53 -10.98
CA ALA A 122 4.38 -22.22 -10.93
C ALA A 122 5.13 -21.91 -9.65
N VAL A 123 6.20 -22.64 -9.39
CA VAL A 123 7.00 -22.44 -8.18
C VAL A 123 8.48 -22.66 -8.47
N ARG A 124 8.84 -23.90 -8.79
CA ARG A 124 10.23 -24.25 -9.08
C ARG A 124 10.63 -23.75 -10.46
N ARG A 125 11.26 -22.59 -10.50
CA ARG A 125 11.71 -22.01 -11.77
C ARG A 125 13.23 -21.96 -11.85
N VAL A 126 13.74 -21.43 -12.95
CA VAL A 126 15.19 -21.33 -13.14
C VAL A 126 15.84 -22.71 -13.15
N MET A 127 17.00 -22.81 -13.80
CA MET A 127 17.72 -24.08 -13.86
C MET A 127 18.59 -24.28 -12.64
N ALA A 128 18.94 -25.53 -12.36
CA ALA A 128 19.76 -25.87 -11.21
C ALA A 128 20.68 -27.04 -11.51
N THR A 129 21.76 -27.17 -10.74
CA THR A 129 22.70 -28.25 -10.92
C THR A 129 22.38 -29.43 -10.00
N THR A 130 21.52 -30.33 -10.48
CA THR A 130 21.13 -31.50 -9.70
C THR A 130 20.45 -31.08 -8.40
N SER A 131 19.82 -32.04 -7.73
CA SER A 131 19.13 -31.78 -6.47
C SER A 131 20.13 -31.48 -5.36
N ALA A 132 19.72 -30.66 -4.40
CA ALA A 132 20.58 -30.29 -3.28
C ALA A 132 20.10 -30.95 -1.99
N SER A 133 18.88 -30.63 -1.58
CA SER A 133 18.30 -31.18 -0.37
C SER A 133 17.86 -32.62 -0.58
N LEU A 134 18.82 -33.53 -0.63
CA LEU A 134 18.53 -34.94 -0.83
C LEU A 134 17.82 -35.17 -2.16
N LYS A 135 17.46 -36.42 -2.42
CA LYS A 135 16.76 -36.77 -3.65
C LYS A 135 15.27 -36.96 -3.41
N ARG A 136 14.93 -38.01 -2.66
CA ARG A 136 13.53 -38.29 -2.35
C ARG A 136 13.41 -39.00 -1.02
N SER A 137 12.18 -39.16 -0.54
CA SER A 137 11.92 -39.81 0.74
C SER A 137 11.45 -41.25 0.52
N PRO A 138 12.38 -42.23 0.59
CA PRO A 138 12.05 -43.64 0.40
C PRO A 138 11.21 -44.20 1.54
N SER A 139 10.89 -45.49 1.46
CA SER A 139 10.10 -46.13 2.50
C SER A 139 10.17 -47.65 2.37
N ALA A 140 9.50 -48.36 3.27
CA ALA A 140 9.49 -49.81 3.26
C ALA A 140 8.35 -50.36 4.10
N SER A 141 7.13 -50.31 3.55
CA SER A 141 5.95 -50.80 4.26
C SER A 141 5.39 -52.04 3.56
N SER A 142 5.47 -52.06 2.25
CA SER A 142 4.96 -53.18 1.46
C SER A 142 3.47 -53.37 1.68
N LEU A 143 2.81 -53.99 0.71
CA LEU A 143 1.37 -54.24 0.80
C LEU A 143 1.08 -55.57 1.50
N SER A 144 1.46 -56.66 0.86
CA SER A 144 1.24 -57.98 1.42
C SER A 144 2.39 -58.92 1.08
N SER A 145 3.03 -59.48 2.10
CA SER A 145 4.16 -60.38 1.92
C SER A 145 3.66 -61.79 1.61
N MET A 146 2.97 -62.41 2.57
CA MET A 146 2.46 -63.75 2.40
C MET A 146 0.98 -63.72 2.02
N SER A 147 0.72 -63.62 0.71
CA SER A 147 -0.64 -63.58 0.20
C SER A 147 -0.99 -64.87 -0.53
N SER A 148 -2.26 -65.01 -0.89
CA SER A 148 -2.73 -66.20 -1.59
C SER A 148 -4.19 -66.05 -2.02
N VAL A 149 -4.46 -66.34 -3.29
CA VAL A 149 -5.82 -66.23 -3.82
C VAL A 149 -6.27 -64.78 -3.89
N ALA A 150 -6.48 -64.17 -2.73
CA ALA A 150 -6.92 -62.79 -2.65
C ALA A 150 -8.23 -62.58 -3.39
N SER A 151 -9.06 -63.62 -3.39
CA SER A 151 -10.36 -63.57 -4.06
C SER A 151 -11.48 -63.28 -3.05
N SER A 152 -11.54 -64.08 -1.99
CA SER A 152 -12.55 -63.91 -0.97
C SER A 152 -12.19 -62.77 -0.03
N VAL A 153 -10.92 -62.68 0.33
CA VAL A 153 -10.45 -61.63 1.23
C VAL A 153 -10.26 -60.32 0.47
N SER A 154 -11.12 -59.34 0.76
CA SER A 154 -11.04 -58.04 0.10
C SER A 154 -11.18 -58.18 -1.41
N SER A 155 -12.41 -58.34 -1.88
CA SER A 155 -12.67 -58.49 -3.31
C SER A 155 -13.07 -57.15 -3.93
N ARG A 156 -13.73 -56.32 -3.13
CA ARG A 156 -14.16 -55.01 -3.59
C ARG A 156 -13.39 -53.89 -2.89
N PRO A 157 -12.44 -53.24 -3.61
CA PRO A 157 -11.63 -52.16 -3.04
C PRO A 157 -12.47 -50.92 -2.73
N SER A 158 -13.00 -50.85 -1.52
CA SER A 158 -13.82 -49.72 -1.09
C SER A 158 -13.67 -49.47 0.40
N ARG A 159 -13.73 -48.19 0.80
CA ARG A 159 -13.60 -47.83 2.21
C ARG A 159 -14.84 -48.28 2.99
N THR A 160 -16.00 -47.76 2.61
CA THR A 160 -17.25 -48.10 3.27
C THR A 160 -17.97 -49.22 2.54
N GLY A 161 -19.16 -49.57 3.02
CA GLY A 161 -19.93 -50.63 2.40
C GLY A 161 -20.70 -50.14 1.19
N LEU A 162 -19.99 -49.70 0.17
CA LEU A 162 -20.62 -49.21 -1.05
C LEU A 162 -21.52 -48.01 -0.75
N LEU A 163 -22.12 -47.46 -1.80
CA LEU A 163 -23.01 -46.30 -1.65
C LEU A 163 -22.27 -45.12 -1.05
N THR A 164 -20.98 -45.02 -1.35
CA THR A 164 -20.16 -43.93 -0.83
C THR A 164 -18.94 -43.69 -1.71
N GLU A 165 -18.10 -42.74 -1.31
CA GLU A 165 -16.90 -42.42 -2.07
C GLU A 165 -17.25 -41.94 -3.48
N THR A 166 -18.41 -41.32 -3.61
CA THR A 166 -18.87 -40.82 -4.90
C THR A 166 -18.59 -39.32 -5.03
N SER A 167 -17.47 -38.88 -4.47
CA SER A 167 -17.08 -37.47 -4.52
C SER A 167 -15.57 -37.33 -4.62
N GLY A 168 -14.87 -37.84 -3.61
CA GLY A 168 -13.41 -37.76 -3.61
C GLY A 168 -12.89 -36.79 -2.54
N PRO A 169 -12.59 -37.31 -1.33
CA PRO A 169 -12.09 -36.48 -0.24
C PRO A 169 -10.68 -35.94 -0.51
N SER A 170 -10.29 -34.91 0.21
CA SER A 170 -8.97 -34.30 0.05
C SER A 170 -7.88 -35.25 0.53
N SER A 171 -8.18 -35.99 1.61
CA SER A 171 -7.22 -36.93 2.17
C SER A 171 -7.93 -38.12 2.78
N GLY A 172 -8.78 -37.85 3.78
CA GLY A 172 -9.51 -38.91 4.44
C GLY A 172 -10.83 -38.44 5.03
N GLY A 1 -1.59 22.10 -54.72
CA GLY A 1 -0.13 21.87 -54.53
C GLY A 1 0.19 20.46 -54.12
N SER A 2 0.73 19.67 -55.04
CA SER A 2 1.08 18.28 -54.76
C SER A 2 2.22 17.82 -55.66
N SER A 3 3.16 17.08 -55.08
CA SER A 3 4.31 16.57 -55.83
C SER A 3 3.92 15.33 -56.63
N GLY A 4 3.00 14.54 -56.09
CA GLY A 4 2.57 13.34 -56.77
C GLY A 4 1.73 12.44 -55.88
N SER A 5 2.03 12.44 -54.58
CA SER A 5 1.29 11.62 -53.64
C SER A 5 1.51 12.12 -52.21
N SER A 6 0.46 12.73 -51.63
CA SER A 6 0.54 13.25 -50.27
C SER A 6 0.33 12.14 -49.25
N GLY A 7 -0.66 11.29 -49.50
CA GLY A 7 -0.94 10.19 -48.59
C GLY A 7 -1.86 10.60 -47.46
N ALA A 8 -1.83 9.84 -46.36
CA ALA A 8 -2.68 10.13 -45.22
C ALA A 8 -1.84 10.58 -44.02
N THR A 9 -2.52 10.94 -42.93
CA THR A 9 -1.84 11.38 -41.72
C THR A 9 -0.80 12.46 -42.02
N PRO A 10 -1.23 13.71 -42.21
CA PRO A 10 -0.34 14.83 -42.51
C PRO A 10 0.82 14.93 -41.52
N PRO A 11 1.95 15.52 -41.94
CA PRO A 11 3.13 15.67 -41.08
C PRO A 11 2.91 16.69 -39.98
N ILE A 12 2.57 16.20 -38.78
CA ILE A 12 2.33 17.07 -37.63
C ILE A 12 3.35 16.82 -36.53
N SER A 13 3.35 17.68 -35.52
CA SER A 13 4.28 17.57 -34.41
C SER A 13 3.56 17.08 -33.15
N ASN A 14 2.47 17.77 -32.79
CA ASN A 14 1.69 17.42 -31.62
C ASN A 14 2.54 17.49 -30.36
N LEU A 15 1.89 17.43 -29.20
CA LEU A 15 2.60 17.49 -27.92
C LEU A 15 3.55 16.31 -27.77
N THR A 16 3.13 15.14 -28.25
CA THR A 16 3.96 13.94 -28.18
C THR A 16 4.95 13.89 -29.34
N LYS A 17 6.24 13.96 -29.02
CA LYS A 17 7.28 13.92 -30.03
C LYS A 17 7.67 12.49 -30.35
N THR A 18 7.58 11.62 -29.35
CA THR A 18 7.92 10.21 -29.52
C THR A 18 6.66 9.34 -29.60
N ALA A 19 6.61 8.47 -30.60
CA ALA A 19 5.46 7.59 -30.78
C ALA A 19 5.89 6.13 -30.75
N SER A 20 5.68 5.47 -29.62
CA SER A 20 6.04 4.07 -29.46
C SER A 20 5.04 3.17 -30.18
N GLU A 21 5.56 2.14 -30.86
CA GLU A 21 4.72 1.21 -31.60
C GLU A 21 3.80 0.44 -30.64
N SER A 22 2.53 0.32 -31.02
CA SER A 22 1.56 -0.39 -30.20
C SER A 22 1.42 0.27 -28.83
N ILE A 23 0.34 -0.08 -28.13
CA ILE A 23 0.08 0.47 -26.81
C ILE A 23 0.34 -0.57 -25.71
N SER A 24 0.22 -1.84 -26.07
CA SER A 24 0.45 -2.93 -25.12
C SER A 24 -0.60 -2.90 -24.02
N ASN A 25 -1.75 -3.51 -24.29
CA ASN A 25 -2.84 -3.57 -23.32
C ASN A 25 -2.63 -4.71 -22.32
N LEU A 26 -2.42 -4.36 -21.06
CA LEU A 26 -2.21 -5.35 -20.02
C LEU A 26 -2.74 -4.86 -18.68
N SER A 27 -2.40 -3.62 -18.33
CA SER A 27 -2.83 -3.03 -17.08
C SER A 27 -2.57 -1.53 -17.06
N GLU A 28 -3.59 -0.75 -17.40
CA GLU A 28 -3.47 0.71 -17.43
C GLU A 28 -3.77 1.29 -16.06
N ALA A 29 -3.73 2.62 -15.97
CA ALA A 29 -4.00 3.32 -14.71
C ALA A 29 -4.76 4.62 -14.96
N GLY A 30 -6.08 4.57 -14.83
CA GLY A 30 -6.89 5.75 -15.04
C GLY A 30 -7.62 6.18 -13.79
N SER A 31 -7.08 7.19 -13.11
CA SER A 31 -7.69 7.70 -11.88
C SER A 31 -7.77 6.61 -10.82
N ILE A 32 -6.75 6.55 -9.96
CA ILE A 32 -6.70 5.56 -8.90
C ILE A 32 -6.76 6.21 -7.53
N LYS A 33 -6.10 7.37 -7.41
CA LYS A 33 -6.07 8.11 -6.15
C LYS A 33 -5.32 7.32 -5.07
N LYS A 34 -5.98 6.30 -4.53
CA LYS A 34 -5.37 5.47 -3.49
C LYS A 34 -4.95 6.31 -2.29
N GLY A 35 -5.74 6.24 -1.23
CA GLY A 35 -5.44 7.00 -0.03
C GLY A 35 -4.18 6.54 0.66
N GLU A 36 -4.31 6.09 1.90
CA GLU A 36 -3.17 5.62 2.68
C GLU A 36 -3.57 4.48 3.60
N ARG A 37 -4.68 4.68 4.33
CA ARG A 37 -5.17 3.67 5.26
C ARG A 37 -5.74 2.47 4.51
N GLU A 38 -6.31 2.73 3.34
CA GLU A 38 -6.90 1.68 2.53
C GLU A 38 -5.81 0.83 1.86
N LEU A 39 -5.50 -0.32 2.47
CA LEU A 39 -4.48 -1.21 1.95
C LEU A 39 -5.11 -2.33 1.14
N LYS A 40 -4.27 -3.27 0.67
CA LYS A 40 -4.76 -4.39 -0.12
C LYS A 40 -3.83 -5.59 0.04
N ILE A 41 -4.28 -6.76 -0.43
CA ILE A 41 -3.50 -7.97 -0.34
C ILE A 41 -2.48 -8.05 -1.46
N GLY A 42 -1.20 -8.01 -1.10
CA GLY A 42 -0.14 -8.07 -2.08
C GLY A 42 0.60 -6.77 -2.23
N ASP A 43 0.76 -6.05 -1.12
CA ASP A 43 1.46 -4.77 -1.12
C ASP A 43 2.28 -4.60 0.15
N ARG A 44 3.60 -4.50 -0.01
CA ARG A 44 4.50 -4.33 1.12
C ARG A 44 4.18 -3.04 1.88
N VAL A 45 3.90 -3.19 3.19
CA VAL A 45 3.56 -2.03 4.02
C VAL A 45 4.41 -2.02 5.29
N LEU A 46 4.63 -0.84 5.84
CA LEU A 46 5.41 -0.68 7.05
C LEU A 46 4.52 -0.38 8.25
N VAL A 47 4.95 -0.81 9.43
CA VAL A 47 4.18 -0.58 10.65
C VAL A 47 5.10 -0.31 11.83
N GLY A 48 5.14 0.95 12.27
CA GLY A 48 5.99 1.31 13.39
C GLY A 48 7.46 1.26 13.04
N GLY A 49 7.76 1.44 11.75
CA GLY A 49 9.14 1.41 11.31
C GLY A 49 9.81 0.08 11.57
N THR A 50 10.74 -0.32 10.69
CA THR A 50 11.45 -1.58 10.84
C THR A 50 10.55 -2.76 10.48
N LYS A 51 9.44 -2.90 11.20
CA LYS A 51 8.51 -4.00 10.96
C LYS A 51 7.85 -3.85 9.59
N ALA A 52 8.34 -4.63 8.63
CA ALA A 52 7.80 -4.59 7.27
C ALA A 52 7.38 -5.99 6.82
N GLY A 53 6.42 -6.04 5.90
CA GLY A 53 5.94 -7.32 5.40
C GLY A 53 4.89 -7.16 4.32
N VAL A 54 4.45 -8.27 3.76
CA VAL A 54 3.43 -8.26 2.71
C VAL A 54 2.05 -8.54 3.28
N VAL A 55 1.09 -7.69 2.91
CA VAL A 55 -0.29 -7.85 3.39
C VAL A 55 -0.86 -9.20 2.98
N ARG A 56 -1.03 -10.08 3.96
CA ARG A 56 -1.57 -11.41 3.70
C ARG A 56 -3.08 -11.42 3.84
N PHE A 57 -3.59 -10.59 4.75
CA PHE A 57 -5.03 -10.50 4.98
C PHE A 57 -5.43 -9.07 5.37
N LEU A 58 -6.73 -8.81 5.36
CA LEU A 58 -7.24 -7.49 5.73
C LEU A 58 -8.67 -7.58 6.24
N GLY A 59 -8.88 -7.11 7.46
CA GLY A 59 -10.21 -7.15 8.05
C GLY A 59 -10.22 -6.67 9.48
N GLU A 60 -11.23 -7.11 10.25
CA GLU A 60 -11.34 -6.72 11.65
C GLU A 60 -10.72 -7.77 12.56
N THR A 61 -10.58 -7.44 13.84
CA THR A 61 -10.01 -8.36 14.81
C THR A 61 -10.95 -8.57 15.99
N ASP A 62 -10.81 -9.70 16.65
CA ASP A 62 -11.65 -10.03 17.80
C ASP A 62 -11.04 -9.49 19.09
N PHE A 63 -9.72 -9.45 19.14
CA PHE A 63 -9.01 -8.95 20.32
C PHE A 63 -9.05 -7.43 20.37
N ALA A 64 -8.89 -6.79 19.22
CA ALA A 64 -8.91 -5.34 19.14
C ALA A 64 -10.10 -4.85 18.32
N LYS A 65 -10.49 -3.59 18.55
CA LYS A 65 -11.61 -3.00 17.83
C LYS A 65 -11.13 -2.19 16.64
N GLY A 66 -11.99 -2.04 15.64
CA GLY A 66 -11.63 -1.29 14.46
C GLY A 66 -11.00 -2.15 13.38
N GLU A 67 -10.52 -1.51 12.32
CA GLU A 67 -9.88 -2.23 11.22
C GLU A 67 -8.46 -2.61 11.57
N TRP A 68 -8.06 -3.83 11.21
CA TRP A 68 -6.72 -4.31 11.49
C TRP A 68 -6.15 -5.06 10.29
N CYS A 69 -5.06 -4.53 9.73
CA CYS A 69 -4.43 -5.16 8.57
C CYS A 69 -3.50 -6.28 9.01
N GLY A 70 -3.83 -7.50 8.57
CA GLY A 70 -3.01 -8.65 8.91
C GLY A 70 -1.85 -8.85 7.97
N VAL A 71 -0.68 -8.33 8.36
CA VAL A 71 0.52 -8.45 7.53
C VAL A 71 1.47 -9.50 8.09
N GLU A 72 2.00 -10.34 7.22
CA GLU A 72 2.93 -11.38 7.63
C GLU A 72 4.38 -10.91 7.52
N LEU A 73 5.06 -10.84 8.66
CA LEU A 73 6.45 -10.40 8.69
C LEU A 73 7.39 -11.52 8.26
N ASP A 74 8.20 -11.25 7.24
CA ASP A 74 9.15 -12.24 6.73
C ASP A 74 10.12 -12.67 7.83
N GLU A 75 10.44 -11.74 8.73
CA GLU A 75 11.36 -12.03 9.83
C GLU A 75 10.61 -12.62 11.02
N PRO A 76 11.30 -13.38 11.88
CA PRO A 76 10.70 -14.01 13.06
C PRO A 76 10.31 -12.98 14.11
N LEU A 77 9.39 -12.10 13.76
CA LEU A 77 8.92 -11.06 14.68
C LEU A 77 7.45 -11.23 15.00
N GLY A 78 6.68 -11.73 14.04
CA GLY A 78 5.25 -11.94 14.25
C GLY A 78 4.96 -12.83 15.44
N LYS A 79 3.72 -12.80 15.91
CA LYS A 79 3.32 -13.61 17.05
C LYS A 79 2.23 -14.59 16.66
N ASN A 80 1.28 -14.12 15.86
CA ASN A 80 0.17 -14.96 15.41
C ASN A 80 0.59 -15.81 14.22
N ASP A 81 0.05 -17.03 14.15
CA ASP A 81 0.37 -17.95 13.06
C ASP A 81 -0.73 -17.93 11.99
N GLY A 82 -1.36 -16.78 11.83
CA GLY A 82 -2.43 -16.64 10.84
C GLY A 82 -3.81 -16.76 11.46
N ALA A 83 -3.90 -17.51 12.55
CA ALA A 83 -5.18 -17.69 13.24
C ALA A 83 -5.17 -17.02 14.60
N VAL A 84 -6.26 -16.31 14.90
CA VAL A 84 -6.39 -15.60 16.17
C VAL A 84 -7.70 -15.96 16.87
N ALA A 85 -7.59 -16.34 18.14
CA ALA A 85 -8.77 -16.70 18.92
C ALA A 85 -9.53 -17.84 18.26
N GLY A 86 -8.83 -18.69 17.52
CA GLY A 86 -9.45 -19.81 16.85
C GLY A 86 -9.80 -19.50 15.40
N THR A 87 -10.03 -18.22 15.11
CA THR A 87 -10.38 -17.80 13.76
C THR A 87 -9.14 -17.79 12.87
N ARG A 88 -9.23 -18.46 11.72
CA ARG A 88 -8.12 -18.54 10.78
C ARG A 88 -8.21 -17.42 9.74
N TYR A 89 -7.13 -16.68 9.58
CA TYR A 89 -7.10 -15.58 8.61
C TYR A 89 -6.28 -15.96 7.38
N PHE A 90 -4.98 -16.17 7.59
CA PHE A 90 -4.09 -16.55 6.49
C PHE A 90 -3.14 -17.67 6.92
N GLN A 91 -3.23 -18.80 6.23
CA GLN A 91 -2.39 -19.95 6.53
C GLN A 91 -0.92 -19.62 6.31
N CYS A 92 -0.14 -19.66 7.39
CA CYS A 92 1.29 -19.36 7.32
C CYS A 92 2.03 -19.94 8.52
N GLN A 93 3.36 -19.85 8.48
CA GLN A 93 4.19 -20.37 9.56
C GLN A 93 4.09 -19.47 10.79
N PRO A 94 4.24 -20.05 11.99
CA PRO A 94 4.18 -19.29 13.25
C PRO A 94 5.34 -18.32 13.40
N LYS A 95 5.19 -17.36 14.29
CA LYS A 95 6.23 -16.35 14.53
C LYS A 95 6.50 -15.55 13.26
N TYR A 96 5.46 -15.34 12.47
CA TYR A 96 5.58 -14.59 11.23
C TYR A 96 4.38 -13.67 11.04
N GLY A 97 3.18 -14.24 11.11
CA GLY A 97 1.97 -13.46 10.94
C GLY A 97 1.76 -12.47 12.06
N LEU A 98 1.49 -11.22 11.71
CA LEU A 98 1.27 -10.17 12.70
C LEU A 98 0.13 -9.26 12.26
N PHE A 99 -0.59 -8.71 13.25
CA PHE A 99 -1.70 -7.81 12.97
C PHE A 99 -1.41 -6.41 13.49
N ALA A 100 -1.97 -5.40 12.82
CA ALA A 100 -1.76 -4.01 13.21
C ALA A 100 -2.87 -3.11 12.66
N PRO A 101 -3.25 -2.06 13.39
CA PRO A 101 -4.29 -1.13 12.97
C PRO A 101 -3.94 -0.43 11.66
N VAL A 102 -4.89 -0.41 10.73
CA VAL A 102 -4.68 0.21 9.43
C VAL A 102 -4.25 1.67 9.58
N HIS A 103 -4.97 2.42 10.40
CA HIS A 103 -4.66 3.84 10.62
C HIS A 103 -3.22 4.01 11.12
N LYS A 104 -2.67 2.95 11.72
CA LYS A 104 -1.31 2.99 12.22
C LYS A 104 -0.31 2.56 11.15
N VAL A 105 -0.78 1.73 10.22
CA VAL A 105 0.07 1.24 9.15
C VAL A 105 0.32 2.33 8.10
N THR A 106 1.40 2.16 7.33
CA THR A 106 1.74 3.13 6.30
C THR A 106 2.28 2.42 5.05
N LYS A 107 1.86 2.89 3.88
CA LYS A 107 2.30 2.30 2.62
C LYS A 107 3.76 2.64 2.34
N ILE A 108 4.44 1.76 1.62
CA ILE A 108 5.85 1.97 1.28
C ILE A 108 6.18 1.38 -0.08
N GLY A 109 6.83 2.18 -0.92
CA GLY A 109 7.19 1.73 -2.25
C GLY A 109 8.69 1.53 -2.39
N PHE A 110 9.28 2.20 -3.38
CA PHE A 110 10.71 2.10 -3.63
C PHE A 110 11.23 3.33 -4.36
N PRO A 111 11.15 4.51 -3.73
CA PRO A 111 11.61 5.76 -4.33
C PRO A 111 13.10 5.72 -4.69
N SER A 112 13.39 5.31 -5.91
CA SER A 112 14.77 5.22 -6.38
C SER A 112 14.97 6.01 -7.67
N THR A 113 15.95 6.90 -7.68
CA THR A 113 16.24 7.72 -8.85
C THR A 113 17.74 8.02 -8.95
N THR A 114 18.32 8.43 -7.83
CA THR A 114 19.74 8.76 -7.80
C THR A 114 20.35 8.36 -6.45
N PRO A 115 21.20 7.31 -6.43
CA PRO A 115 21.85 6.84 -5.20
C PRO A 115 22.84 7.85 -4.65
N ALA A 116 22.45 8.54 -3.59
CA ALA A 116 23.31 9.54 -2.97
C ALA A 116 23.12 9.56 -1.45
N LYS A 117 23.95 10.35 -0.77
CA LYS A 117 23.87 10.46 0.69
C LYS A 117 22.81 11.48 1.09
N ALA A 118 21.99 11.12 2.08
CA ALA A 118 20.93 12.00 2.56
C ALA A 118 19.89 12.25 1.49
N LYS A 119 20.21 13.11 0.54
CA LYS A 119 19.30 13.44 -0.55
C LYS A 119 20.04 14.15 -1.68
N ALA A 120 20.59 15.31 -1.39
CA ALA A 120 21.33 16.09 -2.38
C ALA A 120 22.78 16.28 -1.97
N ASN A 121 23.41 15.19 -1.52
CA ASN A 121 24.80 15.23 -1.09
C ASN A 121 24.98 16.19 0.07
N ALA A 122 25.30 15.64 1.24
CA ALA A 122 25.51 16.44 2.44
C ALA A 122 26.93 17.00 2.49
N VAL A 123 27.24 17.73 3.55
CA VAL A 123 28.55 18.32 3.72
C VAL A 123 29.45 17.43 4.58
N ARG A 124 28.84 16.69 5.50
CA ARG A 124 29.58 15.81 6.39
C ARG A 124 29.64 14.40 5.82
N ARG A 125 30.34 13.51 6.52
CA ARG A 125 30.47 12.13 6.09
C ARG A 125 30.43 11.18 7.28
N VAL A 126 29.77 10.04 7.11
CA VAL A 126 29.65 9.04 8.17
C VAL A 126 31.02 8.50 8.56
N MET A 127 31.17 8.13 9.82
CA MET A 127 32.43 7.58 10.33
C MET A 127 32.18 6.40 11.26
N ALA A 128 31.13 5.64 10.98
CA ALA A 128 30.78 4.48 11.79
C ALA A 128 30.40 3.30 10.92
N THR A 129 29.39 3.50 10.07
CA THR A 129 28.92 2.45 9.18
C THR A 129 29.81 2.33 7.95
N THR A 130 30.70 1.34 7.96
CA THR A 130 31.61 1.13 6.83
C THR A 130 31.60 -0.33 6.40
N SER A 131 31.05 -0.59 5.22
CA SER A 131 30.98 -1.95 4.68
C SER A 131 30.81 -1.92 3.17
N ALA A 132 31.08 -3.06 2.54
CA ALA A 132 30.97 -3.17 1.08
C ALA A 132 29.83 -4.10 0.70
N SER A 133 29.17 -3.79 -0.41
CA SER A 133 28.06 -4.61 -0.89
C SER A 133 28.22 -4.91 -2.38
N LEU A 134 28.28 -6.20 -2.70
CA LEU A 134 28.43 -6.65 -4.09
C LEU A 134 29.76 -6.17 -4.67
N LYS A 135 30.47 -7.08 -5.33
CA LYS A 135 31.75 -6.77 -5.93
C LYS A 135 31.72 -6.98 -7.43
N ARG A 136 32.67 -6.37 -8.14
CA ARG A 136 32.76 -6.50 -9.59
C ARG A 136 34.15 -6.94 -10.02
N SER A 137 34.23 -8.08 -10.71
CA SER A 137 35.51 -8.60 -11.17
C SER A 137 35.87 -8.02 -12.53
N PRO A 138 37.15 -8.10 -12.92
CA PRO A 138 37.63 -7.58 -14.20
C PRO A 138 37.13 -8.39 -15.39
N SER A 139 36.58 -7.70 -16.38
CA SER A 139 36.07 -8.36 -17.58
C SER A 139 37.16 -8.54 -18.62
N ALA A 140 37.42 -9.78 -19.00
CA ALA A 140 38.44 -10.09 -19.99
C ALA A 140 37.95 -11.12 -21.00
N SER A 141 36.67 -11.07 -21.30
CA SER A 141 36.07 -12.01 -22.24
C SER A 141 35.82 -11.34 -23.59
N SER A 142 34.87 -10.42 -23.62
CA SER A 142 34.52 -9.70 -24.85
C SER A 142 34.11 -10.67 -25.94
N LEU A 143 32.84 -11.10 -25.91
CA LEU A 143 32.33 -12.03 -26.90
C LEU A 143 30.96 -11.58 -27.41
N SER A 144 29.97 -11.62 -26.53
CA SER A 144 28.62 -11.21 -26.88
C SER A 144 28.46 -9.69 -26.79
N SER A 145 27.96 -9.09 -27.86
CA SER A 145 27.76 -7.65 -27.91
C SER A 145 26.29 -7.29 -27.74
N MET A 146 25.56 -8.12 -26.99
CA MET A 146 24.14 -7.89 -26.75
C MET A 146 23.77 -8.19 -25.31
N SER A 147 22.78 -7.49 -24.80
CA SER A 147 22.33 -7.68 -23.42
C SER A 147 21.30 -8.81 -23.34
N SER A 148 21.53 -9.75 -22.44
CA SER A 148 20.63 -10.88 -22.26
C SER A 148 20.24 -11.04 -20.80
N VAL A 149 19.13 -11.73 -20.55
CA VAL A 149 18.66 -11.95 -19.19
C VAL A 149 18.86 -13.40 -18.77
N ALA A 150 18.58 -14.33 -19.68
CA ALA A 150 18.73 -15.75 -19.40
C ALA A 150 18.45 -16.58 -20.65
N SER A 151 19.47 -16.72 -21.49
CA SER A 151 19.34 -17.50 -22.72
C SER A 151 20.49 -18.50 -22.87
N SER A 152 20.27 -19.73 -22.44
CA SER A 152 21.28 -20.77 -22.52
C SER A 152 22.52 -20.38 -21.72
N VAL A 153 22.50 -20.73 -20.43
CA VAL A 153 23.62 -20.42 -19.55
C VAL A 153 24.40 -21.69 -19.20
N SER A 154 24.46 -22.62 -20.14
CA SER A 154 25.17 -23.88 -19.93
C SER A 154 26.67 -23.68 -20.09
N SER A 155 27.44 -24.25 -19.17
CA SER A 155 28.89 -24.14 -19.21
C SER A 155 29.55 -25.40 -18.67
N ARG A 156 30.67 -25.80 -19.27
CA ARG A 156 31.40 -26.98 -18.85
C ARG A 156 30.51 -28.23 -18.98
N PRO A 157 30.61 -28.93 -20.12
CA PRO A 157 29.81 -30.15 -20.37
C PRO A 157 30.22 -31.30 -19.45
N SER A 158 29.22 -31.97 -18.88
CA SER A 158 29.48 -33.09 -17.98
C SER A 158 28.28 -34.02 -17.93
N ARG A 159 28.54 -35.33 -18.00
CA ARG A 159 27.48 -36.33 -17.96
C ARG A 159 27.98 -37.65 -17.40
N THR A 160 27.07 -38.61 -17.24
CA THR A 160 27.45 -39.91 -16.71
C THR A 160 27.33 -40.99 -17.80
N GLY A 161 28.42 -41.73 -18.00
CA GLY A 161 28.42 -42.78 -19.00
C GLY A 161 29.65 -43.66 -18.92
N LEU A 162 29.54 -44.75 -18.18
CA LEU A 162 30.65 -45.68 -18.01
C LEU A 162 30.50 -46.87 -18.96
N LEU A 163 29.90 -46.64 -20.12
CA LEU A 163 29.70 -47.69 -21.10
C LEU A 163 30.91 -47.83 -22.01
N THR A 164 31.29 -49.06 -22.31
CA THR A 164 32.44 -49.32 -23.18
C THR A 164 31.98 -49.73 -24.57
N GLU A 165 31.94 -48.76 -25.47
CA GLU A 165 31.52 -49.01 -26.86
C GLU A 165 32.72 -49.20 -27.76
N THR A 166 32.50 -49.82 -28.92
CA THR A 166 33.56 -50.05 -29.88
C THR A 166 33.32 -49.30 -31.18
N SER A 167 34.10 -48.23 -31.40
CA SER A 167 33.95 -47.42 -32.61
C SER A 167 35.27 -46.74 -32.95
N GLY A 168 35.45 -46.41 -34.22
CA GLY A 168 36.67 -45.75 -34.66
C GLY A 168 36.48 -44.95 -35.93
N PRO A 169 36.27 -45.63 -37.08
CA PRO A 169 36.07 -44.97 -38.37
C PRO A 169 34.74 -44.22 -38.43
N SER A 170 34.77 -43.05 -39.08
CA SER A 170 33.57 -42.24 -39.21
C SER A 170 33.80 -41.10 -40.20
N SER A 171 32.76 -40.78 -40.98
CA SER A 171 32.85 -39.71 -41.96
C SER A 171 32.44 -38.37 -41.35
N GLY A 172 31.49 -38.42 -40.42
CA GLY A 172 31.03 -37.21 -39.77
C GLY A 172 30.07 -36.42 -40.64
N GLY A 1 -31.28 -2.95 -12.90
CA GLY A 1 -31.64 -3.79 -11.72
C GLY A 1 -30.77 -3.49 -10.51
N SER A 2 -30.57 -4.50 -9.67
CA SER A 2 -29.76 -4.33 -8.47
C SER A 2 -28.32 -4.78 -8.73
N SER A 3 -27.37 -3.88 -8.45
CA SER A 3 -25.96 -4.18 -8.65
C SER A 3 -25.09 -3.38 -7.69
N GLY A 4 -24.49 -4.06 -6.72
CA GLY A 4 -23.64 -3.40 -5.75
C GLY A 4 -22.18 -3.73 -5.94
N SER A 5 -21.91 -4.93 -6.45
CA SER A 5 -20.54 -5.38 -6.67
C SER A 5 -20.16 -5.25 -8.14
N SER A 6 -21.05 -5.70 -9.02
CA SER A 6 -20.81 -5.64 -10.46
C SER A 6 -20.96 -4.21 -10.97
N GLY A 7 -20.88 -4.05 -12.28
CA GLY A 7 -21.01 -2.73 -12.88
C GLY A 7 -21.30 -2.78 -14.37
N ALA A 8 -22.22 -1.95 -14.82
CA ALA A 8 -22.60 -1.90 -16.23
C ALA A 8 -22.88 -0.47 -16.68
N THR A 9 -22.37 -0.11 -17.84
CA THR A 9 -22.56 1.23 -18.39
C THR A 9 -21.92 2.28 -17.48
N PRO A 10 -21.26 3.29 -18.07
CA PRO A 10 -20.60 4.36 -17.31
C PRO A 10 -21.53 5.00 -16.28
N PRO A 11 -22.78 5.33 -16.68
CA PRO A 11 -23.75 5.95 -15.77
C PRO A 11 -24.25 4.98 -14.70
N ILE A 12 -23.66 5.06 -13.51
CA ILE A 12 -24.04 4.19 -12.41
C ILE A 12 -25.14 4.82 -11.56
N SER A 13 -25.16 6.15 -11.51
CA SER A 13 -26.15 6.88 -10.74
C SER A 13 -26.95 7.82 -11.62
N ASN A 14 -27.32 7.35 -12.81
CA ASN A 14 -28.09 8.15 -13.75
C ASN A 14 -28.93 7.26 -14.66
N LEU A 15 -28.27 6.37 -15.40
CA LEU A 15 -28.97 5.47 -16.30
C LEU A 15 -28.82 4.02 -15.85
N THR A 16 -29.60 3.65 -14.84
CA THR A 16 -29.55 2.28 -14.31
C THR A 16 -30.94 1.65 -14.29
N LYS A 17 -31.93 2.36 -14.80
CA LYS A 17 -33.31 1.86 -14.84
C LYS A 17 -33.78 1.47 -13.43
N THR A 18 -33.26 2.16 -12.43
CA THR A 18 -33.63 1.89 -11.03
C THR A 18 -34.84 2.72 -10.63
N ALA A 19 -34.83 4.00 -10.99
CA ALA A 19 -35.94 4.89 -10.65
C ALA A 19 -36.85 5.11 -11.85
N SER A 20 -38.14 4.83 -11.66
CA SER A 20 -39.12 4.99 -12.72
C SER A 20 -39.18 6.44 -13.21
N GLU A 21 -39.17 7.37 -12.26
CA GLU A 21 -39.21 8.79 -12.58
C GLU A 21 -38.16 9.56 -11.79
N SER A 22 -37.35 10.34 -12.52
CA SER A 22 -36.29 11.13 -11.89
C SER A 22 -36.42 12.60 -12.27
N ILE A 23 -37.07 13.38 -11.41
CA ILE A 23 -37.26 14.80 -11.65
C ILE A 23 -36.32 15.64 -10.79
N SER A 24 -36.30 15.35 -9.49
CA SER A 24 -35.45 16.06 -8.56
C SER A 24 -34.78 15.11 -7.58
N ASN A 25 -33.72 14.45 -8.03
CA ASN A 25 -32.99 13.51 -7.18
C ASN A 25 -31.50 13.53 -7.49
N LEU A 26 -31.01 14.70 -7.89
CA LEU A 26 -29.59 14.86 -8.21
C LEU A 26 -28.98 16.02 -7.42
N SER A 27 -28.48 15.71 -6.23
CA SER A 27 -27.86 16.71 -5.38
C SER A 27 -26.45 16.31 -4.99
N GLU A 28 -25.51 17.25 -5.11
CA GLU A 28 -24.13 16.99 -4.77
C GLU A 28 -23.55 15.87 -5.63
N ALA A 29 -22.93 16.24 -6.74
CA ALA A 29 -22.34 15.26 -7.66
C ALA A 29 -21.04 15.79 -8.25
N GLY A 30 -19.95 15.63 -7.51
CA GLY A 30 -18.66 16.10 -7.98
C GLY A 30 -17.76 14.96 -8.42
N SER A 31 -16.47 15.07 -8.10
CA SER A 31 -15.50 14.04 -8.47
C SER A 31 -14.31 14.06 -7.53
N ILE A 32 -13.78 15.26 -7.27
CA ILE A 32 -12.64 15.41 -6.38
C ILE A 32 -13.06 15.40 -4.91
N LYS A 33 -13.67 14.28 -4.50
CA LYS A 33 -14.12 14.14 -3.12
C LYS A 33 -13.49 12.92 -2.46
N LYS A 34 -13.48 12.92 -1.13
CA LYS A 34 -12.90 11.81 -0.37
C LYS A 34 -11.42 11.64 -0.71
N GLY A 35 -10.70 10.90 0.14
CA GLY A 35 -9.29 10.68 -0.09
C GLY A 35 -9.00 9.31 -0.67
N GLU A 36 -7.77 8.85 -0.50
CA GLU A 36 -7.37 7.54 -1.02
C GLU A 36 -6.90 6.63 0.11
N ARG A 37 -7.75 5.67 0.48
CA ARG A 37 -7.42 4.73 1.55
C ARG A 37 -7.90 3.33 1.20
N GLU A 38 -7.23 2.69 0.26
CA GLU A 38 -7.59 1.34 -0.17
C GLU A 38 -6.36 0.46 -0.30
N LEU A 39 -6.35 -0.65 0.43
CA LEU A 39 -5.22 -1.57 0.40
C LEU A 39 -5.69 -2.98 0.01
N LYS A 40 -4.81 -3.73 -0.63
CA LYS A 40 -5.12 -5.09 -1.06
C LYS A 40 -4.07 -6.07 -0.57
N ILE A 41 -4.30 -7.37 -0.82
CA ILE A 41 -3.37 -8.41 -0.41
C ILE A 41 -2.24 -8.56 -1.42
N GLY A 42 -1.02 -8.22 -1.01
CA GLY A 42 0.12 -8.34 -1.89
C GLY A 42 1.06 -7.16 -1.77
N ASP A 43 0.51 -5.97 -1.55
CA ASP A 43 1.31 -4.77 -1.40
C ASP A 43 2.15 -4.81 -0.13
N ARG A 44 3.23 -4.03 -0.10
CA ARG A 44 4.11 -3.99 1.05
C ARG A 44 3.81 -2.77 1.92
N VAL A 45 3.79 -2.97 3.24
CA VAL A 45 3.52 -1.88 4.17
C VAL A 45 4.44 -1.96 5.38
N LEU A 46 4.73 -0.80 5.98
CA LEU A 46 5.60 -0.74 7.14
C LEU A 46 4.80 -0.41 8.40
N VAL A 47 5.04 -1.16 9.46
CA VAL A 47 4.34 -0.95 10.72
C VAL A 47 5.32 -0.68 11.86
N GLY A 48 5.26 0.50 12.43
CA GLY A 48 6.15 0.86 13.52
C GLY A 48 7.37 1.63 13.04
N GLY A 49 7.76 1.41 11.80
CA GLY A 49 8.91 2.09 11.26
C GLY A 49 10.18 1.25 11.33
N THR A 50 10.02 -0.06 11.30
CA THR A 50 11.16 -0.97 11.36
C THR A 50 10.77 -2.36 10.86
N LYS A 51 9.63 -2.86 11.33
CA LYS A 51 9.14 -4.17 10.93
C LYS A 51 8.30 -4.08 9.67
N ALA A 52 8.83 -4.59 8.57
CA ALA A 52 8.12 -4.57 7.30
C ALA A 52 7.67 -5.98 6.89
N GLY A 53 6.72 -6.05 5.97
CA GLY A 53 6.23 -7.33 5.51
C GLY A 53 5.34 -7.21 4.28
N VAL A 54 4.38 -8.12 4.15
CA VAL A 54 3.48 -8.11 3.01
C VAL A 54 2.04 -8.42 3.44
N VAL A 55 1.10 -7.63 2.97
CA VAL A 55 -0.31 -7.83 3.31
C VAL A 55 -0.80 -9.19 2.83
N ARG A 56 -1.25 -10.02 3.77
CA ARG A 56 -1.75 -11.34 3.46
C ARG A 56 -3.26 -11.44 3.67
N PHE A 57 -3.74 -10.73 4.69
CA PHE A 57 -5.16 -10.73 5.01
C PHE A 57 -5.62 -9.34 5.42
N LEU A 58 -6.95 -9.14 5.44
CA LEU A 58 -7.51 -7.85 5.81
C LEU A 58 -8.96 -8.01 6.29
N GLY A 59 -9.25 -7.46 7.47
CA GLY A 59 -10.59 -7.56 8.02
C GLY A 59 -10.65 -7.10 9.46
N GLU A 60 -11.86 -7.09 10.02
CA GLU A 60 -12.06 -6.66 11.40
C GLU A 60 -11.57 -7.73 12.37
N THR A 61 -10.67 -7.35 13.26
CA THR A 61 -10.12 -8.27 14.26
C THR A 61 -11.20 -8.69 15.26
N ASP A 62 -10.81 -9.49 16.23
CA ASP A 62 -11.73 -9.97 17.26
C ASP A 62 -11.41 -9.33 18.61
N PHE A 63 -10.13 -9.06 18.84
CA PHE A 63 -9.69 -8.45 20.10
C PHE A 63 -9.72 -6.94 20.01
N ALA A 64 -9.19 -6.41 18.91
CA ALA A 64 -9.15 -4.96 18.70
C ALA A 64 -10.32 -4.50 17.84
N LYS A 65 -10.66 -3.21 17.96
CA LYS A 65 -11.77 -2.65 17.19
C LYS A 65 -11.25 -1.89 15.98
N GLY A 66 -12.16 -1.33 15.19
CA GLY A 66 -11.77 -0.58 14.02
C GLY A 66 -11.52 -1.47 12.82
N GLU A 67 -10.32 -1.36 12.26
CA GLU A 67 -9.95 -2.17 11.11
C GLU A 67 -8.45 -2.49 11.13
N TRP A 68 -8.14 -3.78 11.27
CA TRP A 68 -6.75 -4.22 11.30
C TRP A 68 -6.38 -4.96 10.02
N CYS A 69 -5.13 -4.79 9.58
CA CYS A 69 -4.66 -5.44 8.36
C CYS A 69 -3.65 -6.54 8.69
N GLY A 70 -3.99 -7.77 8.33
CA GLY A 70 -3.12 -8.89 8.58
C GLY A 70 -1.89 -8.89 7.69
N VAL A 71 -0.75 -8.50 8.25
CA VAL A 71 0.49 -8.46 7.51
C VAL A 71 1.50 -9.48 8.04
N GLU A 72 1.99 -10.32 7.15
CA GLU A 72 2.96 -11.35 7.53
C GLU A 72 4.39 -10.82 7.41
N LEU A 73 5.07 -10.74 8.55
CA LEU A 73 6.44 -10.25 8.58
C LEU A 73 7.38 -11.23 7.89
N ASP A 74 8.36 -10.69 7.16
CA ASP A 74 9.32 -11.51 6.44
C ASP A 74 10.29 -12.19 7.41
N GLU A 75 10.57 -11.51 8.51
CA GLU A 75 11.48 -12.05 9.52
C GLU A 75 10.70 -12.54 10.74
N PRO A 76 11.31 -13.46 11.52
CA PRO A 76 10.66 -14.01 12.72
C PRO A 76 10.46 -12.96 13.81
N LEU A 77 9.47 -12.09 13.62
CA LEU A 77 9.19 -11.04 14.57
C LEU A 77 7.68 -10.88 14.77
N GLY A 78 6.96 -11.98 14.63
CA GLY A 78 5.52 -11.95 14.80
C GLY A 78 5.05 -12.63 16.08
N LYS A 79 3.86 -13.19 16.05
CA LYS A 79 3.30 -13.88 17.21
C LYS A 79 2.34 -14.99 16.79
N ASN A 80 1.23 -14.60 16.17
CA ASN A 80 0.24 -15.56 15.71
C ASN A 80 0.72 -16.30 14.47
N ASP A 81 0.28 -17.55 14.31
CA ASP A 81 0.66 -18.36 13.18
C ASP A 81 -0.45 -18.39 12.13
N GLY A 82 -1.19 -17.29 12.02
CA GLY A 82 -2.28 -17.22 11.06
C GLY A 82 -3.62 -17.59 11.67
N ALA A 83 -3.76 -17.38 12.97
CA ALA A 83 -5.00 -17.70 13.67
C ALA A 83 -5.14 -16.85 14.93
N VAL A 84 -6.31 -16.24 15.09
CA VAL A 84 -6.58 -15.40 16.25
C VAL A 84 -7.92 -15.75 16.88
N ALA A 85 -7.92 -15.97 18.19
CA ALA A 85 -9.13 -16.32 18.91
C ALA A 85 -9.79 -17.57 18.33
N GLY A 86 -8.98 -18.43 17.72
CA GLY A 86 -9.50 -19.65 17.14
C GLY A 86 -9.78 -19.51 15.65
N THR A 87 -10.06 -18.29 15.22
CA THR A 87 -10.34 -18.03 13.81
C THR A 87 -9.06 -18.07 12.98
N ARG A 88 -9.20 -18.32 11.69
CA ARG A 88 -8.07 -18.39 10.78
C ARG A 88 -8.07 -17.21 9.81
N TYR A 89 -6.89 -16.63 9.60
CA TYR A 89 -6.75 -15.50 8.68
C TYR A 89 -5.89 -15.86 7.48
N PHE A 90 -4.65 -16.27 7.74
CA PHE A 90 -3.73 -16.65 6.68
C PHE A 90 -2.77 -17.72 7.16
N GLN A 91 -2.88 -18.91 6.56
CA GLN A 91 -2.01 -20.03 6.91
C GLN A 91 -0.54 -19.68 6.69
N CYS A 92 0.23 -19.67 7.76
CA CYS A 92 1.65 -19.36 7.67
C CYS A 92 2.40 -19.88 8.89
N GLN A 93 3.73 -19.75 8.88
CA GLN A 93 4.55 -20.20 9.99
C GLN A 93 4.41 -19.27 11.19
N PRO A 94 4.55 -19.82 12.42
CA PRO A 94 4.42 -19.04 13.65
C PRO A 94 5.52 -18.00 13.78
N LYS A 95 5.29 -17.00 14.62
CA LYS A 95 6.26 -15.93 14.84
C LYS A 95 6.52 -15.16 13.55
N TYR A 96 5.48 -15.03 12.73
CA TYR A 96 5.60 -14.31 11.46
C TYR A 96 4.36 -13.47 11.20
N GLY A 97 3.19 -14.09 11.32
CA GLY A 97 1.95 -13.38 11.09
C GLY A 97 1.63 -12.38 12.19
N LEU A 98 1.56 -11.11 11.82
CA LEU A 98 1.27 -10.05 12.78
C LEU A 98 0.08 -9.22 12.33
N PHE A 99 -0.59 -8.58 13.29
CA PHE A 99 -1.75 -7.74 12.99
C PHE A 99 -1.57 -6.34 13.56
N ALA A 100 -1.98 -5.34 12.78
CA ALA A 100 -1.87 -3.95 13.21
C ALA A 100 -2.96 -3.10 12.56
N PRO A 101 -3.43 -2.05 13.27
CA PRO A 101 -4.48 -1.16 12.76
C PRO A 101 -4.04 -0.44 11.49
N VAL A 102 -4.95 -0.39 10.51
CA VAL A 102 -4.66 0.26 9.24
C VAL A 102 -4.17 1.69 9.45
N HIS A 103 -4.88 2.46 10.27
CA HIS A 103 -4.50 3.83 10.55
C HIS A 103 -3.09 3.91 11.11
N LYS A 104 -2.66 2.84 11.77
CA LYS A 104 -1.32 2.78 12.36
C LYS A 104 -0.29 2.33 11.32
N VAL A 105 -0.76 1.61 10.31
CA VAL A 105 0.13 1.12 9.25
C VAL A 105 0.38 2.20 8.21
N THR A 106 1.63 2.31 7.77
CA THR A 106 2.01 3.29 6.77
C THR A 106 2.44 2.62 5.47
N LYS A 107 1.80 2.98 4.37
CA LYS A 107 2.12 2.42 3.07
C LYS A 107 3.51 2.85 2.61
N ILE A 108 4.33 1.90 2.21
CA ILE A 108 5.67 2.18 1.75
C ILE A 108 5.90 1.64 0.33
N GLY A 109 6.83 2.26 -0.39
CA GLY A 109 7.12 1.84 -1.74
C GLY A 109 8.39 1.01 -1.83
N PHE A 110 9.46 1.61 -2.35
CA PHE A 110 10.73 0.91 -2.48
C PHE A 110 11.90 1.88 -2.30
N PRO A 111 12.51 1.90 -1.11
CA PRO A 111 13.64 2.79 -0.81
C PRO A 111 14.89 2.41 -1.61
N SER A 112 15.09 1.12 -1.81
CA SER A 112 16.24 0.63 -2.56
C SER A 112 16.18 -0.88 -2.72
N THR A 113 15.29 -1.36 -3.57
CA THR A 113 15.13 -2.79 -3.82
C THR A 113 15.10 -3.10 -5.32
N THR A 114 15.38 -2.09 -6.14
CA THR A 114 15.38 -2.28 -7.58
C THR A 114 16.78 -2.63 -8.10
N PRO A 115 17.79 -1.80 -7.76
CA PRO A 115 19.18 -2.04 -8.18
C PRO A 115 19.66 -3.42 -7.80
N ALA A 116 19.90 -4.26 -8.81
CA ALA A 116 20.37 -5.62 -8.57
C ALA A 116 20.90 -6.25 -9.86
N LYS A 117 20.11 -6.17 -10.91
CA LYS A 117 20.50 -6.73 -12.21
C LYS A 117 20.27 -5.72 -13.33
N ALA A 118 20.80 -6.02 -14.51
CA ALA A 118 20.65 -5.13 -15.67
C ALA A 118 21.26 -3.77 -15.39
N LYS A 119 22.59 -3.69 -15.44
CA LYS A 119 23.29 -2.44 -15.20
C LYS A 119 23.27 -1.56 -16.44
N ALA A 120 22.59 -0.41 -16.34
CA ALA A 120 22.49 0.53 -17.45
C ALA A 120 21.72 -0.09 -18.62
N ASN A 121 22.39 -0.96 -19.38
CA ASN A 121 21.77 -1.61 -20.52
C ASN A 121 22.32 -3.03 -20.69
N ALA A 122 21.62 -4.01 -20.13
CA ALA A 122 22.03 -5.39 -20.21
C ALA A 122 20.82 -6.32 -20.30
N VAL A 123 20.86 -7.26 -21.25
CA VAL A 123 19.77 -8.20 -21.43
C VAL A 123 19.57 -9.06 -20.19
N ARG A 124 18.60 -9.97 -20.25
CA ARG A 124 18.30 -10.86 -19.13
C ARG A 124 19.38 -11.92 -18.99
N ARG A 125 19.19 -12.83 -18.03
CA ARG A 125 20.14 -13.90 -17.79
C ARG A 125 21.52 -13.34 -17.43
N VAL A 126 21.53 -12.17 -16.79
CA VAL A 126 22.76 -11.52 -16.40
C VAL A 126 23.15 -11.90 -14.96
N MET A 127 24.27 -12.59 -14.82
CA MET A 127 24.74 -13.01 -13.50
C MET A 127 25.14 -11.81 -12.66
N ALA A 128 24.88 -11.89 -11.36
CA ALA A 128 25.21 -10.81 -10.45
C ALA A 128 25.06 -11.24 -8.99
N THR A 129 25.38 -10.35 -8.06
CA THR A 129 25.27 -10.65 -6.64
C THR A 129 24.43 -9.60 -5.92
N THR A 130 23.98 -9.93 -4.71
CA THR A 130 23.16 -9.02 -3.94
C THR A 130 23.88 -8.58 -2.67
N SER A 131 24.32 -9.53 -1.87
CA SER A 131 25.03 -9.24 -0.63
C SER A 131 26.00 -10.36 -0.27
N ALA A 132 27.12 -10.41 -0.98
CA ALA A 132 28.14 -11.44 -0.74
C ALA A 132 29.45 -11.07 -1.41
N SER A 133 30.42 -10.65 -0.61
CA SER A 133 31.74 -10.28 -1.12
C SER A 133 32.73 -11.42 -0.96
N LEU A 134 32.25 -12.65 -1.12
CA LEU A 134 33.10 -13.83 -1.00
C LEU A 134 33.56 -14.32 -2.37
N LYS A 135 33.90 -13.37 -3.25
CA LYS A 135 34.35 -13.71 -4.60
C LYS A 135 33.26 -14.45 -5.36
N ARG A 136 33.63 -14.95 -6.54
CA ARG A 136 32.68 -15.67 -7.39
C ARG A 136 32.82 -17.17 -7.18
N SER A 137 34.02 -17.69 -7.42
CA SER A 137 34.28 -19.12 -7.27
C SER A 137 34.84 -19.42 -5.88
N PRO A 138 34.25 -20.40 -5.17
CA PRO A 138 34.71 -20.78 -3.83
C PRO A 138 36.20 -21.10 -3.79
N SER A 139 36.92 -20.46 -2.87
CA SER A 139 38.35 -20.67 -2.73
C SER A 139 38.91 -19.87 -1.57
N ALA A 140 38.99 -18.55 -1.75
CA ALA A 140 39.51 -17.66 -0.71
C ALA A 140 40.95 -18.01 -0.36
N SER A 141 41.68 -18.53 -1.35
CA SER A 141 43.08 -18.91 -1.14
C SER A 141 43.70 -19.40 -2.45
N SER A 142 43.87 -18.49 -3.40
CA SER A 142 44.45 -18.83 -4.69
C SER A 142 45.96 -18.63 -4.67
N LEU A 143 46.61 -18.93 -5.79
CA LEU A 143 48.06 -18.78 -5.91
C LEU A 143 48.42 -17.49 -6.63
N SER A 144 48.61 -16.41 -5.86
CA SER A 144 48.96 -15.12 -6.43
C SER A 144 47.87 -14.63 -7.38
N SER A 145 46.62 -14.74 -6.94
CA SER A 145 45.49 -14.30 -7.75
C SER A 145 45.02 -12.92 -7.33
N MET A 146 45.96 -12.09 -6.87
CA MET A 146 45.64 -10.74 -6.43
C MET A 146 46.75 -9.76 -6.83
N SER A 147 46.65 -8.54 -6.34
CA SER A 147 47.65 -7.52 -6.64
C SER A 147 47.62 -6.39 -5.60
N SER A 148 46.44 -5.83 -5.39
CA SER A 148 46.27 -4.76 -4.42
C SER A 148 45.30 -5.16 -3.31
N VAL A 149 45.61 -4.76 -2.08
CA VAL A 149 44.77 -5.08 -0.93
C VAL A 149 44.60 -3.88 -0.01
N ALA A 150 43.36 -3.63 0.40
CA ALA A 150 43.07 -2.50 1.29
C ALA A 150 42.60 -2.99 2.66
N SER A 151 42.54 -2.06 3.61
CA SER A 151 42.11 -2.40 4.96
C SER A 151 41.01 -1.45 5.44
N SER A 152 39.76 -1.85 5.24
CA SER A 152 38.63 -1.03 5.65
C SER A 152 37.71 -1.80 6.59
N VAL A 153 37.41 -3.05 6.24
CA VAL A 153 36.56 -3.90 7.05
C VAL A 153 37.21 -4.21 8.40
N SER A 154 36.53 -3.87 9.48
CA SER A 154 37.04 -4.11 10.82
C SER A 154 36.51 -5.44 11.36
N SER A 155 37.25 -6.51 11.11
CA SER A 155 36.85 -7.84 11.58
C SER A 155 38.06 -8.77 11.64
N ARG A 156 38.09 -9.63 12.65
CA ARG A 156 39.18 -10.57 12.82
C ARG A 156 38.67 -12.02 12.79
N PRO A 157 38.75 -12.69 11.64
CA PRO A 157 38.30 -14.08 11.50
C PRO A 157 39.15 -15.06 12.29
N SER A 158 40.46 -14.86 12.26
CA SER A 158 41.39 -15.73 12.98
C SER A 158 42.31 -14.91 13.87
N ARG A 159 43.14 -15.61 14.64
CA ARG A 159 44.08 -14.95 15.54
C ARG A 159 45.52 -15.10 15.03
N THR A 160 46.38 -14.19 15.48
CA THR A 160 47.78 -14.21 15.06
C THR A 160 48.70 -14.41 16.26
N GLY A 161 49.98 -14.59 15.98
CA GLY A 161 50.95 -14.80 17.06
C GLY A 161 52.37 -14.53 16.62
N LEU A 162 53.30 -14.61 17.55
CA LEU A 162 54.71 -14.36 17.26
C LEU A 162 55.52 -15.65 17.36
N LEU A 163 55.12 -16.53 18.28
CA LEU A 163 55.80 -17.80 18.47
C LEU A 163 55.57 -18.74 17.28
N THR A 164 54.39 -18.66 16.70
CA THR A 164 54.04 -19.49 15.56
C THR A 164 54.63 -18.92 14.27
N GLU A 165 54.66 -19.75 13.23
CA GLU A 165 55.19 -19.32 11.94
C GLU A 165 54.10 -19.25 10.88
N THR A 166 53.26 -18.23 10.99
CA THR A 166 52.15 -18.03 10.05
C THR A 166 52.39 -16.80 9.18
N SER A 167 52.29 -16.98 7.87
CA SER A 167 52.48 -15.89 6.93
C SER A 167 53.93 -15.37 6.98
N GLY A 168 54.23 -14.58 8.01
CA GLY A 168 55.56 -14.04 8.16
C GLY A 168 55.61 -12.54 7.95
N PRO A 169 56.51 -11.83 8.65
CA PRO A 169 56.64 -10.37 8.52
C PRO A 169 57.28 -9.96 7.19
N SER A 170 58.12 -10.83 6.66
CA SER A 170 58.80 -10.56 5.40
C SER A 170 57.95 -11.04 4.21
N SER A 171 57.82 -10.18 3.20
CA SER A 171 57.05 -10.52 2.02
C SER A 171 55.60 -10.86 2.38
N GLY A 172 54.81 -11.23 1.38
CA GLY A 172 53.42 -11.58 1.62
C GLY A 172 52.47 -10.58 1.01
N GLY A 1 6.13 37.55 -25.82
CA GLY A 1 7.24 37.71 -26.80
C GLY A 1 8.49 36.95 -26.40
N SER A 2 8.90 37.11 -25.15
CA SER A 2 10.08 36.44 -24.64
C SER A 2 9.92 34.92 -24.70
N SER A 3 10.92 34.20 -24.22
CA SER A 3 10.89 32.75 -24.22
C SER A 3 10.01 32.22 -23.10
N GLY A 4 10.44 32.46 -21.86
CA GLY A 4 9.68 32.00 -20.71
C GLY A 4 9.05 33.14 -19.94
N SER A 5 9.72 34.29 -19.94
CA SER A 5 9.23 35.46 -19.24
C SER A 5 9.09 35.19 -17.74
N SER A 6 10.03 35.70 -16.95
CA SER A 6 10.02 35.51 -15.51
C SER A 6 9.99 36.85 -14.78
N GLY A 7 11.13 37.54 -14.78
CA GLY A 7 11.21 38.82 -14.12
C GLY A 7 11.16 38.71 -12.61
N ALA A 8 12.09 37.95 -12.05
CA ALA A 8 12.15 37.75 -10.60
C ALA A 8 13.59 37.75 -10.10
N THR A 9 13.84 38.48 -9.02
CA THR A 9 15.17 38.56 -8.45
C THR A 9 15.14 38.24 -6.95
N PRO A 10 15.55 37.03 -6.55
CA PRO A 10 15.56 36.62 -5.14
C PRO A 10 16.60 37.38 -4.33
N PRO A 11 16.15 38.27 -3.43
CA PRO A 11 17.05 39.05 -2.58
C PRO A 11 17.76 38.21 -1.53
N ILE A 12 18.58 38.85 -0.70
CA ILE A 12 19.32 38.15 0.33
C ILE A 12 18.78 38.50 1.73
N SER A 13 18.18 39.68 1.84
CA SER A 13 17.61 40.13 3.11
C SER A 13 16.09 40.10 3.07
N ASN A 14 15.51 39.21 3.85
CA ASN A 14 14.05 39.07 3.90
C ASN A 14 13.59 38.76 5.33
N LEU A 15 12.65 39.55 5.83
CA LEU A 15 12.12 39.36 7.17
C LEU A 15 10.61 39.55 7.20
N THR A 16 9.96 39.22 6.09
CA THR A 16 8.51 39.36 5.99
C THR A 16 7.96 38.52 4.84
N LYS A 17 7.17 37.51 5.18
CA LYS A 17 6.59 36.62 4.17
C LYS A 17 5.31 37.23 3.60
N THR A 18 4.76 36.59 2.57
CA THR A 18 3.55 37.05 1.92
C THR A 18 2.36 36.96 2.88
N ALA A 19 1.86 38.12 3.31
CA ALA A 19 0.73 38.16 4.23
C ALA A 19 -0.58 38.27 3.46
N SER A 20 -0.77 37.38 2.49
CA SER A 20 -1.98 37.37 1.69
C SER A 20 -2.32 35.96 1.22
N GLU A 21 -1.36 35.33 0.53
CA GLU A 21 -1.56 33.98 0.03
C GLU A 21 -0.84 32.96 0.91
N SER A 22 -1.57 31.94 1.35
CA SER A 22 -1.01 30.90 2.20
C SER A 22 -1.10 29.53 1.52
N ILE A 23 -0.09 29.20 0.73
CA ILE A 23 -0.06 27.92 0.03
C ILE A 23 1.33 27.29 0.10
N SER A 24 1.37 25.96 0.11
CA SER A 24 2.63 25.24 0.17
C SER A 24 3.00 24.67 -1.19
N ASN A 25 4.04 23.83 -1.22
CA ASN A 25 4.50 23.23 -2.46
C ASN A 25 3.48 22.21 -2.96
N LEU A 26 2.99 22.43 -4.18
CA LEU A 26 2.01 21.53 -4.77
C LEU A 26 2.16 21.49 -6.29
N SER A 27 2.72 20.40 -6.80
CA SER A 27 2.93 20.24 -8.24
C SER A 27 2.68 18.79 -8.67
N GLU A 28 1.90 18.62 -9.74
CA GLU A 28 1.60 17.29 -10.25
C GLU A 28 0.87 16.46 -9.19
N ALA A 29 0.18 15.43 -9.65
CA ALA A 29 -0.56 14.55 -8.74
C ALA A 29 -0.11 13.10 -8.90
N GLY A 30 -0.60 12.23 -8.00
CA GLY A 30 -0.24 10.83 -8.06
C GLY A 30 -1.44 9.92 -7.91
N SER A 31 -2.10 10.02 -6.77
CA SER A 31 -3.28 9.19 -6.49
C SER A 31 -4.00 9.66 -5.23
N ILE A 32 -3.27 9.66 -4.12
CA ILE A 32 -3.84 10.10 -2.84
C ILE A 32 -2.76 10.68 -1.93
N LYS A 33 -3.17 11.63 -1.08
CA LYS A 33 -2.24 12.27 -0.15
C LYS A 33 -2.29 11.60 1.21
N LYS A 34 -3.45 11.69 1.88
CA LYS A 34 -3.61 11.10 3.20
C LYS A 34 -4.53 9.87 3.11
N GLY A 35 -4.05 8.75 3.68
CA GLY A 35 -4.83 7.53 3.67
C GLY A 35 -4.39 6.56 4.74
N GLU A 36 -5.34 5.83 5.31
CA GLU A 36 -5.04 4.86 6.36
C GLU A 36 -5.80 3.55 6.11
N ARG A 37 -6.04 3.24 4.85
CA ARG A 37 -6.75 2.02 4.47
C ARG A 37 -6.70 1.79 2.97
N GLU A 38 -5.58 2.17 2.36
CA GLU A 38 -5.41 2.01 0.91
C GLU A 38 -4.48 0.84 0.61
N LEU A 39 -4.50 -0.17 1.47
CA LEU A 39 -3.65 -1.35 1.29
C LEU A 39 -4.41 -2.46 0.56
N LYS A 40 -3.67 -3.43 0.03
CA LYS A 40 -4.27 -4.55 -0.69
C LYS A 40 -3.44 -5.80 -0.52
N ILE A 41 -3.97 -6.93 -0.98
CA ILE A 41 -3.28 -8.21 -0.88
C ILE A 41 -2.10 -8.26 -1.86
N GLY A 42 -0.92 -7.94 -1.36
CA GLY A 42 0.27 -7.96 -2.19
C GLY A 42 1.19 -6.79 -1.93
N ASP A 43 0.60 -5.61 -1.79
CA ASP A 43 1.38 -4.39 -1.52
C ASP A 43 2.07 -4.47 -0.17
N ARG A 44 3.30 -3.99 -0.11
CA ARG A 44 4.08 -4.00 1.13
C ARG A 44 3.80 -2.75 1.95
N VAL A 45 3.92 -2.89 3.27
CA VAL A 45 3.67 -1.77 4.18
C VAL A 45 4.65 -1.79 5.35
N LEU A 46 4.67 -0.70 6.11
CA LEU A 46 5.57 -0.59 7.25
C LEU A 46 4.78 -0.30 8.53
N VAL A 47 5.30 -0.77 9.67
CA VAL A 47 4.64 -0.55 10.95
C VAL A 47 5.66 -0.40 12.06
N GLY A 48 5.70 0.77 12.68
CA GLY A 48 6.64 1.02 13.76
C GLY A 48 7.90 1.73 13.29
N GLY A 49 8.28 1.47 12.03
CA GLY A 49 9.47 2.08 11.49
C GLY A 49 10.64 1.12 11.40
N THR A 50 10.33 -0.16 11.25
CA THR A 50 11.37 -1.18 11.15
C THR A 50 10.78 -2.49 10.63
N LYS A 51 9.65 -2.91 11.20
CA LYS A 51 9.00 -4.14 10.80
C LYS A 51 8.16 -3.92 9.53
N ALA A 52 8.59 -4.53 8.44
CA ALA A 52 7.89 -4.40 7.17
C ALA A 52 7.66 -5.77 6.53
N GLY A 53 6.44 -5.98 6.04
CA GLY A 53 6.12 -7.25 5.41
C GLY A 53 5.11 -7.10 4.29
N VAL A 54 4.49 -8.21 3.90
CA VAL A 54 3.50 -8.19 2.83
C VAL A 54 2.10 -8.46 3.37
N VAL A 55 1.10 -7.81 2.77
CA VAL A 55 -0.28 -7.97 3.20
C VAL A 55 -0.85 -9.30 2.73
N ARG A 56 -1.34 -10.11 3.68
CA ARG A 56 -1.90 -11.40 3.37
C ARG A 56 -3.41 -11.42 3.64
N PHE A 57 -3.81 -10.85 4.76
CA PHE A 57 -5.22 -10.79 5.14
C PHE A 57 -5.70 -9.35 5.22
N LEU A 58 -7.02 -9.17 5.09
CA LEU A 58 -7.61 -7.84 5.14
C LEU A 58 -9.09 -7.92 5.53
N GLY A 59 -9.38 -7.57 6.79
CA GLY A 59 -10.75 -7.62 7.26
C GLY A 59 -10.88 -7.13 8.69
N GLU A 60 -12.10 -7.19 9.22
CA GLU A 60 -12.36 -6.76 10.59
C GLU A 60 -11.97 -7.85 11.59
N THR A 61 -11.19 -7.47 12.59
CA THR A 61 -10.76 -8.42 13.62
C THR A 61 -11.84 -8.61 14.68
N ASP A 62 -11.55 -9.47 15.66
CA ASP A 62 -12.50 -9.74 16.73
C ASP A 62 -12.01 -9.15 18.05
N PHE A 63 -10.70 -9.13 18.23
CA PHE A 63 -10.10 -8.59 19.46
C PHE A 63 -10.24 -7.07 19.50
N ALA A 64 -10.22 -6.45 18.32
CA ALA A 64 -10.34 -5.00 18.23
C ALA A 64 -11.73 -4.59 17.75
N LYS A 65 -11.94 -3.29 17.57
CA LYS A 65 -13.23 -2.78 17.12
C LYS A 65 -13.09 -2.03 15.79
N GLY A 66 -11.86 -1.90 15.31
CA GLY A 66 -11.63 -1.21 14.06
C GLY A 66 -11.14 -2.13 12.96
N GLU A 67 -10.64 -1.54 11.87
CA GLU A 67 -10.13 -2.32 10.75
C GLU A 67 -8.65 -2.62 10.92
N TRP A 68 -8.29 -3.89 10.94
CA TRP A 68 -6.90 -4.30 11.09
C TRP A 68 -6.39 -4.99 9.83
N CYS A 69 -5.10 -4.83 9.54
CA CYS A 69 -4.50 -5.44 8.37
C CYS A 69 -3.53 -6.55 8.77
N GLY A 70 -3.85 -7.77 8.33
CA GLY A 70 -3.01 -8.91 8.65
C GLY A 70 -1.74 -8.96 7.80
N VAL A 71 -0.72 -8.24 8.23
CA VAL A 71 0.54 -8.20 7.50
C VAL A 71 1.52 -9.24 8.03
N GLU A 72 2.09 -10.03 7.13
CA GLU A 72 3.04 -11.08 7.52
C GLU A 72 4.48 -10.55 7.45
N LEU A 73 5.16 -10.59 8.59
CA LEU A 73 6.53 -10.11 8.66
C LEU A 73 7.50 -11.15 8.06
N ASP A 74 8.53 -10.65 7.37
CA ASP A 74 9.51 -11.52 6.75
C ASP A 74 10.46 -12.11 7.80
N GLU A 75 10.74 -11.32 8.83
CA GLU A 75 11.63 -11.76 9.90
C GLU A 75 10.85 -12.46 11.01
N PRO A 76 11.52 -13.33 11.78
CA PRO A 76 10.88 -14.07 12.88
C PRO A 76 10.51 -13.17 14.05
N LEU A 77 9.64 -12.20 13.79
CA LEU A 77 9.20 -11.28 14.83
C LEU A 77 7.71 -11.42 15.11
N GLY A 78 6.96 -11.88 14.12
CA GLY A 78 5.53 -12.06 14.29
C GLY A 78 5.17 -12.89 15.51
N LYS A 79 3.94 -12.75 15.99
CA LYS A 79 3.49 -13.50 17.15
C LYS A 79 2.17 -14.22 16.87
N ASN A 80 1.96 -14.58 15.60
CA ASN A 80 0.75 -15.28 15.21
C ASN A 80 0.95 -15.99 13.88
N ASP A 81 0.30 -17.14 13.73
CA ASP A 81 0.40 -17.93 12.50
C ASP A 81 -0.85 -17.78 11.64
N GLY A 82 -1.50 -16.63 11.76
CA GLY A 82 -2.71 -16.39 10.99
C GLY A 82 -3.95 -16.95 11.66
N ALA A 83 -3.96 -16.91 12.99
CA ALA A 83 -5.11 -17.42 13.74
C ALA A 83 -5.18 -16.78 15.12
N VAL A 84 -6.34 -16.23 15.45
CA VAL A 84 -6.54 -15.57 16.75
C VAL A 84 -7.89 -15.92 17.34
N ALA A 85 -7.91 -16.28 18.62
CA ALA A 85 -9.15 -16.64 19.30
C ALA A 85 -9.86 -17.79 18.59
N GLY A 86 -9.10 -18.60 17.87
CA GLY A 86 -9.67 -19.72 17.16
C GLY A 86 -10.01 -19.38 15.72
N THR A 87 -10.26 -18.11 15.45
CA THR A 87 -10.59 -17.67 14.09
C THR A 87 -9.35 -17.62 13.21
N ARG A 88 -9.38 -18.38 12.12
CA ARG A 88 -8.26 -18.43 11.20
C ARG A 88 -8.36 -17.33 10.15
N TYR A 89 -7.25 -16.65 9.89
CA TYR A 89 -7.22 -15.57 8.91
C TYR A 89 -6.46 -15.98 7.67
N PHE A 90 -5.14 -16.13 7.79
CA PHE A 90 -4.30 -16.53 6.68
C PHE A 90 -3.20 -17.49 7.13
N GLN A 91 -3.34 -18.75 6.75
CA GLN A 91 -2.36 -19.77 7.12
C GLN A 91 -0.97 -19.41 6.59
N CYS A 92 -0.04 -19.16 7.50
CA CYS A 92 1.32 -18.80 7.14
C CYS A 92 2.32 -19.40 8.11
N GLN A 93 3.60 -19.28 7.79
CA GLN A 93 4.67 -19.82 8.64
C GLN A 93 4.61 -19.18 10.03
N PRO A 94 4.81 -19.99 11.09
CA PRO A 94 4.79 -19.49 12.47
C PRO A 94 5.84 -18.41 12.72
N LYS A 95 5.55 -17.52 13.66
CA LYS A 95 6.47 -16.44 14.00
C LYS A 95 6.70 -15.51 12.81
N TYR A 96 5.65 -15.28 12.03
CA TYR A 96 5.73 -14.40 10.87
C TYR A 96 4.46 -13.58 10.72
N GLY A 97 3.32 -14.24 10.82
CA GLY A 97 2.05 -13.55 10.68
C GLY A 97 1.78 -12.61 11.85
N LEU A 98 1.62 -11.32 11.53
CA LEU A 98 1.35 -10.31 12.57
C LEU A 98 0.13 -9.48 12.21
N PHE A 99 -0.55 -8.97 13.23
CA PHE A 99 -1.75 -8.16 13.03
C PHE A 99 -1.54 -6.76 13.60
N ALA A 100 -1.75 -5.75 12.76
CA ALA A 100 -1.61 -4.36 13.18
C ALA A 100 -2.72 -3.49 12.61
N PRO A 101 -3.18 -2.48 13.38
CA PRO A 101 -4.24 -1.57 12.93
C PRO A 101 -3.88 -0.82 11.67
N VAL A 102 -4.81 -0.74 10.74
CA VAL A 102 -4.58 -0.05 9.47
C VAL A 102 -4.11 1.38 9.71
N HIS A 103 -4.80 2.10 10.59
CA HIS A 103 -4.45 3.48 10.89
C HIS A 103 -3.02 3.57 11.40
N LYS A 104 -2.52 2.49 11.99
CA LYS A 104 -1.16 2.45 12.51
C LYS A 104 -0.18 2.03 11.42
N VAL A 105 -0.67 1.32 10.41
CA VAL A 105 0.17 0.86 9.32
C VAL A 105 0.47 2.00 8.34
N THR A 106 1.75 2.19 8.02
CA THR A 106 2.16 3.24 7.10
C THR A 106 2.39 2.67 5.70
N LYS A 107 1.64 3.19 4.73
CA LYS A 107 1.77 2.73 3.35
C LYS A 107 3.13 3.15 2.77
N ILE A 108 3.79 2.20 2.12
CA ILE A 108 5.08 2.47 1.50
C ILE A 108 5.13 1.96 0.08
N GLY A 109 5.07 2.89 -0.88
CA GLY A 109 5.11 2.52 -2.28
C GLY A 109 4.38 3.52 -3.17
N PHE A 110 4.12 3.12 -4.40
CA PHE A 110 3.42 3.99 -5.36
C PHE A 110 2.77 3.16 -6.46
N PRO A 111 1.49 2.78 -6.28
CA PRO A 111 0.76 1.99 -7.27
C PRO A 111 0.87 2.57 -8.68
N SER A 112 1.72 1.95 -9.50
CA SER A 112 1.92 2.41 -10.87
C SER A 112 2.55 1.31 -11.72
N THR A 113 2.14 0.07 -11.46
CA THR A 113 2.67 -1.07 -12.21
C THR A 113 1.88 -1.29 -13.49
N THR A 114 0.56 -1.35 -13.38
CA THR A 114 -0.31 -1.57 -14.54
C THR A 114 -1.58 -0.72 -14.42
N PRO A 115 -1.59 0.47 -15.05
CA PRO A 115 -2.76 1.37 -15.02
C PRO A 115 -4.06 0.64 -15.37
N ALA A 116 -5.15 1.06 -14.75
CA ALA A 116 -6.45 0.45 -15.00
C ALA A 116 -7.07 1.00 -16.29
N LYS A 117 -8.12 0.33 -16.76
CA LYS A 117 -8.81 0.74 -17.97
C LYS A 117 -7.89 0.62 -19.19
N ALA A 118 -7.00 1.59 -19.36
CA ALA A 118 -6.06 1.59 -20.48
C ALA A 118 -4.62 1.43 -19.99
N LYS A 119 -3.76 0.94 -20.87
CA LYS A 119 -2.36 0.74 -20.54
C LYS A 119 -1.55 2.01 -20.76
N ALA A 120 -1.91 2.77 -21.78
CA ALA A 120 -1.23 4.01 -22.10
C ALA A 120 -1.65 5.13 -21.16
N ASN A 121 -1.10 6.32 -21.36
CA ASN A 121 -1.43 7.47 -20.53
C ASN A 121 -2.84 7.97 -20.80
N ALA A 122 -3.50 8.47 -19.77
CA ALA A 122 -4.86 8.97 -19.89
C ALA A 122 -5.28 9.74 -18.64
N VAL A 123 -5.16 11.06 -18.70
CA VAL A 123 -5.53 11.91 -17.57
C VAL A 123 -7.04 11.90 -17.35
N ARG A 124 -7.79 11.88 -18.45
CA ARG A 124 -9.26 11.87 -18.37
C ARG A 124 -9.78 10.45 -18.21
N ARG A 125 -10.25 10.14 -17.00
CA ARG A 125 -10.78 8.81 -16.71
C ARG A 125 -12.24 8.89 -16.28
N VAL A 126 -13.09 8.15 -16.97
CA VAL A 126 -14.52 8.14 -16.66
C VAL A 126 -15.13 9.53 -16.83
N MET A 127 -15.77 9.74 -17.97
CA MET A 127 -16.40 11.03 -18.26
C MET A 127 -15.37 12.15 -18.26
N ALA A 128 -15.84 13.38 -18.48
CA ALA A 128 -14.96 14.54 -18.51
C ALA A 128 -14.30 14.76 -17.16
N THR A 129 -15.09 14.64 -16.09
CA THR A 129 -14.59 14.82 -14.74
C THR A 129 -15.52 14.20 -13.72
N THR A 130 -14.99 13.86 -12.55
CA THR A 130 -15.78 13.26 -11.48
C THR A 130 -15.09 13.41 -10.14
N SER A 131 -13.81 13.04 -10.08
CA SER A 131 -13.04 13.13 -8.85
C SER A 131 -11.58 13.42 -9.15
N ALA A 132 -11.26 14.70 -9.36
CA ALA A 132 -9.89 15.10 -9.66
C ALA A 132 -9.37 14.42 -10.91
N SER A 133 -10.06 14.65 -12.03
CA SER A 133 -9.67 14.06 -13.31
C SER A 133 -9.15 15.13 -14.27
N LEU A 134 -8.82 16.31 -13.74
CA LEU A 134 -8.31 17.40 -14.56
C LEU A 134 -7.42 18.33 -13.75
N LYS A 135 -6.91 19.37 -14.39
CA LYS A 135 -6.03 20.33 -13.72
C LYS A 135 -6.25 21.73 -14.27
N ARG A 136 -6.08 21.89 -15.57
CA ARG A 136 -6.26 23.19 -16.21
C ARG A 136 -7.40 23.13 -17.24
N SER A 137 -8.62 23.30 -16.76
CA SER A 137 -9.79 23.28 -17.63
C SER A 137 -10.27 24.69 -17.95
N PRO A 138 -11.10 24.85 -18.99
CA PRO A 138 -11.64 26.16 -19.39
C PRO A 138 -12.58 26.74 -18.35
N SER A 139 -13.30 27.79 -18.73
CA SER A 139 -14.24 28.44 -17.83
C SER A 139 -13.51 29.04 -16.62
N ALA A 140 -13.03 30.26 -16.78
CA ALA A 140 -12.31 30.94 -15.70
C ALA A 140 -13.07 32.17 -15.23
N SER A 141 -13.60 32.93 -16.17
CA SER A 141 -14.37 34.14 -15.84
C SER A 141 -15.42 34.42 -16.90
N SER A 142 -15.02 34.36 -18.17
CA SER A 142 -15.95 34.61 -19.27
C SER A 142 -17.09 33.60 -19.26
N LEU A 143 -18.14 33.91 -20.02
CA LEU A 143 -19.30 33.03 -20.09
C LEU A 143 -19.26 32.18 -21.36
N SER A 144 -18.05 31.84 -21.79
CA SER A 144 -17.86 31.03 -22.98
C SER A 144 -17.39 29.62 -22.62
N SER A 145 -18.34 28.72 -22.40
CA SER A 145 -18.03 27.35 -22.04
C SER A 145 -17.63 26.54 -23.27
N MET A 146 -16.45 26.86 -23.82
CA MET A 146 -15.95 26.17 -25.00
C MET A 146 -16.92 26.33 -26.17
N SER A 147 -16.58 27.22 -27.09
CA SER A 147 -17.42 27.45 -28.27
C SER A 147 -16.58 27.94 -29.44
N SER A 148 -15.99 27.00 -30.17
CA SER A 148 -15.15 27.33 -31.32
C SER A 148 -15.93 27.13 -32.62
N VAL A 149 -17.22 27.38 -32.57
CA VAL A 149 -18.07 27.23 -33.75
C VAL A 149 -18.85 28.52 -34.04
N ALA A 150 -19.30 28.66 -35.28
CA ALA A 150 -20.05 29.83 -35.69
C ALA A 150 -20.73 29.62 -37.04
N SER A 151 -21.29 28.43 -37.23
CA SER A 151 -21.97 28.10 -38.47
C SER A 151 -23.49 28.26 -38.33
N SER A 152 -23.89 29.22 -37.50
CA SER A 152 -25.31 29.48 -37.29
C SER A 152 -25.51 30.81 -36.56
N VAL A 153 -26.71 31.35 -36.65
CA VAL A 153 -27.04 32.62 -36.01
C VAL A 153 -28.55 32.88 -36.05
N SER A 154 -29.17 32.60 -37.19
CA SER A 154 -30.59 32.81 -37.35
C SER A 154 -31.27 31.56 -37.89
N SER A 155 -31.03 31.27 -39.17
CA SER A 155 -31.61 30.09 -39.82
C SER A 155 -31.17 30.01 -41.27
N ARG A 156 -30.07 29.33 -41.52
CA ARG A 156 -29.55 29.17 -42.87
C ARG A 156 -30.20 27.97 -43.57
N PRO A 157 -30.18 26.79 -42.93
CA PRO A 157 -30.77 25.58 -43.50
C PRO A 157 -32.28 25.71 -43.69
N SER A 158 -32.73 25.65 -44.93
CA SER A 158 -34.15 25.76 -45.24
C SER A 158 -34.40 25.58 -46.74
N ARG A 159 -34.02 26.58 -47.52
CA ARG A 159 -34.21 26.53 -48.97
C ARG A 159 -33.19 27.40 -49.69
N THR A 160 -32.97 28.60 -49.17
CA THR A 160 -32.01 29.54 -49.77
C THR A 160 -30.67 28.86 -50.04
N GLY A 161 -30.33 28.75 -51.32
CA GLY A 161 -29.08 28.12 -51.70
C GLY A 161 -29.07 27.66 -53.15
N LEU A 162 -28.32 26.60 -53.42
CA LEU A 162 -28.24 26.07 -54.79
C LEU A 162 -28.63 24.60 -54.82
N LEU A 163 -29.37 24.21 -55.85
CA LEU A 163 -29.81 22.83 -56.00
C LEU A 163 -29.77 22.40 -57.47
N THR A 164 -28.61 21.89 -57.88
CA THR A 164 -28.43 21.44 -59.26
C THR A 164 -28.23 19.93 -59.32
N GLU A 165 -28.33 19.37 -60.52
CA GLU A 165 -28.16 17.93 -60.70
C GLU A 165 -26.89 17.64 -61.50
N THR A 166 -26.41 16.41 -61.41
CA THR A 166 -25.20 16.00 -62.13
C THR A 166 -25.55 15.48 -63.52
N SER A 167 -26.40 14.46 -63.58
CA SER A 167 -26.81 13.88 -64.85
C SER A 167 -28.29 14.14 -65.12
N GLY A 168 -28.71 13.90 -66.36
CA GLY A 168 -30.11 14.13 -66.72
C GLY A 168 -30.29 15.37 -67.57
N PRO A 169 -29.75 15.37 -68.80
CA PRO A 169 -29.87 16.51 -69.72
C PRO A 169 -31.29 16.68 -70.25
N SER A 170 -31.98 17.72 -69.79
CA SER A 170 -33.35 18.00 -70.22
C SER A 170 -33.71 19.46 -69.97
N SER A 171 -34.43 20.04 -70.92
CA SER A 171 -34.86 21.44 -70.81
C SER A 171 -36.38 21.55 -70.80
N GLY A 172 -37.02 20.76 -71.66
CA GLY A 172 -38.48 20.79 -71.73
C GLY A 172 -39.01 19.89 -72.83
#